data_7A0K
#
_entry.id   7A0K
#
_cell.length_a   88.579
_cell.length_b   183.962
_cell.length_c   98.173
_cell.angle_alpha   90.00
_cell.angle_beta   96.05
_cell.angle_gamma   90.00
#
_symmetry.space_group_name_H-M   'P 1 21 1'
#
loop_
_entity.id
_entity.type
_entity.pdbx_description
1 polymer 'Predicted protein'
2 branched alpha-L-fucopyranose-(1-6)-2-acetamido-2-deoxy-beta-D-glucopyranose
3 branched 2-acetamido-2-deoxy-beta-D-glucopyranose-(1-4)-2-acetamido-2-deoxy-beta-D-glucopyranose
4 branched beta-D-mannopyranose-(1-4)-2-acetamido-2-deoxy-beta-D-glucopyranose-(1-4)-2-acetamido-2-deoxy-beta-D-glucopyranose
5 non-polymer D-MALATE
6 non-polymer 2-acetamido-2-deoxy-beta-D-glucopyranose
7 non-polymer 1,2-ETHANEDIOL
8 water water
#
_entity_poly.entity_id   1
_entity_poly.type   'polypeptide(L)'
_entity_poly.pdbx_seq_one_letter_code
;LGSMNSVAVSYGGNGQTLCSLRADKANVVSCFGSDVASVYGAPPRLPLVGLTGGDGFVCGLSMGSRQPYCWGNNIYVEAG
VPAVGDRHYAALSAGDNHLCALRQSASYVAGGPAVDCWGYNMTGSFINAPLLSITSGSFFSCGLFAANFTPVCWGDETGS
GVISTAPKGLEFNSITAGGYHVCGILQNGQRTFCWGRSLALQDGVPKGAIFTSLVAGKFSTCGLHKDTHLPLCWGFTLPN
NRAMPTNVPFSALVAGDYFVCGLPLTPSLPQQCWGSGYPVTLPTGIAPGMCSSLPCMSGTYSLSAEVVKALAASGATLCP
NPTDNLCINCSKGCPSGMIESVECTSTADRQCSYDCSHCNHNATCSAACYNPSKAPLENLYFQ
;
_entity_poly.pdbx_strand_id   A,B,C,D,E,F,G,H
#
# COMPACT_ATOMS: atom_id res chain seq x y z
N LEU A 1 31.59 13.79 4.71
CA LEU A 1 31.17 14.75 3.70
C LEU A 1 29.94 14.26 2.95
N GLY A 2 29.20 15.18 2.35
CA GLY A 2 28.10 14.79 1.49
C GLY A 2 26.84 14.43 2.27
N SER A 3 26.02 13.59 1.65
CA SER A 3 24.68 13.27 2.14
C SER A 3 24.57 11.77 2.43
N MET A 4 23.39 11.37 2.89
CA MET A 4 23.10 9.98 3.17
C MET A 4 22.87 9.21 1.87
N ASN A 5 23.32 7.95 1.84
CA ASN A 5 23.15 7.11 0.67
C ASN A 5 23.37 5.66 1.09
N SER A 6 23.26 4.75 0.12
CA SER A 6 23.50 3.34 0.38
C SER A 6 24.96 3.04 0.69
N VAL A 7 25.87 3.96 0.34
CA VAL A 7 27.30 3.78 0.59
C VAL A 7 27.82 5.00 1.33
N ALA A 8 28.91 4.80 2.07
CA ALA A 8 29.58 5.88 2.79
C ALA A 8 31.05 5.53 2.93
N VAL A 9 31.87 6.56 3.14
CA VAL A 9 33.31 6.39 3.32
C VAL A 9 33.76 7.20 4.52
N SER A 10 34.62 6.61 5.34
CA SER A 10 35.38 7.34 6.32
C SER A 10 36.74 7.72 5.72
N TYR A 11 37.32 8.81 6.21
CA TYR A 11 38.55 9.34 5.64
C TYR A 11 39.37 9.97 6.77
N GLY A 12 40.57 10.43 6.41
CA GLY A 12 41.41 11.15 7.36
C GLY A 12 42.56 10.36 7.93
N GLY A 13 42.97 10.73 9.16
CA GLY A 13 44.20 10.21 9.71
C GLY A 13 44.13 8.74 10.10
N ASN A 14 42.94 8.24 10.42
CA ASN A 14 42.81 6.85 10.84
C ASN A 14 42.70 5.88 9.67
N GLY A 15 42.59 6.37 8.44
CA GLY A 15 42.52 5.52 7.27
C GLY A 15 41.29 5.83 6.44
N GLN A 16 41.05 4.98 5.45
CA GLN A 16 39.95 5.15 4.50
C GLN A 16 39.19 3.83 4.40
N THR A 17 37.89 3.87 4.72
CA THR A 17 37.06 2.68 4.76
C THR A 17 35.75 2.93 4.02
N LEU A 18 35.36 1.99 3.17
CA LEU A 18 34.10 2.05 2.43
C LEU A 18 33.08 1.13 3.09
N CYS A 19 31.92 1.69 3.45
CA CYS A 19 30.82 0.93 4.00
C CYS A 19 29.64 0.97 3.04
N SER A 20 28.97 -0.17 2.87
CA SER A 20 27.85 -0.27 1.95
C SER A 20 26.76 -1.14 2.56
N LEU A 21 25.51 -0.84 2.20
CA LEU A 21 24.37 -1.63 2.65
C LEU A 21 24.19 -2.83 1.73
N ARG A 22 24.30 -4.04 2.30
CA ARG A 22 24.17 -5.27 1.54
C ARG A 22 22.69 -5.57 1.29
N ALA A 23 22.27 -5.50 0.03
CA ALA A 23 20.89 -5.82 -0.31
C ALA A 23 20.61 -7.32 -0.20
N ASP A 24 21.62 -8.16 -0.45
CA ASP A 24 21.43 -9.59 -0.29
C ASP A 24 21.16 -9.95 1.18
N LYS A 25 21.77 -9.22 2.11
CA LYS A 25 21.45 -9.36 3.52
C LYS A 25 20.26 -8.47 3.84
N ALA A 26 19.90 -8.37 5.13
CA ALA A 26 18.73 -7.60 5.55
C ALA A 26 19.11 -6.13 5.77
N ASN A 27 19.65 -5.53 4.71
CA ASN A 27 20.13 -4.13 4.75
C ASN A 27 21.16 -3.96 5.85
N VAL A 28 22.03 -4.95 6.01
CA VAL A 28 23.08 -4.93 7.02
C VAL A 28 24.34 -4.35 6.37
N VAL A 29 25.09 -3.55 7.14
CA VAL A 29 26.26 -2.86 6.61
C VAL A 29 27.46 -3.79 6.61
N SER A 30 28.31 -3.67 5.59
CA SER A 30 29.59 -4.36 5.51
C SER A 30 30.65 -3.37 5.06
N CYS A 31 31.79 -3.36 5.74
CA CYS A 31 32.82 -2.36 5.51
C CYS A 31 34.16 -3.02 5.23
N PHE A 32 35.04 -2.26 4.59
CA PHE A 32 36.43 -2.67 4.38
C PHE A 32 37.27 -1.42 4.13
N GLY A 33 38.52 -1.47 4.54
CA GLY A 33 39.45 -0.38 4.30
C GLY A 33 40.55 -0.36 5.34
N SER A 34 41.24 0.78 5.38
CA SER A 34 42.35 0.98 6.30
C SER A 34 41.93 1.54 7.65
N ASP A 35 40.78 2.22 7.71
CA ASP A 35 40.21 2.69 8.97
C ASP A 35 39.59 1.49 9.69
N VAL A 36 40.44 0.77 10.43
CA VAL A 36 40.01 -0.48 11.06
C VAL A 36 38.86 -0.25 12.03
N ALA A 37 38.82 0.90 12.71
CA ALA A 37 37.73 1.20 13.62
C ALA A 37 36.39 1.22 12.87
N SER A 38 36.36 1.83 11.69
CA SER A 38 35.13 1.91 10.90
C SER A 38 34.77 0.60 10.22
N VAL A 39 35.66 -0.39 10.23
CA VAL A 39 35.36 -1.69 9.63
C VAL A 39 34.72 -2.60 10.66
N TYR A 40 35.46 -2.88 11.73
CA TYR A 40 35.07 -3.87 12.71
C TYR A 40 34.15 -3.32 13.79
N GLY A 41 34.02 -1.99 13.91
CA GLY A 41 33.04 -1.41 14.79
C GLY A 41 31.63 -1.40 14.26
N ALA A 42 31.45 -1.74 12.99
CA ALA A 42 30.14 -1.71 12.37
C ALA A 42 29.18 -2.66 13.09
N PRO A 43 27.91 -2.30 13.22
CA PRO A 43 26.94 -3.19 13.88
C PRO A 43 26.74 -4.45 13.08
N PRO A 44 26.90 -5.63 13.70
CA PRO A 44 26.91 -6.86 12.90
C PRO A 44 25.55 -7.31 12.37
N ARG A 45 24.44 -6.93 13.00
CA ARG A 45 23.13 -7.34 12.49
C ARG A 45 22.09 -6.26 12.73
N LEU A 46 22.47 -5.00 12.56
CA LEU A 46 21.51 -3.91 12.74
C LEU A 46 21.06 -3.41 11.37
N PRO A 47 19.81 -3.62 10.98
CA PRO A 47 19.34 -3.13 9.67
C PRO A 47 19.38 -1.61 9.61
N LEU A 48 19.99 -1.10 8.55
CA LEU A 48 20.14 0.34 8.33
C LEU A 48 19.49 0.74 7.02
N VAL A 49 19.02 1.98 6.97
CA VAL A 49 18.43 2.54 5.75
C VAL A 49 19.33 3.54 5.05
N GLY A 50 20.42 3.97 5.68
CA GLY A 50 21.30 4.94 5.07
C GLY A 50 22.61 5.03 5.82
N LEU A 51 23.62 5.58 5.14
CA LEU A 51 24.97 5.69 5.69
C LEU A 51 25.57 7.04 5.36
N THR A 52 26.40 7.54 6.26
CA THR A 52 27.19 8.74 6.04
C THR A 52 28.45 8.67 6.89
N GLY A 53 29.56 9.22 6.38
CA GLY A 53 30.84 9.08 7.01
C GLY A 53 31.56 10.40 7.16
N GLY A 54 32.49 10.42 8.11
CA GLY A 54 33.34 11.59 8.35
C GLY A 54 34.80 11.23 8.56
N ASP A 55 35.51 12.05 9.33
CA ASP A 55 36.92 11.81 9.62
C ASP A 55 37.03 10.71 10.65
N GLY A 56 37.19 9.47 10.17
CA GLY A 56 37.42 8.35 11.06
C GLY A 56 36.19 7.77 11.71
N PHE A 57 35.00 8.04 11.17
CA PHE A 57 33.77 7.48 11.72
C PHE A 57 32.74 7.33 10.62
N VAL A 58 31.80 6.43 10.85
CA VAL A 58 30.65 6.23 9.96
C VAL A 58 29.40 6.13 10.81
N CYS A 59 28.34 6.80 10.37
CA CYS A 59 27.06 6.77 11.07
C CYS A 59 25.98 6.21 10.15
N GLY A 60 25.15 5.33 10.69
CA GLY A 60 24.05 4.76 9.94
C GLY A 60 22.72 5.15 10.56
N LEU A 61 21.70 5.26 9.71
CA LEU A 61 20.34 5.51 10.16
C LEU A 61 19.64 4.18 10.33
N SER A 62 19.28 3.85 11.57
CA SER A 62 18.66 2.56 11.86
C SER A 62 17.33 2.42 11.14
N MET A 63 16.96 1.18 10.87
CA MET A 63 15.68 0.85 10.25
C MET A 63 14.56 0.85 11.30
N GLY A 64 14.63 -0.11 12.23
CA GLY A 64 13.74 -0.16 13.39
C GLY A 64 13.35 1.15 14.04
N SER A 65 14.32 1.84 14.64
CA SER A 65 14.03 3.07 15.39
C SER A 65 14.25 4.33 14.57
N ARG A 66 14.98 4.25 13.46
CA ARG A 66 15.21 5.40 12.59
C ARG A 66 15.95 6.50 13.34
N GLN A 67 16.98 6.09 14.08
CA GLN A 67 17.87 6.93 14.87
C GLN A 67 19.31 6.71 14.45
N PRO A 68 20.19 7.68 14.69
CA PRO A 68 21.59 7.51 14.28
C PRO A 68 22.32 6.48 15.13
N TYR A 69 23.11 5.63 14.45
CA TYR A 69 24.02 4.70 15.11
C TYR A 69 25.39 4.89 14.49
N CYS A 70 26.35 5.34 15.29
CA CYS A 70 27.68 5.68 14.80
C CYS A 70 28.72 4.72 15.34
N TRP A 71 29.74 4.45 14.53
CA TRP A 71 30.89 3.67 14.95
C TRP A 71 32.15 4.28 14.32
N GLY A 72 33.29 3.89 14.88
CA GLY A 72 34.57 4.43 14.44
C GLY A 72 35.42 4.93 15.59
N ASN A 73 36.32 5.88 15.32
CA ASN A 73 37.23 6.39 16.34
C ASN A 73 37.39 7.90 16.24
N ASN A 74 36.28 8.62 16.16
CA ASN A 74 36.30 10.08 16.20
C ASN A 74 35.88 10.55 17.59
N ILE A 75 36.72 11.37 18.23
CA ILE A 75 36.51 11.72 19.62
C ILE A 75 35.28 12.62 19.78
N TYR A 76 34.90 13.34 18.73
CA TYR A 76 33.78 14.28 18.80
C TYR A 76 32.45 13.65 18.46
N VAL A 77 32.44 12.42 17.94
CA VAL A 77 31.22 11.71 17.59
C VAL A 77 31.11 10.49 18.50
N GLU A 78 30.04 10.43 19.28
CA GLU A 78 29.87 9.37 20.25
C GLU A 78 29.51 8.06 19.54
N ALA A 79 30.05 6.96 20.06
CA ALA A 79 29.71 5.65 19.51
C ALA A 79 28.30 5.25 19.93
N GLY A 80 27.61 4.54 19.05
CA GLY A 80 26.26 4.12 19.35
C GLY A 80 25.22 5.14 18.96
N VAL A 81 24.12 5.19 19.71
CA VAL A 81 23.02 6.11 19.44
C VAL A 81 23.18 7.32 20.36
N PRO A 82 23.13 8.54 19.84
CA PRO A 82 23.24 9.72 20.70
C PRO A 82 21.99 9.92 21.52
N ALA A 83 22.06 10.88 22.44
CA ALA A 83 20.92 11.19 23.31
C ALA A 83 19.81 11.84 22.49
N VAL A 84 18.88 11.03 22.00
CA VAL A 84 17.82 11.48 21.12
C VAL A 84 16.46 11.44 21.80
N GLY A 85 16.19 10.40 22.56
CA GLY A 85 14.91 10.24 23.23
C GLY A 85 13.89 9.53 22.33
N ASP A 86 12.82 10.23 21.98
CA ASP A 86 11.76 9.67 21.16
C ASP A 86 11.80 10.17 19.73
N ARG A 87 12.70 11.08 19.40
CA ARG A 87 12.72 11.67 18.06
C ARG A 87 13.15 10.64 17.02
N HIS A 88 12.68 10.86 15.79
CA HIS A 88 13.05 10.03 14.65
C HIS A 88 13.48 10.95 13.51
N TYR A 89 14.34 10.42 12.63
CA TYR A 89 15.04 11.26 11.67
C TYR A 89 14.90 10.72 10.25
N ALA A 90 14.78 11.65 9.30
CA ALA A 90 14.61 11.27 7.90
C ALA A 90 15.94 10.96 7.22
N ALA A 91 16.98 11.72 7.53
CA ALA A 91 18.26 11.56 6.87
C ALA A 91 19.39 11.97 7.79
N LEU A 92 20.60 11.54 7.43
CA LEU A 92 21.81 11.87 8.16
C LEU A 92 22.82 12.50 7.21
N SER A 93 23.78 13.22 7.79
CA SER A 93 24.90 13.78 7.02
C SER A 93 26.05 14.03 7.98
N ALA A 94 27.24 13.58 7.62
CA ALA A 94 28.41 13.63 8.49
C ALA A 94 29.48 14.53 7.88
N GLY A 95 29.97 15.47 8.66
CA GLY A 95 31.14 16.24 8.32
C GLY A 95 32.41 15.62 8.86
N ASP A 96 33.48 16.41 8.86
CA ASP A 96 34.76 15.94 9.40
C ASP A 96 34.62 15.52 10.86
N ASN A 97 34.08 16.40 11.70
CA ASN A 97 34.01 16.17 13.14
C ASN A 97 32.61 16.44 13.67
N HIS A 98 31.58 16.10 12.90
CA HIS A 98 30.22 16.30 13.36
C HIS A 98 29.26 15.48 12.53
N LEU A 99 28.12 15.16 13.14
CA LEU A 99 26.99 14.52 12.47
C LEU A 99 25.76 15.39 12.60
N CYS A 100 24.97 15.48 11.54
CA CYS A 100 23.70 16.18 11.57
C CYS A 100 22.58 15.24 11.15
N ALA A 101 21.42 15.38 11.79
CA ALA A 101 20.29 14.48 11.59
C ALA A 101 19.04 15.31 11.33
N LEU A 102 18.44 15.14 10.16
CA LEU A 102 17.20 15.82 9.81
C LEU A 102 16.02 15.09 10.44
N ARG A 103 15.26 15.80 11.27
CA ARG A 103 14.12 15.20 11.95
C ARG A 103 13.04 14.78 10.95
N GLN A 104 12.33 13.71 11.30
CA GLN A 104 11.15 13.30 10.55
C GLN A 104 10.00 14.27 10.81
N SER A 105 9.03 14.26 9.91
CA SER A 105 7.86 15.13 10.05
C SER A 105 7.16 14.90 11.39
N ALA A 106 7.06 13.64 11.82
CA ALA A 106 6.39 13.33 13.08
C ALA A 106 7.12 13.94 14.27
N SER A 107 8.45 14.02 14.20
CA SER A 107 9.25 14.54 15.29
C SER A 107 9.46 16.05 15.21
N TYR A 108 8.93 16.71 14.18
CA TYR A 108 9.12 18.14 13.99
C TYR A 108 8.00 18.93 14.66
N VAL A 109 8.37 20.08 15.23
CA VAL A 109 7.41 21.03 15.79
C VAL A 109 7.49 22.32 15.00
N ALA A 110 6.34 22.97 14.80
CA ALA A 110 6.26 24.17 13.98
C ALA A 110 7.07 25.31 14.59
N GLY A 111 7.85 25.98 13.76
CA GLY A 111 8.67 27.08 14.23
C GLY A 111 9.84 26.65 15.10
N GLY A 112 10.06 25.35 15.23
CA GLY A 112 11.15 24.84 16.03
C GLY A 112 12.23 24.25 15.15
N PRO A 113 13.28 23.70 15.79
CA PRO A 113 14.42 23.21 15.02
C PRO A 113 14.07 21.98 14.18
N ALA A 114 14.65 21.93 12.98
CA ALA A 114 14.46 20.82 12.06
C ALA A 114 15.61 19.81 12.08
N VAL A 115 16.81 20.25 12.46
CA VAL A 115 17.99 19.40 12.41
C VAL A 115 18.64 19.38 13.79
N ASP A 116 19.04 18.18 14.22
CA ASP A 116 19.85 17.98 15.42
C ASP A 116 21.25 17.54 14.99
N CYS A 117 22.27 18.22 15.52
CA CYS A 117 23.65 17.92 15.16
C CYS A 117 24.47 17.67 16.42
N TRP A 118 25.46 16.79 16.29
CA TRP A 118 26.42 16.51 17.35
C TRP A 118 27.82 16.59 16.77
N GLY A 119 28.75 17.15 17.54
CA GLY A 119 30.13 17.24 17.10
C GLY A 119 30.84 18.49 17.55
N TYR A 120 32.09 18.65 17.14
CA TYR A 120 32.89 19.81 17.54
C TYR A 120 32.31 21.09 16.93
N ASN A 121 31.96 22.04 17.78
CA ASN A 121 31.46 23.35 17.37
C ASN A 121 30.17 23.23 16.58
N MET A 122 29.45 22.11 16.76
CA MET A 122 28.22 21.84 16.01
C MET A 122 27.13 21.21 16.85
N THR A 123 27.34 21.01 18.16
CA THR A 123 26.39 20.30 18.99
C THR A 123 25.22 21.21 19.34
N GLY A 124 24.05 20.91 18.81
CA GLY A 124 22.88 21.71 19.07
C GLY A 124 21.80 21.43 18.05
N SER A 125 20.74 22.24 18.13
CA SER A 125 19.63 22.19 17.20
C SER A 125 19.58 23.47 16.39
N PHE A 126 19.22 23.34 15.12
CA PHE A 126 19.39 24.39 14.13
C PHE A 126 18.10 24.55 13.33
N ILE A 127 18.20 24.89 12.04
CA ILE A 127 17.21 25.65 11.27
C ILE A 127 15.76 25.47 11.74
N ASN A 128 15.12 26.58 12.09
CA ASN A 128 13.74 26.62 12.58
C ASN A 128 12.74 26.68 11.44
N ALA A 129 12.84 25.74 10.50
CA ALA A 129 11.95 25.66 9.36
C ALA A 129 12.14 24.29 8.70
N PRO A 130 11.09 23.70 8.13
CA PRO A 130 11.23 22.34 7.61
C PRO A 130 12.18 22.28 6.42
N LEU A 131 13.01 21.25 6.41
CA LEU A 131 13.96 21.00 5.34
C LEU A 131 13.62 19.68 4.64
N LEU A 132 14.04 19.58 3.39
CA LEU A 132 13.83 18.36 2.61
C LEU A 132 15.04 17.42 2.70
N SER A 133 16.23 17.95 2.48
CA SER A 133 17.45 17.17 2.52
C SER A 133 18.53 17.97 3.25
N ILE A 134 19.56 17.26 3.70
CA ILE A 134 20.70 17.88 4.35
C ILE A 134 21.98 17.28 3.79
N THR A 135 23.03 18.10 3.76
CA THR A 135 24.36 17.67 3.36
C THR A 135 25.38 18.37 4.23
N SER A 136 26.54 17.74 4.41
CA SER A 136 27.53 18.21 5.36
C SER A 136 28.87 18.47 4.68
N GLY A 137 29.43 19.64 4.95
CA GLY A 137 30.81 19.94 4.62
C GLY A 137 31.74 19.57 5.76
N SER A 138 33.01 19.99 5.61
CA SER A 138 34.00 19.69 6.63
C SER A 138 33.59 20.26 7.99
N PHE A 139 33.25 21.55 8.02
CA PHE A 139 32.94 22.22 9.28
C PHE A 139 31.61 22.96 9.21
N PHE A 140 30.71 22.50 8.34
CA PHE A 140 29.39 23.11 8.20
C PHE A 140 28.43 22.07 7.65
N SER A 141 27.13 22.38 7.75
CA SER A 141 26.08 21.58 7.15
C SER A 141 25.09 22.50 6.45
N CYS A 142 24.48 21.99 5.39
CA CYS A 142 23.53 22.76 4.60
C CYS A 142 22.26 21.94 4.39
N GLY A 143 21.19 22.63 3.97
CA GLY A 143 19.93 21.99 3.71
C GLY A 143 19.06 22.83 2.81
N LEU A 144 18.05 22.17 2.22
CA LEU A 144 17.09 22.81 1.32
C LEU A 144 15.74 22.93 1.99
N PHE A 145 15.18 24.14 2.00
CA PHE A 145 13.87 24.35 2.59
C PHE A 145 12.80 23.54 1.86
N ALA A 146 11.78 23.11 2.62
CA ALA A 146 10.65 22.43 2.02
C ALA A 146 9.71 23.42 1.33
N ALA A 147 9.68 24.67 1.78
CA ALA A 147 8.76 25.65 1.22
C ALA A 147 9.21 26.15 -0.15
N ASN A 148 10.42 26.72 -0.22
CA ASN A 148 10.89 27.39 -1.43
C ASN A 148 12.07 26.72 -2.12
N PHE A 149 12.52 25.56 -1.64
CA PHE A 149 13.62 24.78 -2.22
C PHE A 149 14.96 25.53 -2.23
N THR A 150 15.08 26.66 -1.47
CA THR A 150 16.34 27.42 -1.46
C THR A 150 17.30 26.88 -0.41
N PRO A 151 18.61 27.03 -0.62
CA PRO A 151 19.58 26.46 0.33
C PRO A 151 19.89 27.36 1.51
N VAL A 152 20.24 26.71 2.62
CA VAL A 152 20.71 27.38 3.84
C VAL A 152 21.81 26.53 4.46
N CYS A 153 22.82 27.20 5.02
CA CYS A 153 23.94 26.52 5.66
C CYS A 153 24.15 27.06 7.07
N TRP A 154 24.75 26.24 7.92
CA TRP A 154 25.02 26.62 9.30
C TRP A 154 26.31 25.96 9.75
N GLY A 155 26.93 26.56 10.78
CA GLY A 155 28.17 26.04 11.31
C GLY A 155 29.35 26.98 11.12
N ASP A 156 30.55 26.43 11.01
CA ASP A 156 31.75 27.24 10.85
C ASP A 156 31.91 27.61 9.38
N GLU A 157 31.89 28.91 9.09
CA GLU A 157 31.99 29.42 7.74
C GLU A 157 33.43 29.72 7.34
N THR A 158 34.35 29.73 8.29
CA THR A 158 35.74 30.12 8.05
C THR A 158 36.35 29.32 6.91
N GLY A 159 36.92 30.05 5.94
CA GLY A 159 37.60 29.45 4.81
C GLY A 159 36.71 29.07 3.65
N SER A 160 35.39 29.09 3.83
CA SER A 160 34.45 28.66 2.80
C SER A 160 33.53 29.79 2.35
N GLY A 161 32.89 30.49 3.29
CA GLY A 161 31.92 31.50 2.93
C GLY A 161 30.58 30.94 2.50
N VAL A 162 30.31 29.67 2.80
CA VAL A 162 29.13 29.01 2.24
C VAL A 162 27.84 29.47 2.90
N ILE A 163 27.90 30.06 4.10
CA ILE A 163 26.68 30.50 4.77
C ILE A 163 26.19 31.82 4.19
N SER A 164 27.06 32.84 4.15
CA SER A 164 26.64 34.15 3.70
C SER A 164 26.51 34.26 2.19
N THR A 165 27.34 33.53 1.44
CA THR A 165 27.29 33.55 -0.02
C THR A 165 26.31 32.54 -0.59
N ALA A 166 25.53 31.88 0.26
CA ALA A 166 24.54 30.91 -0.21
C ALA A 166 23.56 31.59 -1.16
N PRO A 167 23.29 31.02 -2.33
CA PRO A 167 22.37 31.67 -3.28
C PRO A 167 20.93 31.58 -2.84
N LYS A 168 20.56 32.40 -1.85
CA LYS A 168 19.18 32.42 -1.36
C LYS A 168 18.29 33.04 -2.42
N GLY A 169 17.54 32.18 -3.11
CA GLY A 169 16.72 32.61 -4.23
C GLY A 169 16.71 31.62 -5.37
N LEU A 170 17.82 30.90 -5.55
CA LEU A 170 17.87 29.80 -6.50
C LEU A 170 17.28 28.54 -5.88
N GLU A 171 16.54 27.79 -6.68
CA GLU A 171 15.85 26.58 -6.21
C GLU A 171 16.58 25.36 -6.73
N PHE A 172 16.85 24.41 -5.83
CA PHE A 172 17.66 23.24 -6.14
C PHE A 172 16.84 21.97 -6.00
N ASN A 173 17.15 20.99 -6.84
CA ASN A 173 16.64 19.64 -6.67
C ASN A 173 17.38 18.93 -5.54
N SER A 174 18.71 19.00 -5.55
CA SER A 174 19.54 18.41 -4.51
C SER A 174 20.83 19.19 -4.40
N ILE A 175 21.48 19.08 -3.24
CA ILE A 175 22.77 19.73 -3.00
C ILE A 175 23.69 18.76 -2.30
N THR A 176 24.98 18.87 -2.60
CA THR A 176 26.03 18.14 -1.90
C THR A 176 27.11 19.12 -1.48
N ALA A 177 27.67 18.89 -0.29
CA ALA A 177 28.67 19.77 0.28
C ALA A 177 30.05 19.12 0.23
N GLY A 178 31.04 19.88 -0.22
CA GLY A 178 32.42 19.46 -0.16
C GLY A 178 33.08 19.99 1.11
N GLY A 179 34.42 20.00 1.09
CA GLY A 179 35.13 20.44 2.28
C GLY A 179 35.00 21.93 2.55
N TYR A 180 34.89 22.75 1.50
CA TYR A 180 34.77 24.19 1.65
C TYR A 180 33.89 24.80 0.55
N HIS A 181 32.96 24.02 -0.01
CA HIS A 181 32.11 24.48 -1.08
C HIS A 181 30.87 23.59 -1.14
N VAL A 182 29.84 24.08 -1.83
CA VAL A 182 28.60 23.35 -2.02
C VAL A 182 28.21 23.43 -3.48
N CYS A 183 27.84 22.28 -4.06
CA CYS A 183 27.33 22.21 -5.42
C CYS A 183 25.93 21.61 -5.40
N GLY A 184 25.10 22.04 -6.35
CA GLY A 184 23.72 21.58 -6.40
C GLY A 184 23.20 21.54 -7.81
N ILE A 185 22.15 20.74 -8.00
CA ILE A 185 21.44 20.62 -9.27
C ILE A 185 20.17 21.46 -9.19
N LEU A 186 20.03 22.42 -10.10
CA LEU A 186 18.89 23.33 -10.08
C LEU A 186 17.61 22.58 -10.39
N GLN A 187 16.52 23.03 -9.75
CA GLN A 187 15.20 22.46 -10.03
C GLN A 187 14.78 22.74 -11.48
N ASN A 188 15.04 23.95 -11.96
CA ASN A 188 14.67 24.38 -13.31
C ASN A 188 15.84 24.19 -14.25
N GLY A 189 15.74 23.20 -15.14
CA GLY A 189 16.74 22.96 -16.15
C GLY A 189 17.81 21.96 -15.75
N GLN A 190 17.94 21.66 -14.46
CA GLN A 190 18.91 20.68 -13.95
C GLN A 190 20.35 21.08 -14.25
N ARG A 191 20.62 22.38 -14.29
CA ARG A 191 22.00 22.87 -14.36
C ARG A 191 22.68 22.72 -13.01
N THR A 192 24.00 22.64 -13.03
CA THR A 192 24.81 22.52 -11.82
C THR A 192 25.35 23.89 -11.44
N PHE A 193 25.08 24.31 -10.20
CA PHE A 193 25.58 25.55 -9.66
C PHE A 193 26.31 25.28 -8.36
N CYS A 194 27.46 25.95 -8.18
CA CYS A 194 28.27 25.79 -6.99
C CYS A 194 28.56 27.15 -6.37
N TRP A 195 28.86 27.14 -5.07
CA TRP A 195 29.25 28.36 -4.38
C TRP A 195 30.22 28.00 -3.26
N GLY A 196 30.88 29.03 -2.73
CA GLY A 196 31.89 28.84 -1.70
C GLY A 196 33.27 29.22 -2.17
N ARG A 197 34.00 30.00 -1.37
CA ARG A 197 35.32 30.48 -1.74
C ARG A 197 36.31 29.33 -1.61
N SER A 198 36.39 28.52 -2.68
CA SER A 198 37.25 27.36 -2.70
C SER A 198 37.90 27.22 -4.07
N LEU A 199 39.05 26.56 -4.09
CA LEU A 199 39.74 26.27 -5.34
C LEU A 199 39.09 25.14 -6.11
N ALA A 200 38.11 24.45 -5.53
CA ALA A 200 37.32 23.50 -6.29
C ALA A 200 36.50 24.19 -7.37
N LEU A 201 36.24 25.48 -7.21
CA LEU A 201 35.48 26.27 -8.19
C LEU A 201 36.39 27.21 -8.97
N GLN A 202 37.69 26.88 -9.05
CA GLN A 202 38.64 27.71 -9.79
C GLN A 202 38.32 27.72 -11.28
N ASP A 203 38.07 26.55 -11.86
CA ASP A 203 37.72 26.47 -13.27
C ASP A 203 36.22 26.60 -13.51
N GLY A 204 35.39 26.09 -12.61
CA GLY A 204 33.95 26.18 -12.75
C GLY A 204 33.33 24.87 -13.18
N VAL A 205 32.02 24.92 -13.37
CA VAL A 205 31.23 23.73 -13.70
C VAL A 205 31.51 23.33 -15.14
N PRO A 206 31.68 22.03 -15.42
CA PRO A 206 31.88 21.61 -16.81
C PRO A 206 30.71 22.01 -17.69
N LYS A 207 31.03 22.69 -18.80
CA LYS A 207 30.02 23.28 -19.67
C LYS A 207 29.08 22.22 -20.24
N GLY A 208 27.78 22.46 -20.11
CA GLY A 208 26.78 21.64 -20.74
C GLY A 208 26.58 20.27 -20.14
N ALA A 209 26.87 20.09 -18.85
CA ALA A 209 26.77 18.80 -18.19
C ALA A 209 25.51 18.77 -17.32
N ILE A 210 24.65 17.79 -17.58
CA ILE A 210 23.45 17.56 -16.78
C ILE A 210 23.67 16.30 -15.96
N PHE A 211 23.60 16.43 -14.64
CA PHE A 211 23.83 15.33 -13.73
C PHE A 211 22.53 14.94 -13.02
N THR A 212 22.52 13.71 -12.49
CA THR A 212 21.46 13.25 -11.62
C THR A 212 21.80 13.45 -10.14
N SER A 213 23.03 13.12 -9.75
CA SER A 213 23.48 13.27 -8.38
C SER A 213 24.91 13.79 -8.38
N LEU A 214 25.31 14.38 -7.25
CA LEU A 214 26.63 14.96 -7.09
C LEU A 214 27.26 14.53 -5.78
N VAL A 215 28.60 14.45 -5.79
CA VAL A 215 29.39 14.24 -4.58
C VAL A 215 30.61 15.16 -4.66
N ALA A 216 31.19 15.46 -3.50
CA ALA A 216 32.29 16.42 -3.45
C ALA A 216 33.26 16.07 -2.32
N GLY A 217 34.55 16.13 -2.63
CA GLY A 217 35.60 16.01 -1.65
C GLY A 217 36.00 17.35 -1.06
N LYS A 218 37.22 17.42 -0.54
CA LYS A 218 37.72 18.66 0.04
C LYS A 218 37.80 19.77 -1.02
N PHE A 219 38.43 19.46 -2.16
CA PHE A 219 38.60 20.44 -3.23
C PHE A 219 38.29 19.81 -4.59
N SER A 220 37.22 19.03 -4.66
CA SER A 220 36.85 18.36 -5.90
C SER A 220 35.36 18.05 -5.88
N THR A 221 34.81 17.82 -7.07
CA THR A 221 33.40 17.49 -7.23
C THR A 221 33.23 16.49 -8.37
N CYS A 222 32.34 15.52 -8.17
CA CYS A 222 32.04 14.52 -9.18
C CYS A 222 30.54 14.47 -9.42
N GLY A 223 30.15 14.08 -10.63
CA GLY A 223 28.75 13.99 -10.98
C GLY A 223 28.48 12.83 -11.92
N LEU A 224 27.27 12.31 -11.86
CA LEU A 224 26.82 11.22 -12.73
C LEU A 224 25.91 11.79 -13.81
N HIS A 225 26.29 11.59 -15.08
CA HIS A 225 25.51 12.11 -16.19
C HIS A 225 24.08 11.56 -16.18
N LYS A 226 23.15 12.35 -16.72
CA LYS A 226 21.75 11.99 -16.69
C LYS A 226 21.47 10.72 -17.50
N ASP A 227 22.08 10.60 -18.68
CA ASP A 227 21.82 9.47 -19.56
C ASP A 227 22.78 8.31 -19.31
N THR A 228 24.09 8.56 -19.44
CA THR A 228 25.07 7.49 -19.41
C THR A 228 25.35 6.97 -18.01
N HIS A 229 25.05 7.74 -16.97
CA HIS A 229 25.35 7.38 -15.59
C HIS A 229 26.84 7.15 -15.37
N LEU A 230 27.68 7.92 -16.09
CA LEU A 230 29.14 7.89 -16.03
C LEU A 230 29.67 9.04 -15.20
N PRO A 231 30.76 8.83 -14.47
CA PRO A 231 31.29 9.88 -13.57
C PRO A 231 32.09 10.93 -14.32
N LEU A 232 31.92 12.19 -13.90
CA LEU A 232 32.67 13.32 -14.41
C LEU A 232 33.15 14.15 -13.22
N CYS A 233 34.46 14.12 -12.95
CA CYS A 233 35.04 14.77 -11.79
C CYS A 233 35.90 15.96 -12.20
N TRP A 234 35.83 17.02 -11.41
CA TRP A 234 36.65 18.21 -11.63
C TRP A 234 36.99 18.83 -10.28
N GLY A 235 38.00 19.70 -10.29
CA GLY A 235 38.36 20.44 -9.10
C GLY A 235 39.86 20.63 -9.01
N PHE A 236 40.30 21.07 -7.83
CA PHE A 236 41.70 21.40 -7.60
C PHE A 236 42.55 20.14 -7.51
N THR A 237 43.77 20.22 -8.06
CA THR A 237 44.79 19.17 -8.00
C THR A 237 44.22 17.79 -8.35
N LEU A 238 43.29 17.76 -9.31
CA LEU A 238 42.69 16.50 -9.75
C LEU A 238 43.42 15.97 -10.98
N PRO A 239 43.77 14.69 -11.02
CA PRO A 239 44.44 14.12 -12.19
C PRO A 239 43.45 13.60 -13.23
N ASN A 240 43.87 13.68 -14.48
CA ASN A 240 43.04 13.29 -15.62
C ASN A 240 42.62 11.82 -15.55
N MET A 244 38.71 9.73 -13.11
CA MET A 244 37.49 8.92 -13.06
C MET A 244 37.57 7.74 -14.03
N PRO A 245 36.98 6.61 -13.63
CA PRO A 245 36.90 5.46 -14.54
C PRO A 245 35.85 5.71 -15.62
N THR A 246 36.30 5.75 -16.87
CA THR A 246 35.44 6.15 -17.98
C THR A 246 34.50 5.03 -18.44
N ASN A 247 34.74 3.79 -18.03
CA ASN A 247 33.99 2.67 -18.57
C ASN A 247 32.74 2.34 -17.75
N VAL A 248 32.88 2.22 -16.43
CA VAL A 248 31.86 1.61 -15.59
C VAL A 248 30.82 2.67 -15.24
N PRO A 249 29.54 2.43 -15.52
CA PRO A 249 28.49 3.32 -14.99
C PRO A 249 28.13 2.97 -13.56
N PHE A 250 27.70 3.99 -12.82
CA PHE A 250 27.43 3.85 -11.40
C PHE A 250 26.00 4.30 -11.08
N SER A 251 25.40 3.64 -10.09
CA SER A 251 24.09 4.05 -9.60
C SER A 251 24.19 5.19 -8.59
N ALA A 252 25.26 5.21 -7.79
CA ALA A 252 25.47 6.27 -6.82
C ALA A 252 26.96 6.44 -6.59
N LEU A 253 27.35 7.61 -6.11
CA LEU A 253 28.72 7.92 -5.77
C LEU A 253 28.84 8.33 -4.31
N VAL A 254 30.07 8.30 -3.81
CA VAL A 254 30.38 8.79 -2.47
C VAL A 254 31.82 9.29 -2.47
N ALA A 255 32.05 10.40 -1.78
CA ALA A 255 33.34 11.08 -1.81
C ALA A 255 33.94 11.16 -0.42
N GLY A 256 35.20 10.76 -0.29
CA GLY A 256 35.99 11.04 0.88
C GLY A 256 36.64 12.40 0.76
N ASP A 257 37.71 12.60 1.54
CA ASP A 257 38.43 13.87 1.45
C ASP A 257 39.20 13.98 0.14
N TYR A 258 39.90 12.91 -0.26
CA TYR A 258 40.72 12.93 -1.47
C TYR A 258 40.55 11.66 -2.29
N PHE A 259 39.38 11.02 -2.22
CA PHE A 259 39.09 9.86 -3.03
C PHE A 259 37.58 9.77 -3.20
N VAL A 260 37.16 9.08 -4.26
CA VAL A 260 35.75 8.91 -4.59
C VAL A 260 35.46 7.45 -4.87
N CYS A 261 34.36 6.94 -4.32
CA CYS A 261 33.93 5.56 -4.53
C CYS A 261 32.54 5.54 -5.19
N GLY A 262 32.28 4.49 -5.95
CA GLY A 262 31.01 4.36 -6.63
C GLY A 262 30.40 2.97 -6.62
N LEU A 263 29.11 2.88 -6.29
CA LEU A 263 28.36 1.63 -6.36
C LEU A 263 27.89 1.40 -7.79
N PRO A 264 28.38 0.36 -8.46
CA PRO A 264 28.06 0.16 -9.88
C PRO A 264 26.57 -0.04 -10.11
N LEU A 265 26.11 0.40 -11.28
CA LEU A 265 24.72 0.19 -11.67
C LEU A 265 24.39 -1.28 -11.83
N THR A 266 25.34 -2.07 -12.31
CA THR A 266 25.17 -3.52 -12.35
C THR A 266 25.49 -4.11 -10.99
N PRO A 267 24.53 -4.79 -10.33
CA PRO A 267 24.78 -5.28 -8.97
C PRO A 267 25.84 -6.36 -8.90
N SER A 268 26.19 -6.99 -10.01
CA SER A 268 27.24 -8.02 -9.98
C SER A 268 28.62 -7.40 -9.81
N LEU A 269 28.87 -6.25 -10.46
CA LEU A 269 30.18 -5.65 -10.42
C LEU A 269 30.49 -5.09 -9.04
N PRO A 270 31.72 -5.22 -8.56
CA PRO A 270 32.07 -4.70 -7.23
C PRO A 270 32.37 -3.20 -7.27
N GLN A 271 32.42 -2.62 -6.07
CA GLN A 271 32.64 -1.18 -5.94
C GLN A 271 34.04 -0.79 -6.39
N GLN A 272 34.14 0.39 -7.02
CA GLN A 272 35.41 0.95 -7.45
C GLN A 272 35.67 2.27 -6.74
N CYS A 273 36.94 2.50 -6.41
CA CYS A 273 37.36 3.76 -5.79
C CYS A 273 38.63 4.27 -6.48
N TRP A 274 38.74 5.59 -6.56
CA TRP A 274 39.89 6.23 -7.18
C TRP A 274 40.24 7.51 -6.43
N GLY A 275 41.52 7.87 -6.49
CA GLY A 275 41.97 9.10 -5.85
C GLY A 275 41.53 10.34 -6.61
N SER A 276 41.17 11.38 -5.86
CA SER A 276 40.68 12.62 -6.45
C SER A 276 41.54 13.83 -6.09
N GLY A 277 42.77 13.62 -5.62
CA GLY A 277 43.66 14.73 -5.34
C GLY A 277 44.50 14.47 -4.12
N TYR A 278 45.07 15.55 -3.57
CA TYR A 278 45.97 15.46 -2.43
C TYR A 278 46.13 16.86 -1.85
N PRO A 279 46.42 16.98 -0.55
CA PRO A 279 46.57 18.31 0.05
C PRO A 279 47.89 18.96 -0.27
N VAL A 280 47.86 20.29 -0.40
CA VAL A 280 49.04 21.11 -0.61
C VAL A 280 49.00 22.30 0.33
N THR A 281 50.17 22.77 0.74
CA THR A 281 50.25 24.00 1.54
C THR A 281 49.96 25.21 0.65
N LEU A 282 49.02 26.04 1.08
CA LEU A 282 48.61 27.23 0.38
C LEU A 282 48.88 28.46 1.23
N PRO A 283 48.99 29.64 0.61
CA PRO A 283 49.26 30.85 1.40
C PRO A 283 48.01 31.30 2.18
N THR A 284 48.22 31.62 3.45
CA THR A 284 47.16 32.15 4.31
C THR A 284 47.51 33.57 4.73
N GLY A 285 46.64 34.16 5.55
CA GLY A 285 46.98 35.42 6.20
C GLY A 285 48.18 35.29 7.12
N ILE A 286 48.26 34.18 7.85
CA ILE A 286 49.34 33.98 8.82
C ILE A 286 50.62 33.55 8.12
N ALA A 287 50.50 32.75 7.05
CA ALA A 287 51.64 32.29 6.26
C ALA A 287 51.47 32.81 4.83
N PRO A 288 51.76 34.10 4.60
CA PRO A 288 51.45 34.68 3.29
C PRO A 288 52.35 34.18 2.16
N GLY A 289 53.59 33.81 2.45
CA GLY A 289 54.47 33.39 1.37
C GLY A 289 55.28 34.54 0.81
N MET A 290 56.44 34.19 0.27
CA MET A 290 57.46 35.16 -0.09
C MET A 290 57.28 35.60 -1.55
N CYS A 291 57.03 36.89 -1.75
CA CYS A 291 57.01 37.45 -3.09
C CYS A 291 58.43 37.74 -3.54
N SER A 292 58.87 37.11 -4.63
CA SER A 292 60.23 37.23 -5.11
C SER A 292 60.25 37.37 -6.62
N SER A 293 61.19 38.17 -7.12
CA SER A 293 61.40 38.29 -8.55
C SER A 293 62.25 37.14 -9.11
N LEU A 294 63.06 36.50 -8.26
CA LEU A 294 63.92 35.39 -8.60
C LEU A 294 63.19 34.07 -8.43
N PRO A 295 63.70 32.98 -9.00
CA PRO A 295 63.12 31.67 -8.73
C PRO A 295 63.17 31.33 -7.24
N CYS A 296 62.17 30.57 -6.81
CA CYS A 296 62.00 30.28 -5.38
C CYS A 296 63.13 29.40 -4.86
N MET A 297 63.59 29.72 -3.64
CA MET A 297 64.69 29.02 -3.02
C MET A 297 64.31 27.57 -2.70
N SER A 298 65.33 26.78 -2.36
CA SER A 298 65.13 25.38 -2.02
C SER A 298 64.19 25.25 -0.82
N GLY A 299 63.25 24.31 -0.92
CA GLY A 299 62.25 24.11 0.10
C GLY A 299 60.96 24.89 -0.10
N THR A 300 60.85 25.64 -1.19
CA THR A 300 59.66 26.40 -1.52
C THR A 300 59.37 26.24 -3.00
N TYR A 301 58.12 26.45 -3.38
CA TYR A 301 57.70 26.33 -4.77
C TYR A 301 56.92 27.55 -5.21
N SER A 302 57.06 27.89 -6.49
CA SER A 302 56.36 29.04 -7.08
C SER A 302 54.92 28.65 -7.35
N LEU A 303 53.99 29.26 -6.61
CA LEU A 303 52.57 28.99 -6.78
C LEU A 303 52.12 29.41 -8.17
N SER A 304 51.37 28.52 -8.84
CA SER A 304 50.97 28.78 -10.22
C SER A 304 50.11 30.04 -10.30
N ALA A 305 50.22 30.73 -11.43
CA ALA A 305 49.52 31.99 -11.62
C ALA A 305 48.00 31.83 -11.55
N GLU A 306 47.48 30.67 -11.99
CA GLU A 306 46.03 30.46 -11.98
C GLU A 306 45.47 30.50 -10.57
N VAL A 307 46.07 29.73 -9.65
CA VAL A 307 45.57 29.68 -8.29
C VAL A 307 45.86 30.98 -7.55
N VAL A 308 46.95 31.67 -7.91
CA VAL A 308 47.23 32.98 -7.30
C VAL A 308 46.10 33.95 -7.60
N LYS A 309 45.64 34.00 -8.85
CA LYS A 309 44.53 34.88 -9.20
C LYS A 309 43.26 34.48 -8.46
N ALA A 310 43.06 33.17 -8.23
CA ALA A 310 41.86 32.72 -7.55
C ALA A 310 41.86 33.12 -6.08
N LEU A 311 43.01 33.03 -5.42
CA LEU A 311 43.14 33.36 -4.00
C LEU A 311 43.27 34.86 -3.75
N ALA A 312 43.29 35.67 -4.80
CA ALA A 312 43.48 37.11 -4.69
C ALA A 312 42.14 37.82 -4.55
N ALA A 313 42.08 38.77 -3.61
CA ALA A 313 40.82 39.45 -3.32
C ALA A 313 40.34 40.25 -4.53
N SER A 314 39.03 40.52 -4.53
CA SER A 314 38.37 41.34 -5.55
C SER A 314 39.12 42.63 -5.85
N GLY A 315 39.61 42.78 -7.06
CA GLY A 315 40.28 44.00 -7.46
C GLY A 315 41.60 44.25 -6.78
N ALA A 316 42.38 43.19 -6.54
CA ALA A 316 43.67 43.32 -5.88
C ALA A 316 44.58 42.20 -6.36
N THR A 317 45.89 42.48 -6.37
CA THR A 317 46.88 41.48 -6.72
C THR A 317 47.53 40.94 -5.45
N LEU A 318 47.91 39.66 -5.50
CA LEU A 318 48.41 39.00 -4.30
C LEU A 318 49.79 39.54 -3.91
N CYS A 319 50.73 39.54 -4.85
CA CYS A 319 52.00 40.22 -4.65
C CYS A 319 51.93 41.63 -5.22
N PRO A 320 52.64 42.58 -4.60
CA PRO A 320 52.63 43.96 -5.14
C PRO A 320 52.98 44.03 -6.62
N ASN A 321 54.07 43.40 -7.03
CA ASN A 321 54.41 43.30 -8.44
C ASN A 321 53.79 42.03 -8.99
N PRO A 322 52.83 42.12 -9.93
CA PRO A 322 52.14 40.90 -10.39
C PRO A 322 53.05 39.88 -11.03
N THR A 323 54.19 40.30 -11.59
CA THR A 323 55.09 39.38 -12.25
C THR A 323 55.86 38.49 -11.29
N ASP A 324 56.01 38.93 -10.04
CA ASP A 324 56.81 38.20 -9.07
C ASP A 324 56.22 36.82 -8.77
N ASN A 325 57.11 35.88 -8.45
CA ASN A 325 56.69 34.56 -7.99
C ASN A 325 56.26 34.64 -6.52
N LEU A 326 55.21 33.89 -6.19
CA LEU A 326 54.79 33.71 -4.80
C LEU A 326 55.30 32.36 -4.33
N CYS A 327 56.29 32.39 -3.43
CA CYS A 327 56.95 31.18 -2.97
C CYS A 327 56.32 30.70 -1.67
N ILE A 328 55.82 29.46 -1.68
CA ILE A 328 55.19 28.84 -0.51
C ILE A 328 56.04 27.67 -0.06
N ASN A 329 56.15 27.48 1.25
CA ASN A 329 56.85 26.33 1.83
C ASN A 329 56.30 25.02 1.27
N CYS A 330 57.22 24.13 0.90
CA CYS A 330 56.85 22.79 0.48
C CYS A 330 56.19 22.02 1.63
N SER A 331 55.19 21.22 1.28
CA SER A 331 54.55 20.36 2.28
C SER A 331 55.51 19.29 2.76
N LYS A 332 55.51 19.04 4.07
CA LYS A 332 56.36 18.03 4.68
C LYS A 332 55.52 16.80 4.98
N GLY A 333 55.57 15.82 4.09
CA GLY A 333 54.86 14.57 4.27
C GLY A 333 53.48 14.57 3.63
N CYS A 334 52.87 13.39 3.65
CA CYS A 334 51.56 13.15 3.08
C CYS A 334 50.61 12.65 4.18
N PRO A 335 49.30 12.79 3.99
CA PRO A 335 48.37 12.29 5.00
C PRO A 335 48.33 10.76 5.02
N SER A 336 47.71 10.24 6.07
CA SER A 336 47.69 8.80 6.32
C SER A 336 47.10 8.05 5.13
N GLY A 337 47.77 6.97 4.73
CA GLY A 337 47.36 6.19 3.58
C GLY A 337 48.01 6.59 2.28
N MET A 338 48.67 7.75 2.24
CA MET A 338 49.30 8.25 1.03
C MET A 338 50.79 8.38 1.26
N ILE A 339 51.56 8.30 0.16
CA ILE A 339 53.00 8.51 0.20
C ILE A 339 53.37 9.44 -0.94
N GLU A 340 54.55 10.05 -0.80
CA GLU A 340 55.01 11.04 -1.76
C GLU A 340 55.33 10.38 -3.09
N SER A 341 54.58 10.76 -4.13
CA SER A 341 54.81 10.23 -5.47
C SER A 341 55.81 11.07 -6.26
N VAL A 342 55.76 12.39 -6.09
CA VAL A 342 56.67 13.30 -6.77
C VAL A 342 57.23 14.28 -5.74
N GLU A 343 58.50 14.66 -5.90
CA GLU A 343 59.13 15.59 -5.00
C GLU A 343 58.66 17.02 -5.26
N CYS A 344 58.86 17.88 -4.27
CA CYS A 344 58.51 19.29 -4.39
C CYS A 344 59.46 19.95 -5.37
N THR A 345 58.94 20.41 -6.50
CA THR A 345 59.73 21.14 -7.48
C THR A 345 59.70 22.63 -7.17
N SER A 346 60.38 23.43 -8.00
CA SER A 346 60.32 24.88 -7.85
C SER A 346 59.05 25.48 -8.42
N THR A 347 58.21 24.66 -9.07
CA THR A 347 56.98 25.13 -9.69
C THR A 347 55.73 24.51 -9.08
N ALA A 348 55.86 23.44 -8.30
CA ALA A 348 54.70 22.77 -7.75
C ALA A 348 55.08 22.12 -6.42
N ASP A 349 54.06 21.92 -5.59
CA ASP A 349 54.23 21.24 -4.32
C ASP A 349 54.38 19.74 -4.54
N ARG A 350 54.88 19.05 -3.52
CA ARG A 350 55.01 17.60 -3.58
C ARG A 350 53.65 16.95 -3.82
N GLN A 351 53.64 15.89 -4.63
CA GLN A 351 52.42 15.18 -4.98
C GLN A 351 52.31 13.90 -4.16
N CYS A 352 51.10 13.60 -3.69
CA CYS A 352 50.83 12.41 -2.90
C CYS A 352 49.87 11.49 -3.64
N SER A 353 50.07 10.18 -3.47
CA SER A 353 49.17 9.17 -3.98
C SER A 353 48.95 8.11 -2.92
N TYR A 354 47.79 7.47 -2.96
CA TYR A 354 47.46 6.44 -1.98
C TYR A 354 48.36 5.22 -2.14
N ASP A 355 49.01 4.82 -1.05
CA ASP A 355 49.96 3.71 -1.05
C ASP A 355 49.22 2.39 -1.16
N CYS A 356 49.14 1.86 -2.38
CA CYS A 356 48.48 0.59 -2.65
C CYS A 356 49.47 -0.56 -2.81
N SER A 357 50.72 -0.37 -2.41
CA SER A 357 51.73 -1.40 -2.61
C SER A 357 51.64 -2.52 -1.58
N HIS A 358 51.13 -2.23 -0.38
CA HIS A 358 50.95 -3.25 0.65
C HIS A 358 49.49 -3.74 0.69
N CYS A 359 49.01 -4.25 -0.44
CA CYS A 359 47.64 -4.74 -0.54
C CYS A 359 47.61 -6.25 -0.82
N ASN A 360 48.41 -7.02 -0.09
CA ASN A 360 48.43 -8.47 -0.26
C ASN A 360 47.24 -9.09 0.48
N HIS A 361 47.22 -10.41 0.57
CA HIS A 361 46.12 -11.11 1.23
C HIS A 361 46.18 -10.87 2.74
N ASN A 362 45.07 -10.43 3.31
CA ASN A 362 44.97 -10.08 4.73
C ASN A 362 45.92 -8.93 5.08
N ALA A 363 45.96 -7.91 4.23
CA ALA A 363 46.74 -6.72 4.48
C ALA A 363 45.90 -5.53 4.92
N THR A 364 44.65 -5.45 4.45
CA THR A 364 43.69 -4.42 4.85
C THR A 364 44.24 -3.02 4.56
N CYS A 365 44.42 -2.76 3.27
CA CYS A 365 44.92 -1.46 2.82
C CYS A 365 43.76 -0.51 2.55
N SER A 366 44.10 0.71 2.15
CA SER A 366 43.11 1.78 1.99
C SER A 366 41.99 1.37 1.04
N ALA A 367 40.80 1.92 1.30
CA ALA A 367 39.65 1.67 0.44
C ALA A 367 39.79 2.33 -0.93
N ALA A 368 40.67 3.32 -1.05
CA ALA A 368 40.90 3.98 -2.34
C ALA A 368 41.69 3.12 -3.32
N CYS A 369 42.09 1.91 -2.94
CA CYS A 369 42.91 1.04 -3.78
C CYS A 369 42.12 -0.10 -4.40
N TYR A 370 40.80 -0.03 -4.40
CA TYR A 370 39.96 -1.16 -4.80
C TYR A 370 39.47 -0.98 -6.23
N ASN A 371 40.09 -1.68 -7.15
CA ASN A 371 39.72 -1.69 -8.56
C ASN A 371 39.57 -3.14 -9.00
N PRO A 372 38.94 -3.39 -10.18
CA PRO A 372 38.79 -4.78 -10.61
C PRO A 372 40.10 -5.43 -11.02
N LEU B 1 -11.29 8.03 29.43
CA LEU B 1 -10.65 7.03 30.28
C LEU B 1 -10.37 7.58 31.68
N GLY B 2 -10.21 6.68 32.63
CA GLY B 2 -9.79 7.07 33.97
C GLY B 2 -10.93 7.58 34.84
N SER B 3 -10.58 8.40 35.81
CA SER B 3 -11.48 8.86 36.85
C SER B 3 -11.64 10.37 36.78
N MET B 4 -12.46 10.90 37.69
CA MET B 4 -12.67 12.34 37.79
C MET B 4 -11.47 13.00 38.46
N ASN B 5 -11.13 14.20 37.99
CA ASN B 5 -9.99 14.93 38.56
C ASN B 5 -10.11 16.39 38.13
N SER B 6 -9.13 17.19 38.56
CA SER B 6 -9.08 18.60 38.18
C SER B 6 -8.79 18.79 36.70
N VAL B 7 -8.24 17.78 36.03
CA VAL B 7 -7.93 17.85 34.61
C VAL B 7 -8.56 16.66 33.89
N ALA B 8 -8.82 16.84 32.60
CA ALA B 8 -9.36 15.79 31.75
C ALA B 8 -8.90 16.04 30.33
N VAL B 9 -8.91 14.97 29.53
CA VAL B 9 -8.52 15.03 28.12
C VAL B 9 -9.56 14.31 27.28
N SER B 10 -9.90 14.91 26.15
CA SER B 10 -10.60 14.20 25.10
C SER B 10 -9.58 13.65 24.11
N TYR B 11 -9.95 12.56 23.43
CA TYR B 11 -9.03 11.88 22.54
C TYR B 11 -9.81 11.29 21.38
N GLY B 12 -9.10 10.70 20.42
CA GLY B 12 -9.73 10.00 19.32
C GLY B 12 -9.71 10.74 18.00
N GLY B 13 -10.71 10.46 17.16
CA GLY B 13 -10.67 10.93 15.78
C GLY B 13 -10.88 12.42 15.62
N ASN B 14 -11.58 13.06 16.55
CA ASN B 14 -11.85 14.49 16.43
C ASN B 14 -10.70 15.36 16.95
N GLY B 15 -9.67 14.76 17.55
CA GLY B 15 -8.53 15.50 18.04
C GLY B 15 -8.28 15.22 19.51
N GLN B 16 -7.36 15.99 20.08
CA GLN B 16 -6.93 15.83 21.47
C GLN B 16 -6.97 17.18 22.15
N THR B 17 -7.77 17.28 23.23
CA THR B 17 -7.97 18.54 23.93
C THR B 17 -7.83 18.32 25.43
N LEU B 18 -7.08 19.21 26.09
CA LEU B 18 -6.89 19.19 27.53
C LEU B 18 -7.76 20.24 28.19
N CYS B 19 -8.58 19.82 29.15
CA CYS B 19 -9.41 20.72 29.94
C CYS B 19 -8.96 20.69 31.40
N SER B 20 -8.93 21.87 32.03
CA SER B 20 -8.49 21.97 33.41
C SER B 20 -9.36 22.98 34.15
N LEU B 21 -9.53 22.73 35.45
CA LEU B 21 -10.28 23.64 36.32
C LEU B 21 -9.36 24.74 36.82
N ARG B 22 -9.70 25.99 36.48
CA ARG B 22 -8.90 27.14 36.89
C ARG B 22 -9.23 27.49 38.34
N ALA B 23 -8.26 27.27 39.25
CA ALA B 23 -8.46 27.61 40.65
C ALA B 23 -8.47 29.12 40.86
N ASP B 24 -7.72 29.87 40.05
CA ASP B 24 -7.75 31.33 40.15
C ASP B 24 -9.12 31.87 39.80
N LYS B 25 -9.82 31.24 38.87
CA LYS B 25 -11.21 31.55 38.58
C LYS B 25 -12.08 30.77 39.56
N ALA B 26 -13.41 30.83 39.38
CA ALA B 26 -14.33 30.17 40.30
C ALA B 26 -14.55 28.71 39.90
N ASN B 27 -13.42 27.98 39.82
CA ASN B 27 -13.42 26.58 39.38
C ASN B 27 -14.09 26.42 38.03
N VAL B 28 -13.82 27.36 37.13
CA VAL B 28 -14.38 27.34 35.78
C VAL B 28 -13.39 26.64 34.87
N VAL B 29 -13.90 25.87 33.90
CA VAL B 29 -13.05 25.06 33.04
C VAL B 29 -12.50 25.90 31.89
N SER B 30 -11.26 25.61 31.50
CA SER B 30 -10.63 26.20 30.32
C SER B 30 -9.93 25.08 29.55
N CYS B 31 -10.14 25.05 28.23
CA CYS B 31 -9.65 23.95 27.40
C CYS B 31 -8.82 24.48 26.24
N PHE B 32 -8.00 23.59 25.67
CA PHE B 32 -7.25 23.87 24.46
C PHE B 32 -6.85 22.55 23.82
N GLY B 33 -6.77 22.56 22.49
CA GLY B 33 -6.34 21.40 21.75
C GLY B 33 -6.89 21.41 20.34
N SER B 34 -6.79 20.24 19.70
CA SER B 34 -7.26 20.08 18.33
C SER B 34 -8.71 19.64 18.25
N ASP B 35 -9.25 19.04 19.31
CA ASP B 35 -10.68 18.70 19.40
C ASP B 35 -11.43 20.00 19.66
N VAL B 36 -11.71 20.73 18.57
CA VAL B 36 -12.30 22.06 18.68
C VAL B 36 -13.66 22.02 19.37
N ALA B 37 -14.42 20.93 19.18
CA ALA B 37 -15.71 20.80 19.87
C ALA B 37 -15.52 20.81 21.38
N SER B 38 -14.51 20.09 21.87
CA SER B 38 -14.26 20.04 23.30
C SER B 38 -13.59 21.30 23.84
N VAL B 39 -13.16 22.21 22.97
CA VAL B 39 -12.54 23.46 23.39
C VAL B 39 -13.62 24.51 23.56
N TYR B 40 -14.33 24.83 22.48
CA TYR B 40 -15.26 25.94 22.47
C TYR B 40 -16.65 25.57 22.99
N GLY B 41 -16.93 24.28 23.13
CA GLY B 41 -18.17 23.84 23.75
C GLY B 41 -18.17 23.90 25.26
N ALA B 42 -17.04 24.22 25.87
CA ALA B 42 -16.95 24.22 27.32
C ALA B 42 -17.95 25.21 27.91
N PRO B 43 -18.61 24.87 29.01
CA PRO B 43 -19.62 25.76 29.60
C PRO B 43 -19.01 27.01 30.20
N PRO B 44 -19.45 28.19 29.77
CA PRO B 44 -18.92 29.43 30.35
C PRO B 44 -19.54 29.68 31.71
N ARG B 45 -18.72 30.22 32.62
CA ARG B 45 -19.16 30.63 33.96
C ARG B 45 -19.84 29.50 34.72
N LEU B 46 -19.53 28.24 34.44
CA LEU B 46 -20.17 27.17 35.20
C LEU B 46 -19.18 26.56 36.16
N PRO B 47 -19.30 26.78 37.46
CA PRO B 47 -18.37 26.17 38.41
C PRO B 47 -18.49 24.65 38.41
N LEU B 48 -17.35 23.98 38.26
CA LEU B 48 -17.30 22.52 38.23
C LEU B 48 -16.38 22.02 39.35
N VAL B 49 -16.65 20.82 39.83
CA VAL B 49 -15.83 20.20 40.86
C VAL B 49 -14.96 19.08 40.30
N GLY B 50 -15.19 18.64 39.07
CA GLY B 50 -14.40 17.57 38.50
C GLY B 50 -14.63 17.47 37.02
N LEU B 51 -13.68 16.79 36.35
CA LEU B 51 -13.72 16.63 34.91
C LEU B 51 -13.34 15.20 34.53
N THR B 52 -13.93 14.73 33.43
CA THR B 52 -13.57 13.44 32.85
C THR B 52 -13.83 13.51 31.35
N GLY B 53 -13.01 12.80 30.58
CA GLY B 53 -13.06 12.90 29.14
C GLY B 53 -13.10 11.53 28.47
N GLY B 54 -13.62 11.53 27.24
CA GLY B 54 -13.68 10.33 26.43
C GLY B 54 -13.29 10.57 24.98
N ASP B 55 -13.83 9.77 24.07
CA ASP B 55 -13.53 9.90 22.64
C ASP B 55 -14.31 11.09 22.09
N GLY B 56 -13.67 12.26 22.06
CA GLY B 56 -14.25 13.43 21.46
C GLY B 56 -15.25 14.18 22.30
N PHE B 57 -15.24 13.98 23.63
CA PHE B 57 -16.13 14.70 24.51
C PHE B 57 -15.49 14.84 25.88
N VAL B 58 -15.95 15.83 26.63
CA VAL B 58 -15.54 16.05 28.02
C VAL B 58 -16.79 16.34 28.84
N CYS B 59 -16.87 15.74 30.02
CA CYS B 59 -17.99 15.94 30.93
C CYS B 59 -17.48 16.50 32.24
N GLY B 60 -18.18 17.49 32.77
CA GLY B 60 -17.86 18.07 34.06
C GLY B 60 -19.00 17.86 35.05
N LEU B 61 -18.64 17.73 36.33
CA LEU B 61 -19.61 17.63 37.41
C LEU B 61 -19.86 19.04 37.95
N SER B 62 -21.08 19.54 37.76
CA SER B 62 -21.39 20.89 38.20
C SER B 62 -21.25 21.01 39.70
N MET B 63 -20.91 22.21 40.16
CA MET B 63 -20.79 22.52 41.57
C MET B 63 -22.13 22.93 42.19
N GLY B 64 -22.93 23.70 41.48
CA GLY B 64 -24.25 24.10 41.91
C GLY B 64 -25.24 22.96 42.08
N SER B 65 -25.54 22.26 40.98
CA SER B 65 -26.52 21.18 41.00
C SER B 65 -25.87 19.82 41.19
N ARG B 66 -24.56 19.72 40.96
CA ARG B 66 -23.81 18.48 41.13
C ARG B 66 -24.36 17.38 40.22
N GLN B 67 -24.57 17.77 38.96
CA GLN B 67 -25.07 16.92 37.89
C GLN B 67 -24.09 16.97 36.72
N PRO B 68 -24.08 15.95 35.87
CA PRO B 68 -23.14 15.95 34.74
C PRO B 68 -23.50 16.98 33.69
N TYR B 69 -22.47 17.69 33.20
CA TYR B 69 -22.61 18.59 32.06
C TYR B 69 -21.53 18.22 31.04
N CYS B 70 -21.96 17.77 29.87
CA CYS B 70 -21.05 17.27 28.85
C CYS B 70 -21.03 18.19 27.64
N TRP B 71 -19.86 18.28 27.01
CA TRP B 71 -19.70 19.00 25.76
C TRP B 71 -18.73 18.24 24.87
N GLY B 72 -18.75 18.58 23.57
CA GLY B 72 -17.92 17.89 22.61
C GLY B 72 -18.72 17.43 21.40
N ASN B 73 -18.25 16.39 20.71
CA ASN B 73 -18.92 15.90 19.49
C ASN B 73 -18.94 14.37 19.45
N ASN B 74 -19.36 13.73 20.52
CA ASN B 74 -19.55 12.28 20.54
C ASN B 74 -21.03 11.96 20.41
N ILE B 75 -21.38 11.14 19.42
CA ILE B 75 -22.77 10.92 19.08
C ILE B 75 -23.51 10.16 20.18
N TYR B 76 -22.79 9.39 20.99
CA TYR B 76 -23.40 8.57 22.03
C TYR B 76 -23.55 9.30 23.36
N VAL B 77 -22.94 10.47 23.52
CA VAL B 77 -23.03 11.26 24.73
C VAL B 77 -23.73 12.58 24.40
N GLU B 78 -24.88 12.81 25.02
CA GLU B 78 -25.66 14.00 24.72
C GLU B 78 -25.01 15.25 25.31
N ALA B 79 -25.12 16.35 24.58
CA ALA B 79 -24.60 17.62 25.07
C ALA B 79 -25.48 18.16 26.19
N GLY B 80 -24.85 18.84 27.14
CA GLY B 80 -25.60 19.40 28.25
C GLY B 80 -25.75 18.42 29.40
N VAL B 81 -26.86 18.53 30.12
CA VAL B 81 -27.14 17.67 31.27
C VAL B 81 -28.04 16.54 30.83
N PRO B 82 -27.69 15.28 31.11
CA PRO B 82 -28.55 14.16 30.72
C PRO B 82 -29.82 14.12 31.56
N ALA B 83 -30.72 13.20 31.18
CA ALA B 83 -31.97 13.05 31.90
C ALA B 83 -31.74 12.45 33.27
N VAL B 84 -31.59 13.31 34.27
CA VAL B 84 -31.24 12.91 35.63
C VAL B 84 -32.41 13.12 36.58
N GLY B 85 -33.11 14.23 36.45
CA GLY B 85 -34.22 14.54 37.34
C GLY B 85 -33.74 15.29 38.58
N ASP B 86 -33.92 14.67 39.75
CA ASP B 86 -33.53 15.28 41.01
C ASP B 86 -32.26 14.68 41.60
N ARG B 87 -31.71 13.63 40.98
CA ARG B 87 -30.55 12.94 41.53
C ARG B 87 -29.30 13.82 41.47
N HIS B 88 -28.38 13.57 42.40
CA HIS B 88 -27.10 14.24 42.47
C HIS B 88 -26.00 13.19 42.58
N TYR B 89 -24.80 13.55 42.12
CA TYR B 89 -23.74 12.58 41.90
C TYR B 89 -22.45 12.98 42.59
N ALA B 90 -21.73 12.00 43.12
CA ALA B 90 -20.48 12.26 43.83
C ALA B 90 -19.30 12.38 42.86
N ALA B 91 -19.27 11.56 41.80
CA ALA B 91 -18.13 11.56 40.89
C ALA B 91 -18.59 11.12 39.51
N LEU B 92 -17.75 11.42 38.52
CA LEU B 92 -17.99 11.04 37.13
C LEU B 92 -16.81 10.25 36.59
N SER B 93 -17.08 9.49 35.53
CA SER B 93 -16.02 8.77 34.83
C SER B 93 -16.50 8.48 33.41
N ALA B 94 -15.67 8.79 32.43
CA ALA B 94 -16.03 8.69 31.03
C ALA B 94 -15.16 7.66 30.33
N GLY B 95 -15.80 6.76 29.60
CA GLY B 95 -15.10 5.86 28.69
C GLY B 95 -15.02 6.42 27.29
N ASP B 96 -14.71 5.54 26.34
CA ASP B 96 -14.63 5.95 24.95
C ASP B 96 -15.96 6.52 24.47
N ASN B 97 -17.05 5.78 24.67
CA ASN B 97 -18.36 6.16 24.15
C ASN B 97 -19.42 6.09 25.23
N HIS B 98 -19.07 6.42 26.47
CA HIS B 98 -20.05 6.39 27.54
C HIS B 98 -19.55 7.21 28.73
N LEU B 99 -20.51 7.70 29.53
CA LEU B 99 -20.25 8.36 30.79
C LEU B 99 -20.97 7.62 31.90
N CYS B 100 -20.32 7.49 33.06
CA CYS B 100 -20.92 6.91 34.25
C CYS B 100 -20.86 7.91 35.39
N ALA B 101 -21.91 7.93 36.21
CA ALA B 101 -22.05 8.91 37.28
C ALA B 101 -22.41 8.19 38.57
N LEU B 102 -21.55 8.30 39.58
CA LEU B 102 -21.78 7.71 40.89
C LEU B 102 -22.74 8.58 41.69
N ARG B 103 -23.88 8.02 42.09
CA ARG B 103 -24.87 8.76 42.85
C ARG B 103 -24.35 9.18 44.21
N GLN B 104 -24.84 10.32 44.69
CA GLN B 104 -24.58 10.73 46.06
C GLN B 104 -25.35 9.86 47.04
N SER B 105 -24.91 9.85 48.30
CA SER B 105 -25.62 9.10 49.33
C SER B 105 -27.07 9.54 49.42
N ALA B 106 -27.32 10.86 49.29
CA ALA B 106 -28.68 11.38 49.36
C ALA B 106 -29.55 10.85 48.22
N SER B 107 -28.95 10.63 47.05
CA SER B 107 -29.70 10.14 45.89
C SER B 107 -29.73 8.62 45.80
N TYR B 108 -29.11 7.92 46.74
CA TYR B 108 -29.04 6.46 46.72
C TYR B 108 -30.21 5.86 47.50
N VAL B 109 -30.73 4.74 46.99
CA VAL B 109 -31.75 3.96 47.68
C VAL B 109 -31.18 2.58 48.00
N ALA B 110 -31.57 2.03 49.14
CA ALA B 110 -31.01 0.76 49.62
C ALA B 110 -31.36 -0.38 48.68
N GLY B 111 -30.34 -1.19 48.36
CA GLY B 111 -30.55 -2.32 47.47
C GLY B 111 -30.81 -1.94 46.04
N GLY B 112 -30.69 -0.66 45.70
CA GLY B 112 -30.92 -0.19 44.36
C GLY B 112 -29.63 0.23 43.70
N PRO B 113 -29.73 0.73 42.46
CA PRO B 113 -28.53 1.05 41.70
C PRO B 113 -27.76 2.22 42.29
N ALA B 114 -26.43 2.11 42.25
CA ALA B 114 -25.54 3.15 42.73
C ALA B 114 -24.98 4.04 41.64
N VAL B 115 -24.91 3.56 40.40
CA VAL B 115 -24.31 4.29 39.30
C VAL B 115 -25.32 4.41 38.17
N ASP B 116 -25.41 5.60 37.58
CA ASP B 116 -26.15 5.84 36.35
C ASP B 116 -25.17 6.11 35.23
N CYS B 117 -25.33 5.40 34.11
CA CYS B 117 -24.44 5.55 32.96
C CYS B 117 -25.23 5.85 31.71
N TRP B 118 -24.61 6.62 30.81
CA TRP B 118 -25.16 6.91 29.50
C TRP B 118 -24.10 6.65 28.45
N GLY B 119 -24.50 6.08 27.31
CA GLY B 119 -23.58 5.83 26.23
C GLY B 119 -23.87 4.56 25.46
N TYR B 120 -23.01 4.24 24.49
CA TYR B 120 -23.21 3.05 23.67
C TYR B 120 -23.05 1.80 24.50
N ASN B 121 -24.08 0.95 24.52
CA ASN B 121 -24.08 -0.32 25.22
C ASN B 121 -23.85 -0.15 26.72
N MET B 122 -24.16 1.04 27.25
CA MET B 122 -23.92 1.35 28.64
C MET B 122 -25.04 2.16 29.28
N THR B 123 -26.12 2.46 28.56
CA THR B 123 -27.16 3.34 29.06
C THR B 123 -28.06 2.57 30.02
N GLY B 124 -27.97 2.90 31.30
CA GLY B 124 -28.77 2.24 32.31
C GLY B 124 -28.20 2.51 33.69
N SER B 125 -28.78 1.81 34.66
CA SER B 125 -28.34 1.87 36.05
C SER B 125 -27.77 0.52 36.46
N PHE B 126 -26.74 0.56 37.29
CA PHE B 126 -25.90 -0.59 37.57
C PHE B 126 -25.69 -0.72 39.08
N ILE B 127 -24.51 -1.22 39.52
CA ILE B 127 -24.32 -1.96 40.76
C ILE B 127 -25.27 -1.61 41.89
N ASN B 128 -25.98 -2.62 42.39
CA ASN B 128 -26.97 -2.49 43.46
C ASN B 128 -26.34 -2.56 44.84
N ALA B 129 -25.33 -1.72 45.07
CA ALA B 129 -24.62 -1.65 46.34
C ALA B 129 -23.79 -0.37 46.36
N PRO B 130 -23.63 0.28 47.52
CA PRO B 130 -22.95 1.58 47.53
C PRO B 130 -21.48 1.45 47.15
N LEU B 131 -21.02 2.39 46.33
CA LEU B 131 -19.64 2.46 45.89
C LEU B 131 -18.97 3.73 46.41
N LEU B 132 -17.65 3.69 46.51
CA LEU B 132 -16.89 4.86 46.94
C LEU B 132 -16.39 5.68 45.76
N SER B 133 -15.77 5.02 44.77
CA SER B 133 -15.23 5.70 43.61
C SER B 133 -15.55 4.90 42.36
N ILE B 134 -15.47 5.56 41.21
CA ILE B 134 -15.69 4.90 39.92
C ILE B 134 -14.59 5.33 38.94
N THR B 135 -14.27 4.42 38.02
CA THR B 135 -13.34 4.69 36.94
C THR B 135 -13.84 3.97 35.69
N SER B 136 -13.47 4.48 34.53
CA SER B 136 -14.03 4.02 33.26
C SER B 136 -12.93 3.57 32.32
N GLY B 137 -13.09 2.36 31.76
CA GLY B 137 -12.29 1.91 30.64
C GLY B 137 -12.91 2.29 29.31
N SER B 138 -12.34 1.73 28.24
CA SER B 138 -12.85 2.02 26.91
C SER B 138 -14.31 1.62 26.77
N PHE B 139 -14.65 0.39 27.14
CA PHE B 139 -16.02 -0.11 26.98
C PHE B 139 -16.54 -0.73 28.26
N PHE B 140 -16.04 -0.28 29.40
CA PHE B 140 -16.49 -0.78 30.70
C PHE B 140 -16.23 0.29 31.75
N SER B 141 -16.85 0.11 32.91
CA SER B 141 -16.61 0.95 34.07
C SER B 141 -16.45 0.07 35.31
N CYS B 142 -15.64 0.53 36.27
CA CYS B 142 -15.37 -0.20 37.49
C CYS B 142 -15.58 0.72 38.69
N GLY B 143 -15.68 0.09 39.87
CA GLY B 143 -15.85 0.84 41.11
C GLY B 143 -15.45 0.01 42.31
N LEU B 144 -15.26 0.70 43.43
CA LEU B 144 -14.90 0.07 44.69
C LEU B 144 -16.07 0.12 45.66
N PHE B 145 -16.42 -1.03 46.22
CA PHE B 145 -17.51 -1.11 47.19
C PHE B 145 -17.18 -0.28 48.42
N ALA B 146 -18.22 0.29 49.03
CA ALA B 146 -18.03 1.01 50.29
C ALA B 146 -17.87 0.06 51.47
N ALA B 147 -18.43 -1.15 51.38
CA ALA B 147 -18.37 -2.08 52.49
C ALA B 147 -16.98 -2.71 52.63
N ASN B 148 -16.49 -3.36 51.57
CA ASN B 148 -15.26 -4.12 51.64
C ASN B 148 -14.12 -3.59 50.80
N PHE B 149 -14.27 -2.43 50.14
CA PHE B 149 -13.24 -1.80 49.32
C PHE B 149 -12.78 -2.68 48.15
N THR B 150 -13.53 -3.76 47.81
CA THR B 150 -13.14 -4.63 46.71
C THR B 150 -13.68 -4.11 45.38
N PRO B 151 -13.01 -4.41 44.26
CA PRO B 151 -13.44 -3.85 42.98
C PRO B 151 -14.52 -4.67 42.29
N VAL B 152 -15.33 -3.97 41.50
CA VAL B 152 -16.34 -4.57 40.64
C VAL B 152 -16.37 -3.79 39.34
N CYS B 153 -16.60 -4.50 38.23
CA CYS B 153 -16.65 -3.87 36.91
C CYS B 153 -17.92 -4.30 36.19
N TRP B 154 -18.36 -3.46 35.25
CA TRP B 154 -19.55 -3.74 34.47
C TRP B 154 -19.38 -3.15 33.06
N GLY B 155 -20.14 -3.70 32.12
CA GLY B 155 -20.09 -3.27 30.75
C GLY B 155 -19.57 -4.37 29.83
N ASP B 156 -18.95 -3.95 28.72
CA ASP B 156 -18.43 -4.88 27.74
C ASP B 156 -17.07 -5.39 28.19
N GLU B 157 -16.96 -6.69 28.41
CA GLU B 157 -15.74 -7.33 28.87
C GLU B 157 -14.86 -7.82 27.72
N THR B 158 -15.40 -7.83 26.51
CA THR B 158 -14.68 -8.39 25.35
C THR B 158 -13.30 -7.76 25.19
N GLY B 159 -12.28 -8.62 25.10
CA GLY B 159 -10.92 -8.18 24.89
C GLY B 159 -10.17 -7.80 26.14
N SER B 160 -10.84 -7.66 27.27
CA SER B 160 -10.21 -7.22 28.51
C SER B 160 -10.29 -8.27 29.61
N GLY B 161 -11.46 -8.83 29.86
CA GLY B 161 -11.63 -9.77 30.96
C GLY B 161 -11.71 -9.12 32.32
N VAL B 162 -11.94 -7.80 32.39
CA VAL B 162 -11.82 -7.08 33.65
C VAL B 162 -12.97 -7.36 34.61
N ILE B 163 -14.09 -7.88 34.11
CA ILE B 163 -15.22 -8.16 35.00
C ILE B 163 -15.01 -9.46 35.76
N SER B 164 -14.75 -10.55 35.03
CA SER B 164 -14.63 -11.85 35.67
C SER B 164 -13.28 -12.03 36.35
N THR B 165 -12.22 -11.42 35.83
CA THR B 165 -10.89 -11.53 36.42
C THR B 165 -10.65 -10.48 37.50
N ALA B 166 -11.68 -9.70 37.86
CA ALA B 166 -11.53 -8.71 38.91
C ALA B 166 -11.10 -9.38 40.21
N PRO B 167 -10.06 -8.89 40.88
CA PRO B 167 -9.60 -9.53 42.13
C PRO B 167 -10.54 -9.27 43.29
N LYS B 168 -11.69 -9.95 43.29
CA LYS B 168 -12.68 -9.79 44.35
C LYS B 168 -12.11 -10.42 45.62
N GLY B 169 -11.66 -9.58 46.55
CA GLY B 169 -10.99 -10.04 47.75
C GLY B 169 -9.83 -9.14 48.13
N LEU B 170 -9.17 -8.56 47.13
CA LEU B 170 -8.16 -7.54 47.39
C LEU B 170 -8.84 -6.19 47.58
N GLU B 171 -8.34 -5.43 48.54
CA GLU B 171 -8.93 -4.14 48.91
C GLU B 171 -8.04 -3.01 48.41
N PHE B 172 -8.66 -2.02 47.75
CA PHE B 172 -7.93 -0.95 47.09
C PHE B 172 -8.23 0.41 47.71
N ASN B 173 -7.21 1.27 47.69
CA ASN B 173 -7.41 2.68 48.01
C ASN B 173 -8.10 3.40 46.87
N SER B 174 -7.61 3.20 45.64
CA SER B 174 -8.20 3.78 44.45
C SER B 174 -7.87 2.89 43.27
N ILE B 175 -8.65 3.02 42.20
CA ILE B 175 -8.44 2.27 40.97
C ILE B 175 -8.60 3.19 39.78
N THR B 176 -7.81 2.94 38.74
CA THR B 176 -7.94 3.64 37.47
C THR B 176 -8.00 2.60 36.36
N ALA B 177 -8.84 2.87 35.36
CA ALA B 177 -9.08 1.94 34.26
C ALA B 177 -8.42 2.46 32.99
N GLY B 178 -7.73 1.56 32.29
CA GLY B 178 -7.21 1.84 30.97
C GLY B 178 -8.17 1.37 29.91
N GLY B 179 -7.67 1.23 28.68
CA GLY B 179 -8.54 0.81 27.60
C GLY B 179 -9.03 -0.62 27.71
N TYR B 180 -8.18 -1.51 28.26
CA TYR B 180 -8.55 -2.91 28.41
C TYR B 180 -7.95 -3.52 29.68
N HIS B 181 -7.68 -2.69 30.69
CA HIS B 181 -7.07 -3.16 31.93
C HIS B 181 -7.36 -2.16 33.03
N VAL B 182 -7.19 -2.59 34.27
CA VAL B 182 -7.41 -1.75 35.44
C VAL B 182 -6.23 -1.90 36.39
N CYS B 183 -5.72 -0.78 36.88
CA CYS B 183 -4.66 -0.75 37.89
C CYS B 183 -5.15 -0.01 39.13
N GLY B 184 -4.67 -0.44 40.28
CA GLY B 184 -5.10 0.15 41.53
C GLY B 184 -4.01 0.14 42.58
N ILE B 185 -4.17 1.01 43.58
CA ILE B 185 -3.27 1.10 44.71
C ILE B 185 -3.93 0.39 45.88
N LEU B 186 -3.27 -0.64 46.41
CA LEU B 186 -3.84 -1.42 47.50
C LEU B 186 -3.94 -0.60 48.78
N GLN B 187 -5.00 -0.87 49.54
CA GLN B 187 -5.13 -0.29 50.87
C GLN B 187 -4.00 -0.76 51.78
N ASN B 188 -3.58 -2.01 51.61
CA ASN B 188 -2.52 -2.62 52.40
C ASN B 188 -1.19 -2.40 51.70
N GLY B 189 -0.38 -1.47 52.23
CA GLY B 189 0.97 -1.26 51.75
C GLY B 189 1.11 -0.25 50.63
N GLN B 190 0.05 0.06 49.92
CA GLN B 190 0.04 1.00 48.75
C GLN B 190 0.83 0.42 47.59
N ARG B 191 0.91 -0.89 47.48
CA ARG B 191 1.59 -1.44 46.28
C ARG B 191 0.60 -1.41 45.12
N THR B 192 1.08 -1.34 43.89
CA THR B 192 0.16 -1.25 42.74
C THR B 192 -0.10 -2.62 42.15
N PHE B 193 -1.36 -2.98 41.98
CA PHE B 193 -1.80 -4.23 41.39
C PHE B 193 -2.70 -3.95 40.19
N CYS B 194 -2.51 -4.71 39.12
CA CYS B 194 -3.28 -4.54 37.90
C CYS B 194 -3.88 -5.87 37.47
N TRP B 195 -4.95 -5.79 36.68
CA TRP B 195 -5.56 -6.99 36.11
C TRP B 195 -6.20 -6.64 34.77
N GLY B 196 -6.54 -7.68 34.01
CA GLY B 196 -7.09 -7.51 32.68
C GLY B 196 -6.18 -8.07 31.61
N ARG B 197 -6.75 -8.84 30.69
CA ARG B 197 -5.98 -9.49 29.62
C ARG B 197 -5.57 -8.43 28.60
N SER B 198 -4.48 -7.74 28.90
CA SER B 198 -3.99 -6.67 28.05
C SER B 198 -2.47 -6.73 27.99
N LEU B 199 -1.92 -6.21 26.89
CA LEU B 199 -0.47 -6.11 26.74
C LEU B 199 0.12 -4.98 27.56
N ALA B 200 -0.70 -4.12 28.17
CA ALA B 200 -0.19 -3.16 29.13
C ALA B 200 0.39 -3.85 30.35
N LEU B 201 -0.01 -5.09 30.62
CA LEU B 201 0.48 -5.87 31.75
C LEU B 201 1.42 -6.97 31.29
N GLN B 202 2.06 -6.77 30.12
CA GLN B 202 3.00 -7.76 29.60
C GLN B 202 4.21 -7.91 30.51
N ASP B 203 4.80 -6.80 30.95
CA ASP B 203 5.95 -6.85 31.84
C ASP B 203 5.54 -6.87 33.31
N GLY B 204 4.47 -6.16 33.67
CA GLY B 204 3.99 -6.11 35.03
C GLY B 204 4.31 -4.77 35.68
N VAL B 205 3.96 -4.69 36.96
CA VAL B 205 4.11 -3.45 37.73
C VAL B 205 5.59 -3.20 38.01
N PRO B 206 6.09 -1.98 37.87
CA PRO B 206 7.50 -1.70 38.22
C PRO B 206 7.78 -2.02 39.69
N LYS B 207 8.77 -2.87 39.90
CA LYS B 207 9.08 -3.35 41.25
C LYS B 207 9.51 -2.19 42.14
N GLY B 208 8.95 -2.13 43.34
CA GLY B 208 9.40 -1.17 44.33
C GLY B 208 8.91 0.26 44.16
N ALA B 209 7.86 0.49 43.36
CA ALA B 209 7.31 1.82 43.12
C ALA B 209 6.03 2.02 43.93
N ILE B 210 6.03 3.00 44.83
CA ILE B 210 4.84 3.37 45.58
C ILE B 210 4.27 4.65 44.97
N PHE B 211 3.02 4.60 44.52
CA PHE B 211 2.40 5.75 43.88
C PHE B 211 1.31 6.34 44.76
N THR B 212 0.98 7.60 44.48
CA THR B 212 -0.15 8.27 45.10
C THR B 212 -1.39 8.19 44.22
N SER B 213 -1.24 8.40 42.92
CA SER B 213 -2.34 8.34 41.98
C SER B 213 -1.87 7.63 40.71
N LEU B 214 -2.82 7.10 39.95
CA LEU B 214 -2.54 6.37 38.73
C LEU B 214 -3.46 6.83 37.61
N VAL B 215 -2.94 6.76 36.38
CA VAL B 215 -3.71 6.96 35.16
C VAL B 215 -3.27 5.91 34.15
N ALA B 216 -4.14 5.65 33.17
CA ALA B 216 -3.87 4.60 32.21
C ALA B 216 -4.48 4.95 30.86
N GLY B 217 -3.71 4.73 29.80
CA GLY B 217 -4.20 4.86 28.44
C GLY B 217 -4.76 3.55 27.91
N LYS B 218 -4.77 3.43 26.58
CA LYS B 218 -5.26 2.20 25.96
C LYS B 218 -4.41 1.01 26.36
N PHE B 219 -3.09 1.13 26.22
CA PHE B 219 -2.17 0.04 26.55
C PHE B 219 -0.97 0.56 27.32
N SER B 220 -1.22 1.45 28.30
CA SER B 220 -0.15 2.03 29.08
C SER B 220 -0.70 2.48 30.43
N THR B 221 0.20 2.65 31.39
CA THR B 221 -0.16 3.09 32.73
C THR B 221 0.94 4.00 33.27
N CYS B 222 0.53 5.07 33.96
CA CYS B 222 1.46 6.02 34.57
C CYS B 222 1.12 6.20 36.04
N GLY B 223 2.13 6.54 36.82
CA GLY B 223 1.94 6.76 38.25
C GLY B 223 2.86 7.85 38.76
N LEU B 224 2.41 8.52 39.82
CA LEU B 224 3.19 9.56 40.48
C LEU B 224 3.77 9.00 41.78
N HIS B 225 5.10 9.04 41.89
CA HIS B 225 5.77 8.49 43.07
C HIS B 225 5.30 9.17 44.35
N LYS B 226 5.38 8.41 45.44
CA LYS B 226 4.89 8.90 46.73
C LYS B 226 5.69 10.10 47.21
N ASP B 227 7.01 10.06 47.07
CA ASP B 227 7.87 11.11 47.57
C ASP B 227 8.14 12.20 46.54
N THR B 228 8.69 11.82 45.38
CA THR B 228 9.16 12.79 44.40
C THR B 228 8.05 13.43 43.59
N HIS B 229 6.87 12.80 43.52
CA HIS B 229 5.77 13.28 42.70
C HIS B 229 6.15 13.35 41.22
N LEU B 230 7.03 12.41 40.77
CA LEU B 230 7.51 12.29 39.39
C LEU B 230 6.79 11.16 38.68
N PRO B 231 6.55 11.30 37.38
CA PRO B 231 5.79 10.28 36.64
C PRO B 231 6.65 9.09 36.26
N LEU B 232 6.05 7.90 36.35
CA LEU B 232 6.67 6.65 35.92
C LEU B 232 5.65 5.88 35.10
N CYS B 233 5.89 5.79 33.80
CA CYS B 233 4.95 5.18 32.85
C CYS B 233 5.51 3.88 32.29
N TRP B 234 4.62 2.90 32.10
CA TRP B 234 5.00 1.63 31.51
C TRP B 234 3.83 1.10 30.68
N GLY B 235 4.12 0.15 29.80
CA GLY B 235 3.10 -0.50 29.01
C GLY B 235 3.57 -0.81 27.61
N PHE B 236 2.59 -1.15 26.76
CA PHE B 236 2.87 -1.59 25.40
C PHE B 236 3.26 -0.42 24.51
N THR B 237 4.20 -0.66 23.59
CA THR B 237 4.69 0.34 22.64
C THR B 237 5.05 1.66 23.31
N LEU B 238 5.54 1.59 24.54
CA LEU B 238 5.97 2.80 25.23
C LEU B 238 7.49 2.93 25.14
N PRO B 239 8.02 4.11 24.78
CA PRO B 239 9.47 4.34 24.70
C PRO B 239 10.20 4.01 26.01
N PRO B 245 9.79 8.84 32.63
CA PRO B 245 10.11 9.99 33.50
C PRO B 245 10.47 11.24 32.70
N THR B 246 9.67 12.29 32.82
CA THR B 246 9.97 13.57 32.20
C THR B 246 10.80 14.49 33.09
N ASN B 247 10.93 14.15 34.39
CA ASN B 247 11.75 14.89 35.35
C ASN B 247 11.18 16.29 35.61
N VAL B 248 9.86 16.35 35.80
CA VAL B 248 9.15 17.55 36.25
C VAL B 248 8.03 17.06 37.17
N PRO B 249 7.94 17.53 38.41
CA PRO B 249 6.93 16.99 39.32
C PRO B 249 5.54 17.53 39.03
N PHE B 250 4.54 16.68 39.27
CA PHE B 250 3.15 16.98 38.96
C PHE B 250 2.27 16.75 40.18
N SER B 251 1.19 17.52 40.28
CA SER B 251 0.20 17.29 41.32
C SER B 251 -0.81 16.23 40.90
N ALA B 252 -1.15 16.16 39.61
CA ALA B 252 -2.08 15.16 39.11
C ALA B 252 -1.75 14.86 37.64
N LEU B 253 -2.21 13.69 37.20
CA LEU B 253 -2.04 13.26 35.82
C LEU B 253 -3.40 12.95 35.20
N VAL B 254 -3.42 12.88 33.88
CA VAL B 254 -4.59 12.44 33.13
C VAL B 254 -4.10 11.80 31.83
N ALA B 255 -4.76 10.72 31.43
CA ALA B 255 -4.31 9.93 30.29
C ALA B 255 -5.38 9.89 29.21
N GLY B 256 -4.98 10.19 27.98
CA GLY B 256 -5.80 9.92 26.81
C GLY B 256 -5.61 8.50 26.33
N ASP B 257 -5.94 8.28 25.07
CA ASP B 257 -5.76 6.94 24.50
C ASP B 257 -4.27 6.63 24.29
N TYR B 258 -3.52 7.58 23.75
CA TYR B 258 -2.10 7.36 23.50
C TYR B 258 -1.25 8.57 23.88
N PHE B 259 -1.70 9.34 24.88
CA PHE B 259 -0.93 10.46 25.40
C PHE B 259 -1.34 10.70 26.85
N VAL B 260 -0.44 11.32 27.61
CA VAL B 260 -0.64 11.59 29.03
C VAL B 260 -0.29 13.04 29.30
N CYS B 261 -1.14 13.73 30.06
CA CYS B 261 -0.93 15.11 30.46
C CYS B 261 -0.86 15.22 31.97
N GLY B 262 -0.12 16.21 32.45
CA GLY B 262 0.03 16.42 33.88
C GLY B 262 -0.02 17.87 34.32
N LEU B 263 -0.82 18.16 35.36
CA LEU B 263 -0.87 19.48 35.97
C LEU B 263 0.29 19.62 36.95
N PRO B 264 1.23 20.55 36.69
CA PRO B 264 2.41 20.65 37.54
C PRO B 264 2.07 20.99 38.98
N LEU B 265 2.93 20.54 39.90
CA LEU B 265 2.75 20.86 41.30
C LEU B 265 2.92 22.35 41.56
N THR B 266 3.82 23.01 40.81
CA THR B 266 3.95 24.45 40.88
C THR B 266 2.89 25.10 40.00
N PRO B 267 1.99 25.91 40.57
CA PRO B 267 0.90 26.47 39.75
C PRO B 267 1.37 27.44 38.68
N SER B 268 2.59 27.96 38.77
CA SER B 268 3.09 28.86 37.74
C SER B 268 3.45 28.11 36.46
N LEU B 269 4.00 26.91 36.59
CA LEU B 269 4.44 26.16 35.42
C LEU B 269 3.24 25.67 34.61
N PRO B 270 3.32 25.70 33.29
CA PRO B 270 2.20 25.24 32.46
C PRO B 270 2.16 23.73 32.31
N GLN B 271 1.02 23.24 31.83
CA GLN B 271 0.78 21.81 31.68
C GLN B 271 1.69 21.20 30.61
N GLN B 272 2.14 19.97 30.85
CA GLN B 272 2.95 19.22 29.91
C GLN B 272 2.22 17.96 29.48
N CYS B 273 2.36 17.61 28.20
CA CYS B 273 1.78 16.39 27.65
C CYS B 273 2.83 15.68 26.79
N TRP B 274 2.79 14.36 26.79
CA TRP B 274 3.71 13.55 26.01
C TRP B 274 3.00 12.32 25.48
N GLY B 275 3.48 11.81 24.35
CA GLY B 275 2.90 10.62 23.75
C GLY B 275 3.28 9.37 24.54
N SER B 276 2.31 8.45 24.67
CA SER B 276 2.50 7.22 25.43
C SER B 276 2.32 5.97 24.59
N GLY B 277 2.39 6.08 23.26
CA GLY B 277 2.33 4.91 22.42
C GLY B 277 1.57 5.21 21.14
N TYR B 278 1.14 4.13 20.47
CA TYR B 278 0.46 4.22 19.18
C TYR B 278 -0.19 2.87 18.90
N PRO B 279 -1.29 2.86 18.12
CA PRO B 279 -1.98 1.59 17.84
C PRO B 279 -1.23 0.76 16.81
N VAL B 280 -1.29 -0.56 16.99
CA VAL B 280 -0.72 -1.51 16.04
C VAL B 280 -1.72 -2.63 15.77
N THR B 281 -1.67 -3.17 14.56
CA THR B 281 -2.47 -4.34 14.23
C THR B 281 -1.90 -5.58 14.92
N LEU B 282 -2.77 -6.28 15.64
CA LEU B 282 -2.42 -7.49 16.38
C LEU B 282 -3.28 -8.66 15.90
N PRO B 283 -2.87 -9.90 16.19
CA PRO B 283 -3.69 -11.04 15.80
C PRO B 283 -4.97 -11.04 16.63
N THR B 284 -6.10 -11.25 15.97
CA THR B 284 -7.40 -11.13 16.61
C THR B 284 -8.17 -12.44 16.73
N GLY B 285 -7.61 -13.56 16.31
CA GLY B 285 -8.26 -14.85 16.43
C GLY B 285 -9.11 -15.06 15.20
N ILE B 286 -9.79 -14.00 14.75
CA ILE B 286 -10.49 -14.04 13.48
C ILE B 286 -9.51 -13.83 12.35
N ALA B 287 -8.49 -12.99 12.59
CA ALA B 287 -7.38 -12.73 11.67
C ALA B 287 -6.12 -13.18 12.39
N PRO B 288 -5.85 -14.49 12.43
CA PRO B 288 -4.75 -14.98 13.28
C PRO B 288 -3.37 -14.60 12.78
N GLY B 289 -3.18 -14.42 11.48
CA GLY B 289 -1.83 -14.16 11.01
C GLY B 289 -1.13 -15.44 10.58
N MET B 290 -0.17 -15.26 9.68
CA MET B 290 0.44 -16.38 8.96
C MET B 290 1.65 -16.88 9.73
N CYS B 291 1.61 -18.15 10.14
CA CYS B 291 2.77 -18.80 10.72
C CYS B 291 3.69 -19.27 9.60
N SER B 292 4.93 -18.79 9.59
CA SER B 292 5.87 -19.11 8.53
C SER B 292 7.24 -19.37 9.13
N SER B 293 7.98 -20.30 8.51
CA SER B 293 9.35 -20.56 8.89
C SER B 293 10.32 -19.55 8.30
N LEU B 294 9.96 -18.92 7.19
CA LEU B 294 10.75 -17.93 6.48
C LEU B 294 10.47 -16.53 7.02
N PRO B 295 11.34 -15.56 6.72
CA PRO B 295 11.03 -14.18 7.08
C PRO B 295 9.74 -13.71 6.40
N CYS B 296 9.04 -12.81 7.09
CA CYS B 296 7.72 -12.37 6.64
C CYS B 296 7.80 -11.59 5.34
N MET B 297 6.86 -11.83 4.44
CA MET B 297 6.82 -11.18 3.14
C MET B 297 6.55 -9.68 3.29
N SER B 298 6.75 -8.96 2.19
CA SER B 298 6.52 -7.53 2.16
C SER B 298 5.07 -7.21 2.52
N GLY B 299 4.89 -6.20 3.37
CA GLY B 299 3.58 -5.82 3.85
C GLY B 299 3.17 -6.47 5.14
N THR B 300 4.03 -7.31 5.73
CA THR B 300 3.76 -7.97 7.00
C THR B 300 5.02 -7.92 7.84
N TYR B 301 4.83 -8.05 9.16
CA TYR B 301 5.96 -8.00 10.09
C TYR B 301 5.90 -9.20 11.04
N SER B 302 7.08 -9.65 11.44
CA SER B 302 7.21 -10.76 12.38
C SER B 302 6.94 -10.25 13.80
N LEU B 303 5.83 -10.70 14.39
CA LEU B 303 5.47 -10.30 15.74
C LEU B 303 6.54 -10.77 16.72
N SER B 304 6.96 -9.87 17.62
CA SER B 304 8.05 -10.17 18.53
C SER B 304 7.69 -11.34 19.46
N ALA B 305 8.72 -12.09 19.85
CA ALA B 305 8.51 -13.28 20.66
C ALA B 305 7.88 -12.95 22.01
N GLU B 306 8.19 -11.78 22.57
CA GLU B 306 7.66 -11.41 23.88
C GLU B 306 6.13 -11.31 23.85
N VAL B 307 5.60 -10.56 22.88
CA VAL B 307 4.16 -10.37 22.80
C VAL B 307 3.47 -11.66 22.36
N VAL B 308 4.13 -12.48 21.54
CA VAL B 308 3.58 -13.78 21.16
C VAL B 308 3.35 -14.64 22.40
N LYS B 309 4.33 -14.68 23.30
CA LYS B 309 4.19 -15.46 24.52
C LYS B 309 3.06 -14.92 25.39
N ALA B 310 2.87 -13.59 25.39
CA ALA B 310 1.81 -12.99 26.21
C ALA B 310 0.43 -13.33 25.68
N LEU B 311 0.26 -13.32 24.36
CA LEU B 311 -1.03 -13.58 23.73
C LEU B 311 -1.35 -15.07 23.62
N ALA B 312 -0.44 -15.94 24.07
CA ALA B 312 -0.59 -17.39 23.94
C ALA B 312 -1.31 -17.97 25.14
N ALA B 313 -2.28 -18.83 24.86
CA ALA B 313 -3.13 -19.40 25.91
C ALA B 313 -2.31 -20.27 26.86
N SER B 314 -2.86 -20.46 28.06
CA SER B 314 -2.30 -21.32 29.09
C SER B 314 -1.89 -22.68 28.52
N GLY B 315 -0.60 -22.97 28.58
CA GLY B 315 -0.09 -24.27 28.15
C GLY B 315 -0.18 -24.50 26.66
N ALA B 316 0.01 -23.46 25.86
CA ALA B 316 -0.08 -23.59 24.42
C ALA B 316 0.81 -22.53 23.76
N THR B 317 1.35 -22.88 22.60
CA THR B 317 2.11 -21.96 21.79
C THR B 317 1.23 -21.43 20.66
N LEU B 318 1.52 -20.20 20.23
CA LEU B 318 0.65 -19.51 19.29
C LEU B 318 0.68 -20.18 17.92
N CYS B 319 1.88 -20.38 17.36
CA CYS B 319 2.03 -21.17 16.16
C CYS B 319 2.34 -22.61 16.50
N PRO B 320 1.88 -23.57 15.66
CA PRO B 320 2.18 -24.98 15.93
C PRO B 320 3.66 -25.25 16.17
N ASN B 321 4.53 -24.77 15.27
CA ASN B 321 5.96 -24.84 15.49
C ASN B 321 6.40 -23.58 16.21
N PRO B 322 6.88 -23.66 17.46
CA PRO B 322 7.19 -22.43 18.20
C PRO B 322 8.25 -21.57 17.56
N THR B 323 9.14 -22.15 16.74
CA THR B 323 10.19 -21.37 16.11
C THR B 323 9.67 -20.48 14.98
N ASP B 324 8.54 -20.82 14.39
CA ASP B 324 8.04 -20.08 13.24
C ASP B 324 7.72 -18.63 13.60
N ASN B 325 7.89 -17.75 12.62
CA ASN B 325 7.47 -16.36 12.76
C ASN B 325 5.96 -16.25 12.55
N LEU B 326 5.33 -15.38 13.34
CA LEU B 326 3.93 -15.03 13.17
C LEU B 326 3.86 -13.69 12.44
N CYS B 327 3.41 -13.72 11.20
CA CYS B 327 3.40 -12.54 10.33
C CYS B 327 2.03 -11.88 10.36
N ILE B 328 2.00 -10.61 10.75
CA ILE B 328 0.78 -9.82 10.83
C ILE B 328 0.84 -8.69 9.80
N ASN B 329 -0.31 -8.40 9.18
CA ASN B 329 -0.41 -7.28 8.25
C ASN B 329 0.07 -5.98 8.89
N CYS B 330 0.89 -5.24 8.14
CA CYS B 330 1.30 -3.91 8.56
C CYS B 330 0.09 -2.97 8.64
N SER B 331 0.09 -2.10 9.63
CA SER B 331 -0.96 -1.10 9.75
C SER B 331 -0.87 -0.10 8.61
N LYS B 332 -2.04 0.25 8.06
CA LYS B 332 -2.13 1.22 6.96
C LYS B 332 -2.61 2.54 7.53
N GLY B 333 -1.68 3.45 7.80
CA GLY B 333 -2.00 4.76 8.30
C GLY B 333 -2.00 4.86 9.82
N CYS B 334 -2.13 6.09 10.29
CA CYS B 334 -2.13 6.42 11.71
C CYS B 334 -3.44 7.11 12.08
N PRO B 335 -3.81 7.09 13.36
CA PRO B 335 -5.06 7.76 13.78
C PRO B 335 -4.92 9.26 13.72
N SER B 336 -6.07 9.93 13.84
CA SER B 336 -6.15 11.38 13.69
C SER B 336 -5.22 12.08 14.68
N GLY B 337 -4.47 13.05 14.17
CA GLY B 337 -3.50 13.77 14.96
C GLY B 337 -2.10 13.19 14.92
N MET B 338 -1.94 11.97 14.40
CA MET B 338 -0.66 11.30 14.34
C MET B 338 -0.27 11.05 12.89
N ILE B 339 1.03 10.95 12.63
CA ILE B 339 1.55 10.60 11.32
C ILE B 339 2.64 9.54 11.50
N GLU B 340 2.90 8.82 10.41
CA GLU B 340 3.86 7.72 10.45
C GLU B 340 5.28 8.23 10.63
N SER B 341 5.90 7.86 11.76
CA SER B 341 7.27 8.26 12.04
C SER B 341 8.29 7.25 11.52
N VAL B 342 8.00 5.96 11.59
CA VAL B 342 8.88 4.91 11.10
C VAL B 342 8.06 3.95 10.25
N GLU B 343 8.69 3.43 9.19
CA GLU B 343 8.01 2.50 8.28
C GLU B 343 7.89 1.13 8.93
N CYS B 344 6.97 0.33 8.39
CA CYS B 344 6.79 -1.05 8.85
C CYS B 344 7.97 -1.90 8.41
N THR B 345 8.74 -2.38 9.38
CA THR B 345 9.86 -3.27 9.08
C THR B 345 9.39 -4.72 9.07
N SER B 346 10.34 -5.64 8.83
CA SER B 346 10.01 -7.06 8.88
C SER B 346 9.95 -7.58 10.31
N THR B 347 10.29 -6.77 11.30
CA THR B 347 10.28 -7.17 12.69
C THR B 347 9.33 -6.36 13.56
N ALA B 348 8.80 -5.24 13.07
CA ALA B 348 7.92 -4.39 13.87
C ALA B 348 6.94 -3.68 12.95
N ASP B 349 5.81 -3.29 13.53
CA ASP B 349 4.79 -2.53 12.81
C ASP B 349 5.22 -1.07 12.68
N ARG B 350 4.56 -0.36 11.77
CA ARG B 350 4.83 1.07 11.59
C ARG B 350 4.56 1.83 12.88
N GLN B 351 5.39 2.83 13.14
CA GLN B 351 5.30 3.65 14.34
C GLN B 351 4.64 4.99 14.03
N CYS B 352 3.76 5.44 14.92
CA CYS B 352 3.08 6.72 14.77
C CYS B 352 3.49 7.67 15.88
N SER B 353 3.55 8.96 15.53
CA SER B 353 3.79 10.03 16.49
C SER B 353 2.85 11.18 16.18
N TYR B 354 2.52 11.95 17.22
CA TYR B 354 1.61 13.07 17.05
C TYR B 354 2.23 14.16 16.19
N ASP B 355 1.50 14.56 15.15
CA ASP B 355 1.97 15.56 14.19
C ASP B 355 1.94 16.95 14.82
N CYS B 356 3.09 17.40 15.30
CA CYS B 356 3.22 18.73 15.89
C CYS B 356 3.86 19.73 14.93
N SER B 357 3.95 19.39 13.64
CA SER B 357 4.61 20.27 12.69
C SER B 357 3.72 21.42 12.24
N HIS B 358 2.41 21.24 12.30
CA HIS B 358 1.46 22.31 11.96
C HIS B 358 0.94 23.01 13.21
N CYS B 359 1.86 23.55 14.01
CA CYS B 359 1.48 24.27 15.23
C CYS B 359 1.85 25.74 15.11
N THR B 364 -3.86 25.88 16.55
CA THR B 364 -4.68 25.02 17.39
C THR B 364 -4.42 23.55 17.09
N CYS B 365 -3.20 23.10 17.38
CA CYS B 365 -2.80 21.72 17.15
C CYS B 365 -3.09 20.87 18.38
N SER B 366 -2.75 19.58 18.28
CA SER B 366 -3.08 18.61 19.32
C SER B 366 -2.56 19.04 20.69
N ALA B 367 -3.30 18.64 21.73
CA ALA B 367 -2.87 18.93 23.09
C ALA B 367 -1.64 18.13 23.49
N ALA B 368 -1.34 17.04 22.78
CA ALA B 368 -0.17 16.22 23.06
C ALA B 368 1.13 16.90 22.63
N CYS B 369 1.07 18.10 22.04
CA CYS B 369 2.23 18.80 21.53
C CYS B 369 2.67 19.93 22.44
N TYR B 370 2.19 19.97 23.67
CA TYR B 370 2.42 21.11 24.55
C TYR B 370 3.55 20.80 25.52
N ASN B 371 4.73 21.31 25.20
CA ASN B 371 5.96 21.27 25.98
C ASN B 371 6.37 19.85 26.35
N PRO B 372 6.71 18.99 25.38
CA PRO B 372 7.22 17.66 25.75
C PRO B 372 8.66 17.74 26.26
N LEU C 1 -23.20 43.98 14.07
CA LEU C 1 -23.95 45.09 13.48
C LEU C 1 -25.44 44.79 13.41
N GLY C 2 -26.26 45.84 13.32
CA GLY C 2 -27.67 45.67 13.09
C GLY C 2 -28.46 45.34 14.35
N SER C 3 -29.60 44.69 14.15
CA SER C 3 -30.57 44.42 15.20
C SER C 3 -30.74 42.92 15.39
N MET C 4 -31.61 42.55 16.33
CA MET C 4 -31.92 41.17 16.61
C MET C 4 -32.83 40.59 15.53
N ASN C 5 -32.61 39.32 15.19
CA ASN C 5 -33.42 38.64 14.19
C ASN C 5 -33.21 37.13 14.33
N SER C 6 -33.91 36.37 13.48
CA SER C 6 -33.76 34.92 13.48
C SER C 6 -32.38 34.48 13.01
N VAL C 7 -31.64 35.34 12.31
CA VAL C 7 -30.31 35.02 11.83
C VAL C 7 -29.34 36.10 12.29
N ALA C 8 -28.07 35.71 12.41
CA ALA C 8 -27.01 36.63 12.77
C ALA C 8 -25.70 36.15 12.19
N VAL C 9 -24.75 37.08 12.04
CA VAL C 9 -23.43 36.77 11.50
C VAL C 9 -22.36 37.38 12.39
N SER C 10 -21.30 36.60 12.63
CA SER C 10 -20.06 37.14 13.17
C SER C 10 -19.13 37.50 12.01
N TYR C 11 -18.25 38.45 12.25
CA TYR C 11 -17.37 38.97 11.21
C TYR C 11 -16.04 39.37 11.83
N GLY C 12 -15.10 39.77 10.97
CA GLY C 12 -13.83 40.30 11.43
C GLY C 12 -12.66 39.35 11.28
N GLY C 13 -11.66 39.52 12.16
CA GLY C 13 -10.40 38.83 11.99
C GLY C 13 -10.46 37.34 12.25
N ASN C 14 -11.39 36.90 13.10
CA ASN C 14 -11.47 35.49 13.44
C ASN C 14 -12.26 34.68 12.43
N GLY C 15 -12.89 35.32 11.44
CA GLY C 15 -13.62 34.63 10.40
C GLY C 15 -15.04 35.15 10.31
N GLN C 16 -15.84 34.45 9.50
CA GLN C 16 -17.22 34.83 9.23
C GLN C 16 -18.11 33.61 9.41
N THR C 17 -19.08 33.70 10.32
CA THR C 17 -19.94 32.58 10.66
C THR C 17 -21.39 33.04 10.68
N LEU C 18 -22.27 32.25 10.06
CA LEU C 18 -23.70 32.51 10.03
C LEU C 18 -24.41 31.61 11.03
N CYS C 19 -25.18 32.21 11.93
CA CYS C 19 -26.00 31.49 12.90
C CYS C 19 -27.48 31.75 12.63
N SER C 20 -28.29 30.69 12.73
CA SER C 20 -29.72 30.80 12.48
C SER C 20 -30.49 29.95 13.48
N LEU C 21 -31.71 30.40 13.79
CA LEU C 21 -32.60 29.65 14.68
C LEU C 21 -33.36 28.60 13.90
N ARG C 22 -33.18 27.33 14.25
CA ARG C 22 -33.84 26.23 13.56
C ARG C 22 -35.28 26.12 14.07
N ALA C 23 -36.25 26.43 13.20
CA ALA C 23 -37.65 26.30 13.58
C ALA C 23 -38.07 24.85 13.70
N ASP C 24 -37.47 23.96 12.91
CA ASP C 24 -37.79 22.54 13.03
C ASP C 24 -37.37 21.99 14.39
N LYS C 25 -36.27 22.50 14.94
CA LYS C 25 -35.89 22.20 16.31
C LYS C 25 -36.61 23.15 17.25
N ALA C 26 -36.28 23.11 18.54
CA ALA C 26 -36.97 23.93 19.54
C ALA C 26 -36.34 25.32 19.62
N ASN C 27 -36.29 26.00 18.48
CA ASN C 27 -35.65 27.31 18.34
C ASN C 27 -34.20 27.27 18.82
N VAL C 28 -33.52 26.19 18.47
CA VAL C 28 -32.12 26.00 18.86
C VAL C 28 -31.24 26.54 17.73
N VAL C 29 -30.13 27.17 18.10
CA VAL C 29 -29.26 27.81 17.11
C VAL C 29 -28.32 26.78 16.50
N SER C 30 -28.06 26.94 15.20
CA SER C 30 -27.06 26.16 14.48
C SER C 30 -26.23 27.10 13.62
N CYS C 31 -24.91 26.93 13.67
CA CYS C 31 -23.99 27.87 13.05
C CYS C 31 -23.03 27.14 12.11
N PHE C 32 -22.44 27.90 11.18
CA PHE C 32 -21.39 27.41 10.30
C PHE C 32 -20.61 28.59 9.76
N GLY C 33 -19.33 28.37 9.51
CA GLY C 33 -18.47 29.39 8.94
C GLY C 33 -17.03 29.17 9.32
N SER C 34 -16.22 30.21 9.10
CA SER C 34 -14.80 30.17 9.40
C SER C 34 -14.47 30.62 10.81
N ASP C 35 -15.35 31.40 11.44
CA ASP C 35 -15.20 31.79 12.85
C ASP C 35 -15.57 30.58 13.70
N VAL C 36 -14.58 29.69 13.90
CA VAL C 36 -14.83 28.42 14.57
C VAL C 36 -15.35 28.63 15.99
N ALA C 37 -14.90 29.69 16.67
CA ALA C 37 -15.39 29.98 18.00
C ALA C 37 -16.90 30.20 18.00
N SER C 38 -17.40 30.94 17.01
CA SER C 38 -18.83 31.21 16.90
C SER C 38 -19.63 30.03 16.39
N VAL C 39 -18.97 28.97 15.94
CA VAL C 39 -19.65 27.76 15.46
C VAL C 39 -19.83 26.80 16.63
N TYR C 40 -18.72 26.36 17.23
CA TYR C 40 -18.75 25.32 18.24
C TYR C 40 -19.02 25.85 19.63
N GLY C 41 -18.95 27.17 19.84
CA GLY C 41 -19.35 27.76 21.10
C GLY C 41 -20.84 27.94 21.30
N ALA C 42 -21.63 27.73 20.26
CA ALA C 42 -23.07 27.94 20.35
C ALA C 42 -23.67 27.02 21.41
N PRO C 43 -24.67 27.48 22.16
CA PRO C 43 -25.30 26.62 23.17
C PRO C 43 -26.06 25.48 22.49
N PRO C 44 -25.74 24.24 22.86
CA PRO C 44 -26.27 23.10 22.08
C PRO C 44 -27.74 22.78 22.32
N ARG C 45 -28.35 23.25 23.41
CA ARG C 45 -29.74 22.90 23.70
C ARG C 45 -30.47 24.03 24.43
N LEU C 46 -30.12 25.28 24.14
CA LEU C 46 -30.76 26.43 24.76
C LEU C 46 -31.73 27.12 23.80
N PRO C 47 -33.04 27.08 24.03
CA PRO C 47 -33.97 27.78 23.14
C PRO C 47 -33.74 29.28 23.16
N LEU C 48 -33.62 29.86 21.96
CA LEU C 48 -33.39 31.28 21.80
C LEU C 48 -34.51 31.90 20.98
N VAL C 49 -34.78 33.18 21.23
CA VAL C 49 -35.79 33.93 20.47
C VAL C 49 -35.18 34.92 19.49
N GLY C 50 -33.89 35.19 19.57
CA GLY C 50 -33.27 36.15 18.67
C GLY C 50 -31.77 36.04 18.72
N LEU C 51 -31.13 36.56 17.66
CA LEU C 51 -29.69 36.49 17.52
C LEU C 51 -29.14 37.82 17.02
N THR C 52 -27.92 38.13 17.45
CA THR C 52 -27.18 39.28 16.95
C THR C 52 -25.69 38.98 17.04
N GLY C 53 -24.93 39.51 16.09
CA GLY C 53 -23.51 39.18 15.99
C GLY C 53 -22.64 40.42 15.88
N GLY C 54 -21.38 40.22 16.27
CA GLY C 54 -20.38 41.27 16.18
C GLY C 54 -19.05 40.77 15.64
N ASP C 55 -17.95 41.41 16.05
CA ASP C 55 -16.62 41.04 15.61
C ASP C 55 -16.17 39.80 16.38
N GLY C 56 -16.41 38.62 15.80
CA GLY C 56 -15.94 37.39 16.38
C GLY C 56 -16.77 36.82 17.50
N PHE C 57 -18.03 37.27 17.63
CA PHE C 57 -18.90 36.73 18.67
C PHE C 57 -20.34 36.82 18.20
N VAL C 58 -21.19 35.99 18.81
CA VAL C 58 -22.63 35.99 18.57
C VAL C 58 -23.32 35.90 19.92
N CYS C 59 -24.36 36.70 20.10
CA CYS C 59 -25.16 36.70 21.33
C CYS C 59 -26.60 36.36 20.99
N GLY C 60 -27.20 35.49 21.81
CA GLY C 60 -28.59 35.12 21.65
C GLY C 60 -29.41 35.52 22.87
N LEU C 61 -30.68 35.82 22.62
CA LEU C 61 -31.63 36.12 23.69
C LEU C 61 -32.35 34.83 24.07
N SER C 62 -32.13 34.37 25.29
CA SER C 62 -32.73 33.12 25.73
C SER C 62 -34.26 33.22 25.72
N MET C 63 -34.90 32.06 25.57
CA MET C 63 -36.36 31.99 25.59
C MET C 63 -36.88 31.98 27.03
N GLY C 64 -36.64 30.89 27.75
CA GLY C 64 -36.94 30.77 29.16
C GLY C 64 -36.75 32.01 30.02
N SER C 65 -35.51 32.47 30.16
CA SER C 65 -35.18 33.57 31.06
C SER C 65 -35.13 34.93 30.39
N ARG C 66 -35.03 34.99 29.06
CA ARG C 66 -34.98 36.27 28.34
C ARG C 66 -33.77 37.09 28.74
N GLN C 67 -32.62 36.44 28.80
CA GLN C 67 -31.35 37.06 29.14
C GLN C 67 -30.34 36.78 28.05
N PRO C 68 -29.33 37.64 27.91
CA PRO C 68 -28.34 37.42 26.84
C PRO C 68 -27.45 36.23 27.14
N TYR C 69 -27.18 35.45 26.09
CA TYR C 69 -26.20 34.37 26.15
C TYR C 69 -25.26 34.54 24.95
N CYS C 70 -23.99 34.81 25.23
CA CYS C 70 -23.01 35.12 24.20
C CYS C 70 -21.97 34.01 24.09
N TRP C 71 -21.50 33.78 22.87
CA TRP C 71 -20.41 32.85 22.61
C TRP C 71 -19.52 33.42 21.51
N GLY C 72 -18.31 32.87 21.41
CA GLY C 72 -17.34 33.33 20.44
C GLY C 72 -15.98 33.60 21.06
N ASN C 73 -15.19 34.48 20.46
CA ASN C 73 -13.84 34.77 20.94
C ASN C 73 -13.54 36.27 20.87
N ASN C 74 -14.45 37.09 21.38
CA ASN C 74 -14.21 38.53 21.50
C ASN C 74 -13.87 38.84 22.96
N ILE C 75 -12.71 39.47 23.19
CA ILE C 75 -12.24 39.66 24.55
C ILE C 75 -13.10 40.66 25.32
N TYR C 76 -13.80 41.55 24.62
CA TYR C 76 -14.61 42.57 25.29
C TYR C 76 -16.01 42.09 25.62
N VAL C 77 -16.44 40.96 25.05
CA VAL C 77 -17.75 40.39 25.31
C VAL C 77 -17.52 39.06 26.01
N GLU C 78 -17.94 38.96 27.27
CA GLU C 78 -17.70 37.76 28.06
C GLU C 78 -18.67 36.66 27.65
N ALA C 79 -18.18 35.42 27.69
CA ALA C 79 -18.99 34.26 27.30
C ALA C 79 -20.05 33.95 28.34
N GLY C 80 -21.18 33.44 27.87
CA GLY C 80 -22.29 33.07 28.74
C GLY C 80 -23.26 34.21 28.98
N VAL C 81 -23.87 34.21 30.17
CA VAL C 81 -24.86 35.22 30.54
C VAL C 81 -24.15 36.27 31.40
N PRO C 82 -24.26 37.55 31.07
CA PRO C 82 -23.62 38.58 31.89
C PRO C 82 -24.32 38.73 33.23
N ALA C 83 -23.69 39.53 34.11
CA ALA C 83 -24.26 39.75 35.43
C ALA C 83 -25.51 40.62 35.31
N VAL C 84 -26.66 39.99 35.23
CA VAL C 84 -27.92 40.67 34.99
C VAL C 84 -28.82 40.65 36.23
N GLY C 85 -28.85 39.53 36.93
CA GLY C 85 -29.69 39.40 38.12
C GLY C 85 -31.09 38.94 37.77
N ASP C 86 -32.08 39.79 38.04
CA ASP C 86 -33.48 39.48 37.79
C ASP C 86 -34.03 40.16 36.55
N ARG C 87 -33.25 41.02 35.90
CA ARG C 87 -33.76 41.77 34.77
C ARG C 87 -34.02 40.86 33.58
N HIS C 88 -34.97 41.26 32.74
CA HIS C 88 -35.27 40.56 31.50
C HIS C 88 -35.30 41.58 30.37
N TYR C 89 -35.04 41.10 29.16
CA TYR C 89 -34.77 41.98 28.03
C TYR C 89 -35.65 41.64 26.84
N ALA C 90 -36.07 42.69 26.12
CA ALA C 90 -36.93 42.50 24.97
C ALA C 90 -36.14 42.18 23.70
N ALA C 91 -34.98 42.82 23.52
CA ALA C 91 -34.21 42.64 22.30
C ALA C 91 -32.73 42.85 22.59
N LEU C 92 -31.90 42.37 21.65
CA LEU C 92 -30.45 42.51 21.72
C LEU C 92 -29.94 43.17 20.45
N SER C 93 -28.74 43.74 20.56
CA SER C 93 -28.05 44.31 19.39
C SER C 93 -26.56 44.35 19.71
N ALA C 94 -25.75 43.85 18.78
CA ALA C 94 -24.31 43.71 18.99
C ALA C 94 -23.55 44.58 18.01
N GLY C 95 -22.62 45.37 18.52
CA GLY C 95 -21.67 46.08 17.69
C GLY C 95 -20.39 45.27 17.49
N ASP C 96 -19.36 45.97 17.01
CA ASP C 96 -18.07 45.32 16.80
C ASP C 96 -17.53 44.73 18.11
N ASN C 97 -17.49 45.53 19.16
CA ASN C 97 -16.88 45.11 20.42
C ASN C 97 -17.80 45.39 21.60
N HIS C 98 -19.11 45.25 21.40
CA HIS C 98 -20.05 45.50 22.49
C HIS C 98 -21.40 44.89 22.16
N LEU C 99 -22.15 44.57 23.22
CA LEU C 99 -23.53 44.13 23.13
C LEU C 99 -24.42 45.08 23.93
N CYS C 100 -25.60 45.38 23.41
CA CYS C 100 -26.60 46.18 24.11
C CYS C 100 -27.89 45.39 24.24
N ALA C 101 -28.56 45.53 25.38
CA ALA C 101 -29.75 44.77 25.70
C ALA C 101 -30.85 45.71 26.17
N LEU C 102 -31.95 45.75 25.42
CA LEU C 102 -33.11 46.58 25.77
C LEU C 102 -33.95 45.87 26.82
N ARG C 103 -34.11 46.50 27.98
CA ARG C 103 -34.91 45.92 29.06
C ARG C 103 -36.37 45.83 28.61
N GLN C 104 -37.07 44.77 29.06
CA GLN C 104 -38.51 44.74 28.85
C GLN C 104 -39.20 45.64 29.85
N SER C 105 -40.47 45.96 29.55
CA SER C 105 -41.24 46.88 30.39
C SER C 105 -41.28 46.46 31.85
N ALA C 106 -41.38 45.15 32.12
CA ALA C 106 -41.43 44.69 33.50
C ALA C 106 -40.14 45.02 34.26
N SER C 107 -39.00 45.00 33.58
CA SER C 107 -37.72 45.28 34.21
C SER C 107 -37.34 46.75 34.17
N TYR C 108 -38.17 47.61 33.60
CA TYR C 108 -37.88 49.03 33.48
C TYR C 108 -38.41 49.80 34.69
N VAL C 109 -37.66 50.82 35.12
CA VAL C 109 -38.07 51.72 36.18
C VAL C 109 -38.22 53.11 35.59
N ALA C 110 -39.22 53.86 36.06
CA ALA C 110 -39.53 55.16 35.49
C ALA C 110 -38.38 56.14 35.72
N GLY C 111 -38.00 56.85 34.65
CA GLY C 111 -36.90 57.79 34.73
C GLY C 111 -35.54 57.16 34.86
N GLY C 112 -35.45 55.84 34.72
CA GLY C 112 -34.19 55.14 34.83
C GLY C 112 -33.73 54.59 33.49
N PRO C 113 -32.60 53.89 33.50
CA PRO C 113 -32.03 53.42 32.23
C PRO C 113 -32.88 52.37 31.56
N ALA C 114 -32.95 52.44 30.22
CA ALA C 114 -33.72 51.49 29.42
C ALA C 114 -32.86 50.40 28.80
N VAL C 115 -31.57 50.65 28.57
CA VAL C 115 -30.69 49.72 27.89
C VAL C 115 -29.48 49.43 28.78
N ASP C 116 -29.11 48.16 28.85
CA ASP C 116 -27.87 47.73 29.48
C ASP C 116 -26.92 47.24 28.39
N CYS C 117 -25.70 47.74 28.40
CA CYS C 117 -24.70 47.38 27.40
C CYS C 117 -23.42 46.89 28.07
N TRP C 118 -22.73 45.97 27.38
CA TRP C 118 -21.43 45.48 27.80
C TRP C 118 -20.47 45.55 26.63
N GLY C 119 -19.22 45.93 26.89
CA GLY C 119 -18.21 45.98 25.85
C GLY C 119 -17.22 47.11 25.99
N TYR C 120 -16.31 47.23 25.02
CA TYR C 120 -15.27 48.25 25.06
C TYR C 120 -15.90 49.64 24.92
N ASN C 121 -15.65 50.50 25.91
CA ASN C 121 -16.12 51.88 25.92
C ASN C 121 -17.64 51.95 25.87
N MET C 122 -18.31 50.88 26.30
CA MET C 122 -19.77 50.79 26.26
C MET C 122 -20.39 50.14 27.49
N THR C 123 -19.60 49.76 28.49
CA THR C 123 -20.11 49.00 29.63
C THR C 123 -20.85 49.94 30.57
N GLY C 124 -22.17 49.81 30.62
CA GLY C 124 -22.96 50.65 31.50
C GLY C 124 -24.42 50.61 31.09
N SER C 125 -25.19 51.48 31.74
CA SER C 125 -26.60 51.64 31.46
C SER C 125 -26.84 53.03 30.90
N PHE C 126 -27.78 53.12 29.96
CA PHE C 126 -27.96 54.29 29.10
C PHE C 126 -29.43 54.68 29.06
N ILE C 127 -29.90 55.20 27.93
CA ILE C 127 -30.99 56.16 27.80
C ILE C 127 -32.05 56.05 28.91
N ASN C 128 -32.27 57.16 29.61
CA ASN C 128 -33.22 57.25 30.72
C ASN C 128 -34.63 57.58 30.24
N ALA C 129 -35.12 56.77 29.29
CA ALA C 129 -36.45 56.91 28.73
C ALA C 129 -36.78 55.64 27.97
N PRO C 130 -38.04 55.21 27.95
CA PRO C 130 -38.37 53.91 27.34
C PRO C 130 -38.13 53.92 25.83
N LEU C 131 -37.55 52.83 25.34
CA LEU C 131 -37.29 52.63 23.93
C LEU C 131 -38.09 51.45 23.41
N LEU C 132 -38.35 51.47 22.10
CA LEU C 132 -39.08 50.38 21.44
C LEU C 132 -38.14 49.35 20.84
N SER C 133 -37.13 49.79 20.10
CA SER C 133 -36.18 48.90 19.46
C SER C 133 -34.78 49.46 19.61
N ILE C 134 -33.78 48.59 19.43
CA ILE C 134 -32.38 49.00 19.48
C ILE C 134 -31.63 48.40 18.31
N THR C 135 -30.61 49.11 17.84
CA THR C 135 -29.71 48.65 16.80
C THR C 135 -28.31 49.13 17.13
N SER C 136 -27.30 48.41 16.65
CA SER C 136 -25.92 48.66 17.04
C SER C 136 -25.05 48.90 15.81
N GLY C 137 -24.27 49.98 15.85
CA GLY C 137 -23.20 50.21 14.90
C GLY C 137 -21.89 49.62 15.39
N SER C 138 -20.82 49.97 14.66
CA SER C 138 -19.50 49.46 15.02
C SER C 138 -19.11 49.87 16.44
N PHE C 139 -19.23 51.16 16.75
CA PHE C 139 -18.81 51.69 18.04
C PHE C 139 -19.90 52.52 18.68
N PHE C 140 -21.16 52.24 18.35
CA PHE C 140 -22.29 52.97 18.90
C PHE C 140 -23.53 52.08 18.82
N SER C 141 -24.56 52.48 19.57
CA SER C 141 -25.87 51.85 19.50
C SER C 141 -26.94 52.95 19.46
N CYS C 142 -28.05 52.64 18.79
CA CYS C 142 -29.15 53.59 18.63
C CYS C 142 -30.47 52.93 19.02
N GLY C 143 -31.48 53.77 19.23
CA GLY C 143 -32.80 53.28 19.59
C GLY C 143 -33.87 54.32 19.29
N LEU C 144 -35.12 53.85 19.26
CA LEU C 144 -36.29 54.68 19.02
C LEU C 144 -37.10 54.81 20.30
N PHE C 145 -37.41 56.05 20.68
CA PHE C 145 -38.21 56.30 21.87
C PHE C 145 -39.61 55.70 21.75
N ALA C 146 -40.18 55.30 22.89
CA ALA C 146 -41.57 54.85 22.93
C ALA C 146 -42.57 56.00 22.93
N ALA C 147 -42.19 57.16 23.48
CA ALA C 147 -43.12 58.29 23.54
C ALA C 147 -43.27 58.91 22.16
N ASN C 148 -42.15 59.34 21.59
CA ASN C 148 -42.10 59.83 20.22
C ASN C 148 -41.27 58.81 19.46
N PHE C 149 -41.56 58.64 18.18
CA PHE C 149 -40.85 57.62 17.42
C PHE C 149 -39.49 58.10 16.89
N THR C 150 -38.88 59.11 17.51
CA THR C 150 -37.63 59.72 17.07
C THR C 150 -36.42 58.93 17.57
N PRO C 151 -35.32 58.96 16.81
CA PRO C 151 -34.13 58.17 17.16
C PRO C 151 -33.16 58.87 18.08
N VAL C 152 -32.42 58.05 18.84
CA VAL C 152 -31.33 58.52 19.68
C VAL C 152 -30.20 57.50 19.63
N CYS C 153 -28.96 57.98 19.67
CA CYS C 153 -27.78 57.13 19.63
C CYS C 153 -26.85 57.48 20.78
N TRP C 154 -26.04 56.50 21.18
CA TRP C 154 -25.10 56.70 22.28
C TRP C 154 -23.84 55.88 22.01
N GLY C 155 -22.74 56.31 22.62
CA GLY C 155 -21.47 55.63 22.45
C GLY C 155 -20.41 56.47 21.75
N ASP C 156 -19.49 55.82 21.05
CA ASP C 156 -18.42 56.53 20.36
C ASP C 156 -18.94 57.04 19.03
N GLU C 157 -18.91 58.36 18.86
CA GLU C 157 -19.41 59.02 17.66
C GLU C 157 -18.32 59.23 16.61
N THR C 158 -17.05 59.03 16.98
CA THR C 158 -15.92 59.30 16.10
C THR C 158 -16.07 58.61 14.75
N GLY C 159 -15.94 59.40 13.68
CA GLY C 159 -15.99 58.87 12.33
C GLY C 159 -17.38 58.72 11.75
N SER C 160 -18.42 58.84 12.57
CA SER C 160 -19.79 58.63 12.13
C SER C 160 -20.65 59.88 12.26
N GLY C 161 -20.65 60.52 13.43
CA GLY C 161 -21.52 61.65 13.65
C GLY C 161 -22.96 61.29 13.91
N VAL C 162 -23.24 60.02 14.22
CA VAL C 162 -24.62 59.56 14.28
C VAL C 162 -25.36 60.07 15.51
N ILE C 163 -24.64 60.50 16.54
CA ILE C 163 -25.30 60.98 17.76
C ILE C 163 -25.81 62.40 17.56
N SER C 164 -24.92 63.31 17.15
CA SER C 164 -25.30 64.73 17.06
C SER C 164 -26.14 65.02 15.82
N THR C 165 -25.89 64.31 14.71
CA THR C 165 -26.65 64.51 13.49
C THR C 165 -27.92 63.68 13.43
N ALA C 166 -28.27 63.00 14.51
CA ALA C 166 -29.48 62.20 14.54
C ALA C 166 -30.70 63.07 14.23
N PRO C 167 -31.57 62.67 13.31
CA PRO C 167 -32.73 63.50 12.96
C PRO C 167 -33.78 63.49 14.06
N LYS C 168 -33.52 64.21 15.14
CA LYS C 168 -34.46 64.31 16.24
C LYS C 168 -35.67 65.12 15.80
N GLY C 169 -36.77 64.43 15.51
CA GLY C 169 -37.95 65.07 14.96
C GLY C 169 -38.63 64.21 13.91
N LEU C 170 -37.85 63.43 13.17
CA LEU C 170 -38.41 62.46 12.24
C LEU C 170 -38.80 61.19 12.99
N GLU C 171 -39.93 60.60 12.60
CA GLU C 171 -40.48 59.43 13.27
C GLU C 171 -40.27 58.20 12.40
N PHE C 172 -39.74 57.13 13.00
CA PHE C 172 -39.36 55.93 12.28
C PHE C 172 -40.17 54.73 12.75
N ASN C 173 -40.46 53.82 11.81
CA ASN C 173 -40.99 52.51 12.17
C ASN C 173 -39.90 51.62 12.76
N SER C 174 -38.74 51.56 12.09
CA SER C 174 -37.60 50.79 12.55
C SER C 174 -36.33 51.43 12.02
N ILE C 175 -35.22 51.13 12.67
CA ILE C 175 -33.91 51.63 12.26
C ILE C 175 -32.88 50.50 12.35
N THR C 176 -31.92 50.53 11.43
CA THR C 176 -30.79 49.62 11.46
C THR C 176 -29.51 50.43 11.34
N ALA C 177 -28.47 50.00 12.06
CA ALA C 177 -27.21 50.71 12.13
C ALA C 177 -26.12 49.96 11.35
N GLY C 178 -25.37 50.70 10.55
CA GLY C 178 -24.19 50.17 9.89
C GLY C 178 -22.95 50.47 10.71
N GLY C 179 -21.79 50.39 10.05
CA GLY C 179 -20.56 50.62 10.77
C GLY C 179 -20.34 52.06 11.18
N TYR C 180 -20.82 53.02 10.37
CA TYR C 180 -20.67 54.44 10.68
C TYR C 180 -21.88 55.25 10.21
N HIS C 181 -23.05 54.62 10.11
CA HIS C 181 -24.25 55.28 9.62
C HIS C 181 -25.47 54.50 10.11
N VAL C 182 -26.63 55.15 10.06
CA VAL C 182 -27.89 54.53 10.46
C VAL C 182 -28.93 54.82 9.40
N CYS C 183 -29.67 53.79 9.00
CA CYS C 183 -30.80 53.93 8.07
C CYS C 183 -32.07 53.45 8.74
N GLY C 184 -33.20 54.05 8.37
CA GLY C 184 -34.47 53.71 8.97
C GLY C 184 -35.63 53.89 8.02
N ILE C 185 -36.73 53.22 8.33
CA ILE C 185 -37.98 53.33 7.58
C ILE C 185 -38.92 54.26 8.34
N LEU C 186 -39.33 55.35 7.69
CA LEU C 186 -40.18 56.36 8.30
C LEU C 186 -41.60 55.84 8.56
N GLN C 187 -42.22 56.32 9.64
CA GLN C 187 -43.63 56.07 9.88
C GLN C 187 -44.47 56.66 8.78
N ASN C 188 -44.05 57.83 8.29
CA ASN C 188 -44.79 58.60 7.29
C ASN C 188 -44.36 58.17 5.89
N GLY C 189 -45.19 57.35 5.25
CA GLY C 189 -44.94 56.96 3.90
C GLY C 189 -44.07 55.73 3.74
N GLN C 190 -43.38 55.30 4.81
CA GLN C 190 -42.47 54.14 4.79
C GLN C 190 -41.31 54.34 3.82
N ARG C 191 -40.90 55.60 3.65
CA ARG C 191 -39.68 55.96 2.93
C ARG C 191 -38.46 55.66 3.81
N THR C 192 -37.32 55.46 3.16
CA THR C 192 -36.07 55.18 3.84
C THR C 192 -35.23 56.45 3.96
N PHE C 193 -34.80 56.76 5.18
CA PHE C 193 -33.92 57.89 5.45
C PHE C 193 -32.69 57.42 6.22
N CYS C 194 -31.53 57.96 5.86
CA CYS C 194 -30.26 57.60 6.47
C CYS C 194 -29.53 58.85 6.96
N TRP C 195 -28.63 58.67 7.92
CA TRP C 195 -27.79 59.77 8.39
C TRP C 195 -26.45 59.23 8.86
N GLY C 196 -25.50 60.15 9.04
CA GLY C 196 -24.14 59.81 9.44
C GLY C 196 -23.10 60.09 8.36
N ARG C 197 -21.98 60.71 8.75
CA ARG C 197 -20.94 61.06 7.78
C ARG C 197 -20.20 59.81 7.34
N SER C 198 -20.74 59.13 6.34
CA SER C 198 -20.15 57.89 5.86
C SER C 198 -20.21 57.86 4.35
N LEU C 199 -19.29 57.10 3.75
CA LEU C 199 -19.32 56.92 2.31
C LEU C 199 -20.44 56.00 1.86
N ALA C 200 -21.12 55.34 2.81
CA ALA C 200 -22.33 54.61 2.48
C ALA C 200 -23.44 55.54 2.02
N LEU C 201 -23.38 56.82 2.39
CA LEU C 201 -24.37 57.80 1.98
C LEU C 201 -23.83 58.76 0.93
N GLN C 202 -22.78 58.36 0.20
CA GLN C 202 -22.32 59.17 -0.91
C GLN C 202 -23.37 59.21 -1.99
N ASP C 203 -24.16 58.13 -2.07
CA ASP C 203 -25.29 57.95 -2.97
C ASP C 203 -26.52 58.69 -2.49
N GLY C 204 -26.94 58.42 -1.27
CA GLY C 204 -28.28 58.71 -0.82
C GLY C 204 -29.18 57.49 -0.92
N VAL C 205 -30.37 57.64 -0.36
CA VAL C 205 -31.31 56.53 -0.33
C VAL C 205 -31.91 56.32 -1.72
N PRO C 206 -32.08 55.08 -2.19
CA PRO C 206 -32.79 54.87 -3.45
C PRO C 206 -34.20 55.43 -3.40
N LYS C 207 -34.46 56.46 -4.21
CA LYS C 207 -35.76 57.10 -4.19
C LYS C 207 -36.82 56.17 -4.80
N GLY C 208 -38.04 56.26 -4.27
CA GLY C 208 -39.11 55.42 -4.74
C GLY C 208 -39.05 53.98 -4.31
N ALA C 209 -38.21 53.66 -3.32
CA ALA C 209 -38.06 52.29 -2.82
C ALA C 209 -38.72 52.19 -1.45
N ILE C 210 -39.70 51.30 -1.33
CA ILE C 210 -40.37 51.00 -0.07
C ILE C 210 -39.89 49.64 0.41
N PHE C 211 -39.28 49.59 1.58
CA PHE C 211 -38.73 48.36 2.13
C PHE C 211 -39.54 47.88 3.32
N THR C 212 -39.39 46.58 3.60
CA THR C 212 -39.94 45.97 4.81
C THR C 212 -38.93 45.94 5.95
N SER C 213 -37.69 45.55 5.65
CA SER C 213 -36.63 45.48 6.63
C SER C 213 -35.34 46.00 6.00
N LEU C 214 -34.41 46.41 6.85
CA LEU C 214 -33.13 46.94 6.41
C LEU C 214 -32.00 46.30 7.19
N VAL C 215 -30.84 46.16 6.52
CA VAL C 215 -29.60 45.74 7.15
C VAL C 215 -28.47 46.58 6.55
N ALA C 216 -27.37 46.69 7.28
CA ALA C 216 -26.28 47.54 6.85
C ALA C 216 -24.94 46.98 7.31
N GLY C 217 -23.96 47.00 6.40
CA GLY C 217 -22.60 46.66 6.73
C GLY C 217 -21.79 47.88 7.15
N LYS C 218 -20.47 47.77 7.00
CA LYS C 218 -19.59 48.88 7.35
C LYS C 218 -19.87 50.11 6.48
N PHE C 219 -19.93 49.91 5.16
CA PHE C 219 -20.15 51.00 4.23
C PHE C 219 -21.16 50.60 3.17
N SER C 220 -22.24 49.94 3.57
CA SER C 220 -23.26 49.49 2.63
C SER C 220 -24.58 49.31 3.39
N THR C 221 -25.68 49.31 2.62
CA THR C 221 -27.01 49.11 3.17
C THR C 221 -27.85 48.33 2.16
N CYS C 222 -28.65 47.38 2.66
CA CYS C 222 -29.53 46.57 1.83
C CYS C 222 -30.94 46.61 2.36
N GLY C 223 -31.91 46.43 1.47
CA GLY C 223 -33.32 46.43 1.85
C GLY C 223 -34.11 45.47 1.00
N LEU C 224 -35.20 44.95 1.58
CA LEU C 224 -36.11 44.04 0.89
C LEU C 224 -37.36 44.81 0.49
N HIS C 225 -37.67 44.81 -0.80
CA HIS C 225 -38.84 45.54 -1.30
C HIS C 225 -40.12 45.01 -0.67
N LYS C 226 -41.11 45.91 -0.54
CA LYS C 226 -42.36 45.55 0.12
C LYS C 226 -43.13 44.48 -0.65
N ASP C 227 -43.17 44.59 -1.97
CA ASP C 227 -43.96 43.68 -2.79
C ASP C 227 -43.15 42.45 -3.21
N THR C 228 -42.03 42.67 -3.90
CA THR C 228 -41.28 41.58 -4.50
C THR C 228 -40.43 40.80 -3.49
N HIS C 229 -40.12 41.40 -2.34
CA HIS C 229 -39.24 40.80 -1.33
C HIS C 229 -37.85 40.50 -1.92
N LEU C 230 -37.39 41.36 -2.86
CA LEU C 230 -36.10 41.25 -3.52
C LEU C 230 -35.11 42.24 -2.91
N PRO C 231 -33.83 41.87 -2.84
CA PRO C 231 -32.84 42.74 -2.19
C PRO C 231 -32.38 43.87 -3.10
N LEU C 232 -32.20 45.05 -2.50
CA LEU C 232 -31.67 46.22 -3.18
C LEU C 232 -30.59 46.83 -2.28
N CYS C 233 -29.34 46.72 -2.70
CA CYS C 233 -28.20 47.14 -1.90
C CYS C 233 -27.55 48.36 -2.52
N TRP C 234 -27.11 49.29 -1.67
CA TRP C 234 -26.39 50.47 -2.13
C TRP C 234 -25.34 50.83 -1.09
N GLY C 235 -24.36 51.62 -1.52
CA GLY C 235 -23.31 52.07 -0.64
C GLY C 235 -21.98 52.12 -1.36
N PHE C 236 -20.91 52.23 -0.58
CA PHE C 236 -19.58 52.36 -1.15
C PHE C 236 -19.12 51.02 -1.71
N THR C 237 -18.43 51.07 -2.85
CA THR C 237 -17.89 49.89 -3.53
C THR C 237 -18.93 48.78 -3.68
N ALA C 243 -27.33 44.41 -4.98
CA ALA C 243 -27.58 43.04 -4.54
C ALA C 243 -27.18 42.05 -5.62
N MET C 244 -26.26 41.15 -5.28
CA MET C 244 -25.80 40.16 -6.26
C MET C 244 -26.91 39.23 -6.71
N PRO C 245 -27.67 38.56 -5.81
CA PRO C 245 -28.84 37.80 -6.28
C PRO C 245 -30.03 38.72 -6.50
N THR C 246 -30.36 38.96 -7.76
CA THR C 246 -31.57 39.69 -8.11
C THR C 246 -32.76 38.76 -8.33
N ASN C 247 -32.52 37.45 -8.37
CA ASN C 247 -33.56 36.47 -8.66
C ASN C 247 -34.28 35.99 -7.40
N VAL C 248 -33.53 35.64 -6.36
CA VAL C 248 -34.08 34.96 -5.20
C VAL C 248 -34.72 35.96 -4.24
N PRO C 249 -35.99 35.81 -3.90
CA PRO C 249 -36.59 36.62 -2.84
C PRO C 249 -36.27 36.08 -1.47
N PHE C 250 -36.19 36.98 -0.50
CA PHE C 250 -35.77 36.64 0.86
C PHE C 250 -36.81 37.10 1.86
N SER C 251 -36.94 36.34 2.95
CA SER C 251 -37.80 36.73 4.05
C SER C 251 -37.10 37.68 5.01
N ALA C 252 -35.80 37.52 5.20
CA ALA C 252 -35.03 38.40 6.07
C ALA C 252 -33.58 38.43 5.59
N LEU C 253 -32.88 39.50 5.98
CA LEU C 253 -31.48 39.68 5.66
C LEU C 253 -30.67 39.87 6.94
N VAL C 254 -29.37 39.70 6.82
CA VAL C 254 -28.43 40.00 7.90
C VAL C 254 -27.10 40.40 7.27
N ALA C 255 -26.45 41.40 7.85
CA ALA C 255 -25.25 42.00 7.27
C ALA C 255 -24.08 41.85 8.21
N GLY C 256 -22.96 41.35 7.68
CA GLY C 256 -21.68 41.42 8.36
C GLY C 256 -20.99 42.74 8.07
N ASP C 257 -19.68 42.75 8.24
CA ASP C 257 -18.92 43.97 7.94
C ASP C 257 -18.83 44.21 6.43
N TYR C 258 -18.55 43.16 5.66
CA TYR C 258 -18.41 43.31 4.21
C TYR C 258 -19.08 42.15 3.47
N PHE C 259 -20.15 41.60 4.05
CA PHE C 259 -20.93 40.57 3.38
C PHE C 259 -22.35 40.58 3.93
N VAL C 260 -23.28 40.08 3.13
CA VAL C 260 -24.70 40.07 3.47
C VAL C 260 -25.26 38.68 3.22
N CYS C 261 -26.05 38.17 4.17
CA CYS C 261 -26.70 36.87 4.04
C CYS C 261 -28.21 37.05 4.11
N GLY C 262 -28.92 36.15 3.43
CA GLY C 262 -30.37 36.21 3.40
C GLY C 262 -31.07 34.87 3.52
N LEU C 263 -32.06 34.77 4.40
CA LEU C 263 -32.90 33.60 4.53
C LEU C 263 -34.00 33.63 3.47
N PRO C 264 -34.00 32.68 2.53
CA PRO C 264 -34.95 32.75 1.42
C PRO C 264 -36.40 32.66 1.89
N LEU C 265 -37.29 33.29 1.12
CA LEU C 265 -38.71 33.24 1.42
C LEU C 265 -39.26 31.83 1.29
N THR C 266 -38.73 31.04 0.37
CA THR C 266 -39.08 29.63 0.27
C THR C 266 -38.28 28.84 1.29
N PRO C 267 -38.92 28.18 2.25
CA PRO C 267 -38.16 27.49 3.31
C PRO C 267 -37.32 26.33 2.82
N SER C 268 -37.58 25.82 1.62
CA SER C 268 -36.78 24.71 1.10
C SER C 268 -35.39 25.18 0.67
N LEU C 269 -35.31 26.37 0.09
CA LEU C 269 -34.04 26.86 -0.44
C LEU C 269 -33.09 27.21 0.71
N PRO C 270 -31.80 26.92 0.57
CA PRO C 270 -30.84 27.24 1.63
C PRO C 270 -30.39 28.69 1.57
N GLN C 271 -29.72 29.11 2.65
CA GLN C 271 -29.28 30.49 2.81
C GLN C 271 -28.20 30.84 1.78
N GLN C 272 -28.26 32.08 1.29
CA GLN C 272 -27.28 32.61 0.36
C GLN C 272 -26.56 33.81 0.98
N CYS C 273 -25.26 33.91 0.73
CA CYS C 273 -24.44 35.03 1.18
C CYS C 273 -23.59 35.54 0.03
N TRP C 274 -23.34 36.84 0.03
CA TRP C 274 -22.54 37.47 -1.00
C TRP C 274 -21.73 38.61 -0.41
N GLY C 275 -20.59 38.89 -1.04
CA GLY C 275 -19.76 39.99 -0.58
C GLY C 275 -20.38 41.34 -0.93
N SER C 276 -20.26 42.29 0.01
CA SER C 276 -20.87 43.60 -0.15
C SER C 276 -19.83 44.72 -0.13
N GLY C 277 -18.57 44.42 -0.34
CA GLY C 277 -17.56 45.45 -0.41
C GLY C 277 -16.26 44.97 0.20
N TYR C 278 -15.40 45.94 0.51
CA TYR C 278 -14.06 45.67 1.05
C TYR C 278 -13.51 46.96 1.62
N PRO C 279 -12.62 46.88 2.61
CA PRO C 279 -12.09 48.11 3.22
C PRO C 279 -11.06 48.80 2.33
N VAL C 280 -11.08 50.13 2.36
CA VAL C 280 -10.11 50.95 1.64
C VAL C 280 -9.62 52.06 2.57
N THR C 281 -8.37 52.48 2.35
CA THR C 281 -7.84 53.64 3.06
C THR C 281 -8.49 54.92 2.55
N LEU C 282 -9.03 55.71 3.48
CA LEU C 282 -9.71 56.96 3.18
C LEU C 282 -8.97 58.11 3.87
N PRO C 283 -9.18 59.34 3.41
CA PRO C 283 -8.47 60.48 4.02
C PRO C 283 -8.99 60.79 5.41
N THR C 284 -8.08 61.01 6.34
CA THR C 284 -8.41 61.39 7.70
C THR C 284 -7.88 62.78 7.99
N GLY C 285 -7.86 63.15 9.27
CA GLY C 285 -7.24 64.38 9.69
C GLY C 285 -5.73 64.28 9.71
N ILE C 286 -5.22 63.12 10.15
CA ILE C 286 -3.79 62.92 10.21
C ILE C 286 -3.22 62.59 8.84
N ALA C 287 -3.98 61.87 8.01
CA ALA C 287 -3.57 61.54 6.64
C ALA C 287 -4.56 62.16 5.67
N PRO C 288 -4.47 63.47 5.42
CA PRO C 288 -5.47 64.13 4.57
C PRO C 288 -5.33 63.75 3.09
N GLY C 289 -4.13 63.42 2.64
CA GLY C 289 -3.90 63.09 1.24
C GLY C 289 -3.47 64.29 0.41
N MET C 290 -2.74 64.00 -0.66
CA MET C 290 -2.07 65.02 -1.47
C MET C 290 -3.00 65.52 -2.56
N CYS C 291 -3.30 66.81 -2.54
CA CYS C 291 -4.00 67.45 -3.64
C CYS C 291 -2.99 67.77 -4.74
N SER C 292 -3.18 67.20 -5.92
CA SER C 292 -2.23 67.36 -7.01
C SER C 292 -2.97 67.57 -8.32
N SER C 293 -2.38 68.38 -9.19
CA SER C 293 -2.91 68.57 -10.54
C SER C 293 -2.51 67.43 -11.47
N LEU C 294 -1.41 66.74 -11.18
CA LEU C 294 -0.88 65.63 -11.97
C LEU C 294 -1.47 64.32 -11.50
N PRO C 295 -1.37 63.26 -12.30
CA PRO C 295 -1.78 61.94 -11.83
C PRO C 295 -0.98 61.51 -10.61
N CYS C 296 -1.63 60.72 -9.76
CA CYS C 296 -1.04 60.34 -8.48
C CYS C 296 0.16 59.42 -8.67
N MET C 297 1.20 59.65 -7.88
CA MET C 297 2.43 58.88 -7.98
C MET C 297 2.21 57.42 -7.59
N SER C 298 3.21 56.59 -7.88
CA SER C 298 3.15 55.17 -7.57
C SER C 298 2.96 54.96 -6.08
N GLY C 299 2.04 54.04 -5.74
CA GLY C 299 1.71 53.76 -4.36
C GLY C 299 0.53 54.55 -3.83
N THR C 300 -0.08 55.40 -4.66
CA THR C 300 -1.24 56.18 -4.26
C THR C 300 -2.24 56.16 -5.41
N TYR C 301 -3.51 56.41 -5.08
CA TYR C 301 -4.58 56.40 -6.06
C TYR C 301 -5.42 57.67 -5.94
N SER C 302 -5.95 58.11 -7.07
CA SER C 302 -6.80 59.30 -7.12
C SER C 302 -8.19 58.95 -6.60
N LEU C 303 -8.55 59.51 -5.45
CA LEU C 303 -9.85 59.26 -4.86
C LEU C 303 -10.96 59.75 -5.78
N SER C 304 -11.97 58.89 -5.98
CA SER C 304 -13.03 59.20 -6.93
C SER C 304 -13.81 60.44 -6.50
N ALA C 305 -14.33 61.16 -7.51
CA ALA C 305 -15.04 62.40 -7.25
C ALA C 305 -16.30 62.19 -6.39
N GLU C 306 -16.94 61.02 -6.51
CA GLU C 306 -18.16 60.77 -5.76
C GLU C 306 -17.91 60.78 -4.26
N VAL C 307 -16.92 60.01 -3.80
CA VAL C 307 -16.66 59.93 -2.37
C VAL C 307 -16.02 61.22 -1.86
N VAL C 308 -15.29 61.93 -2.71
CA VAL C 308 -14.75 63.24 -2.32
C VAL C 308 -15.90 64.19 -1.98
N LYS C 309 -16.93 64.20 -2.83
CA LYS C 309 -18.09 65.06 -2.58
C LYS C 309 -18.82 64.64 -1.30
N ALA C 310 -18.85 63.34 -1.02
CA ALA C 310 -19.56 62.86 0.17
C ALA C 310 -18.85 63.25 1.45
N LEU C 311 -17.52 63.17 1.47
CA LEU C 311 -16.74 63.47 2.65
C LEU C 311 -16.52 64.96 2.86
N ALA C 312 -17.03 65.78 1.95
CA ALA C 312 -16.84 67.23 1.97
C ALA C 312 -17.94 67.92 2.76
N ALA C 313 -17.53 68.82 3.65
CA ALA C 313 -18.46 69.51 4.53
C ALA C 313 -19.41 70.40 3.73
N SER C 314 -20.53 70.76 4.37
CA SER C 314 -21.51 71.71 3.81
C SER C 314 -20.89 72.82 2.99
N THR C 317 -15.56 71.62 -0.41
CA THR C 317 -14.79 70.68 -1.20
C THR C 317 -13.48 70.31 -0.50
N LEU C 318 -13.01 69.09 -0.74
CA LEU C 318 -11.85 68.58 -0.01
C LEU C 318 -10.58 69.31 -0.42
N CYS C 319 -10.30 69.36 -1.72
CA CYS C 319 -9.18 70.18 -2.16
C CYS C 319 -9.67 71.57 -2.51
N PRO C 320 -8.85 72.61 -2.29
CA PRO C 320 -9.30 73.98 -2.62
C PRO C 320 -9.82 74.13 -4.04
N ASN C 321 -9.05 73.70 -5.04
CA ASN C 321 -9.56 73.66 -6.41
C ASN C 321 -10.16 72.29 -6.68
N PRO C 322 -11.46 72.19 -6.94
CA PRO C 322 -12.09 70.87 -7.09
C PRO C 322 -11.50 70.01 -8.19
N THR C 323 -10.82 70.60 -9.17
CA THR C 323 -10.32 69.82 -10.31
C THR C 323 -9.14 68.94 -9.93
N ASP C 324 -8.37 69.29 -8.89
CA ASP C 324 -7.19 68.52 -8.54
C ASP C 324 -7.56 67.12 -8.07
N ASN C 325 -6.65 66.18 -8.32
CA ASN C 325 -6.78 64.83 -7.79
C ASN C 325 -6.37 64.81 -6.32
N LEU C 326 -7.11 64.02 -5.52
CA LEU C 326 -6.76 63.76 -4.13
C LEU C 326 -6.13 62.38 -4.05
N CYS C 327 -4.83 62.33 -3.77
CA CYS C 327 -4.07 61.09 -3.80
C CYS C 327 -4.00 60.48 -2.40
N ILE C 328 -4.48 59.24 -2.27
CA ILE C 328 -4.52 58.52 -1.00
C ILE C 328 -3.58 57.31 -1.10
N ASN C 329 -2.88 57.02 0.00
CA ASN C 329 -2.05 55.82 0.08
C ASN C 329 -2.84 54.55 -0.24
N CYS C 330 -2.26 53.69 -1.08
CA CYS C 330 -2.85 52.39 -1.35
C CYS C 330 -2.87 51.51 -0.10
N SER C 331 -3.95 50.75 0.05
CA SER C 331 -4.08 49.81 1.16
C SER C 331 -3.10 48.65 1.01
N LYS C 332 -2.50 48.25 2.13
CA LYS C 332 -1.55 47.14 2.18
C LYS C 332 -2.25 45.92 2.78
N GLY C 333 -2.71 45.01 1.93
CA GLY C 333 -3.30 43.77 2.37
C GLY C 333 -4.83 43.82 2.50
N CYS C 334 -5.41 42.65 2.72
CA CYS C 334 -6.85 42.46 2.86
C CYS C 334 -7.18 41.85 4.22
N PRO C 335 -8.40 42.02 4.69
CA PRO C 335 -8.79 41.42 5.98
C PRO C 335 -8.97 39.91 5.88
N SER C 336 -9.07 39.28 7.05
CA SER C 336 -9.15 37.83 7.15
C SER C 336 -10.31 37.27 6.34
N GLY C 337 -10.03 36.21 5.58
CA GLY C 337 -11.01 35.61 4.71
C GLY C 337 -11.03 36.14 3.29
N MET C 338 -10.34 37.26 3.05
CA MET C 338 -10.31 37.89 1.74
C MET C 338 -8.89 37.91 1.20
N ILE C 339 -8.77 37.97 -0.12
CA ILE C 339 -7.49 38.10 -0.80
C ILE C 339 -7.61 39.19 -1.86
N GLU C 340 -6.45 39.73 -2.24
CA GLU C 340 -6.41 40.83 -3.21
C GLU C 340 -6.81 40.33 -4.59
N SER C 341 -7.93 40.83 -5.10
CA SER C 341 -8.39 40.45 -6.43
C SER C 341 -7.83 41.36 -7.53
N VAL C 342 -7.72 42.66 -7.27
CA VAL C 342 -7.19 43.62 -8.23
C VAL C 342 -6.15 44.48 -7.53
N GLU C 343 -5.09 44.85 -8.26
CA GLU C 343 -4.03 45.67 -7.72
C GLU C 343 -4.49 47.13 -7.61
N CYS C 344 -3.76 47.89 -6.78
CA CYS C 344 -4.05 49.30 -6.61
C CYS C 344 -3.69 50.08 -7.88
N THR C 345 -4.70 50.64 -8.53
CA THR C 345 -4.50 51.44 -9.73
C THR C 345 -4.26 52.89 -9.36
N SER C 346 -4.07 53.73 -10.37
CA SER C 346 -3.94 55.17 -10.15
C SER C 346 -5.30 55.84 -9.95
N THR C 347 -6.39 55.11 -10.13
CA THR C 347 -7.73 55.65 -9.99
C THR C 347 -8.55 54.99 -8.89
N ALA C 348 -8.11 53.84 -8.37
CA ALA C 348 -8.87 53.13 -7.35
C ALA C 348 -7.91 52.36 -6.46
N ASP C 349 -8.38 52.08 -5.23
CA ASP C 349 -7.61 51.29 -4.28
C ASP C 349 -7.67 49.82 -4.67
N ARG C 350 -6.75 49.04 -4.08
CA ARG C 350 -6.75 47.60 -4.31
C ARG C 350 -8.07 47.00 -3.87
N GLN C 351 -8.55 46.03 -4.65
CA GLN C 351 -9.83 45.39 -4.39
C GLN C 351 -9.63 44.03 -3.72
N CYS C 352 -10.48 43.72 -2.74
CA CYS C 352 -10.43 42.46 -2.03
C CYS C 352 -11.71 41.67 -2.29
N SER C 353 -11.58 40.35 -2.36
CA SER C 353 -12.73 39.46 -2.45
C SER C 353 -12.50 38.27 -1.53
N TYR C 354 -13.61 37.70 -1.04
CA TYR C 354 -13.53 36.57 -0.13
C TYR C 354 -12.98 35.35 -0.84
N ASP C 355 -11.93 34.76 -0.27
CA ASP C 355 -11.25 33.60 -0.85
C ASP C 355 -12.13 32.37 -0.66
N CYS C 356 -12.90 32.02 -1.69
CA CYS C 356 -13.79 30.86 -1.67
C CYS C 356 -13.22 29.67 -2.43
N SER C 357 -11.91 29.66 -2.70
CA SER C 357 -11.34 28.58 -3.49
C SER C 357 -11.12 27.31 -2.67
N HIS C 358 -10.89 27.44 -1.37
CA HIS C 358 -10.73 26.27 -0.50
C HIS C 358 -12.03 25.90 0.20
N CYS C 359 -13.11 25.75 -0.55
CA CYS C 359 -14.42 25.37 0.01
C CYS C 359 -14.78 23.95 -0.41
N ASN C 360 -14.00 22.98 0.06
CA ASN C 360 -14.33 21.59 -0.17
C ASN C 360 -15.12 21.02 1.01
N ALA C 363 -14.04 21.56 4.67
CA ALA C 363 -13.06 22.64 4.61
C ALA C 363 -13.39 23.74 5.62
N THR C 364 -14.70 23.98 5.82
CA THR C 364 -15.20 24.98 6.75
C THR C 364 -14.62 26.36 6.41
N CYS C 365 -15.01 26.85 5.23
CA CYS C 365 -14.57 28.14 4.74
C CYS C 365 -15.56 29.22 5.18
N SER C 366 -15.27 30.46 4.79
CA SER C 366 -16.05 31.62 5.23
C SER C 366 -17.53 31.44 4.90
N ALA C 367 -18.38 32.03 5.75
CA ALA C 367 -19.82 31.98 5.53
C ALA C 367 -20.26 32.80 4.32
N ALA C 368 -19.42 33.73 3.86
CA ALA C 368 -19.74 34.53 2.69
C ALA C 368 -19.64 33.77 1.37
N CYS C 369 -19.25 32.49 1.41
CA CYS C 369 -19.03 31.69 0.20
C CYS C 369 -20.14 30.68 -0.04
N TYR C 370 -21.30 30.84 0.60
CA TYR C 370 -22.36 29.83 0.56
C TYR C 370 -23.45 30.24 -0.44
N ASN C 371 -23.40 29.57 -1.60
CA ASN C 371 -24.29 29.66 -2.74
C ASN C 371 -24.84 28.27 -3.04
N PRO C 372 -26.08 28.15 -3.54
CA PRO C 372 -26.51 26.82 -3.98
C PRO C 372 -25.62 26.23 -5.08
N LEU D 1 -15.71 -28.10 13.19
CA LEU D 1 -16.65 -28.03 14.30
C LEU D 1 -17.17 -29.42 14.68
N GLY D 2 -17.66 -29.55 15.91
CA GLY D 2 -18.30 -30.77 16.33
C GLY D 2 -17.32 -31.85 16.75
N SER D 3 -17.80 -33.10 16.64
CA SER D 3 -17.10 -34.27 17.14
C SER D 3 -16.77 -35.22 15.99
N MET D 4 -16.13 -36.34 16.33
CA MET D 4 -15.79 -37.35 15.35
C MET D 4 -17.02 -38.17 14.99
N ASN D 5 -17.10 -38.57 13.72
CA ASN D 5 -18.21 -39.38 13.24
C ASN D 5 -17.80 -40.01 11.91
N SER D 6 -18.73 -40.79 11.33
CA SER D 6 -18.49 -41.42 10.04
C SER D 6 -18.40 -40.40 8.91
N VAL D 7 -18.93 -39.19 9.11
CA VAL D 7 -18.91 -38.13 8.12
C VAL D 7 -18.29 -36.88 8.73
N ALA D 8 -17.74 -36.04 7.87
CA ALA D 8 -17.17 -34.77 8.29
C ALA D 8 -17.28 -33.78 7.14
N VAL D 9 -17.22 -32.49 7.48
CA VAL D 9 -17.29 -31.42 6.50
C VAL D 9 -16.20 -30.41 6.77
N SER D 10 -15.54 -29.96 5.71
CA SER D 10 -14.72 -28.76 5.76
C SER D 10 -15.55 -27.56 5.32
N TYR D 11 -15.16 -26.38 5.78
CA TYR D 11 -15.93 -25.17 5.54
C TYR D 11 -14.98 -23.98 5.43
N GLY D 12 -15.54 -22.83 5.12
CA GLY D 12 -14.77 -21.59 5.10
C GLY D 12 -14.39 -21.06 3.73
N GLY D 13 -13.27 -20.35 3.67
CA GLY D 13 -12.91 -19.60 2.46
C GLY D 13 -12.49 -20.47 1.30
N ASN D 14 -11.97 -21.67 1.58
CA ASN D 14 -11.51 -22.54 0.51
C ASN D 14 -12.63 -23.39 -0.10
N GLY D 15 -13.82 -23.36 0.47
CA GLY D 15 -14.95 -24.10 -0.05
C GLY D 15 -15.56 -25.00 1.01
N GLN D 16 -16.48 -25.86 0.57
CA GLN D 16 -17.20 -26.77 1.45
C GLN D 16 -17.15 -28.17 0.84
N THR D 17 -16.60 -29.12 1.60
CA THR D 17 -16.41 -30.48 1.12
C THR D 17 -16.90 -31.47 2.16
N LEU D 18 -17.67 -32.46 1.72
CA LEU D 18 -18.18 -33.53 2.57
C LEU D 18 -17.34 -34.79 2.37
N CYS D 19 -16.81 -35.32 3.46
CA CYS D 19 -16.05 -36.57 3.45
C CYS D 19 -16.80 -37.62 4.26
N SER D 20 -16.83 -38.85 3.74
CA SER D 20 -17.54 -39.94 4.39
C SER D 20 -16.74 -41.23 4.26
N LEU D 21 -16.88 -42.10 5.25
CA LEU D 21 -16.24 -43.40 5.24
C LEU D 21 -17.09 -44.40 4.46
N ARG D 22 -16.53 -44.94 3.38
CA ARG D 22 -17.23 -45.90 2.53
C ARG D 22 -17.22 -47.27 3.21
N ALA D 23 -18.40 -47.74 3.62
CA ALA D 23 -18.49 -49.06 4.23
C ALA D 23 -18.31 -50.17 3.19
N ASP D 24 -18.72 -49.93 1.94
CA ASP D 24 -18.52 -50.93 0.90
C ASP D 24 -17.04 -51.16 0.64
N LYS D 25 -16.23 -50.11 0.75
CA LYS D 25 -14.78 -50.26 0.71
C LYS D 25 -14.27 -50.56 2.12
N ALA D 26 -12.95 -50.60 2.29
CA ALA D 26 -12.35 -50.97 3.58
C ALA D 26 -12.24 -49.76 4.50
N ASN D 27 -13.40 -49.13 4.76
CA ASN D 27 -13.47 -47.91 5.57
C ASN D 27 -12.56 -46.82 5.01
N VAL D 28 -12.54 -46.70 3.68
CA VAL D 28 -11.72 -45.71 3.01
C VAL D 28 -12.56 -44.47 2.78
N VAL D 29 -11.95 -43.29 2.93
CA VAL D 29 -12.68 -42.03 2.85
C VAL D 29 -12.86 -41.63 1.38
N SER D 30 -14.01 -41.04 1.08
CA SER D 30 -14.28 -40.45 -0.23
C SER D 30 -14.93 -39.10 -0.02
N CYS D 31 -14.45 -38.08 -0.73
CA CYS D 31 -14.87 -36.71 -0.52
C CYS D 31 -15.36 -36.09 -1.81
N PHE D 32 -16.16 -35.02 -1.67
CA PHE D 32 -16.59 -34.21 -2.80
C PHE D 32 -17.01 -32.85 -2.29
N GLY D 33 -16.81 -31.84 -3.11
CA GLY D 33 -17.24 -30.50 -2.77
C GLY D 33 -16.39 -29.46 -3.49
N SER D 34 -16.50 -28.22 -3.01
CA SER D 34 -15.76 -27.10 -3.60
C SER D 34 -14.39 -26.90 -2.98
N ASP D 35 -14.18 -27.38 -1.75
CA ASP D 35 -12.86 -27.35 -1.12
C ASP D 35 -12.02 -28.45 -1.77
N VAL D 36 -11.42 -28.10 -2.92
CA VAL D 36 -10.67 -29.08 -3.70
C VAL D 36 -9.53 -29.67 -2.88
N ALA D 37 -8.98 -28.88 -1.96
CA ALA D 37 -7.91 -29.39 -1.09
C ALA D 37 -8.36 -30.59 -0.29
N SER D 38 -9.57 -30.50 0.28
CA SER D 38 -10.11 -31.59 1.09
C SER D 38 -10.63 -32.75 0.25
N VAL D 39 -10.72 -32.59 -1.08
CA VAL D 39 -11.18 -33.65 -1.96
C VAL D 39 -9.99 -34.49 -2.41
N TYR D 40 -9.03 -33.85 -3.08
CA TYR D 40 -7.92 -34.57 -3.70
C TYR D 40 -6.76 -34.83 -2.74
N GLY D 41 -6.73 -34.19 -1.58
CA GLY D 41 -5.74 -34.52 -0.57
C GLY D 41 -6.05 -35.74 0.26
N ALA D 42 -7.25 -36.27 0.16
CA ALA D 42 -7.67 -37.40 0.99
C ALA D 42 -6.76 -38.61 0.76
N PRO D 43 -6.46 -39.38 1.80
CA PRO D 43 -5.64 -40.59 1.62
C PRO D 43 -6.37 -41.61 0.78
N PRO D 44 -5.75 -42.12 -0.28
CA PRO D 44 -6.51 -42.91 -1.26
C PRO D 44 -6.99 -44.25 -0.73
N ARG D 45 -6.19 -44.97 0.04
CA ARG D 45 -6.59 -46.28 0.54
C ARG D 45 -6.09 -46.51 1.96
N LEU D 46 -6.21 -45.50 2.82
CA LEU D 46 -5.86 -45.61 4.23
C LEU D 46 -7.12 -45.83 5.04
N PRO D 47 -7.31 -47.00 5.65
CA PRO D 47 -8.53 -47.24 6.43
C PRO D 47 -8.63 -46.30 7.63
N LEU D 48 -9.78 -45.66 7.77
CA LEU D 48 -10.04 -44.71 8.84
C LEU D 48 -11.25 -45.17 9.65
N VAL D 49 -11.26 -44.81 10.93
CA VAL D 49 -12.37 -45.13 11.82
C VAL D 49 -13.23 -43.92 12.15
N GLY D 50 -12.79 -42.71 11.83
CA GLY D 50 -13.56 -41.53 12.14
C GLY D 50 -13.03 -40.32 11.40
N LEU D 51 -13.88 -39.30 11.28
CA LEU D 51 -13.55 -38.10 10.54
C LEU D 51 -14.03 -36.87 11.31
N THR D 52 -13.28 -35.78 11.15
CA THR D 52 -13.67 -34.47 11.68
C THR D 52 -13.06 -33.39 10.78
N GLY D 53 -13.77 -32.28 10.64
CA GLY D 53 -13.38 -31.24 9.71
C GLY D 53 -13.35 -29.87 10.35
N GLY D 54 -12.57 -28.99 9.73
CA GLY D 54 -12.45 -27.61 10.15
C GLY D 54 -12.48 -26.63 8.99
N ASP D 55 -11.83 -25.48 9.15
CA ASP D 55 -11.78 -24.45 8.10
C ASP D 55 -10.77 -24.88 7.05
N GLY D 56 -11.26 -25.55 6.01
CA GLY D 56 -10.41 -25.90 4.89
C GLY D 56 -9.55 -27.12 5.07
N PHE D 57 -9.87 -27.98 6.05
CA PHE D 57 -9.11 -29.20 6.25
C PHE D 57 -10.02 -30.27 6.84
N VAL D 58 -9.61 -31.52 6.66
CA VAL D 58 -10.29 -32.68 7.25
C VAL D 58 -9.24 -33.60 7.83
N CYS D 59 -9.49 -34.10 9.03
CA CYS D 59 -8.59 -35.03 9.71
C CYS D 59 -9.33 -36.34 9.99
N GLY D 60 -8.63 -37.45 9.73
CA GLY D 60 -9.18 -38.77 10.00
C GLY D 60 -8.34 -39.51 11.03
N LEU D 61 -9.00 -40.37 11.79
CA LEU D 61 -8.33 -41.25 12.75
C LEU D 61 -8.05 -42.58 12.05
N SER D 62 -6.76 -42.88 11.84
CA SER D 62 -6.38 -44.08 11.12
C SER D 62 -6.84 -45.34 11.85
N MET D 63 -7.08 -46.39 11.09
CA MET D 63 -7.39 -47.71 11.64
C MET D 63 -6.08 -48.45 11.94
N GLY D 64 -6.11 -49.28 12.98
CA GLY D 64 -4.93 -50.08 13.26
C GLY D 64 -3.92 -49.29 14.09
N SER D 65 -3.40 -48.20 13.55
CA SER D 65 -2.42 -47.41 14.26
C SER D 65 -3.07 -46.30 15.07
N ARG D 66 -4.28 -45.90 14.68
CA ARG D 66 -5.13 -44.98 15.45
C ARG D 66 -4.48 -43.63 15.72
N GLN D 67 -3.90 -43.05 14.67
CA GLN D 67 -3.26 -41.76 14.77
C GLN D 67 -3.91 -40.78 13.80
N PRO D 68 -3.86 -39.48 14.09
CA PRO D 68 -4.53 -38.52 13.20
C PRO D 68 -3.80 -38.40 11.87
N TYR D 69 -4.58 -38.37 10.80
CA TYR D 69 -4.08 -38.10 9.47
C TYR D 69 -4.93 -36.99 8.88
N CYS D 70 -4.31 -35.84 8.61
CA CYS D 70 -5.01 -34.65 8.16
C CYS D 70 -4.62 -34.31 6.73
N TRP D 71 -5.59 -33.77 5.99
CA TRP D 71 -5.36 -33.26 4.65
C TRP D 71 -6.18 -32.00 4.44
N GLY D 72 -5.82 -31.25 3.40
CA GLY D 72 -6.48 -29.99 3.11
C GLY D 72 -5.50 -28.85 2.91
N ASN D 73 -5.94 -27.61 3.15
CA ASN D 73 -5.12 -26.44 2.92
C ASN D 73 -5.28 -25.43 4.05
N ASN D 74 -5.16 -25.89 5.29
CA ASN D 74 -5.17 -25.00 6.46
C ASN D 74 -3.74 -24.81 6.95
N ILE D 75 -3.32 -23.54 7.06
CA ILE D 75 -1.92 -23.25 7.35
C ILE D 75 -1.56 -23.67 8.76
N TYR D 76 -2.53 -23.74 9.67
CA TYR D 76 -2.26 -24.05 11.07
C TYR D 76 -2.32 -25.54 11.38
N VAL D 77 -2.83 -26.35 10.46
CA VAL D 77 -2.94 -27.79 10.65
C VAL D 77 -2.04 -28.45 9.60
N GLU D 78 -1.02 -29.16 10.07
CA GLU D 78 -0.07 -29.80 9.19
C GLU D 78 -0.67 -31.03 8.53
N ALA D 79 -0.32 -31.22 7.26
CA ALA D 79 -0.80 -32.37 6.51
C ALA D 79 -0.09 -33.64 6.95
N GLY D 80 -0.80 -34.76 6.89
CA GLY D 80 -0.25 -36.05 7.29
C GLY D 80 -0.45 -36.36 8.76
N VAL D 81 0.45 -37.14 9.34
CA VAL D 81 0.36 -37.55 10.74
C VAL D 81 1.29 -36.66 11.56
N PRO D 82 0.82 -36.05 12.65
CA PRO D 82 1.70 -35.21 13.47
C PRO D 82 2.70 -36.07 14.23
N ALA D 83 3.67 -35.38 14.84
CA ALA D 83 4.70 -36.06 15.62
C ALA D 83 4.12 -36.59 16.92
N VAL D 84 3.69 -37.85 16.90
CA VAL D 84 3.00 -38.46 18.02
C VAL D 84 3.87 -39.50 18.72
N GLY D 85 4.60 -40.29 17.96
CA GLY D 85 5.44 -41.33 18.54
C GLY D 85 4.68 -42.65 18.71
N ASP D 86 4.53 -43.09 19.96
CA ASP D 86 3.86 -44.36 20.24
C ASP D 86 2.45 -44.21 20.77
N ARG D 87 2.01 -42.98 21.07
CA ARG D 87 0.67 -42.79 21.62
C ARG D 87 -0.39 -43.03 20.55
N HIS D 88 -1.57 -43.44 20.99
CA HIS D 88 -2.72 -43.64 20.12
C HIS D 88 -3.92 -42.94 20.74
N TYR D 89 -4.91 -42.60 19.91
CA TYR D 89 -5.98 -41.70 20.33
C TYR D 89 -7.34 -42.34 20.10
N ALA D 90 -8.28 -42.06 21.02
CA ALA D 90 -9.61 -42.64 20.96
C ALA D 90 -10.52 -41.89 20.00
N ALA D 91 -10.43 -40.56 19.97
CA ALA D 91 -11.31 -39.77 19.12
C ALA D 91 -10.62 -38.49 18.71
N LEU D 92 -11.17 -37.86 17.67
CA LEU D 92 -10.67 -36.59 17.14
C LEU D 92 -11.78 -35.56 17.13
N SER D 93 -11.37 -34.29 17.11
CA SER D 93 -12.31 -33.18 16.99
C SER D 93 -11.55 -31.99 16.43
N ALA D 94 -12.11 -31.35 15.40
CA ALA D 94 -11.44 -30.27 14.70
C ALA D 94 -12.23 -28.98 14.83
N GLY D 95 -11.54 -27.92 15.23
CA GLY D 95 -12.09 -26.57 15.19
C GLY D 95 -11.77 -25.88 13.88
N ASP D 96 -11.96 -24.55 13.89
CA ASP D 96 -11.65 -23.76 12.69
C ASP D 96 -10.18 -23.91 12.30
N ASN D 97 -9.28 -23.70 13.25
CA ASN D 97 -7.85 -23.69 12.96
C ASN D 97 -7.08 -24.57 13.93
N HIS D 98 -7.67 -25.70 14.34
CA HIS D 98 -6.98 -26.59 15.26
C HIS D 98 -7.65 -27.96 15.25
N LEU D 99 -6.87 -28.97 15.61
CA LEU D 99 -7.32 -30.33 15.84
C LEU D 99 -6.98 -30.75 17.26
N CYS D 100 -7.89 -31.48 17.91
CA CYS D 100 -7.65 -32.06 19.22
C CYS D 100 -7.86 -33.57 19.16
N ALA D 101 -7.03 -34.31 19.88
CA ALA D 101 -7.03 -35.77 19.85
C ALA D 101 -7.07 -36.31 21.27
N LEU D 102 -8.13 -37.06 21.59
CA LEU D 102 -8.28 -37.68 22.90
C LEU D 102 -7.47 -38.98 22.96
N ARG D 103 -6.52 -39.05 23.89
CA ARG D 103 -5.68 -40.23 24.05
C ARG D 103 -6.50 -41.45 24.45
N GLN D 104 -6.04 -42.62 24.02
CA GLN D 104 -6.60 -43.88 24.49
C GLN D 104 -6.16 -44.14 25.94
N SER D 105 -6.91 -45.01 26.61
CA SER D 105 -6.59 -45.38 27.99
C SER D 105 -5.18 -45.93 28.10
N ALA D 106 -4.75 -46.75 27.12
CA ALA D 106 -3.42 -47.31 27.17
C ALA D 106 -2.33 -46.25 27.08
N SER D 107 -2.59 -45.18 26.35
CA SER D 107 -1.62 -44.10 26.17
C SER D 107 -1.73 -43.02 27.24
N TYR D 108 -2.66 -43.17 28.18
CA TYR D 108 -2.87 -42.16 29.22
C TYR D 108 -2.00 -42.45 30.43
N VAL D 109 -1.49 -41.39 31.05
CA VAL D 109 -0.70 -41.48 32.27
C VAL D 109 -1.46 -40.78 33.40
N ALA D 110 -1.32 -41.33 34.60
CA ALA D 110 -2.07 -40.83 35.75
C ALA D 110 -1.69 -39.40 36.09
N GLY D 111 -2.69 -38.56 36.27
CA GLY D 111 -2.45 -37.17 36.58
C GLY D 111 -1.87 -36.35 35.45
N GLY D 112 -1.75 -36.93 34.26
CA GLY D 112 -1.20 -36.24 33.12
C GLY D 112 -2.23 -35.88 32.08
N PRO D 113 -1.78 -35.29 30.98
CA PRO D 113 -2.71 -34.79 29.98
C PRO D 113 -3.49 -35.90 29.28
N ALA D 114 -4.76 -35.64 29.01
CA ALA D 114 -5.62 -36.58 28.31
C ALA D 114 -5.79 -36.28 26.84
N VAL D 115 -5.63 -35.01 26.43
CA VAL D 115 -5.85 -34.59 25.06
C VAL D 115 -4.60 -33.90 24.53
N ASP D 116 -4.24 -34.23 23.30
CA ASP D 116 -3.20 -33.53 22.55
C ASP D 116 -3.85 -32.76 21.42
N CYS D 117 -3.51 -31.47 21.31
CA CYS D 117 -4.10 -30.61 20.29
C CYS D 117 -3.00 -29.94 19.48
N TRP D 118 -3.30 -29.68 18.20
CA TRP D 118 -2.43 -28.94 17.31
C TRP D 118 -3.24 -27.86 16.61
N GLY D 119 -2.63 -26.69 16.42
CA GLY D 119 -3.29 -25.61 15.72
C GLY D 119 -2.96 -24.23 16.27
N TYR D 120 -3.58 -23.20 15.71
CA TYR D 120 -3.31 -21.83 16.13
C TYR D 120 -3.79 -21.61 17.55
N ASN D 121 -2.88 -21.21 18.43
CA ASN D 121 -3.19 -20.88 19.83
C ASN D 121 -3.76 -22.08 20.57
N MET D 122 -3.47 -23.29 20.08
CA MET D 122 -4.01 -24.51 20.65
C MET D 122 -3.00 -25.65 20.72
N THR D 123 -1.74 -25.43 20.31
CA THR D 123 -0.76 -26.50 20.20
C THR D 123 -0.22 -26.83 21.60
N GLY D 124 -0.57 -28.00 22.10
CA GLY D 124 -0.11 -28.43 23.40
C GLY D 124 -0.95 -29.57 23.92
N SER D 125 -0.69 -29.91 25.18
CA SER D 125 -1.42 -30.96 25.89
C SER D 125 -2.21 -30.33 27.04
N PHE D 126 -3.40 -30.86 27.25
CA PHE D 126 -4.42 -30.24 28.10
C PHE D 126 -5.00 -31.26 29.07
N ILE D 127 -6.28 -31.16 29.41
CA ILE D 127 -6.88 -31.58 30.67
C ILE D 127 -6.19 -32.77 31.33
N ASN D 128 -5.73 -32.57 32.57
CA ASN D 128 -5.02 -33.58 33.34
C ASN D 128 -5.97 -34.52 34.09
N ALA D 129 -6.93 -35.08 33.38
CA ALA D 129 -7.91 -35.99 33.94
C ALA D 129 -8.61 -36.72 32.80
N PRO D 130 -9.00 -37.99 33.00
CA PRO D 130 -9.54 -38.76 31.87
C PRO D 130 -10.87 -38.21 31.38
N LEU D 131 -11.00 -38.15 30.05
CA LEU D 131 -12.21 -37.70 29.39
C LEU D 131 -12.81 -38.85 28.59
N LEU D 132 -14.12 -38.76 28.35
CA LEU D 132 -14.83 -39.74 27.56
C LEU D 132 -14.94 -39.33 26.09
N SER D 133 -15.36 -38.09 25.85
CA SER D 133 -15.54 -37.58 24.50
C SER D 133 -14.99 -36.16 24.44
N ILE D 134 -14.73 -35.71 23.22
CA ILE D 134 -14.26 -34.35 22.97
C ILE D 134 -15.05 -33.77 21.80
N THR D 135 -15.24 -32.46 21.83
CA THR D 135 -15.87 -31.72 20.75
C THR D 135 -15.17 -30.37 20.63
N SER D 136 -15.19 -29.80 19.43
CA SER D 136 -14.40 -28.62 19.12
C SER D 136 -15.29 -27.49 18.60
N GLY D 137 -15.14 -26.32 19.19
CA GLY D 137 -15.70 -25.09 18.65
C GLY D 137 -14.74 -24.41 17.69
N SER D 138 -15.11 -23.19 17.30
CA SER D 138 -14.27 -22.44 16.37
C SER D 138 -12.87 -22.24 16.92
N PHE D 139 -12.75 -21.75 18.16
CA PHE D 139 -11.47 -21.42 18.75
C PHE D 139 -11.31 -22.05 20.13
N PHE D 140 -12.02 -23.16 20.38
CA PHE D 140 -11.95 -23.85 21.65
C PHE D 140 -12.33 -25.31 21.45
N SER D 141 -12.02 -26.13 22.45
CA SER D 141 -12.44 -27.51 22.50
C SER D 141 -12.98 -27.83 23.89
N CYS D 142 -13.94 -28.75 23.94
CA CYS D 142 -14.57 -29.16 25.19
C CYS D 142 -14.57 -30.67 25.31
N GLY D 143 -14.81 -31.15 26.52
CA GLY D 143 -14.87 -32.58 26.78
C GLY D 143 -15.62 -32.88 28.06
N LEU D 144 -16.02 -34.14 28.19
CA LEU D 144 -16.74 -34.63 29.36
C LEU D 144 -15.84 -35.54 30.17
N PHE D 145 -15.74 -35.26 31.48
CA PHE D 145 -14.95 -36.11 32.36
C PHE D 145 -15.49 -37.53 32.40
N ALA D 146 -14.58 -38.49 32.60
CA ALA D 146 -15.00 -39.86 32.79
C ALA D 146 -15.57 -40.11 34.19
N ALA D 147 -15.13 -39.31 35.16
CA ALA D 147 -15.54 -39.51 36.55
C ALA D 147 -16.97 -39.02 36.81
N ASN D 148 -17.24 -37.74 36.56
CA ASN D 148 -18.50 -37.12 36.96
C ASN D 148 -19.40 -36.68 35.81
N PHE D 149 -19.04 -36.98 34.56
CA PHE D 149 -19.84 -36.63 33.38
C PHE D 149 -20.02 -35.12 33.18
N THR D 150 -19.24 -34.27 33.91
CA THR D 150 -19.40 -32.82 33.79
C THR D 150 -18.52 -32.25 32.67
N PRO D 151 -18.93 -31.14 32.05
CA PRO D 151 -18.16 -30.59 30.92
C PRO D 151 -17.04 -29.66 31.35
N VAL D 152 -16.00 -29.63 30.51
CA VAL D 152 -14.88 -28.70 30.65
C VAL D 152 -14.45 -28.26 29.26
N CYS D 153 -14.05 -27.00 29.13
CA CYS D 153 -13.60 -26.44 27.87
C CYS D 153 -12.24 -25.76 28.05
N TRP D 154 -11.49 -25.68 26.96
CA TRP D 154 -10.18 -25.06 26.99
C TRP D 154 -9.92 -24.37 25.66
N GLY D 155 -9.03 -23.38 25.67
CA GLY D 155 -8.70 -22.64 24.47
C GLY D 155 -9.09 -21.18 24.54
N ASP D 156 -9.37 -20.58 23.38
CA ASP D 156 -9.73 -19.17 23.33
C ASP D 156 -11.21 -19.01 23.65
N GLU D 157 -11.49 -18.27 24.73
CA GLU D 157 -12.84 -18.04 25.20
C GLU D 157 -13.47 -16.77 24.63
N THR D 158 -12.66 -15.91 24.00
CA THR D 158 -13.13 -14.60 23.53
C THR D 158 -14.37 -14.72 22.66
N GLY D 159 -15.40 -13.96 23.01
CA GLY D 159 -16.62 -13.91 22.25
C GLY D 159 -17.64 -14.99 22.57
N SER D 160 -17.24 -16.01 23.34
CA SER D 160 -18.12 -17.14 23.63
C SER D 160 -18.41 -17.28 25.12
N GLY D 161 -17.38 -17.24 25.96
CA GLY D 161 -17.58 -17.47 27.38
C GLY D 161 -17.78 -18.92 27.76
N VAL D 162 -17.45 -19.86 26.87
CA VAL D 162 -17.80 -21.25 27.09
C VAL D 162 -16.96 -21.92 28.17
N ILE D 163 -15.79 -21.35 28.50
CA ILE D 163 -14.95 -21.95 29.53
C ILE D 163 -15.46 -21.60 30.92
N SER D 164 -15.65 -20.31 31.19
CA SER D 164 -16.05 -19.87 32.52
C SER D 164 -17.52 -20.13 32.81
N THR D 165 -18.38 -20.05 31.79
CA THR D 165 -19.81 -20.29 31.95
C THR D 165 -20.17 -21.76 31.83
N ALA D 166 -19.18 -22.63 31.71
CA ALA D 166 -19.45 -24.06 31.60
C ALA D 166 -20.23 -24.55 32.83
N PRO D 167 -21.34 -25.27 32.64
CA PRO D 167 -22.12 -25.73 33.78
C PRO D 167 -21.44 -26.87 34.53
N LYS D 168 -20.41 -26.54 35.30
CA LYS D 168 -19.68 -27.55 36.07
C LYS D 168 -20.58 -28.03 37.20
N GLY D 169 -21.16 -29.21 37.04
CA GLY D 169 -22.12 -29.74 37.98
C GLY D 169 -23.26 -30.47 37.31
N LEU D 170 -23.62 -30.02 36.11
CA LEU D 170 -24.58 -30.75 35.29
C LEU D 170 -23.88 -31.88 34.55
N GLU D 171 -24.54 -33.03 34.47
CA GLU D 171 -23.97 -34.23 33.86
C GLU D 171 -24.62 -34.48 32.51
N PHE D 172 -23.79 -34.72 31.50
CA PHE D 172 -24.24 -34.84 30.12
C PHE D 172 -23.98 -36.24 29.57
N ASN D 173 -24.87 -36.68 28.68
CA ASN D 173 -24.60 -37.88 27.89
C ASN D 173 -23.59 -37.57 26.78
N SER D 174 -23.82 -36.48 26.06
CA SER D 174 -22.91 -36.06 25.00
C SER D 174 -23.01 -34.55 24.85
N ILE D 175 -21.98 -33.94 24.27
CA ILE D 175 -21.94 -32.51 24.02
C ILE D 175 -21.39 -32.27 22.63
N THR D 176 -21.89 -31.23 21.97
CA THR D 176 -21.37 -30.76 20.70
C THR D 176 -21.12 -29.25 20.79
N ALA D 177 -20.04 -28.81 20.14
CA ALA D 177 -19.62 -27.42 20.20
C ALA D 177 -19.89 -26.74 18.86
N GLY D 178 -20.48 -25.55 18.92
CA GLY D 178 -20.65 -24.70 17.76
C GLY D 178 -19.53 -23.69 17.65
N GLY D 179 -19.77 -22.62 16.88
CA GLY D 179 -18.74 -21.63 16.69
C GLY D 179 -18.46 -20.79 17.92
N TYR D 180 -19.48 -20.54 18.75
CA TYR D 180 -19.30 -19.76 19.96
C TYR D 180 -20.24 -20.23 21.07
N HIS D 181 -20.64 -21.50 21.05
CA HIS D 181 -21.57 -22.02 22.04
C HIS D 181 -21.43 -23.54 22.07
N VAL D 182 -21.94 -24.14 23.14
CA VAL D 182 -21.92 -25.59 23.32
C VAL D 182 -23.30 -26.05 23.76
N CYS D 183 -23.81 -27.11 23.13
CA CYS D 183 -25.06 -27.74 23.50
C CYS D 183 -24.82 -29.19 23.86
N GLY D 184 -25.62 -29.70 24.80
CA GLY D 184 -25.44 -31.07 25.26
C GLY D 184 -26.76 -31.68 25.68
N ILE D 185 -26.78 -33.01 25.71
CA ILE D 185 -27.94 -33.78 26.13
C ILE D 185 -27.71 -34.23 27.57
N LEU D 186 -28.60 -33.83 28.48
CA LEU D 186 -28.45 -34.15 29.89
C LEU D 186 -28.65 -35.64 30.16
N GLN D 187 -27.93 -36.17 31.14
CA GLN D 187 -28.21 -37.54 31.57
C GLN D 187 -29.59 -37.65 32.20
N ASN D 188 -30.04 -36.60 32.89
CA ASN D 188 -31.34 -36.58 33.56
C ASN D 188 -32.39 -36.15 32.57
N GLY D 189 -33.19 -37.08 32.08
CA GLY D 189 -34.29 -36.74 31.22
C GLY D 189 -33.95 -36.64 29.74
N GLN D 190 -32.67 -36.56 29.41
CA GLN D 190 -32.21 -36.38 28.04
C GLN D 190 -32.70 -35.07 27.45
N ARG D 191 -32.85 -34.07 28.31
CA ARG D 191 -33.13 -32.70 27.89
C ARG D 191 -31.86 -32.07 27.32
N THR D 192 -32.06 -31.06 26.47
CA THR D 192 -30.96 -30.34 25.83
C THR D 192 -30.69 -29.04 26.57
N PHE D 193 -29.44 -28.84 26.98
CA PHE D 193 -28.99 -27.61 27.61
C PHE D 193 -27.81 -27.04 26.85
N CYS D 194 -27.83 -25.72 26.67
CA CYS D 194 -26.77 -25.03 25.94
C CYS D 194 -26.22 -23.90 26.79
N TRP D 195 -25.00 -23.49 26.50
CA TRP D 195 -24.38 -22.35 27.15
C TRP D 195 -23.43 -21.67 26.19
N GLY D 196 -23.03 -20.46 26.56
CA GLY D 196 -22.16 -19.66 25.71
C GLY D 196 -22.84 -18.39 25.22
N ARG D 197 -22.14 -17.26 25.33
CA ARG D 197 -22.69 -15.95 24.95
C ARG D 197 -22.71 -15.85 23.43
N SER D 198 -23.78 -16.39 22.85
CA SER D 198 -23.95 -16.43 21.40
C SER D 198 -25.39 -16.15 21.03
N LEU D 199 -25.59 -15.64 19.82
CA LEU D 199 -26.93 -15.42 19.29
C LEU D 199 -27.60 -16.72 18.85
N ALA D 200 -26.88 -17.84 18.84
CA ALA D 200 -27.52 -19.14 18.63
C ALA D 200 -28.46 -19.48 19.77
N LEU D 201 -28.27 -18.88 20.95
CA LEU D 201 -29.11 -19.11 22.12
C LEU D 201 -30.02 -17.92 22.38
N GLN D 202 -30.32 -17.13 21.34
CA GLN D 202 -31.21 -15.99 21.49
C GLN D 202 -32.62 -16.42 21.84
N ASP D 203 -33.14 -17.43 21.14
CA ASP D 203 -34.48 -17.95 21.43
C ASP D 203 -34.47 -19.04 22.49
N GLY D 204 -33.44 -19.87 22.52
CA GLY D 204 -33.34 -20.94 23.50
C GLY D 204 -33.63 -22.30 22.90
N VAL D 205 -33.59 -23.29 23.77
CA VAL D 205 -33.79 -24.69 23.34
C VAL D 205 -35.26 -24.91 23.00
N PRO D 206 -35.57 -25.61 21.92
CA PRO D 206 -36.97 -25.91 21.59
C PRO D 206 -37.64 -26.69 22.73
N LYS D 207 -38.75 -26.14 23.22
CA LYS D 207 -39.42 -26.69 24.38
C LYS D 207 -39.90 -28.11 24.13
N GLY D 208 -39.57 -29.01 25.06
CA GLY D 208 -40.07 -30.37 25.01
C GLY D 208 -39.47 -31.25 23.93
N ALA D 209 -38.25 -30.94 23.49
CA ALA D 209 -37.59 -31.69 22.42
C ALA D 209 -36.53 -32.60 23.01
N ILE D 210 -36.68 -33.91 22.81
CA ILE D 210 -35.71 -34.90 23.24
C ILE D 210 -34.95 -35.38 22.01
N PHE D 211 -33.63 -35.22 22.04
CA PHE D 211 -32.77 -35.59 20.93
C PHE D 211 -31.86 -36.76 21.30
N THR D 212 -31.36 -37.44 20.26
CA THR D 212 -30.34 -38.46 20.43
C THR D 212 -28.93 -37.91 20.22
N SER D 213 -28.74 -37.08 19.20
CA SER D 213 -27.46 -36.47 18.90
C SER D 213 -27.66 -35.02 18.49
N LEU D 214 -26.59 -34.23 18.63
CA LEU D 214 -26.63 -32.80 18.31
C LEU D 214 -25.43 -32.40 17.46
N VAL D 215 -25.64 -31.40 16.61
CA VAL D 215 -24.58 -30.74 15.87
C VAL D 215 -24.85 -29.24 15.88
N ALA D 216 -23.81 -28.45 15.66
CA ALA D 216 -23.94 -27.01 15.75
C ALA D 216 -22.98 -26.31 14.78
N GLY D 217 -23.48 -25.31 14.08
CA GLY D 217 -22.68 -24.44 13.25
C GLY D 217 -22.16 -23.24 14.02
N LYS D 218 -21.85 -22.17 13.26
CA LYS D 218 -21.35 -20.95 13.89
C LYS D 218 -22.40 -20.34 14.82
N PHE D 219 -23.63 -20.18 14.33
CA PHE D 219 -24.71 -19.59 15.12
C PHE D 219 -25.99 -20.38 14.94
N SER D 220 -25.90 -21.70 14.98
CA SER D 220 -27.08 -22.55 14.79
C SER D 220 -26.82 -23.90 15.45
N THR D 221 -27.92 -24.61 15.72
CA THR D 221 -27.87 -25.94 16.33
C THR D 221 -28.97 -26.80 15.75
N CYS D 222 -28.65 -28.07 15.50
CA CYS D 222 -29.60 -29.05 14.98
C CYS D 222 -29.60 -30.29 15.85
N GLY D 223 -30.73 -30.97 15.89
CA GLY D 223 -30.86 -32.19 16.69
C GLY D 223 -31.78 -33.18 16.00
N LEU D 224 -31.54 -34.46 16.27
CA LEU D 224 -32.35 -35.55 15.75
C LEU D 224 -33.25 -36.08 16.86
N HIS D 225 -34.57 -36.04 16.62
CA HIS D 225 -35.53 -36.48 17.63
C HIS D 225 -35.31 -37.95 18.00
N LYS D 226 -35.68 -38.27 19.25
CA LYS D 226 -35.46 -39.62 19.77
C LYS D 226 -36.28 -40.65 19.01
N ASP D 227 -37.54 -40.34 18.71
CA ASP D 227 -38.43 -41.30 18.06
C ASP D 227 -38.36 -41.23 16.54
N THR D 228 -38.63 -40.06 15.98
CA THR D 228 -38.76 -39.92 14.52
C THR D 228 -37.42 -39.88 13.81
N HIS D 229 -36.33 -39.54 14.51
CA HIS D 229 -35.01 -39.38 13.90
C HIS D 229 -35.01 -38.30 12.83
N LEU D 230 -35.85 -37.25 13.02
CA LEU D 230 -35.99 -36.12 12.11
C LEU D 230 -35.22 -34.90 12.63
N PRO D 231 -34.67 -34.09 11.74
CA PRO D 231 -33.86 -32.94 12.18
C PRO D 231 -34.71 -31.76 12.63
N LEU D 232 -34.27 -31.10 13.68
CA LEU D 232 -34.88 -29.88 14.20
C LEU D 232 -33.77 -28.87 14.45
N CYS D 233 -33.71 -27.83 13.62
CA CYS D 233 -32.64 -26.84 13.67
C CYS D 233 -33.16 -25.50 14.17
N TRP D 234 -32.35 -24.82 14.97
CA TRP D 234 -32.69 -23.48 15.46
C TRP D 234 -31.41 -22.68 15.60
N GLY D 235 -31.57 -21.36 15.68
CA GLY D 235 -30.46 -20.47 15.89
C GLY D 235 -30.62 -19.17 15.12
N PHE D 236 -29.52 -18.43 15.05
CA PHE D 236 -29.52 -17.11 14.44
C PHE D 236 -29.59 -17.21 12.92
N THR D 237 -30.30 -16.25 12.31
CA THR D 237 -30.44 -16.09 10.86
C THR D 237 -30.72 -17.42 10.14
N LEU D 238 -31.48 -18.30 10.79
CA LEU D 238 -31.86 -19.57 10.21
C LEU D 238 -33.18 -19.42 9.45
N PRO D 239 -33.29 -19.91 8.22
CA PRO D 239 -34.50 -19.78 7.38
C PRO D 239 -35.76 -20.33 8.05
N MET D 244 -34.49 -26.86 6.92
CA MET D 244 -34.20 -28.26 7.17
C MET D 244 -35.22 -29.16 6.47
N PRO D 245 -34.76 -30.32 5.97
CA PRO D 245 -35.67 -31.27 5.31
C PRO D 245 -36.51 -32.00 6.36
N THR D 246 -37.83 -31.80 6.28
CA THR D 246 -38.74 -32.37 7.25
C THR D 246 -39.12 -33.82 6.95
N ASN D 247 -38.80 -34.32 5.75
CA ASN D 247 -39.24 -35.64 5.34
C ASN D 247 -38.26 -36.75 5.71
N VAL D 248 -36.98 -36.55 5.42
CA VAL D 248 -36.00 -37.64 5.45
C VAL D 248 -35.49 -37.80 6.87
N PRO D 249 -35.57 -38.98 7.46
CA PRO D 249 -34.89 -39.24 8.73
C PRO D 249 -33.42 -39.57 8.53
N PHE D 250 -32.61 -39.22 9.52
CA PHE D 250 -31.16 -39.36 9.42
C PHE D 250 -30.62 -40.18 10.59
N SER D 251 -29.53 -40.91 10.32
CA SER D 251 -28.84 -41.65 11.36
C SER D 251 -27.86 -40.77 12.13
N ALA D 252 -27.23 -39.82 11.45
CA ALA D 252 -26.29 -38.90 12.09
C ALA D 252 -26.26 -37.59 11.32
N LEU D 253 -25.82 -36.54 12.00
CA LEU D 253 -25.68 -35.23 11.39
C LEU D 253 -24.24 -34.73 11.51
N VAL D 254 -23.91 -33.73 10.71
CA VAL D 254 -22.64 -33.03 10.79
C VAL D 254 -22.86 -31.61 10.32
N ALA D 255 -22.23 -30.64 10.98
CA ALA D 255 -22.46 -29.23 10.74
C ALA D 255 -21.19 -28.53 10.31
N GLY D 256 -21.28 -27.77 9.23
CA GLY D 256 -20.25 -26.82 8.86
C GLY D 256 -20.46 -25.49 9.57
N ASP D 257 -19.89 -24.44 8.99
CA ASP D 257 -20.07 -23.11 9.58
C ASP D 257 -21.49 -22.59 9.33
N TYR D 258 -22.00 -22.75 8.11
CA TYR D 258 -23.34 -22.27 7.78
C TYR D 258 -24.11 -23.28 6.94
N PHE D 259 -23.83 -24.58 7.14
CA PHE D 259 -24.58 -25.63 6.48
C PHE D 259 -24.50 -26.89 7.32
N VAL D 260 -25.48 -27.77 7.15
CA VAL D 260 -25.60 -29.01 7.90
C VAL D 260 -25.86 -30.16 6.93
N CYS D 261 -25.14 -31.27 7.13
CA CYS D 261 -25.30 -32.47 6.33
C CYS D 261 -25.75 -33.62 7.22
N GLY D 262 -26.48 -34.56 6.63
CA GLY D 262 -26.98 -35.71 7.36
C GLY D 262 -26.87 -37.02 6.61
N LEU D 263 -26.34 -38.05 7.28
CA LEU D 263 -26.30 -39.40 6.74
C LEU D 263 -27.65 -40.08 6.94
N PRO D 264 -28.36 -40.41 5.86
CA PRO D 264 -29.72 -40.95 6.00
C PRO D 264 -29.75 -42.26 6.78
N LEU D 265 -30.88 -42.49 7.45
CA LEU D 265 -31.06 -43.73 8.19
C LEU D 265 -31.06 -44.94 7.26
N THR D 266 -31.59 -44.78 6.05
CA THR D 266 -31.49 -45.84 5.05
C THR D 266 -30.11 -45.78 4.39
N PRO D 267 -29.31 -46.84 4.50
CA PRO D 267 -27.93 -46.76 3.97
C PRO D 267 -27.84 -46.63 2.47
N SER D 268 -28.91 -46.94 1.73
CA SER D 268 -28.87 -46.81 0.28
C SER D 268 -28.92 -45.34 -0.15
N LEU D 269 -29.70 -44.52 0.55
CA LEU D 269 -29.89 -43.14 0.15
C LEU D 269 -28.61 -42.32 0.38
N PRO D 270 -28.29 -41.40 -0.51
CA PRO D 270 -27.08 -40.57 -0.34
C PRO D 270 -27.33 -39.40 0.61
N GLN D 271 -26.21 -38.79 1.02
CA GLN D 271 -26.25 -37.71 1.99
C GLN D 271 -26.95 -36.47 1.46
N GLN D 272 -27.67 -35.78 2.35
CA GLN D 272 -28.35 -34.52 2.05
C GLN D 272 -27.74 -33.40 2.88
N CYS D 273 -27.62 -32.22 2.28
CA CYS D 273 -27.09 -31.04 2.95
C CYS D 273 -27.98 -29.84 2.67
N TRP D 274 -28.07 -28.94 3.65
CA TRP D 274 -28.87 -27.73 3.51
C TRP D 274 -28.19 -26.58 4.23
N GLY D 275 -28.46 -25.37 3.75
CA GLY D 275 -27.88 -24.17 4.37
C GLY D 275 -28.56 -23.85 5.69
N SER D 276 -27.76 -23.40 6.65
CA SER D 276 -28.25 -23.08 8.00
C SER D 276 -28.02 -21.63 8.39
N GLY D 277 -27.76 -20.74 7.43
CA GLY D 277 -27.62 -19.34 7.73
C GLY D 277 -26.56 -18.69 6.87
N TYR D 278 -26.11 -17.52 7.29
CA TYR D 278 -25.11 -16.74 6.56
C TYR D 278 -24.55 -15.68 7.48
N PRO D 279 -23.32 -15.24 7.27
CA PRO D 279 -22.73 -14.23 8.15
C PRO D 279 -23.24 -12.84 7.85
N VAL D 280 -23.39 -12.04 8.92
CA VAL D 280 -23.77 -10.64 8.81
C VAL D 280 -22.86 -9.81 9.72
N THR D 281 -22.63 -8.56 9.31
CA THR D 281 -21.89 -7.65 10.16
C THR D 281 -22.74 -7.22 11.35
N LEU D 282 -22.20 -7.40 12.55
CA LEU D 282 -22.89 -7.05 13.78
C LEU D 282 -22.09 -6.01 14.54
N PRO D 283 -22.74 -5.23 15.40
CA PRO D 283 -22.01 -4.21 16.18
C PRO D 283 -21.19 -4.81 17.30
N THR D 284 -19.95 -4.33 17.42
CA THR D 284 -19.05 -4.69 18.50
C THR D 284 -18.73 -3.44 19.33
N GLY D 285 -17.95 -3.64 20.39
CA GLY D 285 -17.40 -2.50 21.11
C GLY D 285 -16.55 -1.61 20.22
N ILE D 286 -15.74 -2.21 19.36
CA ILE D 286 -14.82 -1.45 18.50
C ILE D 286 -15.55 -0.84 17.31
N ALA D 287 -16.54 -1.53 16.77
CA ALA D 287 -17.36 -1.04 15.66
C ALA D 287 -18.79 -0.92 16.16
N PRO D 288 -19.08 0.14 16.92
CA PRO D 288 -20.39 0.20 17.59
C PRO D 288 -21.57 0.46 16.68
N GLY D 289 -21.40 1.21 15.59
CA GLY D 289 -22.59 1.52 14.84
C GLY D 289 -23.26 2.80 15.30
N MET D 290 -23.98 3.43 14.38
CA MET D 290 -24.46 4.78 14.58
C MET D 290 -25.87 4.77 15.17
N CYS D 291 -26.03 5.34 16.35
CA CYS D 291 -27.35 5.55 16.93
C CYS D 291 -27.97 6.81 16.34
N SER D 292 -29.13 6.67 15.70
CA SER D 292 -29.77 7.78 15.02
C SER D 292 -31.27 7.74 15.28
N SER D 293 -31.87 8.93 15.38
CA SER D 293 -33.31 9.05 15.49
C SER D 293 -34.01 8.93 14.15
N LEU D 294 -33.31 9.23 13.06
CA LEU D 294 -33.81 9.16 11.69
C LEU D 294 -33.55 7.78 11.10
N PRO D 295 -34.23 7.44 9.99
CA PRO D 295 -33.92 6.19 9.31
C PRO D 295 -32.47 6.15 8.84
N CYS D 296 -31.92 4.94 8.82
CA CYS D 296 -30.50 4.77 8.53
C CYS D 296 -30.17 5.14 7.09
N MET D 297 -29.03 5.81 6.92
CA MET D 297 -28.58 6.29 5.61
C MET D 297 -28.23 5.12 4.70
N SER D 298 -28.06 5.44 3.41
CA SER D 298 -27.70 4.44 2.42
C SER D 298 -26.37 3.79 2.79
N GLY D 299 -26.32 2.46 2.65
CA GLY D 299 -25.16 1.69 3.01
C GLY D 299 -25.17 1.15 4.43
N THR D 300 -26.23 1.41 5.19
CA THR D 300 -26.38 0.91 6.55
C THR D 300 -27.81 0.42 6.73
N TYR D 301 -28.00 -0.45 7.71
CA TYR D 301 -29.31 -1.02 8.00
C TYR D 301 -29.63 -0.89 9.48
N SER D 302 -30.92 -0.71 9.78
CA SER D 302 -31.39 -0.61 11.16
C SER D 302 -31.47 -2.01 11.76
N LEU D 303 -30.61 -2.27 12.74
CA LEU D 303 -30.58 -3.56 13.41
C LEU D 303 -31.91 -3.85 14.09
N SER D 304 -32.44 -5.06 13.88
CA SER D 304 -33.75 -5.41 14.40
C SER D 304 -33.76 -5.37 15.92
N ALA D 305 -34.93 -5.03 16.49
CA ALA D 305 -35.05 -4.86 17.92
C ALA D 305 -34.73 -6.14 18.70
N GLU D 306 -35.02 -7.30 18.12
CA GLU D 306 -34.78 -8.56 18.83
C GLU D 306 -33.30 -8.77 19.08
N VAL D 307 -32.47 -8.64 18.04
CA VAL D 307 -31.03 -8.87 18.20
C VAL D 307 -30.39 -7.74 19.00
N VAL D 308 -30.94 -6.52 18.92
CA VAL D 308 -30.43 -5.41 19.73
C VAL D 308 -30.54 -5.76 21.22
N LYS D 309 -31.70 -6.27 21.63
CA LYS D 309 -31.88 -6.66 23.03
C LYS D 309 -30.94 -7.78 23.42
N ALA D 310 -30.65 -8.70 22.49
CA ALA D 310 -29.75 -9.82 22.81
C ALA D 310 -28.32 -9.34 23.01
N LEU D 311 -27.87 -8.39 22.18
CA LEU D 311 -26.51 -7.87 22.24
C LEU D 311 -26.32 -6.80 23.30
N ALA D 312 -27.37 -6.44 24.03
CA ALA D 312 -27.33 -5.37 25.03
C ALA D 312 -26.93 -5.90 26.39
N ALA D 313 -26.00 -5.19 27.04
CA ALA D 313 -25.46 -5.64 28.31
C ALA D 313 -26.53 -5.68 29.40
N SER D 314 -26.25 -6.48 30.43
CA SER D 314 -27.10 -6.60 31.62
C SER D 314 -27.59 -5.25 32.12
N GLY D 315 -28.91 -5.07 32.09
CA GLY D 315 -29.52 -3.86 32.63
C GLY D 315 -29.16 -2.60 31.88
N ALA D 316 -29.06 -2.68 30.55
CA ALA D 316 -28.67 -1.53 29.75
C ALA D 316 -29.27 -1.65 28.36
N THR D 317 -29.58 -0.50 27.76
CA THR D 317 -30.00 -0.43 26.37
C THR D 317 -28.81 -0.06 25.49
N LEU D 318 -28.85 -0.54 24.25
CA LEU D 318 -27.69 -0.42 23.36
C LEU D 318 -27.45 1.04 22.99
N CYS D 319 -28.47 1.74 22.48
CA CYS D 319 -28.39 3.17 22.24
C CYS D 319 -28.92 3.94 23.45
N PRO D 320 -28.37 5.12 23.72
CA PRO D 320 -28.87 5.93 24.86
C PRO D 320 -30.37 6.12 24.86
N ASN D 321 -30.95 6.56 23.73
CA ASN D 321 -32.39 6.64 23.59
C ASN D 321 -32.87 5.31 23.02
N PRO D 322 -33.65 4.53 23.76
CA PRO D 322 -34.04 3.20 23.25
C PRO D 322 -34.80 3.24 21.95
N THR D 323 -35.48 4.34 21.64
CA THR D 323 -36.26 4.44 20.41
C THR D 323 -35.39 4.59 19.18
N ASP D 324 -34.16 5.08 19.34
CA ASP D 324 -33.28 5.34 18.21
C ASP D 324 -32.94 4.05 17.46
N ASN D 325 -32.74 4.17 16.16
CA ASN D 325 -32.23 3.08 15.34
C ASN D 325 -30.72 2.94 15.50
N LEU D 326 -30.25 1.69 15.52
CA LEU D 326 -28.83 1.39 15.50
C LEU D 326 -28.44 0.98 14.08
N CYS D 327 -27.67 1.84 13.41
CA CYS D 327 -27.32 1.65 12.01
C CYS D 327 -25.96 0.98 11.90
N ILE D 328 -25.91 -0.17 11.22
CA ILE D 328 -24.71 -0.97 11.06
C ILE D 328 -24.29 -0.96 9.59
N ASN D 329 -22.97 -0.96 9.34
CA ASN D 329 -22.45 -1.09 7.98
C ASN D 329 -23.04 -2.32 7.30
N CYS D 330 -23.51 -2.15 6.07
CA CYS D 330 -23.93 -3.30 5.28
C CYS D 330 -22.71 -4.18 4.96
N SER D 331 -22.92 -5.49 4.98
CA SER D 331 -21.85 -6.42 4.62
C SER D 331 -21.49 -6.30 3.15
N LYS D 332 -20.20 -6.33 2.87
CA LYS D 332 -19.68 -6.23 1.50
C LYS D 332 -19.27 -7.63 1.03
N GLY D 333 -20.15 -8.29 0.28
CA GLY D 333 -19.87 -9.59 -0.29
C GLY D 333 -20.31 -10.74 0.60
N CYS D 334 -20.20 -11.94 0.04
CA CYS D 334 -20.57 -13.19 0.69
C CYS D 334 -19.36 -14.11 0.76
N PRO D 335 -19.36 -15.07 1.68
CA PRO D 335 -18.24 -16.01 1.77
C PRO D 335 -18.23 -16.99 0.62
N SER D 336 -17.10 -17.70 0.50
CA SER D 336 -16.87 -18.60 -0.62
C SER D 336 -17.98 -19.65 -0.73
N GLY D 337 -18.48 -19.85 -1.95
CA GLY D 337 -19.55 -20.77 -2.20
C GLY D 337 -20.94 -20.15 -2.16
N MET D 338 -21.06 -18.92 -1.66
CA MET D 338 -22.34 -18.24 -1.53
C MET D 338 -22.35 -16.99 -2.40
N ILE D 339 -23.56 -16.58 -2.79
CA ILE D 339 -23.75 -15.35 -3.55
C ILE D 339 -24.89 -14.56 -2.90
N GLU D 340 -24.90 -13.26 -3.17
CA GLU D 340 -25.90 -12.38 -2.58
C GLU D 340 -27.28 -12.68 -3.15
N SER D 341 -28.18 -13.16 -2.30
CA SER D 341 -29.54 -13.45 -2.73
C SER D 341 -30.47 -12.25 -2.59
N VAL D 342 -30.30 -11.45 -1.54
CA VAL D 342 -31.11 -10.26 -1.30
C VAL D 342 -30.17 -9.10 -1.00
N GLU D 343 -30.51 -7.91 -1.47
CA GLU D 343 -29.71 -6.73 -1.23
C GLU D 343 -29.89 -6.23 0.20
N CYS D 344 -28.94 -5.42 0.65
CA CYS D 344 -29.01 -4.81 1.98
C CYS D 344 -30.11 -3.76 2.01
N THR D 345 -31.15 -4.02 2.78
CA THR D 345 -32.24 -3.07 2.96
C THR D 345 -31.93 -2.16 4.14
N SER D 346 -32.85 -1.23 4.43
CA SER D 346 -32.69 -0.36 5.60
C SER D 346 -33.07 -1.05 6.90
N THR D 347 -33.59 -2.29 6.84
CA THR D 347 -34.00 -3.02 8.02
C THR D 347 -33.22 -4.31 8.25
N ALA D 348 -32.48 -4.79 7.25
CA ALA D 348 -31.76 -6.05 7.39
C ALA D 348 -30.52 -6.01 6.53
N ASP D 349 -29.53 -6.82 6.91
CA ASP D 349 -28.30 -6.95 6.15
C ASP D 349 -28.55 -7.78 4.89
N ARG D 350 -27.61 -7.69 3.96
CA ARG D 350 -27.69 -8.48 2.75
C ARG D 350 -27.71 -9.97 3.09
N GLN D 351 -28.51 -10.73 2.35
CA GLN D 351 -28.65 -12.16 2.56
C GLN D 351 -27.83 -12.94 1.54
N CYS D 352 -27.17 -14.00 2.00
CA CYS D 352 -26.37 -14.87 1.16
C CYS D 352 -26.98 -16.25 1.11
N SER D 353 -26.88 -16.90 -0.04
CA SER D 353 -27.28 -18.30 -0.18
C SER D 353 -26.23 -19.02 -1.00
N TYR D 354 -26.09 -20.32 -0.74
CA TYR D 354 -25.09 -21.13 -1.44
C TYR D 354 -25.45 -21.26 -2.91
N ASP D 355 -24.50 -20.89 -3.78
CA ASP D 355 -24.71 -20.94 -5.22
C ASP D 355 -24.68 -22.40 -5.66
N CYS D 356 -25.85 -23.02 -5.76
CA CYS D 356 -25.99 -24.41 -6.17
C CYS D 356 -26.39 -24.54 -7.62
N SER D 357 -26.30 -23.45 -8.37
CA SER D 357 -26.73 -23.46 -9.76
C SER D 357 -25.65 -24.04 -10.68
N HIS D 358 -24.38 -23.95 -10.30
CA HIS D 358 -23.30 -24.49 -11.10
C HIS D 358 -22.97 -25.92 -10.67
N CYS D 359 -23.99 -26.79 -10.66
CA CYS D 359 -23.80 -28.17 -10.23
C CYS D 359 -24.07 -29.17 -11.35
N ASN D 360 -23.55 -28.91 -12.55
CA ASN D 360 -23.74 -29.82 -13.67
C ASN D 360 -22.69 -30.93 -13.63
N HIS D 361 -22.60 -31.69 -14.72
CA HIS D 361 -21.64 -32.80 -14.79
C HIS D 361 -20.21 -32.26 -14.82
N ASN D 362 -19.36 -32.78 -13.92
CA ASN D 362 -17.97 -32.35 -13.79
C ASN D 362 -17.88 -30.87 -13.43
N ALA D 363 -18.72 -30.44 -12.49
CA ALA D 363 -18.74 -29.06 -12.02
C ALA D 363 -18.08 -28.89 -10.66
N THR D 364 -18.27 -29.85 -9.75
CA THR D 364 -17.65 -29.85 -8.42
C THR D 364 -18.04 -28.58 -7.64
N CYS D 365 -19.33 -28.49 -7.35
CA CYS D 365 -19.88 -27.36 -6.62
C CYS D 365 -19.87 -27.66 -5.12
N SER D 366 -20.33 -26.69 -4.33
CA SER D 366 -20.28 -26.79 -2.87
C SER D 366 -21.00 -28.04 -2.36
N ALA D 367 -20.50 -28.57 -1.25
CA ALA D 367 -21.12 -29.73 -0.62
C ALA D 367 -22.49 -29.43 -0.03
N ALA D 368 -22.80 -28.17 0.23
CA ALA D 368 -24.11 -27.80 0.76
C ALA D 368 -25.20 -27.89 -0.30
N CYS D 369 -24.85 -28.27 -1.53
CA CYS D 369 -25.77 -28.33 -2.66
C CYS D 369 -26.14 -29.75 -3.05
N TYR D 370 -25.95 -30.71 -2.14
CA TYR D 370 -26.09 -32.13 -2.45
C TYR D 370 -27.48 -32.62 -2.04
N ASN D 371 -28.38 -32.75 -3.02
CA ASN D 371 -29.69 -33.30 -2.78
C ASN D 371 -30.03 -34.32 -3.87
N LEU E 1 36.63 -16.89 29.22
CA LEU E 1 36.99 -17.78 30.33
C LEU E 1 36.91 -17.06 31.67
N GLY E 2 36.77 -17.82 32.75
CA GLY E 2 36.83 -17.26 34.07
C GLY E 2 35.52 -16.64 34.52
N SER E 3 35.65 -15.70 35.45
CA SER E 3 34.52 -15.08 36.13
C SER E 3 34.49 -13.58 35.85
N MET E 4 33.50 -12.91 36.43
CA MET E 4 33.37 -11.47 36.30
C MET E 4 34.39 -10.77 37.19
N ASN E 5 34.93 -9.64 36.72
CA ASN E 5 35.90 -8.88 37.47
C ASN E 5 36.00 -7.48 36.87
N SER E 6 36.86 -6.65 37.46
CA SER E 6 37.09 -5.31 36.94
C SER E 6 37.78 -5.32 35.59
N VAL E 7 38.43 -6.42 35.22
CA VAL E 7 39.11 -6.54 33.94
C VAL E 7 38.62 -7.79 33.23
N ALA E 8 38.73 -7.78 31.91
CA ALA E 8 38.38 -8.94 31.09
C ALA E 8 39.20 -8.89 29.81
N VAL E 9 39.34 -10.06 29.18
CA VAL E 9 40.09 -10.19 27.94
C VAL E 9 39.28 -11.00 26.94
N SER E 10 39.27 -10.55 25.69
CA SER E 10 38.84 -11.38 24.57
C SER E 10 40.04 -12.07 23.96
N TYR E 11 39.80 -13.22 23.33
CA TYR E 11 40.88 -14.04 22.80
C TYR E 11 40.38 -14.74 21.54
N GLY E 12 41.29 -15.46 20.88
CA GLY E 12 40.91 -16.28 19.74
C GLY E 12 41.30 -15.71 18.39
N GLY E 13 40.51 -16.07 17.37
CA GLY E 13 40.90 -15.78 16.00
C GLY E 13 40.84 -14.32 15.62
N ASN E 14 39.98 -13.55 16.28
CA ASN E 14 39.85 -12.13 15.94
C ASN E 14 40.88 -11.25 16.64
N GLY E 15 41.67 -11.79 17.55
CA GLY E 15 42.70 -11.04 18.23
C GLY E 15 42.55 -11.13 19.73
N GLN E 16 43.33 -10.31 20.44
CA GLN E 16 43.36 -10.31 21.90
C GLN E 16 43.23 -8.88 22.38
N THR E 17 42.19 -8.60 23.17
CA THR E 17 41.89 -7.25 23.64
C THR E 17 41.63 -7.28 25.14
N LEU E 18 42.23 -6.35 25.87
CA LEU E 18 42.02 -6.22 27.31
C LEU E 18 41.07 -5.04 27.56
N CYS E 19 40.00 -5.31 28.31
CA CYS E 19 39.06 -4.28 28.73
C CYS E 19 39.10 -4.14 30.24
N SER E 20 39.05 -2.90 30.72
CA SER E 20 39.12 -2.60 32.15
C SER E 20 38.17 -1.48 32.49
N LEU E 21 37.66 -1.51 33.72
CA LEU E 21 36.79 -0.46 34.23
C LEU E 21 37.63 0.69 34.77
N ARG E 22 37.47 1.86 34.18
CA ARG E 22 38.23 3.05 34.58
C ARG E 22 37.61 3.64 35.85
N ALA E 23 38.36 3.57 36.96
CA ALA E 23 37.88 4.15 38.21
C ALA E 23 37.89 5.68 38.17
N ASP E 24 38.82 6.28 37.42
CA ASP E 24 38.84 7.73 37.28
C ASP E 24 37.58 8.23 36.57
N LYS E 25 37.07 7.45 35.62
CA LYS E 25 35.79 7.74 35.00
C LYS E 25 34.68 7.13 35.86
N ALA E 26 33.44 7.18 35.38
CA ALA E 26 32.29 6.69 36.14
C ALA E 26 32.09 5.20 35.89
N ASN E 27 33.14 4.44 36.19
CA ASN E 27 33.17 2.98 35.96
C ASN E 27 32.87 2.67 34.49
N VAL E 28 33.44 3.47 33.60
CA VAL E 28 33.26 3.30 32.16
C VAL E 28 34.40 2.42 31.64
N VAL E 29 34.10 1.54 30.69
CA VAL E 29 35.08 0.58 30.19
C VAL E 29 35.95 1.24 29.13
N SER E 30 37.24 0.88 29.14
CA SER E 30 38.20 1.28 28.11
C SER E 30 39.01 0.06 27.71
N CYS E 31 39.15 -0.16 26.40
CA CYS E 31 39.75 -1.39 25.88
C CYS E 31 40.90 -1.05 24.92
N PHE E 32 41.78 -2.03 24.72
CA PHE E 32 42.83 -1.94 23.73
C PHE E 32 43.31 -3.34 23.37
N GLY E 33 43.73 -3.52 22.13
CA GLY E 33 44.28 -4.77 21.69
C GLY E 33 44.10 -4.95 20.20
N SER E 34 44.30 -6.19 19.74
CA SER E 34 44.18 -6.52 18.33
C SER E 34 42.76 -6.93 17.94
N ASP E 35 41.95 -7.39 18.90
CA ASP E 35 40.54 -7.65 18.63
C ASP E 35 39.84 -6.30 18.57
N VAL E 36 39.95 -5.68 17.40
CA VAL E 36 39.44 -4.32 17.20
C VAL E 36 37.94 -4.24 17.44
N ALA E 37 37.20 -5.32 17.12
CA ALA E 37 35.77 -5.34 17.39
C ALA E 37 35.49 -5.15 18.88
N SER E 38 36.27 -5.81 19.74
CA SER E 38 36.10 -5.69 21.18
C SER E 38 36.67 -4.37 21.72
N VAL E 39 37.37 -3.60 20.90
CA VAL E 39 37.91 -2.32 21.33
C VAL E 39 36.89 -1.22 21.05
N TYR E 40 36.54 -1.04 19.79
CA TYR E 40 35.71 0.09 19.38
C TYR E 40 34.21 -0.18 19.51
N GLY E 41 33.81 -1.44 19.71
CA GLY E 41 32.41 -1.72 20.01
C GLY E 41 31.99 -1.47 21.43
N ALA E 42 32.95 -1.18 22.31
CA ALA E 42 32.65 -0.98 23.72
C ALA E 42 31.70 0.20 23.91
N PRO E 43 30.78 0.13 24.87
CA PRO E 43 29.86 1.23 25.12
C PRO E 43 30.62 2.45 25.63
N PRO E 44 30.41 3.62 25.01
CA PRO E 44 31.29 4.76 25.32
C PRO E 44 31.12 5.33 26.72
N ARG E 45 29.90 5.43 27.24
CA ARG E 45 29.72 6.00 28.57
C ARG E 45 28.63 5.27 29.33
N LEU E 46 28.62 3.94 29.24
CA LEU E 46 27.66 3.13 29.98
C LEU E 46 28.35 2.59 31.23
N PRO E 47 27.95 3.03 32.42
CA PRO E 47 28.59 2.55 33.64
C PRO E 47 28.39 1.05 33.83
N LEU E 48 29.48 0.34 34.06
CA LEU E 48 29.48 -1.10 34.25
C LEU E 48 30.06 -1.44 35.61
N VAL E 49 29.59 -2.56 36.17
CA VAL E 49 30.10 -3.06 37.44
C VAL E 49 31.00 -4.28 37.28
N GLY E 50 31.05 -4.89 36.12
CA GLY E 50 31.88 -6.07 35.92
C GLY E 50 32.04 -6.37 34.44
N LEU E 51 33.08 -7.16 34.14
CA LEU E 51 33.42 -7.52 32.78
C LEU E 51 33.78 -8.99 32.70
N THR E 52 33.48 -9.61 31.55
CA THR E 52 33.90 -10.97 31.25
C THR E 52 34.04 -11.10 29.74
N GLY E 53 34.99 -11.92 29.31
CA GLY E 53 35.33 -12.01 27.91
C GLY E 53 35.38 -13.45 27.41
N GLY E 54 35.20 -13.59 26.11
CA GLY E 54 35.28 -14.87 25.44
C GLY E 54 36.04 -14.83 24.13
N ASP E 55 35.70 -15.72 23.20
CA ASP E 55 36.36 -15.79 21.90
C ASP E 55 35.82 -14.65 21.03
N GLY E 56 36.51 -13.52 21.05
CA GLY E 56 36.18 -12.42 20.16
C GLY E 56 35.04 -11.54 20.63
N PHE E 57 34.69 -11.58 21.91
CA PHE E 57 33.64 -10.73 22.43
C PHE E 57 33.91 -10.43 23.90
N VAL E 58 33.32 -9.33 24.38
CA VAL E 58 33.37 -8.95 25.78
C VAL E 58 31.98 -8.51 26.20
N CYS E 59 31.54 -8.97 27.38
CA CYS E 59 30.24 -8.63 27.93
C CYS E 59 30.43 -7.92 29.27
N GLY E 60 29.67 -6.84 29.47
CA GLY E 60 29.70 -6.11 30.72
C GLY E 60 28.34 -6.14 31.40
N LEU E 61 28.37 -6.10 32.74
CA LEU E 61 27.15 -6.01 33.54
C LEU E 61 26.88 -4.54 33.81
N SER E 62 25.76 -4.04 33.28
CA SER E 62 25.44 -2.63 33.43
C SER E 62 25.21 -2.28 34.91
N MET E 63 25.45 -1.02 35.23
CA MET E 63 25.22 -0.51 36.58
C MET E 63 23.74 -0.20 36.79
N GLY E 64 23.24 0.84 36.12
CA GLY E 64 21.84 1.19 36.09
C GLY E 64 20.83 0.06 36.08
N SER E 65 20.82 -0.74 35.01
CA SER E 65 19.82 -1.79 34.83
C SER E 65 20.27 -3.14 35.33
N ARG E 66 21.58 -3.35 35.49
CA ARG E 66 22.13 -4.61 36.01
C ARG E 66 21.79 -5.77 35.07
N GLN E 67 21.97 -5.53 33.77
CA GLN E 67 21.72 -6.47 32.69
C GLN E 67 22.96 -6.59 31.82
N PRO E 68 23.11 -7.71 31.12
CA PRO E 68 24.31 -7.90 30.27
C PRO E 68 24.30 -6.98 29.06
N TYR E 69 25.46 -6.40 28.77
CA TYR E 69 25.68 -5.65 27.55
C TYR E 69 26.95 -6.19 26.89
N CYS E 70 26.80 -6.76 25.71
CA CYS E 70 27.90 -7.42 25.02
C CYS E 70 28.29 -6.67 23.75
N TRP E 71 29.59 -6.71 23.44
CA TRP E 71 30.10 -6.16 22.20
C TRP E 71 31.22 -7.06 21.69
N GLY E 72 31.56 -6.91 20.41
CA GLY E 72 32.56 -7.73 19.77
C GLY E 72 32.08 -8.33 18.46
N ASN E 73 32.66 -9.46 18.05
CA ASN E 73 32.32 -10.08 16.78
C ASN E 73 32.24 -11.60 16.91
N ASN E 74 31.49 -12.08 17.90
CA ASN E 74 31.22 -13.50 18.04
C ASN E 74 29.81 -13.77 17.54
N ILE E 75 29.69 -14.72 16.59
CA ILE E 75 28.41 -14.92 15.91
C ILE E 75 27.37 -15.50 16.85
N TYR E 76 27.80 -16.18 17.91
CA TYR E 76 26.89 -16.84 18.85
C TYR E 76 26.45 -15.93 19.98
N VAL E 77 27.07 -14.77 20.15
CA VAL E 77 26.75 -13.83 21.22
C VAL E 77 26.20 -12.56 20.58
N GLU E 78 24.95 -12.23 20.91
CA GLU E 78 24.31 -11.07 20.30
C GLU E 78 24.87 -9.77 20.87
N ALA E 79 25.00 -8.76 20.01
CA ALA E 79 25.46 -7.46 20.46
C ALA E 79 24.36 -6.75 21.23
N GLY E 80 24.77 -5.97 22.23
CA GLY E 80 23.81 -5.24 23.03
C GLY E 80 23.29 -6.04 24.21
N VAL E 81 22.05 -5.76 24.60
CA VAL E 81 21.41 -6.43 25.74
C VAL E 81 20.51 -7.53 25.20
N PRO E 82 20.61 -8.76 25.71
CA PRO E 82 19.74 -9.84 25.25
C PRO E 82 18.31 -9.63 25.73
N ALA E 83 17.41 -10.46 25.22
CA ALA E 83 16.00 -10.37 25.60
C ALA E 83 15.83 -10.87 27.04
N VAL E 84 15.86 -9.95 27.99
CA VAL E 84 15.83 -10.27 29.41
C VAL E 84 14.51 -9.86 30.04
N GLY E 85 14.00 -8.69 29.69
CA GLY E 85 12.74 -8.19 30.25
C GLY E 85 12.99 -7.40 31.53
N ASP E 86 12.47 -7.90 32.65
CA ASP E 86 12.60 -7.24 33.93
C ASP E 86 13.64 -7.87 34.84
N ARG E 87 14.25 -8.98 34.43
CA ARG E 87 15.19 -9.68 35.28
C ARG E 87 16.47 -8.87 35.46
N HIS E 88 17.14 -9.07 36.59
CA HIS E 88 18.42 -8.46 36.88
C HIS E 88 19.37 -9.54 37.35
N TYR E 89 20.68 -9.31 37.16
CA TYR E 89 21.68 -10.35 37.33
C TYR E 89 22.80 -9.89 38.26
N ALA E 90 23.28 -10.82 39.09
CA ALA E 90 24.33 -10.50 40.05
C ALA E 90 25.72 -10.54 39.41
N ALA E 91 25.97 -11.49 38.52
CA ALA E 91 27.29 -11.66 37.94
C ALA E 91 27.18 -12.24 36.54
N LEU E 92 28.27 -12.11 35.78
CA LEU E 92 28.38 -12.65 34.43
C LEU E 92 29.60 -13.55 34.32
N SER E 93 29.57 -14.43 33.32
CA SER E 93 30.71 -15.28 33.01
C SER E 93 30.61 -15.71 31.56
N ALA E 94 31.71 -15.57 30.81
CA ALA E 94 31.73 -15.82 29.38
C ALA E 94 32.68 -16.96 29.07
N GLY E 95 32.19 -17.94 28.30
CA GLY E 95 33.04 -18.97 27.72
C GLY E 95 33.50 -18.57 26.33
N ASP E 96 34.00 -19.58 25.61
CA ASP E 96 34.45 -19.34 24.23
C ASP E 96 33.32 -18.80 23.36
N ASN E 97 32.18 -19.48 23.36
CA ASN E 97 31.07 -19.15 22.48
C ASN E 97 29.76 -19.05 23.24
N HIS E 98 29.81 -18.57 24.47
CA HIS E 98 28.59 -18.43 25.26
C HIS E 98 28.81 -17.49 26.42
N LEU E 99 27.71 -16.89 26.88
CA LEU E 99 27.68 -16.07 28.08
C LEU E 99 26.65 -16.64 29.05
N CYS E 100 26.98 -16.64 30.34
CA CYS E 100 26.04 -17.04 31.39
C CYS E 100 25.87 -15.90 32.37
N ALA E 101 24.64 -15.74 32.86
CA ALA E 101 24.27 -14.63 33.74
C ALA E 101 23.55 -15.18 34.96
N LEU E 102 24.14 -14.97 36.13
CA LEU E 102 23.52 -15.40 37.39
C LEU E 102 22.46 -14.40 37.82
N ARG E 103 21.22 -14.86 37.96
CA ARG E 103 20.14 -13.98 38.37
C ARG E 103 20.37 -13.46 39.78
N GLN E 104 19.94 -12.23 40.02
CA GLN E 104 19.94 -11.70 41.37
C GLN E 104 18.81 -12.34 42.18
N SER E 105 18.93 -12.25 43.51
CA SER E 105 17.94 -12.85 44.39
C SER E 105 16.53 -12.31 44.12
N ALA E 106 16.41 -11.02 43.83
CA ALA E 106 15.09 -10.44 43.56
C ALA E 106 14.45 -11.05 42.32
N SER E 107 15.26 -11.41 41.32
CA SER E 107 14.76 -11.97 40.07
C SER E 107 14.67 -13.49 40.11
N TYR E 108 15.01 -14.12 41.23
CA TYR E 108 14.98 -15.57 41.34
C TYR E 108 13.63 -16.04 41.86
N VAL E 109 13.18 -17.18 41.34
CA VAL E 109 11.96 -17.83 41.81
C VAL E 109 12.34 -19.17 42.42
N ALA E 110 11.63 -19.55 43.49
CA ALA E 110 11.96 -20.76 44.23
C ALA E 110 11.75 -21.99 43.36
N GLY E 111 12.74 -22.88 43.37
CA GLY E 111 12.67 -24.09 42.56
C GLY E 111 12.83 -23.87 41.08
N GLY E 112 13.14 -22.65 40.66
CA GLY E 112 13.30 -22.35 39.25
C GLY E 112 14.75 -22.08 38.90
N PRO E 113 15.01 -21.77 37.63
CA PRO E 113 16.40 -21.61 37.18
C PRO E 113 17.08 -20.40 37.81
N ALA E 114 18.35 -20.56 38.13
CA ALA E 114 19.15 -19.48 38.71
C ALA E 114 20.02 -18.76 37.70
N VAL E 115 20.39 -19.41 36.59
CA VAL E 115 21.30 -18.85 35.60
C VAL E 115 20.61 -18.86 34.24
N ASP E 116 20.76 -17.75 33.51
CA ASP E 116 20.36 -17.67 32.11
C ASP E 116 21.62 -17.57 31.26
N CYS E 117 21.72 -18.41 30.24
CA CYS E 117 22.89 -18.44 29.37
C CYS E 117 22.47 -18.29 27.91
N TRP E 118 23.34 -17.65 27.13
CA TRP E 118 23.16 -17.52 25.69
C TRP E 118 24.45 -17.96 24.99
N GLY E 119 24.30 -18.65 23.87
CA GLY E 119 25.46 -19.08 23.10
C GLY E 119 25.30 -20.42 22.43
N TYR E 120 26.37 -20.88 21.77
CA TYR E 120 26.33 -22.16 21.06
C TYR E 120 26.19 -23.31 22.04
N ASN E 121 25.13 -24.11 21.89
CA ASN E 121 24.89 -25.30 22.69
C ASN E 121 24.72 -24.94 24.17
N MET E 122 24.35 -23.69 24.45
CA MET E 122 24.23 -23.20 25.81
C MET E 122 23.03 -22.29 26.04
N THR E 123 22.18 -22.07 25.05
CA THR E 123 21.10 -21.09 25.16
C THR E 123 19.95 -21.68 25.98
N GLY E 124 19.77 -21.17 27.19
CA GLY E 124 18.69 -21.62 28.04
C GLY E 124 18.96 -21.24 29.48
N SER E 125 18.08 -21.75 30.36
CA SER E 125 18.19 -21.58 31.80
C SER E 125 18.39 -22.96 32.42
N PHE E 126 19.25 -23.08 33.43
CA PHE E 126 19.69 -24.41 33.87
C PHE E 126 19.45 -24.69 35.35
N ILE E 127 20.16 -24.04 36.27
CA ILE E 127 20.29 -24.59 37.61
C ILE E 127 19.07 -24.21 38.44
N ASN E 128 18.31 -25.22 38.87
CA ASN E 128 17.10 -25.00 39.66
C ASN E 128 17.40 -24.93 41.16
N ALA E 129 18.37 -24.09 41.53
CA ALA E 129 18.77 -23.88 42.92
C ALA E 129 19.65 -22.63 42.99
N PRO E 130 19.57 -21.86 44.07
CA PRO E 130 20.31 -20.59 44.12
C PRO E 130 21.82 -20.82 44.15
N LEU E 131 22.53 -19.99 43.38
CA LEU E 131 23.98 -20.02 43.31
C LEU E 131 24.56 -18.72 43.84
N LEU E 132 25.81 -18.79 44.31
CA LEU E 132 26.51 -17.61 44.80
C LEU E 132 27.37 -16.95 43.72
N SER E 133 28.17 -17.75 43.02
CA SER E 133 29.05 -17.24 41.97
C SER E 133 28.99 -18.19 40.78
N ILE E 134 29.41 -17.69 39.62
CA ILE E 134 29.49 -18.50 38.41
C ILE E 134 30.81 -18.24 37.70
N THR E 135 31.31 -19.27 37.01
CA THR E 135 32.51 -19.18 36.19
C THR E 135 32.29 -20.03 34.95
N SER E 136 32.99 -19.66 33.87
CA SER E 136 32.75 -20.26 32.57
C SER E 136 34.04 -20.85 32.00
N GLY E 137 33.97 -22.11 31.56
CA GLY E 137 35.01 -22.72 30.77
C GLY E 137 34.79 -22.49 29.29
N SER E 138 35.59 -23.19 28.48
CA SER E 138 35.48 -23.07 27.03
C SER E 138 34.08 -23.43 26.55
N PHE E 139 33.58 -24.60 26.95
CA PHE E 139 32.30 -25.09 26.48
C PHE E 139 31.40 -25.52 27.63
N PHE E 140 31.61 -24.94 28.82
CA PHE E 140 30.80 -25.25 29.99
C PHE E 140 30.83 -24.07 30.94
N SER E 141 29.90 -24.08 31.89
CA SER E 141 29.88 -23.11 32.99
C SER E 141 29.64 -23.84 34.30
N CYS E 142 30.19 -23.28 35.38
CA CYS E 142 30.07 -23.86 36.70
C CYS E 142 29.62 -22.80 37.70
N GLY E 143 29.17 -23.27 38.85
CA GLY E 143 28.74 -22.37 39.92
C GLY E 143 28.75 -23.05 41.26
N LEU E 144 28.70 -22.24 42.31
CA LEU E 144 28.70 -22.71 43.69
C LEU E 144 27.32 -22.49 44.30
N PHE E 145 26.75 -23.53 44.88
CA PHE E 145 25.46 -23.43 45.53
C PHE E 145 25.51 -22.47 46.72
N ALA E 146 24.38 -21.79 46.96
CA ALA E 146 24.27 -20.94 48.13
C ALA E 146 24.04 -21.74 49.40
N ALA E 147 23.45 -22.93 49.29
CA ALA E 147 23.13 -23.73 50.46
C ALA E 147 24.37 -24.42 51.04
N ASN E 148 25.05 -25.23 50.24
CA ASN E 148 26.15 -26.05 50.73
C ASN E 148 27.52 -25.68 50.17
N PHE E 149 27.61 -24.61 49.37
CA PHE E 149 28.86 -24.11 48.80
C PHE E 149 29.58 -25.12 47.91
N THR E 150 28.90 -26.20 47.48
CA THR E 150 29.51 -27.21 46.63
C THR E 150 29.38 -26.84 45.16
N PRO E 151 30.30 -27.29 44.30
CA PRO E 151 30.26 -26.88 42.90
C PRO E 151 29.34 -27.73 42.03
N VAL E 152 28.83 -27.10 40.98
CA VAL E 152 28.04 -27.76 39.95
C VAL E 152 28.41 -27.16 38.61
N CYS E 153 28.43 -27.99 37.57
CA CYS E 153 28.76 -27.55 36.22
C CYS E 153 27.71 -28.04 35.24
N TRP E 154 27.59 -27.31 34.13
CA TRP E 154 26.62 -27.65 33.11
C TRP E 154 27.17 -27.27 31.74
N GLY E 155 26.66 -27.92 30.71
CA GLY E 155 27.11 -27.67 29.35
C GLY E 155 27.80 -28.85 28.71
N ASP E 156 28.72 -28.59 27.78
CA ASP E 156 29.43 -29.64 27.08
C ASP E 156 30.59 -30.13 27.94
N GLU E 157 30.55 -31.41 28.31
CA GLU E 157 31.56 -32.04 29.15
C GLU E 157 32.68 -32.70 28.35
N THR E 158 32.49 -32.86 27.05
CA THR E 158 33.42 -33.61 26.20
C THR E 158 34.86 -33.14 26.36
N GLY E 159 35.75 -34.09 26.65
CA GLY E 159 37.17 -33.81 26.76
C GLY E 159 37.62 -33.29 28.10
N SER E 160 36.70 -32.92 28.99
CA SER E 160 37.03 -32.33 30.27
C SER E 160 36.59 -33.18 31.45
N GLY E 161 35.32 -33.63 31.45
CA GLY E 161 34.81 -34.39 32.58
C GLY E 161 34.44 -33.53 33.78
N VAL E 162 34.31 -32.22 33.60
CA VAL E 162 34.15 -31.33 34.75
C VAL E 162 32.77 -31.44 35.40
N ILE E 163 31.78 -31.98 34.68
CA ILE E 163 30.44 -32.09 35.25
C ILE E 163 30.35 -33.29 36.18
N SER E 164 30.70 -34.48 35.68
CA SER E 164 30.55 -35.69 36.46
C SER E 164 31.64 -35.85 37.52
N THR E 165 32.85 -35.38 37.23
CA THR E 165 33.96 -35.46 38.18
C THR E 165 33.99 -34.29 39.15
N ALA E 166 32.96 -33.44 39.13
CA ALA E 166 32.89 -32.33 40.06
C ALA E 166 32.90 -32.84 41.49
N PRO E 167 33.76 -32.29 42.37
CA PRO E 167 33.81 -32.77 43.75
C PRO E 167 32.61 -32.35 44.57
N LYS E 168 31.48 -33.01 44.35
CA LYS E 168 30.25 -32.70 45.08
C LYS E 168 30.42 -33.17 46.53
N GLY E 169 30.65 -32.21 47.42
CA GLY E 169 30.94 -32.52 48.81
C GLY E 169 32.00 -31.61 49.39
N LEU E 170 32.94 -31.18 48.55
CA LEU E 170 33.90 -30.17 48.95
C LEU E 170 33.29 -28.78 48.83
N GLU E 171 33.58 -27.92 49.80
CA GLU E 171 33.03 -26.58 49.90
C GLU E 171 34.10 -25.56 49.50
N PHE E 172 33.75 -24.65 48.60
CA PHE E 172 34.69 -23.71 48.01
C PHE E 172 34.34 -22.27 48.35
N ASN E 173 35.37 -21.43 48.46
CA ASN E 173 35.22 -19.98 48.54
C ASN E 173 34.88 -19.41 47.16
N SER E 174 35.66 -19.77 46.15
CA SER E 174 35.44 -19.33 44.79
C SER E 174 36.02 -20.38 43.85
N ILE E 175 35.54 -20.36 42.60
CA ILE E 175 36.03 -21.29 41.59
C ILE E 175 36.24 -20.52 40.29
N THR E 176 37.27 -20.91 39.55
CA THR E 176 37.52 -20.38 38.22
C THR E 176 37.67 -21.54 37.26
N ALA E 177 37.14 -21.36 36.05
CA ALA E 177 37.13 -22.40 35.03
C ALA E 177 38.13 -22.07 33.94
N GLY E 178 38.93 -23.06 33.56
CA GLY E 178 39.81 -22.95 32.41
C GLY E 178 39.14 -23.51 31.18
N GLY E 179 39.96 -23.83 30.17
CA GLY E 179 39.40 -24.35 28.94
C GLY E 179 38.82 -25.75 29.09
N TYR E 180 39.43 -26.59 29.95
CA TYR E 180 38.93 -27.95 30.17
C TYR E 180 39.14 -28.39 31.61
N HIS E 181 39.18 -27.45 32.55
CA HIS E 181 39.41 -27.77 33.96
C HIS E 181 38.89 -26.64 34.82
N VAL E 182 38.70 -26.93 36.10
CA VAL E 182 38.21 -25.95 37.07
C VAL E 182 39.09 -26.02 38.32
N CYS E 183 39.52 -24.87 38.81
CA CYS E 183 40.26 -24.76 40.05
C CYS E 183 39.50 -23.86 41.02
N GLY E 184 39.63 -24.15 42.30
CA GLY E 184 38.91 -23.40 43.31
C GLY E 184 39.67 -23.34 44.62
N ILE E 185 39.31 -22.35 45.44
CA ILE E 185 39.88 -22.15 46.76
C ILE E 185 38.90 -22.69 47.79
N LEU E 186 39.32 -23.67 48.59
CA LEU E 186 38.44 -24.25 49.58
C LEU E 186 38.15 -23.22 50.67
N GLN E 187 36.92 -23.21 51.18
CA GLN E 187 36.64 -22.32 52.31
C GLN E 187 37.37 -22.77 53.58
N ASN E 188 37.59 -24.06 53.74
CA ASN E 188 38.31 -24.61 54.89
C ASN E 188 39.80 -24.58 54.57
N GLY E 189 40.52 -23.62 55.14
CA GLY E 189 41.96 -23.56 54.98
C GLY E 189 42.47 -22.78 53.78
N GLN E 190 41.60 -22.47 52.80
CA GLN E 190 41.97 -21.72 51.60
C GLN E 190 43.01 -22.47 50.74
N ARG E 191 42.97 -23.80 50.77
CA ARG E 191 43.78 -24.59 49.86
C ARG E 191 43.16 -24.57 48.47
N THR E 192 44.00 -24.80 47.45
CA THR E 192 43.57 -24.84 46.06
C THR E 192 43.37 -26.29 45.62
N PHE E 193 42.17 -26.59 45.10
CA PHE E 193 41.85 -27.91 44.55
C PHE E 193 41.33 -27.74 43.13
N CYS E 194 41.77 -28.62 42.24
CA CYS E 194 41.36 -28.57 40.84
C CYS E 194 40.83 -29.92 40.41
N TRP E 195 40.01 -29.91 39.35
CA TRP E 195 39.51 -31.15 38.77
C TRP E 195 39.28 -30.94 37.28
N GLY E 196 39.10 -32.06 36.58
CA GLY E 196 38.94 -32.04 35.12
C GLY E 196 40.07 -32.74 34.41
N ARG E 197 39.73 -33.61 33.45
CA ARG E 197 40.72 -34.39 32.71
C ARG E 197 41.43 -33.47 31.72
N SER E 198 42.46 -32.79 32.22
CA SER E 198 43.21 -31.83 31.41
C SER E 198 44.69 -31.94 31.73
N LEU E 199 45.51 -31.55 30.76
CA LEU E 199 46.97 -31.51 30.97
C LEU E 199 47.39 -30.33 31.83
N ALA E 200 46.49 -29.41 32.14
CA ALA E 200 46.78 -28.37 33.12
C ALA E 200 47.01 -28.94 34.51
N LEU E 201 46.47 -30.13 34.79
CA LEU E 201 46.60 -30.76 36.10
C LEU E 201 47.56 -31.95 36.09
N GLN E 202 48.47 -32.02 35.11
CA GLN E 202 49.43 -33.12 35.08
C GLN E 202 50.40 -33.02 36.25
N ASP E 203 50.90 -31.82 36.54
CA ASP E 203 51.84 -31.64 37.63
C ASP E 203 51.13 -31.51 38.97
N GLY E 204 49.97 -30.86 38.98
CA GLY E 204 49.18 -30.69 40.18
C GLY E 204 49.30 -29.29 40.76
N VAL E 205 48.63 -29.12 41.88
CA VAL E 205 48.59 -27.82 42.57
C VAL E 205 49.95 -27.53 43.19
N PRO E 206 50.47 -26.30 43.10
CA PRO E 206 51.74 -25.98 43.76
C PRO E 206 51.72 -26.33 45.24
N LYS E 207 52.90 -26.73 45.73
CA LYS E 207 53.05 -27.47 46.98
C LYS E 207 52.30 -26.83 48.15
N GLY E 208 52.66 -25.59 48.49
CA GLY E 208 52.10 -24.98 49.68
C GLY E 208 51.58 -23.58 49.48
N ALA E 209 50.94 -23.31 48.34
CA ALA E 209 50.55 -21.97 47.97
C ALA E 209 49.09 -21.72 48.35
N ILE E 210 48.86 -20.67 49.14
CA ILE E 210 47.53 -20.19 49.48
C ILE E 210 47.25 -18.94 48.66
N PHE E 211 46.16 -18.96 47.90
CA PHE E 211 45.82 -17.86 47.01
C PHE E 211 44.58 -17.12 47.48
N THR E 212 44.43 -15.90 46.99
CA THR E 212 43.21 -15.11 47.18
C THR E 212 42.24 -15.26 46.01
N SER E 213 42.76 -15.21 44.78
CA SER E 213 41.95 -15.35 43.58
C SER E 213 42.70 -16.22 42.57
N LEU E 214 41.94 -16.80 41.64
CA LEU E 214 42.50 -17.68 40.63
C LEU E 214 41.96 -17.31 39.25
N VAL E 215 42.78 -17.55 38.23
CA VAL E 215 42.40 -17.46 36.83
C VAL E 215 43.02 -18.63 36.09
N ALA E 216 42.42 -18.98 34.95
CA ALA E 216 42.88 -20.14 34.21
C ALA E 216 42.64 -19.96 32.72
N GLY E 217 43.65 -20.32 31.93
CA GLY E 217 43.52 -20.39 30.48
C GLY E 217 43.06 -21.75 30.01
N LYS E 218 43.38 -22.05 28.75
CA LYS E 218 43.01 -23.35 28.19
C LYS E 218 43.69 -24.49 28.93
N PHE E 219 45.01 -24.39 29.11
CA PHE E 219 45.78 -25.44 29.77
C PHE E 219 46.77 -24.84 30.77
N SER E 220 46.31 -23.86 31.54
CA SER E 220 47.17 -23.21 32.52
C SER E 220 46.29 -22.60 33.63
N THR E 221 46.92 -22.34 34.77
CA THR E 221 46.23 -21.73 35.91
C THR E 221 47.20 -20.81 36.64
N CYS E 222 46.71 -19.64 37.05
CA CYS E 222 47.50 -18.67 37.80
C CYS E 222 46.77 -18.28 39.07
N GLY E 223 47.55 -17.90 40.09
CA GLY E 223 46.97 -17.48 41.35
C GLY E 223 47.80 -16.39 42.01
N LEU E 224 47.14 -15.56 42.81
CA LEU E 224 47.78 -14.49 43.56
C LEU E 224 47.92 -14.90 45.02
N HIS E 225 49.15 -14.92 45.52
CA HIS E 225 49.41 -15.31 46.90
C HIS E 225 48.67 -14.42 47.89
N LYS E 226 48.33 -15.00 49.04
CA LYS E 226 47.57 -14.27 50.05
C LYS E 226 48.35 -13.10 50.61
N ASP E 227 49.64 -13.28 50.87
CA ASP E 227 50.45 -12.25 51.50
C ASP E 227 51.12 -11.32 50.48
N THR E 228 51.91 -11.89 49.57
CA THR E 228 52.72 -11.08 48.66
C THR E 228 51.91 -10.51 47.50
N HIS E 229 50.76 -11.09 47.17
CA HIS E 229 49.95 -10.68 46.02
C HIS E 229 50.73 -10.80 44.71
N LEU E 230 51.63 -11.82 44.63
CA LEU E 230 52.47 -12.11 43.47
C LEU E 230 51.89 -13.29 42.68
N PRO E 231 52.05 -13.28 41.35
CA PRO E 231 51.45 -14.33 40.53
C PRO E 231 52.28 -15.62 40.55
N LEU E 232 51.58 -16.75 40.58
CA LEU E 232 52.18 -18.08 40.50
C LEU E 232 51.39 -18.88 39.48
N CYS E 233 51.98 -19.16 38.32
CA CYS E 233 51.31 -19.82 37.22
C CYS E 233 51.90 -21.21 37.00
N TRP E 234 51.02 -22.16 36.67
CA TRP E 234 51.45 -23.52 36.35
C TRP E 234 50.52 -24.09 35.29
N GLY E 235 50.98 -25.14 34.62
CA GLY E 235 50.16 -25.83 33.65
C GLY E 235 50.99 -26.31 32.48
N PHE E 236 50.29 -26.72 31.42
CA PHE E 236 50.91 -27.31 30.24
C PHE E 236 51.58 -26.24 29.38
N THR E 237 52.72 -26.62 28.78
CA THR E 237 53.49 -25.79 27.83
C THR E 237 53.67 -24.35 28.31
N LEU E 238 53.77 -24.16 29.62
CA LEU E 238 53.95 -22.83 30.19
C LEU E 238 55.43 -22.45 30.21
N MET E 244 56.29 -15.58 33.40
CA MET E 244 55.55 -14.74 34.31
C MET E 244 56.48 -13.79 35.07
N PRO E 245 56.03 -12.55 35.30
CA PRO E 245 56.85 -11.58 36.04
C PRO E 245 56.82 -11.87 37.53
N THR E 246 57.99 -12.04 38.13
CA THR E 246 58.10 -12.30 39.56
C THR E 246 58.10 -11.03 40.41
N ASN E 247 58.25 -9.87 39.78
CA ASN E 247 58.46 -8.63 40.52
C ASN E 247 57.17 -7.92 40.91
N VAL E 248 56.28 -7.70 39.94
CA VAL E 248 55.13 -6.83 40.12
C VAL E 248 53.99 -7.53 40.84
N PRO E 249 53.51 -7.00 41.97
CA PRO E 249 52.29 -7.53 42.58
C PRO E 249 51.04 -6.97 41.91
N PHE E 250 49.99 -7.78 41.92
CA PHE E 250 48.76 -7.45 41.22
C PHE E 250 47.58 -7.52 42.17
N SER E 251 46.59 -6.66 41.92
CA SER E 251 45.34 -6.70 42.67
C SER E 251 44.37 -7.73 42.11
N ALA E 252 44.38 -7.94 40.80
CA ALA E 252 43.52 -8.93 40.17
C ALA E 252 44.19 -9.43 38.90
N LEU E 253 43.77 -10.62 38.47
CA LEU E 253 44.27 -11.23 37.25
C LEU E 253 43.10 -11.55 36.31
N VAL E 254 43.44 -11.77 35.05
CA VAL E 254 42.48 -12.25 34.04
C VAL E 254 43.26 -13.06 33.01
N ALA E 255 42.68 -14.16 32.56
CA ALA E 255 43.35 -15.11 31.68
C ALA E 255 42.59 -15.24 30.37
N GLY E 256 43.32 -15.12 29.26
CA GLY E 256 42.84 -15.50 27.96
C GLY E 256 43.06 -16.98 27.71
N ASP E 257 43.04 -17.35 26.42
CA ASP E 257 43.30 -18.74 26.07
C ASP E 257 44.76 -19.12 26.29
N TYR E 258 45.69 -18.25 25.86
CA TYR E 258 47.11 -18.52 26.00
C TYR E 258 47.88 -17.29 26.46
N PHE E 259 47.24 -16.42 27.24
CA PHE E 259 47.90 -15.26 27.83
C PHE E 259 47.15 -14.86 29.10
N VAL E 260 47.86 -14.19 30.00
CA VAL E 260 47.32 -13.77 31.28
C VAL E 260 47.69 -12.31 31.50
N CYS E 261 46.71 -11.51 31.94
CA CYS E 261 46.91 -10.10 32.24
C CYS E 261 46.59 -9.82 33.71
N GLY E 262 47.25 -8.80 34.26
CA GLY E 262 47.05 -8.44 35.65
C GLY E 262 46.98 -6.95 35.91
N LEU E 263 45.98 -6.50 36.66
CA LEU E 263 45.87 -5.12 37.10
C LEU E 263 46.77 -4.91 38.33
N PRO E 264 47.82 -4.11 38.22
CA PRO E 264 48.77 -3.99 39.33
C PRO E 264 48.13 -3.41 40.59
N LEU E 265 48.64 -3.84 41.74
CA LEU E 265 48.18 -3.29 43.01
C LEU E 265 48.56 -1.81 43.15
N THR E 266 49.70 -1.43 42.61
CA THR E 266 50.10 -0.03 42.58
C THR E 266 49.40 0.68 41.42
N PRO E 267 48.58 1.70 41.67
CA PRO E 267 47.82 2.32 40.58
C PRO E 267 48.69 3.06 39.57
N SER E 268 49.96 3.36 39.91
CA SER E 268 50.83 4.03 38.95
C SER E 268 51.29 3.08 37.86
N LEU E 269 51.56 1.83 38.21
CA LEU E 269 52.08 0.87 37.24
C LEU E 269 51.00 0.50 36.23
N PRO E 270 51.34 0.37 34.95
CA PRO E 270 50.35 0.01 33.93
C PRO E 270 50.11 -1.49 33.90
N GLN E 271 49.04 -1.88 33.22
CA GLN E 271 48.67 -3.29 33.15
C GLN E 271 49.73 -4.07 32.39
N GLN E 272 50.01 -5.28 32.88
CA GLN E 272 51.00 -6.16 32.29
C GLN E 272 50.35 -7.46 31.82
N CYS E 273 50.80 -7.96 30.67
CA CYS E 273 50.33 -9.23 30.13
C CYS E 273 51.52 -10.06 29.66
N TRP E 274 51.38 -11.38 29.78
CA TRP E 274 52.42 -12.31 29.38
C TRP E 274 51.79 -13.57 28.79
N GLY E 275 52.53 -14.21 27.89
CA GLY E 275 52.05 -15.45 27.29
C GLY E 275 52.11 -16.62 28.25
N SER E 276 51.09 -17.48 28.17
CA SER E 276 50.98 -18.62 29.07
C SER E 276 50.98 -19.95 28.31
N GLY E 277 51.42 -19.95 27.07
CA GLY E 277 51.56 -21.18 26.31
C GLY E 277 51.18 -20.97 24.86
N TYR E 278 50.93 -22.09 24.18
CA TYR E 278 50.57 -22.11 22.76
C TYR E 278 50.00 -23.48 22.40
N PRO E 279 49.11 -23.56 21.40
CA PRO E 279 48.52 -24.85 21.06
C PRO E 279 49.47 -25.75 20.29
N VAL E 280 49.38 -27.05 20.56
CA VAL E 280 50.15 -28.06 19.84
C VAL E 280 49.22 -29.21 19.48
N THR E 281 49.50 -29.85 18.36
CA THR E 281 48.76 -31.05 17.98
C THR E 281 49.16 -32.22 18.88
N LEU E 282 48.17 -32.84 19.50
CA LEU E 282 48.37 -33.97 20.38
C LEU E 282 47.63 -35.19 19.85
N PRO E 283 48.05 -36.40 20.23
CA PRO E 283 47.38 -37.60 19.73
C PRO E 283 46.02 -37.80 20.39
N THR E 284 45.03 -38.13 19.56
CA THR E 284 43.70 -38.46 20.05
C THR E 284 43.40 -39.92 19.73
N GLY E 285 42.13 -40.31 19.91
CA GLY E 285 41.71 -41.62 19.45
C GLY E 285 41.57 -41.68 17.94
N ILE E 286 41.09 -40.60 17.34
CA ILE E 286 40.89 -40.56 15.89
C ILE E 286 42.21 -40.33 15.17
N ALA E 287 43.11 -39.53 15.77
CA ALA E 287 44.44 -39.26 15.22
C ALA E 287 45.47 -39.79 16.20
N PRO E 288 45.69 -41.11 16.23
CA PRO E 288 46.56 -41.68 17.28
C PRO E 288 48.04 -41.37 17.10
N GLY E 289 48.52 -41.22 15.87
CA GLY E 289 49.95 -41.02 15.72
C GLY E 289 50.69 -42.32 15.52
N MET E 290 51.85 -42.23 14.86
CA MET E 290 52.57 -43.39 14.36
C MET E 290 53.57 -43.86 15.41
N CYS E 291 53.40 -45.09 15.88
CA CYS E 291 54.40 -45.72 16.74
C CYS E 291 55.50 -46.31 15.87
N SER E 292 56.73 -45.86 16.07
CA SER E 292 57.85 -46.28 15.25
C SER E 292 59.07 -46.52 16.13
N SER E 293 59.88 -47.51 15.73
CA SER E 293 61.15 -47.77 16.39
C SER E 293 62.25 -46.82 15.92
N LEU E 294 62.11 -46.28 14.71
CA LEU E 294 63.05 -45.36 14.09
C LEU E 294 62.71 -43.92 14.45
N PRO E 295 63.65 -42.99 14.25
CA PRO E 295 63.33 -41.57 14.44
C PRO E 295 62.20 -41.13 13.51
N CYS E 296 61.42 -40.17 13.99
CA CYS E 296 60.22 -39.75 13.26
C CYS E 296 60.59 -39.06 11.95
N MET E 297 59.83 -39.35 10.90
CA MET E 297 60.08 -38.80 9.59
C MET E 297 59.82 -37.29 9.56
N SER E 298 60.25 -36.66 8.48
CA SER E 298 60.06 -35.22 8.31
C SER E 298 58.57 -34.88 8.33
N GLY E 299 58.23 -33.81 9.05
CA GLY E 299 56.86 -33.40 9.23
C GLY E 299 56.17 -33.95 10.46
N THR E 300 56.89 -34.73 11.27
CA THR E 300 56.35 -35.28 12.52
C THR E 300 57.41 -35.16 13.60
N TYR E 301 56.97 -35.17 14.85
CA TYR E 301 57.87 -35.06 15.99
C TYR E 301 57.60 -36.15 17.00
N SER E 302 58.66 -36.58 17.68
CA SER E 302 58.57 -37.61 18.71
C SER E 302 58.03 -36.99 19.99
N LEU E 303 56.82 -37.39 20.38
CA LEU E 303 56.19 -36.87 21.58
C LEU E 303 57.02 -37.22 22.82
N SER E 304 57.24 -36.23 23.68
CA SER E 304 58.09 -36.43 24.85
C SER E 304 57.48 -37.47 25.79
N ALA E 305 58.35 -38.18 26.50
CA ALA E 305 57.91 -39.27 27.38
C ALA E 305 56.99 -38.78 28.48
N GLU E 306 57.20 -37.56 28.97
CA GLU E 306 56.38 -37.05 30.08
C GLU E 306 54.91 -36.93 29.68
N VAL E 307 54.65 -36.28 28.54
CA VAL E 307 53.27 -36.10 28.11
C VAL E 307 52.66 -37.41 27.62
N VAL E 308 53.49 -38.32 27.10
CA VAL E 308 53.00 -39.63 26.71
C VAL E 308 52.40 -40.36 27.92
N LYS E 309 53.12 -40.33 29.04
CA LYS E 309 52.61 -40.97 30.25
C LYS E 309 51.33 -40.31 30.74
N ALA E 310 51.21 -38.99 30.56
CA ALA E 310 50.02 -38.28 31.03
C ALA E 310 48.80 -38.65 30.20
N LEU E 311 48.96 -38.76 28.88
CA LEU E 311 47.86 -39.07 27.97
C LEU E 311 47.54 -40.55 27.91
N ALA E 312 48.28 -41.38 28.64
CA ALA E 312 48.13 -42.83 28.62
C ALA E 312 47.12 -43.30 29.66
N ALA E 313 46.21 -44.18 29.24
CA ALA E 313 45.15 -44.62 30.11
C ALA E 313 45.70 -45.41 31.30
N SER E 314 44.90 -45.46 32.37
CA SER E 314 45.20 -46.23 33.57
C SER E 314 45.71 -47.63 33.24
N GLY E 315 46.95 -47.91 33.62
CA GLY E 315 47.52 -49.23 33.45
C GLY E 315 47.71 -49.65 32.01
N ALA E 316 48.12 -48.71 31.16
CA ALA E 316 48.34 -49.00 29.75
C ALA E 316 49.41 -48.07 29.21
N THR E 317 50.21 -48.59 28.28
CA THR E 317 51.21 -47.80 27.58
C THR E 317 50.63 -47.35 26.24
N LEU E 318 51.06 -46.17 25.78
CA LEU E 318 50.47 -45.56 24.61
C LEU E 318 50.82 -46.34 23.35
N CYS E 319 52.13 -46.59 23.13
CA CYS E 319 52.54 -47.51 22.07
C CYS E 319 52.72 -48.92 22.64
N PRO E 320 52.44 -49.96 21.85
CA PRO E 320 52.60 -51.32 22.36
C PRO E 320 53.95 -51.61 23.00
N ASN E 321 55.04 -51.32 22.31
CA ASN E 321 56.37 -51.40 22.90
C ASN E 321 56.75 -50.04 23.46
N PRO E 322 56.95 -49.90 24.77
CA PRO E 322 57.19 -48.58 25.35
C PRO E 322 58.40 -47.83 24.79
N THR E 323 59.39 -48.54 24.23
CA THR E 323 60.58 -47.87 23.74
C THR E 323 60.33 -47.07 22.45
N ASP E 324 59.33 -47.44 21.66
CA ASP E 324 59.09 -46.77 20.39
C ASP E 324 58.72 -45.31 20.58
N ASN E 325 59.09 -44.50 19.58
CA ASN E 325 58.66 -43.11 19.51
C ASN E 325 57.23 -43.03 19.01
N LEU E 326 56.46 -42.09 19.58
CA LEU E 326 55.13 -41.77 19.08
C LEU E 326 55.22 -40.50 18.24
N CYS E 327 55.05 -40.65 16.93
CA CYS E 327 55.22 -39.54 15.99
C CYS E 327 53.88 -38.89 15.70
N ILE E 328 53.79 -37.59 15.98
CA ILE E 328 52.58 -36.80 15.75
C ILE E 328 52.87 -35.77 14.67
N ASN E 329 51.87 -35.52 13.81
CA ASN E 329 51.98 -34.48 12.80
C ASN E 329 52.35 -33.13 13.42
N CYS E 330 53.32 -32.46 12.80
CA CYS E 330 53.66 -31.10 13.19
C CYS E 330 52.49 -30.16 12.94
N SER E 331 52.30 -29.22 13.85
CA SER E 331 51.24 -28.22 13.68
C SER E 331 51.57 -27.31 12.50
N LYS E 332 50.56 -26.99 11.70
CA LYS E 332 50.70 -26.13 10.53
C LYS E 332 50.17 -24.75 10.90
N GLY E 333 51.07 -23.85 11.26
CA GLY E 333 50.71 -22.48 11.57
C GLY E 333 50.41 -22.26 13.05
N CYS E 334 50.24 -20.99 13.39
CA CYS E 334 49.97 -20.53 14.74
C CYS E 334 48.64 -19.78 14.76
N PRO E 335 48.00 -19.66 15.91
CA PRO E 335 46.73 -18.92 15.98
C PRO E 335 46.96 -17.42 15.81
N SER E 336 45.86 -16.72 15.57
CA SER E 336 45.90 -15.29 15.27
C SER E 336 46.60 -14.51 16.38
N GLY E 337 47.51 -13.62 15.98
CA GLY E 337 48.29 -12.85 16.91
C GLY E 337 49.64 -13.46 17.25
N MET E 338 49.86 -14.72 16.90
CA MET E 338 51.09 -15.43 17.18
C MET E 338 51.77 -15.81 15.88
N ILE E 339 53.10 -15.96 15.93
CA ILE E 339 53.88 -16.43 14.79
C ILE E 339 54.83 -17.53 15.27
N GLU E 340 55.28 -18.33 14.31
CA GLU E 340 56.15 -19.46 14.62
C GLU E 340 57.52 -18.95 15.07
N SER E 341 57.87 -19.21 16.33
CA SER E 341 59.16 -18.80 16.87
C SER E 341 60.24 -19.85 16.66
N VAL E 342 59.88 -21.13 16.77
CA VAL E 342 60.81 -22.24 16.57
C VAL E 342 60.17 -23.23 15.61
N GLU E 343 60.98 -23.84 14.75
CA GLU E 343 60.48 -24.81 13.80
C GLU E 343 60.18 -26.14 14.49
N CYS E 344 59.37 -26.96 13.83
CA CYS E 344 59.05 -28.28 14.34
C CYS E 344 60.28 -29.17 14.23
N THR E 345 60.83 -29.56 15.37
CA THR E 345 61.98 -30.45 15.39
C THR E 345 61.51 -31.90 15.45
N SER E 346 62.46 -32.82 15.49
CA SER E 346 62.15 -34.24 15.67
C SER E 346 61.84 -34.59 17.12
N THR E 347 61.98 -33.62 18.03
CA THR E 347 61.74 -33.84 19.45
C THR E 347 60.60 -33.02 20.02
N ALA E 348 60.16 -31.97 19.32
CA ALA E 348 59.11 -31.10 19.85
C ALA E 348 58.32 -30.49 18.70
N ASP E 349 57.08 -30.10 19.00
CA ASP E 349 56.25 -29.42 18.03
C ASP E 349 56.72 -27.98 17.84
N ARG E 350 56.28 -27.35 16.76
CA ARG E 350 56.60 -25.96 16.51
C ARG E 350 56.11 -25.08 17.65
N GLN E 351 56.90 -24.07 18.01
CA GLN E 351 56.58 -23.16 19.08
C GLN E 351 56.06 -21.85 18.53
N CYS E 352 55.04 -21.31 19.17
CA CYS E 352 54.43 -20.04 18.78
C CYS E 352 54.64 -19.02 19.89
N SER E 353 54.84 -17.77 19.49
CA SER E 353 54.89 -16.65 20.42
C SER E 353 54.10 -15.49 19.85
N TYR E 354 53.55 -14.67 20.74
CA TYR E 354 52.73 -13.54 20.30
C TYR E 354 53.60 -12.52 19.56
N ASP E 355 53.18 -12.16 18.35
CA ASP E 355 53.93 -11.22 17.54
C ASP E 355 53.77 -9.82 18.11
N CYS E 356 54.69 -9.38 18.99
CA CYS E 356 54.72 -8.06 19.59
C CYS E 356 55.65 -7.18 18.83
N SER E 357 56.01 -7.65 17.64
CA SER E 357 57.03 -7.04 16.80
C SER E 357 56.48 -5.88 16.01
N HIS E 358 55.19 -5.89 15.65
CA HIS E 358 54.50 -4.76 15.01
C HIS E 358 53.73 -3.91 16.03
N CYS E 359 54.45 -3.38 17.03
CA CYS E 359 53.81 -2.59 18.08
C CYS E 359 54.32 -1.16 18.08
N ASN E 360 54.38 -0.54 16.91
CA ASN E 360 54.79 0.85 16.78
C ASN E 360 53.67 1.78 17.21
N HIS E 361 53.85 3.09 16.98
CA HIS E 361 52.85 4.07 17.36
C HIS E 361 51.60 3.91 16.48
N ASN E 362 50.45 3.74 17.12
CA ASN E 362 49.18 3.53 16.42
C ASN E 362 49.21 2.28 15.55
N ALA E 363 49.70 1.19 16.12
CA ALA E 363 49.75 -0.09 15.42
C ALA E 363 48.67 -1.06 15.86
N THR E 364 48.19 -0.94 17.11
CA THR E 364 47.11 -1.77 17.66
C THR E 364 47.47 -3.26 17.57
N CYS E 365 48.50 -3.64 18.31
CA CYS E 365 48.94 -5.03 18.35
C CYS E 365 48.25 -5.76 19.51
N SER E 366 48.56 -7.04 19.65
CA SER E 366 47.89 -7.89 20.64
C SER E 366 48.02 -7.33 22.05
N ALA E 367 47.00 -7.60 22.86
CA ALA E 367 47.01 -7.18 24.26
C ALA E 367 48.04 -7.92 25.09
N ALA E 368 48.53 -9.07 24.61
CA ALA E 368 49.56 -9.83 25.32
C ALA E 368 50.93 -9.18 25.23
N CYS E 369 51.04 -8.04 24.56
CA CYS E 369 52.31 -7.35 24.34
C CYS E 369 52.47 -6.12 25.21
N TYR E 370 51.70 -6.02 26.30
CA TYR E 370 51.61 -4.81 27.10
C TYR E 370 52.53 -4.88 28.33
N ASN E 371 53.67 -4.19 28.25
CA ASN E 371 54.67 -3.94 29.26
C ASN E 371 55.01 -2.45 29.27
N PRO E 372 55.43 -1.91 30.43
CA PRO E 372 55.88 -0.52 30.44
C PRO E 372 57.03 -0.27 29.45
N LEU F 1 8.55 -31.97 -18.99
CA LEU F 1 9.69 -31.56 -19.80
C LEU F 1 10.89 -31.23 -18.93
N GLY F 2 12.08 -31.28 -19.52
CA GLY F 2 13.28 -30.85 -18.85
C GLY F 2 13.87 -31.90 -17.92
N SER F 3 14.62 -31.41 -16.94
CA SER F 3 15.41 -32.24 -16.04
C SER F 3 14.93 -32.05 -14.60
N MET F 4 15.58 -32.77 -13.69
CA MET F 4 15.27 -32.66 -12.26
C MET F 4 15.86 -31.37 -11.70
N ASN F 5 15.13 -30.76 -10.77
CA ASN F 5 15.59 -29.53 -10.13
C ASN F 5 14.77 -29.31 -8.87
N SER F 6 15.08 -28.21 -8.16
CA SER F 6 14.32 -27.86 -6.97
C SER F 6 12.88 -27.47 -7.27
N VAL F 7 12.59 -27.11 -8.52
CA VAL F 7 11.24 -26.73 -8.93
C VAL F 7 10.82 -27.57 -10.12
N ALA F 8 9.50 -27.72 -10.27
CA ALA F 8 8.95 -28.44 -11.41
C ALA F 8 7.56 -27.89 -11.69
N VAL F 9 7.09 -28.10 -12.93
CA VAL F 9 5.77 -27.64 -13.35
C VAL F 9 5.04 -28.78 -14.06
N SER F 10 3.76 -28.92 -13.74
CA SER F 10 2.85 -29.72 -14.56
C SER F 10 2.14 -28.80 -15.55
N TYR F 11 1.73 -29.37 -16.68
CA TYR F 11 1.15 -28.58 -17.76
C TYR F 11 0.10 -29.41 -18.48
N GLY F 12 -0.57 -28.78 -19.44
CA GLY F 12 -1.52 -29.48 -20.30
C GLY F 12 -2.98 -29.23 -19.98
N GLY F 13 -3.82 -30.21 -20.29
CA GLY F 13 -5.26 -30.00 -20.24
C GLY F 13 -5.81 -29.86 -18.84
N ASN F 14 -5.14 -30.46 -17.85
CA ASN F 14 -5.63 -30.40 -16.48
C ASN F 14 -5.24 -29.12 -15.76
N GLY F 15 -4.41 -28.29 -16.37
CA GLY F 15 -4.01 -27.03 -15.78
C GLY F 15 -2.51 -26.90 -15.71
N GLN F 16 -2.05 -25.86 -15.00
CA GLN F 16 -0.63 -25.55 -14.86
C GLN F 16 -0.34 -25.32 -13.38
N THR F 17 0.57 -26.12 -12.83
CA THR F 17 0.90 -26.07 -11.41
C THR F 17 2.40 -26.06 -11.20
N LEU F 18 2.87 -25.17 -10.32
CA LEU F 18 4.28 -25.08 -9.96
C LEU F 18 4.52 -25.73 -8.60
N CYS F 19 5.45 -26.68 -8.55
CA CYS F 19 5.87 -27.32 -7.32
C CYS F 19 7.32 -26.98 -7.01
N SER F 20 7.61 -26.73 -5.74
CA SER F 20 8.95 -26.35 -5.31
C SER F 20 9.27 -27.01 -3.98
N LEU F 21 10.55 -27.30 -3.76
CA LEU F 21 11.01 -27.87 -2.50
C LEU F 21 11.24 -26.76 -1.49
N ARG F 22 10.50 -26.80 -0.38
CA ARG F 22 10.59 -25.79 0.67
C ARG F 22 11.82 -26.08 1.53
N ALA F 23 12.82 -25.20 1.47
CA ALA F 23 14.01 -25.36 2.30
C ALA F 23 13.71 -25.05 3.76
N ASP F 24 12.76 -24.15 4.03
CA ASP F 24 12.38 -23.86 5.41
C ASP F 24 11.76 -25.08 6.07
N LYS F 25 11.02 -25.89 5.32
CA LYS F 25 10.54 -27.17 5.80
C LYS F 25 11.63 -28.22 5.56
N ALA F 26 11.31 -29.49 5.82
CA ALA F 26 12.29 -30.57 5.71
C ALA F 26 12.34 -31.10 4.27
N ASN F 27 12.62 -30.18 3.34
CA ASN F 27 12.62 -30.49 1.90
C ASN F 27 11.29 -31.07 1.46
N VAL F 28 10.20 -30.54 1.99
CA VAL F 28 8.86 -31.00 1.68
C VAL F 28 8.34 -30.15 0.52
N VAL F 29 7.61 -30.77 -0.40
CA VAL F 29 7.15 -30.07 -1.60
C VAL F 29 5.88 -29.29 -1.27
N SER F 30 5.75 -28.11 -1.87
CA SER F 30 4.55 -27.30 -1.80
C SER F 30 4.22 -26.80 -3.20
N CYS F 31 2.95 -26.93 -3.60
CA CYS F 31 2.53 -26.66 -4.96
C CYS F 31 1.38 -25.66 -4.99
N PHE F 32 1.20 -25.04 -6.15
CA PHE F 32 0.05 -24.18 -6.40
C PHE F 32 -0.16 -24.07 -7.91
N GLY F 33 -1.42 -23.92 -8.30
CA GLY F 33 -1.76 -23.73 -9.69
C GLY F 33 -3.18 -24.21 -9.96
N SER F 34 -3.48 -24.36 -11.25
CA SER F 34 -4.80 -24.80 -11.69
C SER F 34 -4.93 -26.31 -11.81
N ASP F 35 -3.81 -27.03 -11.96
CA ASP F 35 -3.80 -28.48 -11.94
C ASP F 35 -3.97 -28.92 -10.48
N VAL F 36 -5.23 -28.98 -10.05
CA VAL F 36 -5.53 -29.26 -8.64
C VAL F 36 -4.99 -30.62 -8.21
N ALA F 37 -5.00 -31.60 -9.12
CA ALA F 37 -4.45 -32.91 -8.80
C ALA F 37 -2.98 -32.81 -8.42
N SER F 38 -2.20 -32.03 -9.18
CA SER F 38 -0.78 -31.88 -8.91
C SER F 38 -0.50 -30.97 -7.72
N VAL F 39 -1.51 -30.30 -7.18
CA VAL F 39 -1.33 -29.45 -6.01
C VAL F 39 -1.54 -30.28 -4.75
N TYR F 40 -2.75 -30.81 -4.59
CA TYR F 40 -3.15 -31.44 -3.34
C TYR F 40 -2.79 -32.92 -3.27
N GLY F 41 -2.40 -33.52 -4.39
CA GLY F 41 -1.88 -34.88 -4.37
C GLY F 41 -0.46 -35.01 -3.88
N ALA F 42 0.22 -33.87 -3.69
CA ALA F 42 1.61 -33.89 -3.27
C ALA F 42 1.78 -34.61 -1.94
N PRO F 43 2.87 -35.34 -1.75
CA PRO F 43 3.11 -36.04 -0.48
C PRO F 43 3.27 -35.05 0.65
N PRO F 44 2.54 -35.23 1.76
CA PRO F 44 2.48 -34.17 2.77
C PRO F 44 3.78 -33.93 3.51
N ARG F 45 4.48 -34.98 3.93
CA ARG F 45 5.74 -34.81 4.67
C ARG F 45 6.78 -35.83 4.23
N LEU F 46 6.88 -36.07 2.92
CA LEU F 46 7.91 -36.96 2.39
C LEU F 46 9.08 -36.11 1.90
N PRO F 47 10.24 -36.15 2.54
CA PRO F 47 11.37 -35.35 2.07
C PRO F 47 11.81 -35.77 0.68
N LEU F 48 11.95 -34.78 -0.21
CA LEU F 48 12.35 -35.01 -1.58
C LEU F 48 13.63 -34.24 -1.88
N VAL F 49 14.42 -34.78 -2.82
CA VAL F 49 15.65 -34.13 -3.25
C VAL F 49 15.54 -33.51 -4.63
N GLY F 50 14.48 -33.80 -5.38
CA GLY F 50 14.33 -33.25 -6.71
C GLY F 50 12.92 -33.45 -7.22
N LEU F 51 12.57 -32.64 -8.23
CA LEU F 51 11.23 -32.64 -8.80
C LEU F 51 11.30 -32.58 -10.32
N THR F 52 10.33 -33.21 -10.97
CA THR F 52 10.16 -33.11 -12.41
C THR F 52 8.68 -33.30 -12.75
N GLY F 53 8.22 -32.62 -13.79
CA GLY F 53 6.81 -32.59 -14.11
C GLY F 53 6.53 -32.90 -15.57
N GLY F 54 5.30 -33.35 -15.81
CA GLY F 54 4.83 -33.63 -17.16
C GLY F 54 3.43 -33.13 -17.41
N ASP F 55 2.69 -33.80 -18.31
CA ASP F 55 1.32 -33.42 -18.64
C ASP F 55 0.40 -33.90 -17.52
N GLY F 56 0.13 -33.01 -16.57
CA GLY F 56 -0.82 -33.30 -15.52
C GLY F 56 -0.30 -34.15 -14.38
N PHE F 57 1.02 -34.24 -14.21
CA PHE F 57 1.57 -35.00 -13.11
C PHE F 57 2.92 -34.41 -12.72
N VAL F 58 3.32 -34.67 -11.47
CA VAL F 58 4.63 -34.27 -10.96
C VAL F 58 5.21 -35.46 -10.21
N CYS F 59 6.49 -35.72 -10.43
CA CYS F 59 7.21 -36.80 -9.75
C CYS F 59 8.38 -36.23 -8.97
N GLY F 60 8.55 -36.72 -7.75
CA GLY F 60 9.66 -36.32 -6.91
C GLY F 60 10.56 -37.49 -6.58
N LEU F 61 11.84 -37.19 -6.39
CA LEU F 61 12.82 -38.19 -5.96
C LEU F 61 12.91 -38.14 -4.44
N SER F 62 12.50 -39.22 -3.78
CA SER F 62 12.49 -39.27 -2.33
C SER F 62 13.90 -39.12 -1.77
N MET F 63 13.99 -38.63 -0.53
CA MET F 63 15.28 -38.51 0.13
C MET F 63 15.69 -39.85 0.73
N GLY F 64 14.98 -40.30 1.77
CA GLY F 64 15.16 -41.60 2.39
C GLY F 64 15.51 -42.78 1.50
N SER F 65 14.57 -43.15 0.61
CA SER F 65 14.75 -44.33 -0.24
C SER F 65 15.32 -44.00 -1.61
N ARG F 66 15.22 -42.73 -2.02
CA ARG F 66 15.77 -42.26 -3.30
C ARG F 66 15.13 -43.00 -4.46
N GLN F 67 13.80 -43.08 -4.41
CA GLN F 67 12.95 -43.73 -5.39
C GLN F 67 11.91 -42.73 -5.88
N PRO F 68 11.37 -42.91 -7.08
CA PRO F 68 10.38 -41.95 -7.60
C PRO F 68 9.06 -42.04 -6.87
N TYR F 69 8.49 -40.87 -6.57
CA TYR F 69 7.14 -40.75 -6.02
C TYR F 69 6.37 -39.75 -6.86
N CYS F 70 5.32 -40.21 -7.53
CA CYS F 70 4.55 -39.40 -8.47
C CYS F 70 3.15 -39.13 -7.95
N TRP F 71 2.63 -37.95 -8.28
CA TRP F 71 1.25 -37.60 -7.99
C TRP F 71 0.68 -36.78 -9.15
N GLY F 72 -0.64 -36.66 -9.19
CA GLY F 72 -1.32 -35.97 -10.25
C GLY F 72 -2.45 -36.78 -10.87
N ASN F 73 -2.78 -36.51 -12.12
CA ASN F 73 -3.90 -37.18 -12.79
C ASN F 73 -3.53 -37.54 -14.24
N ASN F 74 -2.37 -38.17 -14.43
CA ASN F 74 -1.99 -38.68 -15.74
C ASN F 74 -2.17 -40.19 -15.76
N ILE F 75 -2.95 -40.68 -16.74
CA ILE F 75 -3.33 -42.09 -16.73
C ILE F 75 -2.15 -43.01 -17.01
N TYR F 76 -1.11 -42.51 -17.66
CA TYR F 76 0.04 -43.32 -18.03
C TYR F 76 1.11 -43.36 -16.95
N VAL F 77 1.02 -42.49 -15.96
CA VAL F 77 1.98 -42.44 -14.85
C VAL F 77 1.25 -42.82 -13.58
N GLU F 78 1.66 -43.92 -12.96
CA GLU F 78 0.97 -44.41 -11.78
C GLU F 78 1.30 -43.55 -10.57
N ALA F 79 0.30 -43.36 -9.70
CA ALA F 79 0.51 -42.60 -8.48
C ALA F 79 1.34 -43.40 -7.48
N GLY F 80 2.15 -42.69 -6.71
CA GLY F 80 2.98 -43.33 -5.71
C GLY F 80 4.34 -43.75 -6.25
N VAL F 81 4.90 -44.81 -5.70
CA VAL F 81 6.20 -45.33 -6.10
C VAL F 81 5.98 -46.49 -7.06
N PRO F 82 6.65 -46.52 -8.21
CA PRO F 82 6.51 -47.65 -9.13
C PRO F 82 7.15 -48.90 -8.54
N ALA F 83 6.98 -50.02 -9.24
CA ALA F 83 7.55 -51.27 -8.79
C ALA F 83 9.07 -51.19 -8.92
N VAL F 84 9.74 -50.81 -7.84
CA VAL F 84 11.16 -50.50 -7.87
C VAL F 84 12.00 -51.59 -7.21
N GLY F 85 11.56 -52.08 -6.04
CA GLY F 85 12.32 -53.12 -5.38
C GLY F 85 13.44 -52.55 -4.53
N ASP F 86 14.67 -52.86 -4.89
CA ASP F 86 15.85 -52.37 -4.18
C ASP F 86 16.59 -51.26 -4.92
N ARG F 87 16.19 -50.93 -6.14
CA ARG F 87 16.92 -49.96 -6.93
C ARG F 87 16.78 -48.55 -6.36
N HIS F 88 17.82 -47.74 -6.58
CA HIS F 88 17.83 -46.33 -6.20
C HIS F 88 18.32 -45.51 -7.40
N TYR F 89 17.93 -44.24 -7.44
CA TYR F 89 18.09 -43.42 -8.64
C TYR F 89 18.77 -42.08 -8.36
N ALA F 90 19.54 -41.62 -9.36
CA ALA F 90 20.29 -40.38 -9.25
C ALA F 90 19.42 -39.16 -9.54
N ALA F 91 18.61 -39.25 -10.57
CA ALA F 91 17.84 -38.13 -11.05
C ALA F 91 16.59 -38.65 -11.72
N LEU F 92 15.64 -37.76 -11.90
CA LEU F 92 14.41 -38.05 -12.57
C LEU F 92 14.23 -37.06 -13.71
N SER F 93 13.39 -37.45 -14.68
CA SER F 93 13.04 -36.57 -15.78
C SER F 93 11.70 -37.04 -16.33
N ALA F 94 10.76 -36.11 -16.50
CA ALA F 94 9.40 -36.43 -16.90
C ALA F 94 9.09 -35.81 -18.25
N GLY F 95 8.57 -36.62 -19.17
CA GLY F 95 8.01 -36.14 -20.42
C GLY F 95 6.53 -35.88 -20.29
N ASP F 96 5.88 -35.74 -21.44
CA ASP F 96 4.43 -35.52 -21.45
C ASP F 96 3.69 -36.67 -20.77
N ASN F 97 3.98 -37.90 -21.17
CA ASN F 97 3.26 -39.07 -20.69
C ASN F 97 4.22 -40.15 -20.24
N HIS F 98 5.36 -39.77 -19.66
CA HIS F 98 6.31 -40.76 -19.20
C HIS F 98 7.30 -40.14 -18.21
N LEU F 99 7.84 -40.98 -17.35
CA LEU F 99 8.91 -40.62 -16.42
C LEU F 99 10.11 -41.52 -16.68
N CYS F 100 11.32 -40.95 -16.60
CA CYS F 100 12.56 -41.70 -16.69
C CYS F 100 13.40 -41.46 -15.45
N ALA F 101 14.08 -42.51 -14.99
CA ALA F 101 14.83 -42.48 -13.75
C ALA F 101 16.24 -43.03 -13.98
N LEU F 102 17.25 -42.19 -13.76
CA LEU F 102 18.64 -42.60 -13.89
C LEU F 102 19.10 -43.33 -12.64
N ARG F 103 19.54 -44.59 -12.81
CA ARG F 103 19.99 -45.39 -11.69
C ARG F 103 21.25 -44.81 -11.04
N GLN F 104 21.37 -45.02 -9.73
CA GLN F 104 22.58 -44.71 -9.01
C GLN F 104 23.68 -45.70 -9.37
N SER F 105 24.94 -45.31 -9.10
CA SER F 105 26.07 -46.18 -9.37
C SER F 105 25.94 -47.51 -8.62
N ALA F 106 25.44 -47.46 -7.38
CA ALA F 106 25.28 -48.69 -6.60
C ALA F 106 24.27 -49.64 -7.21
N SER F 107 23.23 -49.11 -7.85
CA SER F 107 22.19 -49.92 -8.46
C SER F 107 22.48 -50.27 -9.91
N TYR F 108 23.61 -49.82 -10.46
CA TYR F 108 23.96 -50.08 -11.85
C TYR F 108 24.78 -51.35 -11.97
N VAL F 109 24.55 -52.09 -13.05
CA VAL F 109 25.33 -53.27 -13.39
C VAL F 109 26.07 -53.00 -14.68
N ALA F 110 27.30 -53.50 -14.78
CA ALA F 110 28.15 -53.23 -15.93
C ALA F 110 27.54 -53.84 -17.20
N GLY F 111 27.50 -53.04 -18.27
CA GLY F 111 26.93 -53.50 -19.51
C GLY F 111 25.42 -53.63 -19.51
N GLY F 112 24.76 -53.21 -18.43
CA GLY F 112 23.33 -53.29 -18.32
C GLY F 112 22.67 -51.94 -18.40
N PRO F 113 21.35 -51.91 -18.26
CA PRO F 113 20.61 -50.65 -18.44
C PRO F 113 20.92 -49.63 -17.35
N ALA F 114 21.02 -48.37 -17.76
CA ALA F 114 21.28 -47.27 -16.84
C ALA F 114 20.04 -46.50 -16.43
N VAL F 115 19.00 -46.51 -17.26
CA VAL F 115 17.78 -45.73 -17.02
C VAL F 115 16.57 -46.66 -17.03
N ASP F 116 15.69 -46.45 -16.06
CA ASP F 116 14.38 -47.11 -16.03
C ASP F 116 13.30 -46.06 -16.28
N CYS F 117 12.41 -46.34 -17.22
CA CYS F 117 11.35 -45.41 -17.58
C CYS F 117 9.99 -46.08 -17.49
N TRP F 118 8.98 -45.28 -17.15
CA TRP F 118 7.58 -45.71 -17.12
C TRP F 118 6.73 -44.70 -17.87
N GLY F 119 5.74 -45.19 -18.62
CA GLY F 119 4.84 -44.32 -19.33
C GLY F 119 4.38 -44.87 -20.66
N TYR F 120 3.59 -44.08 -21.39
CA TYR F 120 3.07 -44.53 -22.68
C TYR F 120 4.21 -44.69 -23.67
N ASN F 121 4.36 -45.90 -24.21
CA ASN F 121 5.36 -46.21 -25.24
C ASN F 121 6.78 -45.98 -24.74
N MET F 122 6.97 -46.02 -23.41
CA MET F 122 8.28 -45.75 -22.81
C MET F 122 8.60 -46.67 -21.65
N THR F 123 7.74 -47.64 -21.34
CA THR F 123 7.91 -48.48 -20.15
C THR F 123 8.98 -49.53 -20.44
N GLY F 124 10.12 -49.40 -19.77
CA GLY F 124 11.20 -50.35 -19.95
C GLY F 124 12.51 -49.78 -19.45
N SER F 125 13.57 -50.53 -19.71
CA SER F 125 14.92 -50.14 -19.37
C SER F 125 15.74 -49.92 -20.64
N PHE F 126 16.61 -48.92 -20.59
CA PHE F 126 17.28 -48.37 -21.76
C PHE F 126 18.78 -48.24 -21.50
N ILE F 127 19.42 -47.21 -22.06
CA ILE F 127 20.83 -47.21 -22.45
C ILE F 127 21.74 -48.10 -21.60
N ASN F 128 22.44 -49.01 -22.27
CA ASN F 128 23.34 -49.98 -21.63
C ASN F 128 24.74 -49.39 -21.45
N ALA F 129 24.81 -48.22 -20.83
CA ALA F 129 26.07 -47.54 -20.58
C ALA F 129 25.84 -46.43 -19.56
N PRO F 130 26.79 -46.14 -18.69
CA PRO F 130 26.54 -45.18 -17.61
C PRO F 130 26.33 -43.78 -18.15
N LEU F 131 25.34 -43.09 -17.58
CA LEU F 131 25.01 -41.72 -17.93
C LEU F 131 25.24 -40.81 -16.73
N LEU F 132 25.47 -39.53 -17.03
CA LEU F 132 25.65 -38.52 -15.98
C LEU F 132 24.34 -37.82 -15.64
N SER F 133 23.62 -37.36 -16.66
CA SER F 133 22.36 -36.65 -16.46
C SER F 133 21.35 -37.14 -17.49
N ILE F 134 20.07 -36.89 -17.20
CA ILE F 134 18.99 -37.24 -18.11
C ILE F 134 18.04 -36.06 -18.22
N THR F 135 17.43 -35.92 -19.39
CA THR F 135 16.40 -34.92 -19.63
C THR F 135 15.35 -35.53 -20.55
N SER F 136 14.13 -35.03 -20.46
CA SER F 136 12.99 -35.63 -21.14
C SER F 136 12.29 -34.61 -22.03
N GLY F 137 12.05 -35.01 -23.28
CA GLY F 137 11.16 -34.29 -24.17
C GLY F 137 9.73 -34.78 -24.04
N SER F 138 8.89 -34.30 -24.95
CA SER F 138 7.48 -34.69 -24.93
C SER F 138 7.31 -36.20 -25.03
N PHE F 139 7.95 -36.81 -26.03
CA PHE F 139 7.79 -38.24 -26.28
C PHE F 139 9.14 -38.93 -26.40
N PHE F 140 10.17 -38.37 -25.76
CA PHE F 140 11.51 -38.95 -25.79
C PHE F 140 12.26 -38.49 -24.55
N SER F 141 13.36 -39.18 -24.27
CA SER F 141 14.29 -38.79 -23.22
C SER F 141 15.72 -38.88 -23.75
N CYS F 142 16.58 -38.03 -23.22
CA CYS F 142 17.97 -37.98 -23.64
C CYS F 142 18.89 -38.01 -22.42
N GLY F 143 20.17 -38.28 -22.68
CA GLY F 143 21.16 -38.33 -21.62
C GLY F 143 22.56 -38.16 -22.16
N LEU F 144 23.48 -37.84 -21.25
CA LEU F 144 24.89 -37.65 -21.57
C LEU F 144 25.70 -38.80 -21.01
N PHE F 145 26.52 -39.43 -21.86
CA PHE F 145 27.39 -40.51 -21.41
C PHE F 145 28.39 -40.01 -20.38
N ALA F 146 28.76 -40.90 -19.46
CA ALA F 146 29.83 -40.58 -18.51
C ALA F 146 31.20 -40.68 -19.14
N ALA F 147 31.35 -41.52 -20.18
CA ALA F 147 32.66 -41.75 -20.80
C ALA F 147 33.08 -40.58 -21.69
N ASN F 148 32.27 -40.25 -22.69
CA ASN F 148 32.65 -39.27 -23.71
C ASN F 148 31.83 -37.99 -23.69
N PHE F 149 30.92 -37.82 -22.73
CA PHE F 149 30.10 -36.63 -22.56
C PHE F 149 29.22 -36.31 -23.76
N THR F 150 29.04 -37.28 -24.71
CA THR F 150 28.23 -37.07 -25.91
C THR F 150 26.77 -37.42 -25.64
N PRO F 151 25.82 -36.80 -26.34
CA PRO F 151 24.40 -37.04 -26.07
C PRO F 151 23.83 -38.23 -26.81
N VAL F 152 22.83 -38.84 -26.18
CA VAL F 152 22.05 -39.93 -26.77
C VAL F 152 20.59 -39.75 -26.35
N CYS F 153 19.67 -40.08 -27.26
CA CYS F 153 18.24 -39.97 -27.01
C CYS F 153 17.55 -41.28 -27.36
N TRP F 154 16.40 -41.51 -26.72
CA TRP F 154 15.62 -42.72 -26.95
C TRP F 154 14.14 -42.38 -26.80
N GLY F 155 13.30 -43.22 -27.43
CA GLY F 155 11.86 -43.04 -27.40
C GLY F 155 11.30 -42.75 -28.78
N ASP F 156 10.18 -42.03 -28.80
CA ASP F 156 9.51 -41.70 -30.05
C ASP F 156 10.18 -40.49 -30.68
N GLU F 157 10.70 -40.67 -31.89
CA GLU F 157 11.41 -39.63 -32.61
C GLU F 157 10.49 -38.81 -33.52
N THR F 158 9.25 -39.26 -33.72
CA THR F 158 8.33 -38.64 -34.66
C THR F 158 8.18 -37.14 -34.40
N GLY F 159 8.38 -36.35 -35.45
CA GLY F 159 8.20 -34.91 -35.37
C GLY F 159 9.40 -34.14 -34.87
N SER F 160 10.40 -34.82 -34.31
CA SER F 160 11.56 -34.16 -33.72
C SER F 160 12.87 -34.50 -34.42
N GLY F 161 13.15 -35.79 -34.64
CA GLY F 161 14.42 -36.18 -35.20
C GLY F 161 15.57 -36.15 -34.23
N VAL F 162 15.30 -36.08 -32.93
CA VAL F 162 16.35 -35.85 -31.95
C VAL F 162 17.24 -37.07 -31.73
N ILE F 163 16.78 -38.26 -32.09
CA ILE F 163 17.59 -39.46 -31.89
C ILE F 163 18.65 -39.58 -32.97
N SER F 164 18.23 -39.53 -34.24
CA SER F 164 19.17 -39.75 -35.34
C SER F 164 20.05 -38.54 -35.61
N THR F 165 19.52 -37.33 -35.42
CA THR F 165 20.28 -36.10 -35.65
C THR F 165 21.08 -35.67 -34.42
N ALA F 166 21.11 -36.48 -33.36
CA ALA F 166 21.87 -36.14 -32.18
C ALA F 166 23.34 -35.92 -32.53
N PRO F 167 23.95 -34.82 -32.11
CA PRO F 167 25.36 -34.56 -32.46
C PRO F 167 26.31 -35.45 -31.69
N LYS F 168 26.38 -36.73 -32.06
CA LYS F 168 27.28 -37.67 -31.40
C LYS F 168 28.71 -37.31 -31.81
N GLY F 169 29.45 -36.69 -30.90
CA GLY F 169 30.76 -36.15 -31.18
C GLY F 169 31.00 -34.84 -30.48
N LEU F 170 29.93 -34.06 -30.31
CA LEU F 170 29.99 -32.85 -29.50
C LEU F 170 29.83 -33.20 -28.02
N GLU F 171 30.60 -32.52 -27.17
CA GLU F 171 30.63 -32.77 -25.73
C GLU F 171 29.91 -31.64 -25.01
N PHE F 172 29.01 -32.01 -24.10
CA PHE F 172 28.16 -31.05 -23.40
C PHE F 172 28.41 -31.07 -21.90
N ASN F 173 28.24 -29.90 -21.28
CA ASN F 173 28.19 -29.84 -19.82
C ASN F 173 26.83 -30.34 -19.32
N SER F 174 25.75 -29.85 -19.92
CA SER F 174 24.40 -30.27 -19.57
C SER F 174 23.51 -30.11 -20.79
N ILE F 175 22.38 -30.82 -20.79
CA ILE F 175 21.40 -30.74 -21.86
C ILE F 175 20.00 -30.69 -21.27
N THR F 176 19.12 -29.94 -21.93
CA THR F 176 17.70 -29.89 -21.59
C THR F 176 16.89 -30.16 -22.85
N ALA F 177 15.79 -30.89 -22.69
CA ALA F 177 14.95 -31.30 -23.80
C ALA F 177 13.64 -30.50 -23.81
N GLY F 178 13.26 -30.01 -24.97
CA GLY F 178 11.97 -29.39 -25.16
C GLY F 178 10.96 -30.38 -25.70
N GLY F 179 9.87 -29.86 -26.26
CA GLY F 179 8.84 -30.74 -26.77
C GLY F 179 9.24 -31.51 -28.01
N TYR F 180 10.10 -30.90 -28.86
CA TYR F 180 10.56 -31.57 -30.07
C TYR F 180 11.99 -31.15 -30.43
N HIS F 181 12.78 -30.76 -29.44
CA HIS F 181 14.15 -30.31 -29.68
C HIS F 181 14.93 -30.44 -28.38
N VAL F 182 16.25 -30.41 -28.50
CA VAL F 182 17.15 -30.50 -27.36
C VAL F 182 18.22 -29.43 -27.49
N CYS F 183 18.46 -28.69 -26.39
CA CYS F 183 19.51 -27.69 -26.33
C CYS F 183 20.48 -28.04 -25.21
N GLY F 184 21.75 -27.69 -25.41
CA GLY F 184 22.78 -28.00 -24.43
C GLY F 184 23.88 -26.96 -24.43
N ILE F 185 24.61 -26.93 -23.32
CA ILE F 185 25.76 -26.04 -23.14
C ILE F 185 27.02 -26.87 -23.36
N LEU F 186 27.84 -26.46 -24.33
CA LEU F 186 29.05 -27.20 -24.64
C LEU F 186 30.05 -27.09 -23.52
N GLN F 187 30.81 -28.16 -23.29
CA GLN F 187 31.90 -28.11 -22.33
C GLN F 187 32.98 -27.14 -22.79
N ASN F 188 33.24 -27.08 -24.10
CA ASN F 188 34.28 -26.23 -24.67
C ASN F 188 33.66 -24.89 -25.02
N GLY F 189 33.96 -23.86 -24.23
CA GLY F 189 33.51 -22.51 -24.50
C GLY F 189 32.18 -22.15 -23.88
N GLN F 190 31.40 -23.15 -23.46
CA GLN F 190 30.09 -22.95 -22.84
C GLN F 190 29.12 -22.26 -23.79
N ARG F 191 29.28 -22.50 -25.08
CA ARG F 191 28.31 -22.07 -26.08
C ARG F 191 27.09 -22.99 -26.06
N THR F 192 25.97 -22.45 -26.52
CA THR F 192 24.71 -23.20 -26.57
C THR F 192 24.49 -23.76 -27.97
N PHE F 193 24.27 -25.07 -28.06
CA PHE F 193 23.98 -25.74 -29.31
C PHE F 193 22.68 -26.54 -29.16
N CYS F 194 21.84 -26.47 -30.18
CA CYS F 194 20.55 -27.15 -30.19
C CYS F 194 20.43 -28.01 -31.44
N TRP F 195 19.56 -29.02 -31.36
CA TRP F 195 19.26 -29.85 -32.52
C TRP F 195 17.83 -30.34 -32.41
N GLY F 196 17.33 -30.89 -33.51
CA GLY F 196 15.96 -31.34 -33.59
C GLY F 196 15.13 -30.55 -34.57
N ARG F 197 14.36 -31.23 -35.43
CA ARG F 197 13.57 -30.57 -36.46
C ARG F 197 12.36 -29.91 -35.80
N SER F 198 12.58 -28.69 -35.31
CA SER F 198 11.55 -27.93 -34.63
C SER F 198 11.64 -26.47 -35.04
N LEU F 199 10.50 -25.77 -34.96
CA LEU F 199 10.47 -24.35 -35.24
C LEU F 199 11.08 -23.50 -34.13
N ALA F 200 11.39 -24.11 -32.98
CA ALA F 200 12.14 -23.40 -31.95
C ALA F 200 13.55 -23.06 -32.40
N LEU F 201 14.10 -23.78 -33.38
CA LEU F 201 15.45 -23.55 -33.85
C LEU F 201 15.49 -22.92 -35.25
N GLN F 202 14.40 -22.28 -35.67
CA GLN F 202 14.40 -21.65 -36.99
C GLN F 202 15.35 -20.45 -37.02
N ASP F 203 15.24 -19.57 -36.03
CA ASP F 203 16.14 -18.43 -35.94
C ASP F 203 17.50 -18.83 -35.38
N GLY F 204 17.54 -19.77 -34.44
CA GLY F 204 18.78 -20.24 -33.86
C GLY F 204 19.03 -19.67 -32.49
N VAL F 205 20.15 -20.10 -31.92
CA VAL F 205 20.54 -19.64 -30.58
C VAL F 205 21.01 -18.19 -30.65
N PRO F 206 20.63 -17.34 -29.70
CA PRO F 206 21.13 -15.95 -29.70
C PRO F 206 22.64 -15.93 -29.61
N LYS F 207 23.27 -15.39 -30.66
CA LYS F 207 24.73 -15.42 -30.76
C LYS F 207 25.36 -14.62 -29.63
N GLY F 208 26.40 -15.20 -29.04
CA GLY F 208 27.16 -14.51 -28.00
C GLY F 208 26.58 -14.59 -26.62
N ALA F 209 25.66 -15.54 -26.37
CA ALA F 209 25.02 -15.69 -25.07
C ALA F 209 25.59 -16.91 -24.36
N ILE F 210 26.18 -16.69 -23.20
CA ILE F 210 26.74 -17.75 -22.37
C ILE F 210 25.81 -17.97 -21.19
N PHE F 211 25.28 -19.18 -21.07
CA PHE F 211 24.32 -19.53 -20.03
C PHE F 211 24.93 -20.51 -19.03
N THR F 212 24.32 -20.57 -17.85
CA THR F 212 24.65 -21.58 -16.85
C THR F 212 23.74 -22.79 -16.94
N SER F 213 22.43 -22.57 -17.10
CA SER F 213 21.45 -23.63 -17.20
C SER F 213 20.44 -23.27 -18.27
N LEU F 214 19.75 -24.29 -18.79
CA LEU F 214 18.76 -24.10 -19.85
C LEU F 214 17.49 -24.87 -19.54
N VAL F 215 16.36 -24.32 -20.01
CA VAL F 215 15.07 -24.99 -19.99
C VAL F 215 14.39 -24.75 -21.32
N ALA F 216 13.45 -25.63 -21.66
CA ALA F 216 12.80 -25.54 -22.97
C ALA F 216 11.37 -26.05 -22.89
N GLY F 217 10.45 -25.32 -23.51
CA GLY F 217 9.08 -25.75 -23.69
C GLY F 217 8.90 -26.53 -24.97
N LYS F 218 7.65 -26.54 -25.46
CA LYS F 218 7.35 -27.25 -26.70
C LYS F 218 8.11 -26.63 -27.87
N PHE F 219 8.02 -25.32 -28.03
CA PHE F 219 8.66 -24.62 -29.13
C PHE F 219 9.35 -23.36 -28.64
N SER F 220 10.06 -23.45 -27.52
CA SER F 220 10.75 -22.31 -26.94
C SER F 220 11.90 -22.80 -26.07
N THR F 221 12.86 -21.91 -25.82
CA THR F 221 14.01 -22.21 -24.99
C THR F 221 14.40 -20.96 -24.19
N CYS F 222 14.75 -21.16 -22.93
CA CYS F 222 15.18 -20.08 -22.05
C CYS F 222 16.52 -20.42 -21.41
N GLY F 223 17.29 -19.40 -21.07
CA GLY F 223 18.58 -19.59 -20.44
C GLY F 223 18.88 -18.48 -19.45
N LEU F 224 19.69 -18.83 -18.44
CA LEU F 224 20.13 -17.88 -17.42
C LEU F 224 21.58 -17.48 -17.71
N HIS F 225 21.80 -16.17 -17.89
CA HIS F 225 23.15 -15.69 -18.19
C HIS F 225 24.12 -16.06 -17.07
N LYS F 226 25.39 -16.26 -17.45
CA LYS F 226 26.39 -16.66 -16.47
C LYS F 226 26.64 -15.59 -15.43
N ASP F 227 26.69 -14.32 -15.85
CA ASP F 227 27.02 -13.23 -14.94
C ASP F 227 25.76 -12.67 -14.26
N THR F 228 24.79 -12.20 -15.05
CA THR F 228 23.64 -11.51 -14.49
C THR F 228 22.61 -12.44 -13.89
N HIS F 229 22.61 -13.72 -14.27
CA HIS F 229 21.60 -14.69 -13.83
C HIS F 229 20.19 -14.26 -14.20
N LEU F 230 20.04 -13.58 -15.37
CA LEU F 230 18.79 -13.08 -15.91
C LEU F 230 18.27 -13.99 -17.02
N PRO F 231 16.95 -14.14 -17.16
CA PRO F 231 16.41 -15.05 -18.16
C PRO F 231 16.43 -14.47 -19.56
N LEU F 232 16.75 -15.32 -20.53
CA LEU F 232 16.76 -14.97 -21.95
C LEU F 232 16.03 -16.06 -22.73
N CYS F 233 14.84 -15.75 -23.22
CA CYS F 233 13.99 -16.73 -23.90
C CYS F 233 13.85 -16.42 -25.38
N TRP F 234 13.85 -17.47 -26.20
CA TRP F 234 13.64 -17.36 -27.63
C TRP F 234 12.91 -18.60 -28.13
N GLY F 235 12.35 -18.50 -29.32
CA GLY F 235 11.71 -19.63 -29.95
C GLY F 235 10.50 -19.21 -30.76
N PHE F 236 9.71 -20.21 -31.14
CA PHE F 236 8.56 -19.99 -32.01
C PHE F 236 7.42 -19.33 -31.25
N THR F 237 6.72 -18.44 -31.96
CA THR F 237 5.52 -17.74 -31.46
C THR F 237 5.69 -17.17 -30.04
N LEU F 238 6.91 -16.74 -29.73
CA LEU F 238 7.17 -16.13 -28.43
C LEU F 238 6.71 -14.68 -28.43
N PRO F 239 5.93 -14.25 -27.43
CA PRO F 239 5.36 -12.89 -27.42
C PRO F 239 6.41 -11.80 -27.15
N VAL F 248 14.34 -9.47 -12.49
CA VAL F 248 14.56 -10.37 -11.38
C VAL F 248 15.50 -11.50 -11.79
N PRO F 249 16.63 -11.62 -11.10
CA PRO F 249 17.53 -12.76 -11.35
C PRO F 249 17.03 -14.02 -10.67
N PHE F 250 17.33 -15.16 -11.30
CA PHE F 250 16.84 -16.45 -10.85
C PHE F 250 18.01 -17.40 -10.63
N SER F 251 17.82 -18.30 -9.65
CA SER F 251 18.80 -19.35 -9.40
C SER F 251 18.57 -20.55 -10.31
N ALA F 252 17.32 -20.85 -10.65
CA ALA F 252 17.00 -21.95 -11.54
C ALA F 252 15.70 -21.63 -12.27
N LEU F 253 15.50 -22.30 -13.40
CA LEU F 253 14.29 -22.16 -14.20
C LEU F 253 13.64 -23.51 -14.41
N VAL F 254 12.38 -23.48 -14.81
CA VAL F 254 11.65 -24.67 -15.22
C VAL F 254 10.61 -24.26 -16.24
N ALA F 255 10.43 -25.09 -17.26
CA ALA F 255 9.58 -24.75 -18.41
C ALA F 255 8.44 -25.75 -18.53
N GLY F 256 7.22 -25.24 -18.66
CA GLY F 256 6.08 -26.03 -19.07
C GLY F 256 6.00 -26.13 -20.58
N ASP F 257 4.80 -26.43 -21.07
CA ASP F 257 4.61 -26.51 -22.51
C ASP F 257 4.64 -25.13 -23.15
N TYR F 258 3.96 -24.15 -22.54
CA TYR F 258 3.92 -22.79 -23.09
C TYR F 258 4.07 -21.74 -21.98
N PHE F 259 4.81 -22.06 -20.93
CA PHE F 259 5.10 -21.10 -19.87
C PHE F 259 6.38 -21.51 -19.17
N VAL F 260 7.05 -20.55 -18.54
CA VAL F 260 8.31 -20.76 -17.85
C VAL F 260 8.24 -20.14 -16.46
N CYS F 261 8.72 -20.86 -15.46
CA CYS F 261 8.77 -20.40 -14.08
C CYS F 261 10.21 -20.38 -13.59
N GLY F 262 10.49 -19.48 -12.65
CA GLY F 262 11.83 -19.35 -12.10
C GLY F 262 11.90 -19.15 -10.61
N LEU F 263 12.76 -19.91 -9.94
CA LEU F 263 13.02 -19.74 -8.51
C LEU F 263 14.03 -18.60 -8.31
N PRO F 264 13.62 -17.50 -7.69
CA PRO F 264 14.51 -16.33 -7.58
C PRO F 264 15.79 -16.63 -6.81
N LEU F 265 16.86 -15.93 -7.19
CA LEU F 265 18.13 -16.05 -6.48
C LEU F 265 18.02 -15.53 -5.05
N THR F 266 17.22 -14.50 -4.83
CA THR F 266 16.95 -14.02 -3.49
C THR F 266 15.86 -14.88 -2.85
N PRO F 267 16.14 -15.56 -1.73
CA PRO F 267 15.13 -16.48 -1.16
C PRO F 267 13.89 -15.78 -0.64
N SER F 268 13.94 -14.45 -0.43
CA SER F 268 12.75 -13.74 0.04
C SER F 268 11.72 -13.59 -1.06
N LEU F 269 12.17 -13.35 -2.29
CA LEU F 269 11.24 -13.09 -3.39
C LEU F 269 10.49 -14.37 -3.77
N PRO F 270 9.21 -14.26 -4.11
CA PRO F 270 8.44 -15.44 -4.50
C PRO F 270 8.66 -15.80 -5.96
N GLN F 271 8.22 -17.00 -6.33
CA GLN F 271 8.41 -17.51 -7.68
C GLN F 271 7.59 -16.71 -8.69
N GLN F 272 8.18 -16.49 -9.87
CA GLN F 272 7.53 -15.80 -10.96
C GLN F 272 7.39 -16.71 -12.18
N CYS F 273 6.27 -16.60 -12.89
CA CYS F 273 6.02 -17.37 -14.10
C CYS F 273 5.49 -16.46 -15.19
N TRP F 274 5.83 -16.78 -16.45
CA TRP F 274 5.38 -16.00 -17.60
C TRP F 274 5.11 -16.92 -18.77
N GLY F 275 4.21 -16.49 -19.65
CA GLY F 275 3.87 -17.27 -20.83
C GLY F 275 4.97 -17.22 -21.88
N SER F 276 5.20 -18.36 -22.54
CA SER F 276 6.25 -18.48 -23.54
C SER F 276 5.75 -18.85 -24.92
N GLY F 277 4.46 -18.69 -25.20
CA GLY F 277 3.96 -18.94 -26.54
C GLY F 277 2.57 -19.54 -26.49
N TYR F 278 2.16 -20.13 -27.61
CA TYR F 278 0.82 -20.71 -27.74
C TYR F 278 0.80 -21.62 -28.96
N PRO F 279 -0.06 -22.63 -28.96
CA PRO F 279 -0.11 -23.56 -30.11
C PRO F 279 -0.83 -22.97 -31.31
N VAL F 280 -0.36 -23.32 -32.50
CA VAL F 280 -1.00 -22.96 -33.76
C VAL F 280 -1.08 -24.19 -34.66
N THR F 281 -2.12 -24.24 -35.49
CA THR F 281 -2.23 -25.30 -36.48
C THR F 281 -1.21 -25.10 -37.60
N LEU F 282 -0.41 -26.13 -37.86
CA LEU F 282 0.60 -26.12 -38.89
C LEU F 282 0.33 -27.21 -39.92
N PRO F 283 0.86 -27.07 -41.14
CA PRO F 283 0.63 -28.10 -42.16
C PRO F 283 1.47 -29.35 -41.92
N THR F 284 0.83 -30.51 -42.05
CA THR F 284 1.48 -31.81 -41.96
C THR F 284 1.35 -32.53 -43.30
N GLY F 285 2.10 -33.63 -43.45
CA GLY F 285 1.88 -34.50 -44.58
C GLY F 285 0.43 -34.92 -44.77
N ILE F 286 -0.26 -35.21 -43.66
CA ILE F 286 -1.65 -35.66 -43.73
C ILE F 286 -2.61 -34.50 -43.94
N ALA F 287 -2.32 -33.34 -43.35
CA ALA F 287 -3.12 -32.12 -43.51
C ALA F 287 -2.25 -31.08 -44.18
N PRO F 288 -2.05 -31.18 -45.49
CA PRO F 288 -1.07 -30.32 -46.16
C PRO F 288 -1.48 -28.87 -46.25
N GLY F 289 -2.76 -28.56 -46.35
CA GLY F 289 -3.07 -27.16 -46.56
C GLY F 289 -3.14 -26.81 -48.02
N MET F 290 -3.90 -25.75 -48.32
CA MET F 290 -4.26 -25.43 -49.69
C MET F 290 -3.22 -24.50 -50.29
N CYS F 291 -2.54 -24.95 -51.35
CA CYS F 291 -1.68 -24.07 -52.12
C CYS F 291 -2.55 -23.29 -53.10
N SER F 292 -2.55 -21.97 -52.98
CA SER F 292 -3.42 -21.12 -53.79
C SER F 292 -2.67 -19.91 -54.29
N SER F 293 -3.01 -19.48 -55.51
CA SER F 293 -2.47 -18.24 -56.06
C SER F 293 -3.22 -17.02 -55.55
N LEU F 294 -4.47 -17.20 -55.11
CA LEU F 294 -5.34 -16.15 -54.60
C LEU F 294 -5.18 -16.00 -53.10
N PRO F 295 -5.62 -14.87 -52.54
CA PRO F 295 -5.63 -14.73 -51.07
C PRO F 295 -6.48 -15.81 -50.41
N CYS F 296 -6.06 -16.20 -49.21
CA CYS F 296 -6.71 -17.30 -48.50
C CYS F 296 -8.12 -16.93 -48.08
N MET F 297 -9.04 -17.88 -48.24
CA MET F 297 -10.45 -17.65 -47.92
C MET F 297 -10.63 -17.46 -46.40
N SER F 298 -11.83 -17.00 -46.04
CA SER F 298 -12.18 -16.81 -44.64
C SER F 298 -12.09 -18.13 -43.89
N GLY F 299 -11.50 -18.08 -42.69
CA GLY F 299 -11.28 -19.27 -41.90
C GLY F 299 -9.94 -19.92 -42.11
N THR F 300 -9.09 -19.35 -42.96
CA THR F 300 -7.74 -19.86 -43.21
C THR F 300 -6.78 -18.67 -43.26
N TYR F 301 -5.50 -18.94 -43.01
CA TYR F 301 -4.48 -17.90 -43.03
C TYR F 301 -3.30 -18.33 -43.88
N SER F 302 -2.67 -17.34 -44.51
CA SER F 302 -1.50 -17.56 -45.35
C SER F 302 -0.26 -17.74 -44.47
N LEU F 303 0.32 -18.94 -44.47
CA LEU F 303 1.51 -19.20 -43.67
C LEU F 303 2.67 -18.33 -44.13
N SER F 304 3.35 -17.72 -43.17
CA SER F 304 4.46 -16.82 -43.48
C SER F 304 5.56 -17.59 -44.20
N ALA F 305 6.28 -16.86 -45.07
CA ALA F 305 7.33 -17.49 -45.87
C ALA F 305 8.41 -18.10 -44.99
N GLU F 306 8.66 -17.51 -43.81
CA GLU F 306 9.70 -18.02 -42.93
C GLU F 306 9.36 -19.43 -42.45
N VAL F 307 8.13 -19.64 -41.98
CA VAL F 307 7.74 -20.94 -41.45
C VAL F 307 7.62 -21.96 -42.58
N VAL F 308 7.23 -21.52 -43.78
CA VAL F 308 7.16 -22.41 -44.93
C VAL F 308 8.52 -23.01 -45.24
N LYS F 309 9.56 -22.16 -45.26
CA LYS F 309 10.90 -22.64 -45.55
C LYS F 309 11.39 -23.62 -44.49
N ALA F 310 11.02 -23.39 -43.23
CA ALA F 310 11.47 -24.27 -42.15
C ALA F 310 10.82 -25.65 -42.24
N LEU F 311 9.53 -25.70 -42.56
CA LEU F 311 8.79 -26.95 -42.64
C LEU F 311 9.01 -27.70 -43.96
N ALA F 312 9.79 -27.13 -44.87
CA ALA F 312 10.02 -27.70 -46.20
C ALA F 312 11.20 -28.65 -46.17
N ALA F 313 11.02 -29.83 -46.77
CA ALA F 313 12.05 -30.86 -46.72
C ALA F 313 13.31 -30.42 -47.46
N SER F 314 14.43 -31.07 -47.10
CA SER F 314 15.72 -30.89 -47.73
C SER F 314 15.66 -30.81 -49.26
N GLY F 315 16.00 -29.66 -49.82
CA GLY F 315 16.04 -29.52 -51.26
C GLY F 315 14.69 -29.60 -51.94
N ALA F 316 13.64 -29.08 -51.31
CA ALA F 316 12.31 -29.13 -51.88
C ALA F 316 11.51 -27.94 -51.38
N THR F 317 10.58 -27.48 -52.21
CA THR F 317 9.67 -26.41 -51.85
C THR F 317 8.32 -26.99 -51.43
N LEU F 318 7.66 -26.29 -50.51
CA LEU F 318 6.44 -26.82 -49.92
C LEU F 318 5.31 -26.86 -50.93
N CYS F 319 5.01 -25.73 -51.55
CA CYS F 319 4.07 -25.76 -52.66
C CYS F 319 4.82 -25.87 -53.98
N PRO F 320 4.24 -26.57 -54.97
CA PRO F 320 4.90 -26.67 -56.28
C PRO F 320 5.32 -25.32 -56.86
N ASN F 321 4.40 -24.36 -56.90
CA ASN F 321 4.72 -23.01 -57.31
C ASN F 321 5.14 -22.20 -56.08
N PRO F 322 6.40 -21.78 -55.99
CA PRO F 322 6.86 -21.11 -54.75
C PRO F 322 6.11 -19.82 -54.44
N THR F 323 5.55 -19.16 -55.46
CA THR F 323 4.86 -17.89 -55.22
C THR F 323 3.51 -18.07 -54.53
N ASP F 324 2.90 -19.25 -54.64
CA ASP F 324 1.56 -19.47 -54.10
C ASP F 324 1.54 -19.33 -52.58
N ASN F 325 0.40 -18.89 -52.06
CA ASN F 325 0.15 -18.89 -50.63
C ASN F 325 -0.22 -20.29 -50.16
N LEU F 326 0.26 -20.66 -48.98
CA LEU F 326 -0.14 -21.90 -48.32
C LEU F 326 -1.15 -21.53 -47.23
N CYS F 327 -2.41 -21.92 -47.45
CA CYS F 327 -3.53 -21.56 -46.58
C CYS F 327 -3.77 -22.68 -45.57
N ILE F 328 -3.73 -22.33 -44.27
CA ILE F 328 -3.90 -23.28 -43.19
C ILE F 328 -5.20 -22.95 -42.47
N ASN F 329 -5.93 -23.97 -42.05
CA ASN F 329 -7.12 -23.77 -41.23
C ASN F 329 -6.77 -22.99 -39.97
N CYS F 330 -7.58 -21.99 -39.66
CA CYS F 330 -7.44 -21.27 -38.40
C CYS F 330 -7.72 -22.20 -37.22
N SER F 331 -6.94 -22.03 -36.15
CA SER F 331 -7.16 -22.82 -34.94
C SER F 331 -8.50 -22.45 -34.31
N LYS F 332 -9.23 -23.46 -33.86
CA LYS F 332 -10.53 -23.26 -33.22
C LYS F 332 -10.34 -23.44 -31.71
N GLY F 333 -10.20 -22.33 -31.00
CA GLY F 333 -10.06 -22.35 -29.56
C GLY F 333 -8.61 -22.38 -29.10
N CYS F 334 -8.45 -22.23 -27.78
CA CYS F 334 -7.16 -22.21 -27.12
C CYS F 334 -7.09 -23.34 -26.09
N PRO F 335 -5.88 -23.75 -25.70
CA PRO F 335 -5.75 -24.81 -24.70
C PRO F 335 -6.17 -24.33 -23.31
N SER F 336 -6.31 -25.30 -22.40
CA SER F 336 -6.81 -25.03 -21.06
C SER F 336 -5.97 -23.98 -20.35
N GLY F 337 -6.65 -23.00 -19.75
CA GLY F 337 -5.99 -21.91 -19.08
C GLY F 337 -5.78 -20.69 -19.94
N MET F 338 -5.95 -20.80 -21.26
CA MET F 338 -5.72 -19.69 -22.18
C MET F 338 -7.01 -19.31 -22.89
N ILE F 339 -7.07 -18.06 -23.35
CA ILE F 339 -8.18 -17.56 -24.13
C ILE F 339 -7.64 -16.79 -25.33
N GLU F 340 -8.48 -16.66 -26.34
CA GLU F 340 -8.09 -16.02 -27.60
C GLU F 340 -7.87 -14.53 -27.39
N SER F 341 -6.63 -14.07 -27.59
CA SER F 341 -6.30 -12.65 -27.46
C SER F 341 -6.47 -11.90 -28.78
N VAL F 342 -6.11 -12.50 -29.90
CA VAL F 342 -6.23 -11.88 -31.22
C VAL F 342 -6.92 -12.86 -32.16
N GLU F 343 -7.74 -12.34 -33.06
CA GLU F 343 -8.46 -13.16 -34.02
C GLU F 343 -7.53 -13.65 -35.11
N CYS F 344 -7.96 -14.72 -35.79
CA CYS F 344 -7.22 -15.27 -36.92
C CYS F 344 -7.33 -14.32 -38.11
N THR F 345 -6.20 -13.74 -38.51
CA THR F 345 -6.17 -12.87 -39.67
C THR F 345 -5.88 -13.70 -40.93
N SER F 346 -5.81 -13.03 -42.07
CA SER F 346 -5.46 -13.70 -43.31
C SER F 346 -3.96 -13.96 -43.43
N THR F 347 -3.16 -13.45 -42.49
CA THR F 347 -1.71 -13.62 -42.52
C THR F 347 -1.16 -14.37 -41.32
N ALA F 348 -1.93 -14.56 -40.26
CA ALA F 348 -1.45 -15.24 -39.07
C ALA F 348 -2.60 -15.94 -38.37
N ASP F 349 -2.24 -16.98 -37.61
CA ASP F 349 -3.22 -17.74 -36.82
C ASP F 349 -3.63 -16.96 -35.59
N ARG F 350 -4.75 -17.38 -35.00
CA ARG F 350 -5.24 -16.77 -33.76
C ARG F 350 -4.21 -16.88 -32.64
N GLN F 351 -4.11 -15.84 -31.83
CA GLN F 351 -3.16 -15.79 -30.72
C GLN F 351 -3.87 -16.08 -29.40
N CYS F 352 -3.21 -16.85 -28.54
CA CYS F 352 -3.74 -17.20 -27.22
C CYS F 352 -2.86 -16.63 -26.12
N SER F 353 -3.49 -16.24 -25.02
CA SER F 353 -2.80 -15.82 -23.81
C SER F 353 -3.49 -16.43 -22.60
N TYR F 354 -2.71 -16.66 -21.54
CA TYR F 354 -3.25 -17.26 -20.33
C TYR F 354 -4.26 -16.33 -19.65
N ASP F 355 -5.45 -16.84 -19.40
CA ASP F 355 -6.54 -16.07 -18.79
C ASP F 355 -6.24 -15.86 -17.32
N CYS F 356 -5.70 -14.70 -16.98
CA CYS F 356 -5.37 -14.34 -15.61
C CYS F 356 -6.40 -13.41 -14.96
N SER F 357 -7.58 -13.28 -15.57
CA SER F 357 -8.59 -12.37 -15.04
C SER F 357 -9.33 -12.97 -13.84
N HIS F 358 -9.43 -14.29 -13.77
CA HIS F 358 -10.08 -14.98 -12.65
C HIS F 358 -9.06 -15.41 -11.60
N CYS F 359 -8.27 -14.47 -11.10
CA CYS F 359 -7.27 -14.78 -10.08
C CYS F 359 -7.56 -14.02 -8.78
N ASN F 360 -8.81 -14.05 -8.34
CA ASN F 360 -9.21 -13.37 -7.12
C ASN F 360 -8.84 -14.24 -5.91
N HIS F 361 -9.29 -13.84 -4.73
CA HIS F 361 -9.00 -14.59 -3.52
C HIS F 361 -9.73 -15.92 -3.54
N ASN F 362 -8.97 -17.00 -3.34
CA ASN F 362 -9.50 -18.38 -3.38
C ASN F 362 -10.08 -18.70 -4.76
N ALA F 363 -9.35 -18.31 -5.80
CA ALA F 363 -9.72 -18.64 -7.17
C ALA F 363 -8.90 -19.78 -7.76
N THR F 364 -7.64 -19.90 -7.36
CA THR F 364 -6.74 -20.99 -7.78
C THR F 364 -6.63 -21.05 -9.30
N CYS F 365 -6.04 -19.99 -9.85
CA CYS F 365 -5.87 -19.86 -11.28
C CYS F 365 -4.51 -20.45 -11.70
N SER F 366 -4.24 -20.40 -13.00
CA SER F 366 -3.05 -21.03 -13.57
C SER F 366 -1.78 -20.52 -12.90
N ALA F 367 -0.77 -21.40 -12.84
CA ALA F 367 0.53 -21.02 -12.28
C ALA F 367 1.26 -20.03 -13.17
N ALA F 368 0.89 -19.94 -14.44
CA ALA F 368 1.52 -18.98 -15.34
C ALA F 368 1.08 -17.55 -15.09
N CYS F 369 0.19 -17.30 -14.12
CA CYS F 369 -0.31 -15.96 -13.85
C CYS F 369 0.29 -15.33 -12.61
N TYR F 370 1.38 -15.89 -12.08
CA TYR F 370 2.01 -15.35 -10.89
C TYR F 370 3.16 -14.52 -11.44
N ASN F 371 2.92 -13.22 -11.61
CA ASN F 371 3.90 -12.30 -12.17
C ASN F 371 4.46 -12.84 -13.49
N LEU G 1 11.95 6.41 -43.97
CA LEU G 1 10.77 6.61 -43.13
C LEU G 1 10.15 5.27 -42.74
N GLY G 2 9.37 5.28 -41.66
CA GLY G 2 8.61 4.11 -41.28
C GLY G 2 9.41 3.08 -40.51
N SER G 3 8.95 1.84 -40.58
CA SER G 3 9.47 0.73 -39.81
C SER G 3 10.03 -0.35 -40.75
N MET G 4 10.53 -1.42 -40.14
CA MET G 4 11.05 -2.55 -40.90
C MET G 4 9.90 -3.37 -41.45
N ASN G 5 10.08 -3.90 -42.67
CA ASN G 5 9.05 -4.70 -43.31
C ASN G 5 9.70 -5.48 -44.46
N SER G 6 8.89 -6.28 -45.14
CA SER G 6 9.36 -7.05 -46.29
C SER G 6 9.74 -6.17 -47.47
N VAL G 7 9.25 -4.93 -47.50
CA VAL G 7 9.55 -4.00 -48.58
C VAL G 7 10.06 -2.70 -47.98
N ALA G 8 10.85 -1.97 -48.77
CA ALA G 8 11.35 -0.66 -48.37
C ALA G 8 11.57 0.18 -49.62
N VAL G 9 11.61 1.49 -49.43
CA VAL G 9 11.82 2.45 -50.51
C VAL G 9 12.88 3.46 -50.10
N SER G 10 13.78 3.77 -51.03
CA SER G 10 14.63 4.94 -50.92
C SER G 10 13.97 6.10 -51.68
N TYR G 11 14.28 7.32 -51.25
CA TYR G 11 13.63 8.50 -51.79
C TYR G 11 14.62 9.65 -51.79
N GLY G 12 14.20 10.79 -52.35
CA GLY G 12 14.99 11.99 -52.31
C GLY G 12 15.71 12.35 -53.59
N GLY G 13 16.83 13.05 -53.46
CA GLY G 13 17.50 13.63 -54.62
C GLY G 13 18.14 12.63 -55.54
N ASN G 14 18.54 11.46 -55.02
CA ASN G 14 19.19 10.47 -55.85
C ASN G 14 18.22 9.59 -56.61
N GLY G 15 16.93 9.70 -56.35
CA GLY G 15 15.91 8.93 -57.04
C GLY G 15 15.04 8.17 -56.08
N GLN G 16 14.20 7.29 -56.64
CA GLN G 16 13.25 6.50 -55.87
C GLN G 16 13.38 5.04 -56.29
N THR G 17 13.69 4.16 -55.34
CA THR G 17 13.93 2.75 -55.62
C THR G 17 13.16 1.90 -54.63
N LEU G 18 12.48 0.87 -55.13
CA LEU G 18 11.75 -0.09 -54.31
C LEU G 18 12.55 -1.37 -54.16
N CYS G 19 12.78 -1.78 -52.92
CA CYS G 19 13.45 -3.03 -52.60
C CYS G 19 12.49 -3.97 -51.88
N SER G 20 12.53 -5.25 -52.24
CA SER G 20 11.64 -6.25 -51.64
C SER G 20 12.40 -7.55 -51.44
N LEU G 21 11.99 -8.29 -50.40
CA LEU G 21 12.57 -9.59 -50.11
C LEU G 21 11.88 -10.67 -50.95
N ARG G 22 12.65 -11.35 -51.79
CA ARG G 22 12.12 -12.39 -52.66
C ARG G 22 11.95 -13.68 -51.86
N ALA G 23 10.69 -14.09 -51.66
CA ALA G 23 10.43 -15.34 -50.96
C ALA G 23 10.78 -16.56 -51.80
N ASP G 24 10.65 -16.46 -53.13
CA ASP G 24 11.04 -17.57 -53.99
C ASP G 24 12.54 -17.85 -53.89
N LYS G 25 13.36 -16.81 -53.71
CA LYS G 25 14.77 -16.97 -53.41
C LYS G 25 14.94 -17.14 -51.91
N ALA G 26 16.19 -17.16 -51.44
CA ALA G 26 16.48 -17.40 -50.03
C ALA G 26 16.42 -16.09 -49.23
N ASN G 27 15.27 -15.42 -49.32
CA ASN G 27 15.04 -14.13 -48.69
C ASN G 27 16.09 -13.10 -49.10
N VAL G 28 16.46 -13.11 -50.37
CA VAL G 28 17.44 -12.16 -50.92
C VAL G 28 16.68 -10.96 -51.47
N VAL G 29 17.29 -9.79 -51.35
CA VAL G 29 16.66 -8.55 -51.75
C VAL G 29 16.84 -8.33 -53.26
N SER G 30 15.82 -7.78 -53.90
CA SER G 30 15.88 -7.36 -55.29
C SER G 30 15.25 -5.98 -55.40
N CYS G 31 15.93 -5.07 -56.09
CA CYS G 31 15.54 -3.67 -56.13
C CYS G 31 15.39 -3.18 -57.57
N PHE G 32 14.65 -2.09 -57.73
CA PHE G 32 14.54 -1.41 -59.00
C PHE G 32 14.07 0.02 -58.77
N GLY G 33 14.51 0.93 -59.62
CA GLY G 33 14.10 2.31 -59.54
C GLY G 33 15.15 3.22 -60.16
N SER G 34 15.00 4.52 -59.87
CA SER G 34 15.90 5.52 -60.39
C SER G 34 17.10 5.79 -59.48
N ASP G 35 16.99 5.47 -58.19
CA ASP G 35 18.13 5.57 -57.27
C ASP G 35 19.05 4.39 -57.56
N VAL G 36 19.93 4.59 -58.56
CA VAL G 36 20.77 3.50 -59.05
C VAL G 36 21.67 2.94 -57.95
N ALA G 37 22.12 3.79 -57.02
CA ALA G 37 22.93 3.31 -55.90
C ALA G 37 22.18 2.27 -55.08
N SER G 38 20.91 2.52 -54.79
CA SER G 38 20.12 1.59 -54.00
C SER G 38 19.68 0.36 -54.78
N VAL G 39 19.89 0.34 -56.10
CA VAL G 39 19.53 -0.82 -56.90
C VAL G 39 20.72 -1.77 -56.97
N TYR G 40 21.84 -1.29 -57.51
CA TYR G 40 22.97 -2.16 -57.78
C TYR G 40 23.89 -2.35 -56.57
N GLY G 41 23.73 -1.53 -55.53
CA GLY G 41 24.46 -1.73 -54.29
C GLY G 41 23.91 -2.82 -53.39
N ALA G 42 22.73 -3.35 -53.72
CA ALA G 42 22.10 -4.35 -52.87
C ALA G 42 23.01 -5.57 -52.71
N PRO G 43 23.01 -6.21 -51.54
CA PRO G 43 23.84 -7.40 -51.34
C PRO G 43 23.37 -8.53 -52.23
N PRO G 44 24.27 -9.15 -52.99
CA PRO G 44 23.82 -10.07 -54.04
C PRO G 44 23.17 -11.34 -53.50
N ARG G 45 23.72 -11.93 -52.44
CA ARG G 45 23.19 -13.18 -51.88
C ARG G 45 23.21 -13.18 -50.36
N LEU G 46 22.86 -12.07 -49.74
CA LEU G 46 22.81 -12.04 -48.28
C LEU G 46 21.37 -12.20 -47.82
N PRO G 47 21.00 -13.32 -47.20
CA PRO G 47 19.61 -13.46 -46.73
C PRO G 47 19.27 -12.40 -45.69
N LEU G 48 18.15 -11.72 -45.91
CA LEU G 48 17.71 -10.64 -45.03
C LEU G 48 16.34 -10.97 -44.47
N VAL G 49 16.07 -10.45 -43.26
CA VAL G 49 14.77 -10.64 -42.61
C VAL G 49 13.92 -9.39 -42.62
N GLY G 50 14.49 -8.24 -42.98
CA GLY G 50 13.72 -7.01 -43.00
C GLY G 50 14.46 -5.91 -43.74
N LEU G 51 13.70 -4.91 -44.16
CA LEU G 51 14.24 -3.80 -44.93
C LEU G 51 13.66 -2.48 -44.44
N THR G 52 14.47 -1.42 -44.54
CA THR G 52 14.02 -0.07 -44.27
C THR G 52 14.87 0.89 -45.10
N GLY G 53 14.26 1.99 -45.52
CA GLY G 53 14.90 2.90 -46.45
C GLY G 53 14.83 4.34 -45.99
N GLY G 54 15.76 5.13 -46.49
CA GLY G 54 15.81 6.55 -46.21
C GLY G 54 16.10 7.39 -47.45
N ASP G 55 16.73 8.55 -47.25
CA ASP G 55 17.06 9.44 -48.35
C ASP G 55 18.27 8.89 -49.09
N GLY G 56 18.01 8.12 -50.14
CA GLY G 56 19.08 7.63 -50.99
C GLY G 56 19.82 6.42 -50.47
N PHE G 57 19.25 5.68 -49.51
CA PHE G 57 19.89 4.48 -49.00
C PHE G 57 18.82 3.50 -48.53
N VAL G 58 19.21 2.23 -48.47
CA VAL G 58 18.37 1.17 -47.95
C VAL G 58 19.23 0.28 -47.04
N CYS G 59 18.69 -0.09 -45.89
CA CYS G 59 19.38 -0.94 -44.93
C CYS G 59 18.55 -2.20 -44.69
N GLY G 60 19.24 -3.35 -44.68
CA GLY G 60 18.60 -4.62 -44.40
C GLY G 60 19.16 -5.25 -43.14
N LEU G 61 18.32 -6.03 -42.45
CA LEU G 61 18.73 -6.78 -41.28
C LEU G 61 19.10 -8.19 -41.73
N SER G 62 20.38 -8.54 -41.60
CA SER G 62 20.86 -9.84 -42.06
C SER G 62 20.19 -10.98 -41.28
N MET G 63 20.10 -12.13 -41.93
CA MET G 63 19.54 -13.31 -41.27
C MET G 63 20.58 -13.97 -40.38
N GLY G 64 21.60 -14.56 -40.99
CA GLY G 64 22.75 -15.13 -40.29
C GLY G 64 23.24 -14.41 -39.04
N SER G 65 23.73 -13.18 -39.21
CA SER G 65 24.35 -12.44 -38.10
C SER G 65 23.39 -11.49 -37.39
N ARG G 66 22.27 -11.13 -38.02
CA ARG G 66 21.26 -10.25 -37.41
C ARG G 66 21.85 -8.87 -37.11
N GLN G 67 22.59 -8.35 -38.08
CA GLN G 67 23.23 -7.04 -38.02
C GLN G 67 22.79 -6.21 -39.22
N PRO G 68 22.83 -4.89 -39.11
CA PRO G 68 22.41 -4.05 -40.23
C PRO G 68 23.39 -4.11 -41.39
N TYR G 69 22.87 -4.19 -42.60
CA TYR G 69 23.67 -4.09 -43.82
C TYR G 69 23.03 -3.02 -44.71
N CYS G 70 23.75 -1.93 -44.94
CA CYS G 70 23.22 -0.79 -45.67
C CYS G 70 23.93 -0.63 -47.01
N TRP G 71 23.17 -0.16 -48.01
CA TRP G 71 23.71 0.18 -49.30
C TRP G 71 23.03 1.44 -49.82
N GLY G 72 23.64 2.06 -50.82
CA GLY G 72 23.12 3.30 -51.37
C GLY G 72 24.18 4.39 -51.44
N ASN G 73 23.75 5.66 -51.44
CA ASN G 73 24.68 6.77 -51.57
C ASN G 73 24.30 7.92 -50.62
N ASN G 74 24.10 7.60 -49.35
CA ASN G 74 23.87 8.62 -48.32
C ASN G 74 25.15 8.80 -47.53
N ILE G 75 25.62 10.05 -47.44
CA ILE G 75 26.94 10.30 -46.85
C ILE G 75 26.94 10.03 -45.35
N TYR G 76 25.78 10.11 -44.71
CA TYR G 76 25.69 9.95 -43.26
C TYR G 76 25.48 8.50 -42.84
N VAL G 77 25.17 7.61 -43.78
CA VAL G 77 24.96 6.20 -43.51
C VAL G 77 26.05 5.41 -44.20
N GLU G 78 26.87 4.72 -43.42
CA GLU G 78 28.01 3.99 -43.96
C GLU G 78 27.56 2.72 -44.66
N ALA G 79 28.24 2.38 -45.75
CA ALA G 79 27.95 1.17 -46.48
C ALA G 79 28.45 -0.06 -45.73
N GLY G 80 27.71 -1.16 -45.86
CA GLY G 80 28.06 -2.40 -45.18
C GLY G 80 27.44 -2.46 -43.81
N VAL G 81 28.10 -3.13 -42.87
CA VAL G 81 27.61 -3.25 -41.50
C VAL G 81 28.32 -2.21 -40.64
N PRO G 82 27.61 -1.42 -39.85
CA PRO G 82 28.27 -0.39 -39.03
C PRO G 82 29.10 -0.95 -37.91
N ALA G 83 29.80 -0.09 -37.18
CA ALA G 83 30.63 -0.53 -36.08
C ALA G 83 29.74 -1.00 -34.94
N VAL G 84 29.46 -2.31 -34.93
CA VAL G 84 28.54 -2.91 -33.98
C VAL G 84 29.27 -3.79 -32.98
N GLY G 85 30.24 -4.56 -33.44
CA GLY G 85 30.97 -5.48 -32.58
C GLY G 85 30.28 -6.84 -32.53
N ASP G 86 29.82 -7.22 -31.35
CA ASP G 86 29.15 -8.51 -31.15
C ASP G 86 27.64 -8.38 -31.00
N ARG G 87 27.10 -7.16 -30.97
CA ARG G 87 25.69 -6.95 -30.72
C ARG G 87 24.84 -7.45 -31.89
N HIS G 88 23.60 -7.83 -31.57
CA HIS G 88 22.62 -8.28 -32.56
C HIS G 88 21.32 -7.54 -32.33
N TYR G 89 20.53 -7.40 -33.39
CA TYR G 89 19.40 -6.49 -33.39
C TYR G 89 18.11 -7.17 -33.84
N ALA G 90 17.00 -6.77 -33.21
CA ALA G 90 15.70 -7.34 -33.52
C ALA G 90 15.04 -6.65 -34.73
N ALA G 91 15.18 -5.34 -34.85
CA ALA G 91 14.50 -4.61 -35.91
C ALA G 91 15.32 -3.37 -36.29
N LEU G 92 15.00 -2.83 -37.48
CA LEU G 92 15.65 -1.65 -38.01
C LEU G 92 14.61 -0.59 -38.37
N SER G 93 15.06 0.66 -38.44
CA SER G 93 14.22 1.76 -38.90
C SER G 93 15.12 2.89 -39.39
N ALA G 94 14.84 3.40 -40.58
CA ALA G 94 15.68 4.39 -41.24
C ALA G 94 14.92 5.69 -41.43
N GLY G 95 15.54 6.80 -41.02
CA GLY G 95 15.06 8.13 -41.34
C GLY G 95 15.69 8.66 -42.61
N ASP G 96 15.55 9.98 -42.81
CA ASP G 96 16.15 10.61 -43.97
C ASP G 96 17.65 10.42 -44.00
N ASN G 97 18.33 10.73 -42.90
CA ASN G 97 19.79 10.70 -42.84
C ASN G 97 20.28 9.94 -41.62
N HIS G 98 19.57 8.88 -41.23
CA HIS G 98 19.99 8.09 -40.08
C HIS G 98 19.31 6.73 -40.10
N LEU G 99 19.96 5.76 -39.47
CA LEU G 99 19.42 4.43 -39.21
C LEU G 99 19.41 4.17 -37.71
N CYS G 100 18.35 3.52 -37.23
CA CYS G 100 18.27 3.08 -35.84
C CYS G 100 18.05 1.58 -35.80
N ALA G 101 18.67 0.93 -34.82
CA ALA G 101 18.65 -0.53 -34.70
C ALA G 101 18.27 -0.90 -33.27
N LEU G 102 17.16 -1.62 -33.13
CA LEU G 102 16.70 -2.09 -31.82
C LEU G 102 17.48 -3.35 -31.44
N ARG G 103 18.19 -3.30 -30.32
CA ARG G 103 18.99 -4.43 -29.86
C ARG G 103 18.12 -5.65 -29.54
N GLN G 104 18.71 -6.83 -29.73
CA GLN G 104 18.07 -8.05 -29.28
C GLN G 104 18.17 -8.16 -27.76
N SER G 105 17.30 -9.00 -27.19
CA SER G 105 17.31 -9.21 -25.75
C SER G 105 18.68 -9.71 -25.29
N ALA G 106 19.32 -10.58 -26.08
CA ALA G 106 20.63 -11.11 -25.72
C ALA G 106 21.69 -10.02 -25.65
N SER G 107 21.59 -9.00 -26.52
CA SER G 107 22.57 -7.92 -26.56
C SER G 107 22.21 -6.76 -25.64
N TYR G 108 21.10 -6.84 -24.92
CA TYR G 108 20.65 -5.78 -24.05
C TYR G 108 21.20 -5.97 -22.65
N VAL G 109 21.54 -4.86 -22.00
CA VAL G 109 21.96 -4.85 -20.60
C VAL G 109 20.94 -4.06 -19.79
N ALA G 110 20.68 -4.53 -18.57
CA ALA G 110 19.64 -3.92 -17.74
C ALA G 110 20.00 -2.48 -17.39
N GLY G 111 19.02 -1.59 -17.56
CA GLY G 111 19.25 -0.18 -17.29
C GLY G 111 20.12 0.52 -18.31
N GLY G 112 20.50 -0.15 -19.39
CA GLY G 112 21.33 0.42 -20.42
C GLY G 112 20.57 0.69 -21.70
N PRO G 113 21.27 1.19 -22.71
CA PRO G 113 20.58 1.59 -23.94
C PRO G 113 19.99 0.40 -24.69
N ALA G 114 18.81 0.63 -25.28
CA ALA G 114 18.12 -0.40 -26.05
C ALA G 114 18.30 -0.25 -27.56
N VAL G 115 18.56 0.96 -28.04
CA VAL G 115 18.65 1.24 -29.47
C VAL G 115 20.01 1.86 -29.78
N ASP G 116 20.63 1.40 -30.86
CA ASP G 116 21.82 2.02 -31.41
C ASP G 116 21.46 2.66 -32.75
N CYS G 117 21.84 3.93 -32.93
CA CYS G 117 21.53 4.65 -34.14
C CYS G 117 22.80 5.24 -34.74
N TRP G 118 22.82 5.35 -36.07
CA TRP G 118 23.90 5.98 -36.82
C TRP G 118 23.30 7.00 -37.78
N GLY G 119 23.96 8.13 -37.92
CA GLY G 119 23.51 9.15 -38.86
C GLY G 119 23.73 10.58 -38.39
N TYR G 120 23.27 11.54 -39.18
CA TYR G 120 23.46 12.95 -38.85
C TYR G 120 22.65 13.31 -37.61
N ASN G 121 23.34 13.82 -36.58
CA ASN G 121 22.71 14.28 -35.35
C ASN G 121 21.96 13.15 -34.63
N MET G 122 22.34 11.91 -34.93
CA MET G 122 21.66 10.74 -34.39
C MET G 122 22.62 9.61 -33.99
N THR G 123 23.93 9.80 -34.11
CA THR G 123 24.90 8.74 -33.88
C THR G 123 25.09 8.55 -32.38
N GLY G 124 24.62 7.43 -31.85
CA GLY G 124 24.77 7.15 -30.44
C GLY G 124 23.80 6.06 -30.01
N SER G 125 23.75 5.86 -28.70
CA SER G 125 22.84 4.90 -28.09
C SER G 125 21.83 5.64 -27.23
N PHE G 126 20.56 5.25 -27.37
CA PHE G 126 19.46 5.97 -26.70
C PHE G 126 18.45 5.00 -26.10
N ILE G 127 17.62 5.52 -25.20
CA ILE G 127 16.51 4.83 -24.46
C ILE G 127 17.05 3.76 -23.52
N ASN G 128 17.18 4.08 -22.23
CA ASN G 128 17.65 3.08 -21.28
C ASN G 128 16.48 2.24 -20.72
N ALA G 129 15.73 1.62 -21.64
CA ALA G 129 14.62 0.76 -21.26
C ALA G 129 14.21 -0.08 -22.45
N PRO G 130 13.78 -1.32 -22.22
CA PRO G 130 13.50 -2.21 -23.36
C PRO G 130 12.32 -1.74 -24.19
N LEU G 131 12.47 -1.86 -25.51
CA LEU G 131 11.44 -1.50 -26.48
C LEU G 131 10.98 -2.73 -27.26
N LEU G 132 9.76 -2.64 -27.77
CA LEU G 132 9.19 -3.70 -28.61
C LEU G 132 9.41 -3.43 -30.09
N SER G 133 9.10 -2.21 -30.55
CA SER G 133 9.25 -1.85 -31.95
C SER G 133 9.83 -0.45 -32.05
N ILE G 134 10.38 -0.12 -33.22
CA ILE G 134 10.92 1.20 -33.50
C ILE G 134 10.45 1.65 -34.87
N THR G 135 10.30 2.97 -35.02
CA THR G 135 9.97 3.61 -36.29
C THR G 135 10.72 4.92 -36.37
N SER G 136 10.99 5.36 -37.60
CA SER G 136 11.85 6.51 -37.84
C SER G 136 11.14 7.57 -38.66
N GLY G 137 11.18 8.81 -38.18
CA GLY G 137 10.78 9.96 -38.95
C GLY G 137 11.95 10.53 -39.74
N SER G 138 11.72 11.71 -40.33
CA SER G 138 12.76 12.36 -41.12
C SER G 138 14.01 12.62 -40.28
N PHE G 139 13.84 13.23 -39.12
CA PHE G 139 14.97 13.61 -38.28
C PHE G 139 14.79 13.14 -36.84
N PHE G 140 14.01 12.07 -36.66
CA PHE G 140 13.77 11.52 -35.34
C PHE G 140 13.40 10.04 -35.48
N SER G 141 13.46 9.34 -34.36
CA SER G 141 12.99 7.95 -34.27
C SER G 141 12.15 7.79 -33.01
N CYS G 142 11.18 6.89 -33.09
CA CYS G 142 10.27 6.62 -31.98
C CYS G 142 10.21 5.13 -31.69
N GLY G 143 9.68 4.79 -30.52
CA GLY G 143 9.53 3.40 -30.13
C GLY G 143 8.50 3.24 -29.04
N LEU G 144 8.07 1.99 -28.87
CA LEU G 144 7.07 1.62 -27.85
C LEU G 144 7.74 0.81 -26.75
N PHE G 145 7.55 1.24 -25.50
CA PHE G 145 8.09 0.51 -24.36
C PHE G 145 7.53 -0.90 -24.28
N ALA G 146 8.35 -1.82 -23.79
CA ALA G 146 7.89 -3.18 -23.54
C ALA G 146 7.05 -3.25 -22.26
N ALA G 147 7.29 -2.33 -21.32
CA ALA G 147 6.58 -2.37 -20.05
C ALA G 147 5.15 -1.86 -20.18
N ASN G 148 4.97 -0.61 -20.62
CA ASN G 148 3.66 0.02 -20.64
C ASN G 148 3.13 0.35 -22.04
N PHE G 149 3.73 -0.16 -23.10
CA PHE G 149 3.30 0.04 -24.48
C PHE G 149 3.15 1.51 -24.87
N THR G 150 3.72 2.46 -24.08
CA THR G 150 3.57 3.88 -24.40
C THR G 150 4.69 4.35 -25.33
N PRO G 151 4.44 5.38 -26.15
CA PRO G 151 5.45 5.79 -27.13
C PRO G 151 6.48 6.75 -26.56
N VAL G 152 7.68 6.69 -27.14
CA VAL G 152 8.78 7.59 -26.83
C VAL G 152 9.50 7.91 -28.13
N CYS G 153 9.97 9.16 -28.26
CA CYS G 153 10.69 9.60 -29.45
C CYS G 153 11.97 10.30 -29.02
N TRP G 154 12.96 10.29 -29.92
CA TRP G 154 14.25 10.91 -29.67
C TRP G 154 14.82 11.44 -30.97
N GLY G 155 15.72 12.43 -30.85
CA GLY G 155 16.35 13.03 -32.00
C GLY G 155 15.98 14.50 -32.13
N ASP G 156 15.98 14.98 -33.37
CA ASP G 156 15.67 16.37 -33.65
C ASP G 156 14.16 16.56 -33.70
N GLU G 157 13.65 17.41 -32.80
CA GLU G 157 12.23 17.68 -32.68
C GLU G 157 11.79 18.88 -33.50
N THR G 158 12.73 19.68 -34.00
CA THR G 158 12.43 20.93 -34.70
C THR G 158 11.43 20.71 -35.83
N GLY G 159 10.35 21.50 -35.81
CA GLY G 159 9.35 21.47 -36.85
C GLY G 159 8.27 20.42 -36.66
N SER G 160 8.45 19.50 -35.73
CA SER G 160 7.51 18.40 -35.53
C SER G 160 6.86 18.42 -34.16
N GLY G 161 7.65 18.55 -33.10
CA GLY G 161 7.12 18.48 -31.75
C GLY G 161 6.80 17.08 -31.28
N VAL G 162 7.31 16.05 -31.97
CA VAL G 162 6.88 14.69 -31.69
C VAL G 162 7.44 14.14 -30.38
N ILE G 163 8.51 14.73 -29.85
CA ILE G 163 9.09 14.23 -28.62
C ILE G 163 8.29 14.71 -27.41
N SER G 164 8.08 16.02 -27.30
CA SER G 164 7.41 16.58 -26.13
C SER G 164 5.90 16.39 -26.19
N THR G 165 5.31 16.40 -27.38
CA THR G 165 3.86 16.22 -27.54
C THR G 165 3.48 14.75 -27.63
N ALA G 166 4.43 13.84 -27.43
CA ALA G 166 4.13 12.42 -27.47
C ALA G 166 3.08 12.07 -26.42
N PRO G 167 2.02 11.34 -26.79
CA PRO G 167 0.97 11.01 -25.82
C PRO G 167 1.43 9.97 -24.81
N LYS G 168 2.25 10.41 -23.86
CA LYS G 168 2.77 9.52 -22.82
C LYS G 168 1.63 9.13 -21.89
N GLY G 169 1.12 7.91 -22.06
CA GLY G 169 -0.04 7.45 -21.32
C GLY G 169 -0.97 6.62 -22.16
N LEU G 170 -1.05 6.93 -23.46
CA LEU G 170 -1.79 6.09 -24.39
C LEU G 170 -0.92 4.91 -24.83
N GLU G 171 -1.53 3.74 -24.93
CA GLU G 171 -0.83 2.50 -25.26
C GLU G 171 -1.19 2.09 -26.68
N PHE G 172 -0.17 1.76 -27.48
CA PHE G 172 -0.34 1.49 -28.90
C PHE G 172 0.04 0.05 -29.23
N ASN G 173 -0.64 -0.51 -30.23
CA ASN G 173 -0.21 -1.77 -30.81
C ASN G 173 1.02 -1.58 -31.68
N SER G 174 0.99 -0.58 -32.54
CA SER G 174 2.12 -0.25 -33.40
C SER G 174 2.07 1.23 -33.73
N ILE G 175 3.23 1.78 -34.12
CA ILE G 175 3.34 3.17 -34.52
C ILE G 175 4.21 3.27 -35.76
N THR G 176 3.87 4.23 -36.62
CA THR G 176 4.68 4.56 -37.79
C THR G 176 4.94 6.06 -37.80
N ALA G 177 6.13 6.43 -38.22
CA ALA G 177 6.56 7.84 -38.22
C ALA G 177 6.61 8.37 -39.63
N GLY G 178 6.05 9.57 -39.82
CA GLY G 178 6.16 10.30 -41.07
C GLY G 178 7.31 11.28 -41.03
N GLY G 179 7.28 12.26 -41.93
CA GLY G 179 8.36 13.23 -41.97
C GLY G 179 8.38 14.17 -40.78
N TYR G 180 7.20 14.54 -40.27
CA TYR G 180 7.12 15.43 -39.11
C TYR G 180 5.93 15.07 -38.21
N HIS G 181 5.52 13.82 -38.22
CA HIS G 181 4.37 13.38 -37.44
C HIS G 181 4.46 11.87 -37.23
N VAL G 182 3.71 11.38 -36.25
CA VAL G 182 3.67 9.95 -35.92
C VAL G 182 2.21 9.53 -35.77
N CYS G 183 1.84 8.42 -36.40
CA CYS G 183 0.52 7.83 -36.26
C CYS G 183 0.65 6.41 -35.71
N GLY G 184 -0.36 6.00 -34.93
CA GLY G 184 -0.33 4.69 -34.30
C GLY G 184 -1.71 4.13 -34.12
N ILE G 185 -1.76 2.80 -33.98
CA ILE G 185 -3.00 2.07 -33.72
C ILE G 185 -3.06 1.74 -32.24
N LEU G 186 -4.12 2.20 -31.57
CA LEU G 186 -4.27 1.99 -30.14
C LEU G 186 -4.47 0.51 -29.82
N GLN G 187 -3.94 0.09 -28.67
CA GLN G 187 -4.16 -1.27 -28.22
C GLN G 187 -5.62 -1.55 -27.92
N ASN G 188 -6.31 -0.60 -27.27
CA ASN G 188 -7.71 -0.76 -26.90
C ASN G 188 -8.59 -0.17 -27.99
N GLY G 189 -9.27 -1.02 -28.75
CA GLY G 189 -10.19 -0.59 -29.78
C GLY G 189 -9.60 -0.45 -31.16
N GLN G 190 -8.26 -0.40 -31.27
CA GLN G 190 -7.56 -0.31 -32.54
C GLN G 190 -7.92 0.95 -33.32
N ARG G 191 -8.22 2.04 -32.63
CA ARG G 191 -8.38 3.33 -33.26
C ARG G 191 -7.01 3.91 -33.64
N THR G 192 -7.02 4.80 -34.63
CA THR G 192 -5.81 5.45 -35.10
C THR G 192 -5.69 6.83 -34.47
N PHE G 193 -4.56 7.08 -33.81
CA PHE G 193 -4.25 8.38 -33.20
C PHE G 193 -2.91 8.88 -33.73
N CYS G 194 -2.85 10.17 -34.04
CA CYS G 194 -1.65 10.79 -34.56
C CYS G 194 -1.29 12.01 -33.72
N TRP G 195 -0.01 12.38 -33.77
CA TRP G 195 0.45 13.59 -33.10
C TRP G 195 1.62 14.16 -33.88
N GLY G 196 1.97 15.41 -33.55
CA GLY G 196 3.02 16.13 -34.24
C GLY G 196 2.52 17.33 -35.01
N ARG G 197 3.19 18.46 -34.85
CA ARG G 197 2.78 19.71 -35.49
C ARG G 197 3.12 19.64 -36.97
N SER G 198 2.21 19.05 -37.74
CA SER G 198 2.41 18.87 -39.17
C SER G 198 1.10 19.11 -39.90
N LEU G 199 1.21 19.50 -41.17
CA LEU G 199 0.04 19.67 -42.03
C LEU G 199 -0.54 18.34 -42.49
N ALA G 200 0.13 17.23 -42.22
CA ALA G 200 -0.48 15.92 -42.44
C ALA G 200 -1.67 15.69 -41.53
N LEU G 201 -1.74 16.40 -40.41
CA LEU G 201 -2.83 16.29 -39.45
C LEU G 201 -3.75 17.51 -39.52
N GLN G 202 -3.77 18.18 -40.68
CA GLN G 202 -4.62 19.35 -40.88
C GLN G 202 -6.10 18.97 -40.79
N ASP G 203 -6.48 17.88 -41.44
CA ASP G 203 -7.86 17.42 -41.39
C ASP G 203 -8.10 16.44 -40.24
N GLY G 204 -7.13 15.60 -39.92
CA GLY G 204 -7.28 14.63 -38.86
C GLY G 204 -7.48 13.23 -39.38
N VAL G 205 -7.65 12.30 -38.43
CA VAL G 205 -7.80 10.89 -38.77
C VAL G 205 -9.18 10.66 -39.38
N PRO G 206 -9.29 9.90 -40.48
CA PRO G 206 -10.61 9.59 -41.04
C PRO G 206 -11.50 8.89 -40.02
N LYS G 207 -12.66 9.49 -39.76
CA LYS G 207 -13.54 9.01 -38.70
C LYS G 207 -14.01 7.59 -38.98
N GLY G 208 -13.91 6.74 -37.96
CA GLY G 208 -14.44 5.39 -38.05
C GLY G 208 -13.62 4.41 -38.85
N ALA G 209 -12.32 4.64 -39.00
CA ALA G 209 -11.45 3.78 -39.80
C ALA G 209 -10.58 2.95 -38.88
N ILE G 210 -10.71 1.63 -38.99
CA ILE G 210 -9.87 0.69 -38.25
C ILE G 210 -8.87 0.09 -39.23
N PHE G 211 -7.59 0.28 -38.94
CA PHE G 211 -6.52 -0.21 -39.81
C PHE G 211 -5.75 -1.34 -39.13
N THR G 212 -5.05 -2.11 -39.95
CA THR G 212 -4.11 -3.12 -39.45
C THR G 212 -2.68 -2.59 -39.38
N SER G 213 -2.24 -1.87 -40.40
CA SER G 213 -0.90 -1.30 -40.44
C SER G 213 -0.98 0.10 -41.03
N LEU G 214 0.03 0.91 -40.73
CA LEU G 214 0.09 2.29 -41.17
C LEU G 214 1.47 2.62 -41.75
N VAL G 215 1.47 3.53 -42.72
CA VAL G 215 2.70 4.11 -43.27
C VAL G 215 2.46 5.60 -43.46
N ALA G 216 3.54 6.36 -43.51
CA ALA G 216 3.42 7.82 -43.61
C ALA G 216 4.60 8.40 -44.38
N GLY G 217 4.30 9.33 -45.28
CA GLY G 217 5.30 10.10 -45.99
C GLY G 217 5.65 11.37 -45.25
N LYS G 218 6.17 12.35 -46.01
CA LYS G 218 6.53 13.63 -45.41
C LYS G 218 5.31 14.33 -44.82
N PHE G 219 4.24 14.45 -45.60
CA PHE G 219 3.04 15.14 -45.16
C PHE G 219 1.80 14.34 -45.56
N SER G 220 1.84 13.03 -45.36
CA SER G 220 0.74 12.15 -45.74
C SER G 220 0.80 10.90 -44.88
N THR G 221 -0.34 10.20 -44.80
CA THR G 221 -0.45 8.96 -44.05
C THR G 221 -1.40 8.02 -44.78
N CYS G 222 -1.05 6.73 -44.83
CA CYS G 222 -1.89 5.72 -45.44
C CYS G 222 -2.12 4.56 -44.48
N GLY G 223 -3.25 3.89 -44.64
CA GLY G 223 -3.58 2.75 -43.80
C GLY G 223 -4.36 1.70 -44.57
N LEU G 224 -4.22 0.45 -44.13
CA LEU G 224 -4.91 -0.68 -44.72
C LEU G 224 -6.08 -1.08 -43.81
N HIS G 225 -7.29 -1.07 -44.34
CA HIS G 225 -8.47 -1.41 -43.55
C HIS G 225 -8.38 -2.82 -42.98
N LYS G 226 -9.02 -3.01 -41.83
CA LYS G 226 -8.96 -4.30 -41.15
C LYS G 226 -9.62 -5.41 -41.97
N ASP G 227 -10.75 -5.10 -42.60
CA ASP G 227 -11.52 -6.11 -43.34
C ASP G 227 -11.10 -6.19 -44.81
N THR G 228 -11.20 -5.07 -45.53
CA THR G 228 -10.99 -5.08 -46.97
C THR G 228 -9.53 -5.12 -47.37
N HIS G 229 -8.61 -4.72 -46.47
CA HIS G 229 -7.19 -4.63 -46.78
C HIS G 229 -6.91 -3.68 -47.94
N LEU G 230 -7.74 -2.61 -48.06
CA LEU G 230 -7.65 -1.57 -49.07
C LEU G 230 -6.99 -0.31 -48.50
N PRO G 231 -6.22 0.41 -49.33
CA PRO G 231 -5.51 1.58 -48.81
C PRO G 231 -6.41 2.80 -48.70
N LEU G 232 -6.20 3.57 -47.61
CA LEU G 232 -6.89 4.83 -47.38
C LEU G 232 -5.83 5.86 -46.98
N CYS G 233 -5.56 6.82 -47.87
CA CYS G 233 -4.51 7.79 -47.67
C CYS G 233 -5.10 9.19 -47.47
N TRP G 234 -4.49 9.95 -46.56
CA TRP G 234 -4.90 11.32 -46.31
C TRP G 234 -3.66 12.15 -45.96
N GLY G 235 -3.80 13.46 -46.06
CA GLY G 235 -2.75 14.37 -45.69
C GLY G 235 -2.69 15.58 -46.60
N PHE G 236 -1.59 16.32 -46.49
CA PHE G 236 -1.42 17.56 -47.22
C PHE G 236 -1.12 17.31 -48.70
N THR G 237 -1.67 18.18 -49.55
CA THR G 237 -1.44 18.19 -51.01
C THR G 237 -1.55 16.80 -51.63
N LEU G 238 -2.46 15.98 -51.10
CA LEU G 238 -2.65 14.63 -51.61
C LEU G 238 -3.69 14.64 -52.73
N PRO G 239 -3.41 14.04 -53.89
CA PRO G 239 -4.36 13.99 -55.01
C PRO G 239 -5.52 13.04 -54.76
N ASN G 247 -8.65 -0.22 -55.67
CA ASN G 247 -9.16 -1.48 -56.21
C ASN G 247 -8.38 -2.68 -55.69
N VAL G 248 -7.06 -2.57 -55.73
CA VAL G 248 -6.20 -3.71 -55.41
C VAL G 248 -5.97 -3.75 -53.90
N PRO G 249 -6.25 -4.87 -53.23
CA PRO G 249 -5.89 -5.01 -51.81
C PRO G 249 -4.43 -5.36 -51.65
N PHE G 250 -3.86 -4.91 -50.53
CA PHE G 250 -2.44 -5.06 -50.26
C PHE G 250 -2.23 -5.75 -48.93
N SER G 251 -1.14 -6.53 -48.85
CA SER G 251 -0.75 -7.14 -47.59
C SER G 251 0.07 -6.21 -46.72
N ALA G 252 0.88 -5.35 -47.34
CA ALA G 252 1.68 -4.38 -46.59
C ALA G 252 1.92 -3.16 -47.47
N LEU G 253 2.22 -2.04 -46.83
CA LEU G 253 2.53 -0.80 -47.51
C LEU G 253 3.91 -0.29 -47.09
N VAL G 254 4.44 0.63 -47.90
CA VAL G 254 5.66 1.34 -47.57
C VAL G 254 5.59 2.72 -48.23
N ALA G 255 6.06 3.74 -47.51
CA ALA G 255 5.91 5.13 -47.94
C ALA G 255 7.28 5.78 -48.11
N GLY G 256 7.47 6.42 -49.26
CA GLY G 256 8.58 7.33 -49.47
C GLY G 256 8.24 8.72 -48.98
N ASP G 257 8.97 9.71 -49.49
CA ASP G 257 8.70 11.09 -49.13
C ASP G 257 7.41 11.59 -49.75
N TYR G 258 7.20 11.30 -51.05
CA TYR G 258 6.00 11.76 -51.75
C TYR G 258 5.42 10.67 -52.65
N PHE G 259 5.60 9.41 -52.26
CA PHE G 259 5.01 8.29 -52.98
C PHE G 259 4.84 7.12 -52.01
N VAL G 260 3.90 6.23 -52.33
CA VAL G 260 3.57 5.09 -51.49
C VAL G 260 3.53 3.84 -52.36
N CYS G 261 4.14 2.76 -51.90
CA CYS G 261 4.14 1.48 -52.59
C CYS G 261 3.49 0.41 -51.72
N GLY G 262 2.89 -0.58 -52.38
CA GLY G 262 2.22 -1.66 -51.68
C GLY G 262 2.45 -3.04 -52.27
N LEU G 263 2.78 -4.01 -51.42
CA LEU G 263 2.90 -5.41 -51.82
C LEU G 263 1.52 -6.03 -51.86
N PRO G 264 1.04 -6.43 -53.04
CA PRO G 264 -0.35 -6.93 -53.14
C PRO G 264 -0.58 -8.19 -52.32
N LEU G 265 -1.83 -8.34 -51.86
CA LEU G 265 -2.20 -9.54 -51.12
C LEU G 265 -2.14 -10.78 -52.00
N THR G 266 -2.44 -10.63 -53.29
CA THR G 266 -2.25 -11.73 -54.22
C THR G 266 -0.79 -11.81 -54.62
N PRO G 267 -0.09 -12.91 -54.33
CA PRO G 267 1.34 -12.97 -54.60
C PRO G 267 1.70 -12.95 -56.08
N SER G 268 0.74 -13.23 -56.98
CA SER G 268 1.03 -13.18 -58.40
C SER G 268 1.17 -11.75 -58.89
N LEU G 269 0.35 -10.85 -58.37
CA LEU G 269 0.34 -9.47 -58.84
C LEU G 269 1.62 -8.74 -58.41
N PRO G 270 2.18 -7.90 -59.27
CA PRO G 270 3.40 -7.15 -58.92
C PRO G 270 3.07 -5.91 -58.10
N GLN G 271 4.12 -5.34 -57.53
CA GLN G 271 3.98 -4.18 -56.65
C GLN G 271 3.48 -2.96 -57.41
N GLN G 272 2.63 -2.17 -56.75
CA GLN G 272 2.09 -0.93 -57.29
C GLN G 272 2.54 0.25 -56.44
N CYS G 273 2.84 1.38 -57.10
CA CYS G 273 3.23 2.61 -56.43
C CYS G 273 2.47 3.78 -57.02
N TRP G 274 2.17 4.77 -56.17
CA TRP G 274 1.46 5.97 -56.60
C TRP G 274 1.99 7.17 -55.85
N GLY G 275 1.89 8.35 -56.50
CA GLY G 275 2.33 9.58 -55.87
C GLY G 275 1.39 10.05 -54.78
N SER G 276 1.96 10.58 -53.70
CA SER G 276 1.19 11.03 -52.55
C SER G 276 1.37 12.52 -52.25
N GLY G 277 1.86 13.30 -53.21
CA GLY G 277 1.95 14.73 -53.04
C GLY G 277 3.21 15.29 -53.68
N TYR G 278 3.57 16.51 -53.29
CA TYR G 278 4.72 17.19 -53.83
C TYR G 278 5.05 18.37 -52.92
N PRO G 279 6.32 18.79 -52.86
CA PRO G 279 6.69 19.90 -51.98
C PRO G 279 6.30 21.25 -52.55
N VAL G 280 5.90 22.16 -51.65
CA VAL G 280 5.62 23.55 -51.99
C VAL G 280 6.26 24.46 -50.96
N THR G 281 6.66 25.65 -51.40
CA THR G 281 7.18 26.65 -50.48
C THR G 281 6.05 27.25 -49.65
N LEU G 282 6.22 27.21 -48.33
CA LEU G 282 5.26 27.73 -47.38
C LEU G 282 5.89 28.81 -46.52
N PRO G 283 5.09 29.70 -45.92
CA PRO G 283 5.66 30.77 -45.10
C PRO G 283 6.15 30.25 -43.74
N THR G 284 7.35 30.69 -43.37
CA THR G 284 7.95 30.39 -42.08
C THR G 284 8.12 31.68 -41.27
N GLY G 285 8.53 31.52 -40.01
CA GLY G 285 8.96 32.67 -39.22
C GLY G 285 10.04 33.50 -39.89
N ILE G 286 11.03 32.83 -40.51
CA ILE G 286 12.14 33.54 -41.14
C ILE G 286 11.75 34.07 -42.51
N ALA G 287 10.91 33.35 -43.26
CA ALA G 287 10.43 33.77 -44.57
C ALA G 287 8.91 33.93 -44.48
N PRO G 288 8.45 35.03 -43.88
CA PRO G 288 7.00 35.16 -43.61
C PRO G 288 6.15 35.37 -44.86
N GLY G 289 6.68 36.01 -45.89
CA GLY G 289 5.81 36.29 -47.02
C GLY G 289 5.15 37.66 -46.91
N MET G 290 4.82 38.21 -48.06
CA MET G 290 4.42 39.61 -48.15
C MET G 290 2.90 39.73 -48.00
N CYS G 291 2.46 40.44 -46.96
CA CYS G 291 1.05 40.78 -46.83
C CYS G 291 0.75 42.00 -47.69
N SER G 292 -0.16 41.85 -48.65
CA SER G 292 -0.46 42.92 -49.59
C SER G 292 -1.97 43.00 -49.81
N SER G 293 -2.44 44.23 -50.01
CA SER G 293 -3.84 44.44 -50.35
C SER G 293 -4.12 44.21 -51.83
N LEU G 294 -3.10 44.34 -52.68
CA LEU G 294 -3.19 44.15 -54.12
C LEU G 294 -2.92 42.69 -54.48
N PRO G 295 -3.29 42.27 -55.70
CA PRO G 295 -2.91 40.93 -56.15
C PRO G 295 -1.40 40.73 -56.15
N CYS G 296 -0.98 39.49 -55.91
CA CYS G 296 0.43 39.19 -55.75
C CYS G 296 1.19 39.39 -57.06
N MET G 297 2.38 39.96 -56.96
CA MET G 297 3.21 40.26 -58.12
C MET G 297 3.69 38.97 -58.78
N SER G 298 4.25 39.13 -59.98
CA SER G 298 4.78 37.99 -60.73
C SER G 298 5.89 37.32 -59.94
N GLY G 299 5.85 35.98 -59.92
CA GLY G 299 6.80 35.20 -59.17
C GLY G 299 6.35 34.83 -57.77
N THR G 300 5.15 35.24 -57.36
CA THR G 300 4.60 34.90 -56.06
C THR G 300 3.14 34.51 -56.23
N TYR G 301 2.62 33.77 -55.25
CA TYR G 301 1.24 33.31 -55.30
C TYR G 301 0.54 33.62 -53.98
N SER G 302 -0.76 33.90 -54.07
CA SER G 302 -1.58 34.18 -52.90
C SER G 302 -1.94 32.87 -52.21
N LEU G 303 -1.41 32.68 -50.99
CA LEU G 303 -1.67 31.46 -50.24
C LEU G 303 -3.16 31.30 -49.95
N SER G 304 -3.68 30.09 -50.19
CA SER G 304 -5.09 29.83 -50.03
C SER G 304 -5.52 30.03 -48.57
N ALA G 305 -6.78 30.44 -48.40
CA ALA G 305 -7.29 30.75 -47.06
C ALA G 305 -7.26 29.54 -46.14
N GLU G 306 -7.44 28.34 -46.68
CA GLU G 306 -7.45 27.14 -45.85
C GLU G 306 -6.10 26.93 -45.17
N VAL G 307 -5.01 26.99 -45.95
CA VAL G 307 -3.69 26.77 -45.38
C VAL G 307 -3.28 27.94 -44.48
N VAL G 308 -3.75 29.15 -44.79
CA VAL G 308 -3.48 30.31 -43.93
C VAL G 308 -4.06 30.07 -42.54
N LYS G 309 -5.31 29.60 -42.48
CA LYS G 309 -5.94 29.34 -41.19
C LYS G 309 -5.21 28.22 -40.43
N ALA G 310 -4.70 27.23 -41.16
CA ALA G 310 -4.02 26.12 -40.51
C ALA G 310 -2.70 26.57 -39.88
N LEU G 311 -1.96 27.42 -40.58
CA LEU G 311 -0.66 27.88 -40.11
C LEU G 311 -0.75 29.03 -39.12
N ALA G 312 -1.95 29.55 -38.84
CA ALA G 312 -2.10 30.69 -37.95
C ALA G 312 -2.98 30.37 -36.74
N ALA G 313 -2.74 29.22 -36.13
CA ALA G 313 -3.52 28.72 -35.01
C ALA G 313 -3.32 29.57 -33.75
N SER G 314 -4.18 29.31 -32.75
CA SER G 314 -4.11 29.91 -31.41
C SER G 314 -4.53 31.38 -31.40
N GLY G 315 -5.67 31.67 -32.02
CA GLY G 315 -6.32 32.96 -31.83
C GLY G 315 -5.60 34.14 -32.43
N ALA G 316 -5.06 33.99 -33.63
CA ALA G 316 -4.35 35.07 -34.31
C ALA G 316 -4.52 34.91 -35.80
N THR G 317 -4.56 36.03 -36.51
CA THR G 317 -4.59 36.03 -37.96
C THR G 317 -3.18 36.18 -38.50
N LEU G 318 -2.94 35.57 -39.66
CA LEU G 318 -1.58 35.52 -40.19
C LEU G 318 -1.12 36.91 -40.65
N CYS G 319 -1.92 37.57 -41.51
CA CYS G 319 -1.66 38.97 -41.82
C CYS G 319 -2.49 39.87 -40.90
N PRO G 320 -1.94 41.04 -40.53
CA PRO G 320 -2.70 41.97 -39.67
C PRO G 320 -4.10 42.26 -40.18
N ASN G 321 -4.23 42.64 -41.46
CA ASN G 321 -5.53 42.83 -42.08
C ASN G 321 -5.96 41.50 -42.68
N PRO G 322 -7.02 40.86 -42.20
CA PRO G 322 -7.39 39.53 -42.71
C PRO G 322 -7.70 39.50 -44.18
N THR G 323 -8.12 40.63 -44.76
CA THR G 323 -8.48 40.65 -46.18
C THR G 323 -7.26 40.58 -47.08
N ASP G 324 -6.09 40.97 -46.59
CA ASP G 324 -4.89 41.03 -47.41
C ASP G 324 -4.49 39.64 -47.89
N ASN G 325 -3.89 39.60 -49.08
CA ASN G 325 -3.28 38.38 -49.60
C ASN G 325 -1.91 38.18 -48.98
N LEU G 326 -1.58 36.91 -48.70
CA LEU G 326 -0.24 36.53 -48.25
C LEU G 326 0.50 35.95 -49.45
N CYS G 327 1.50 36.67 -49.95
CA CYS G 327 2.22 36.30 -51.16
C CYS G 327 3.50 35.56 -50.80
N ILE G 328 3.64 34.34 -51.31
CA ILE G 328 4.81 33.49 -51.05
C ILE G 328 5.56 33.27 -52.37
N ASN G 329 6.89 33.21 -52.27
CA ASN G 329 7.73 32.91 -53.43
C ASN G 329 7.27 31.65 -54.12
N CYS G 330 7.16 31.70 -55.45
CA CYS G 330 6.91 30.48 -56.20
C CYS G 330 8.09 29.52 -56.08
N SER G 331 7.79 28.23 -55.98
CA SER G 331 8.85 27.23 -55.94
C SER G 331 9.59 27.18 -57.27
N LYS G 332 10.91 27.08 -57.19
CA LYS G 332 11.76 27.02 -58.38
C LYS G 332 12.20 25.58 -58.58
N GLY G 333 11.50 24.85 -59.45
CA GLY G 333 11.85 23.50 -59.79
C GLY G 333 11.14 22.47 -58.93
N CYS G 334 11.31 21.21 -59.32
CA CYS G 334 10.73 20.06 -58.66
C CYS G 334 11.85 19.12 -58.19
N PRO G 335 11.57 18.25 -57.22
CA PRO G 335 12.61 17.32 -56.76
C PRO G 335 12.87 16.24 -57.81
N SER G 336 13.98 15.53 -57.59
CA SER G 336 14.46 14.54 -58.55
C SER G 336 13.39 13.48 -58.83
N GLY G 337 13.20 13.17 -60.11
CA GLY G 337 12.19 12.24 -60.54
C GLY G 337 10.86 12.88 -60.89
N MET G 338 10.66 14.15 -60.55
CA MET G 338 9.42 14.86 -60.81
C MET G 338 9.70 16.03 -61.76
N ILE G 339 8.66 16.44 -62.49
CA ILE G 339 8.74 17.60 -63.37
C ILE G 339 7.52 18.48 -63.12
N GLU G 340 7.65 19.75 -63.51
CA GLU G 340 6.59 20.72 -63.29
C GLU G 340 5.40 20.38 -64.17
N SER G 341 4.28 20.03 -63.54
CA SER G 341 3.06 19.71 -64.28
C SER G 341 2.20 20.94 -64.53
N VAL G 342 2.14 21.86 -63.57
CA VAL G 342 1.37 23.08 -63.68
C VAL G 342 2.26 24.25 -63.27
N GLU G 343 2.10 25.38 -63.97
CA GLU G 343 2.88 26.56 -63.65
C GLU G 343 2.38 27.24 -62.38
N CYS G 344 3.24 28.05 -61.78
CA CYS G 344 2.86 28.81 -60.60
C CYS G 344 1.88 29.91 -61.01
N THR G 345 0.65 29.80 -60.54
CA THR G 345 -0.35 30.82 -60.81
C THR G 345 -0.32 31.88 -59.71
N SER G 346 -1.20 32.87 -59.82
CA SER G 346 -1.33 33.88 -58.78
C SER G 346 -2.11 33.39 -57.57
N THR G 347 -2.66 32.17 -57.63
CA THR G 347 -3.45 31.61 -56.55
C THR G 347 -2.88 30.33 -55.97
N ALA G 348 -1.93 29.69 -56.63
CA ALA G 348 -1.38 28.43 -56.16
C ALA G 348 0.06 28.29 -56.62
N ASP G 349 0.81 27.48 -55.87
CA ASP G 349 2.19 27.18 -56.22
C ASP G 349 2.26 26.19 -57.38
N ARG G 350 3.43 26.11 -58.01
CA ARG G 350 3.64 25.16 -59.09
C ARG G 350 3.43 23.73 -58.60
N GLN G 351 2.84 22.91 -59.46
CA GLN G 351 2.56 21.51 -59.14
C GLN G 351 3.57 20.60 -59.81
N CYS G 352 4.01 19.57 -59.09
CA CYS G 352 4.95 18.59 -59.59
C CYS G 352 4.30 17.22 -59.67
N SER G 353 4.69 16.45 -60.69
CA SER G 353 4.29 15.06 -60.81
C SER G 353 5.49 14.23 -61.24
N TYR G 354 5.50 12.96 -60.84
CA TYR G 354 6.62 12.08 -61.20
C TYR G 354 6.63 11.84 -62.70
N ASP G 355 7.78 12.11 -63.33
CA ASP G 355 7.92 11.99 -64.77
C ASP G 355 7.97 10.52 -65.15
N CYS G 356 6.81 9.98 -65.56
CA CYS G 356 6.71 8.58 -65.98
C CYS G 356 6.66 8.43 -67.49
N SER G 357 7.01 9.49 -68.24
CA SER G 357 6.94 9.41 -69.69
C SER G 357 8.13 8.69 -70.29
N HIS G 358 9.28 8.72 -69.61
CA HIS G 358 10.47 8.00 -70.05
C HIS G 358 10.59 6.66 -69.35
N CYS G 359 9.56 5.83 -69.45
CA CYS G 359 9.55 4.51 -68.84
C CYS G 359 9.44 3.43 -69.91
N ASN G 360 10.24 3.54 -70.96
CA ASN G 360 10.24 2.55 -72.03
C ASN G 360 11.01 1.31 -71.57
N HIS G 361 11.27 0.39 -72.50
CA HIS G 361 11.97 -0.85 -72.17
C HIS G 361 13.41 -0.55 -71.80
N ASN G 362 13.82 -0.98 -70.61
CA ASN G 362 15.16 -0.76 -70.08
C ASN G 362 15.47 0.73 -69.96
N ALA G 363 14.51 1.47 -69.40
CA ALA G 363 14.69 2.90 -69.15
C ALA G 363 15.06 3.21 -67.70
N THR G 364 14.64 2.36 -66.76
CA THR G 364 14.95 2.50 -65.34
C THR G 364 14.50 3.85 -64.79
N CYS G 365 13.20 4.06 -64.82
CA CYS G 365 12.60 5.29 -64.33
C CYS G 365 12.23 5.12 -62.85
N SER G 366 11.65 6.18 -62.27
CA SER G 366 11.35 6.20 -60.84
C SER G 366 10.47 5.02 -60.44
N ALA G 367 10.65 4.56 -59.20
CA ALA G 367 9.84 3.47 -58.68
C ALA G 367 8.38 3.87 -58.47
N ALA G 368 8.09 5.17 -58.41
CA ALA G 368 6.72 5.63 -58.26
C ALA G 368 5.91 5.49 -59.54
N CYS G 369 6.52 5.00 -60.63
CA CYS G 369 5.86 4.86 -61.92
C CYS G 369 5.51 3.41 -62.25
N TYR G 370 5.49 2.53 -61.25
CA TYR G 370 5.35 1.09 -61.47
C TYR G 370 3.89 0.69 -61.30
N ASN G 371 3.19 0.52 -62.42
CA ASN G 371 1.81 0.03 -62.39
C ASN G 371 1.65 -1.13 -63.37
N LEU H 1 -43.47 -2.30 -16.80
CA LEU H 1 -42.29 -2.69 -17.57
C LEU H 1 -41.04 -2.66 -16.69
N GLY H 2 -40.02 -3.40 -17.12
CA GLY H 2 -38.73 -3.35 -16.45
C GLY H 2 -38.66 -4.24 -15.22
N SER H 3 -37.76 -3.84 -14.31
CA SER H 3 -37.41 -4.61 -13.13
C SER H 3 -37.75 -3.82 -11.87
N MET H 4 -37.47 -4.44 -10.72
CA MET H 4 -37.67 -3.80 -9.44
C MET H 4 -36.57 -2.77 -9.18
N ASN H 5 -36.94 -1.67 -8.53
CA ASN H 5 -35.99 -0.62 -8.19
C ASN H 5 -36.60 0.26 -7.12
N SER H 6 -35.84 1.27 -6.70
CA SER H 6 -36.34 2.22 -5.71
C SER H 6 -37.46 3.09 -6.24
N VAL H 7 -37.62 3.18 -7.56
CA VAL H 7 -38.67 3.96 -8.19
C VAL H 7 -39.44 3.08 -9.16
N ALA H 8 -40.69 3.44 -9.40
CA ALA H 8 -41.52 2.75 -10.37
C ALA H 8 -42.54 3.73 -10.94
N VAL H 9 -43.06 3.39 -12.12
CA VAL H 9 -44.05 4.22 -12.79
C VAL H 9 -45.20 3.35 -13.27
N SER H 10 -46.42 3.83 -13.08
CA SER H 10 -47.59 3.30 -13.75
C SER H 10 -47.84 4.09 -15.04
N TYR H 11 -48.47 3.45 -16.01
CA TYR H 11 -48.67 4.06 -17.31
C TYR H 11 -49.99 3.56 -17.90
N GLY H 12 -50.34 4.10 -19.07
CA GLY H 12 -51.51 3.64 -19.78
C GLY H 12 -52.72 4.56 -19.71
N GLY H 13 -53.91 3.96 -19.84
CA GLY H 13 -55.12 4.74 -20.01
C GLY H 13 -55.55 5.48 -18.75
N ASN H 14 -55.18 4.97 -17.58
CA ASN H 14 -55.60 5.62 -16.33
C ASN H 14 -54.69 6.77 -15.93
N GLY H 15 -53.58 6.96 -16.63
CA GLY H 15 -52.66 8.05 -16.34
C GLY H 15 -51.25 7.56 -16.12
N GLN H 16 -50.39 8.47 -15.66
CA GLN H 16 -48.99 8.19 -15.43
C GLN H 16 -48.61 8.70 -14.04
N THR H 17 -48.15 7.79 -13.19
CA THR H 17 -47.82 8.10 -11.80
C THR H 17 -46.45 7.53 -11.45
N LEU H 18 -45.61 8.35 -10.81
CA LEU H 18 -44.30 7.92 -10.35
C LEU H 18 -44.35 7.66 -8.86
N CYS H 19 -43.93 6.46 -8.45
CA CYS H 19 -43.82 6.09 -7.05
C CYS H 19 -42.35 5.88 -6.70
N SER H 20 -41.95 6.37 -5.52
CA SER H 20 -40.57 6.26 -5.08
C SER H 20 -40.53 5.95 -3.59
N LEU H 21 -39.48 5.25 -3.18
CA LEU H 21 -39.26 4.92 -1.77
C LEU H 21 -38.57 6.09 -1.09
N ARG H 22 -39.23 6.67 -0.09
CA ARG H 22 -38.69 7.82 0.63
C ARG H 22 -37.66 7.34 1.65
N ALA H 23 -36.40 7.70 1.42
CA ALA H 23 -35.34 7.32 2.36
C ALA H 23 -35.44 8.11 3.66
N ASP H 24 -35.94 9.35 3.61
CA ASP H 24 -36.14 10.12 4.84
C ASP H 24 -37.18 9.46 5.74
N LYS H 25 -38.20 8.83 5.15
CA LYS H 25 -39.14 8.01 5.90
C LYS H 25 -38.56 6.60 6.03
N ALA H 26 -39.36 5.68 6.58
CA ALA H 26 -38.90 4.31 6.81
C ALA H 26 -39.14 3.45 5.57
N ASN H 27 -38.55 3.91 4.46
CA ASN H 27 -38.73 3.28 3.15
C ASN H 27 -40.21 3.15 2.79
N VAL H 28 -40.97 4.19 3.09
CA VAL H 28 -42.39 4.23 2.79
C VAL H 28 -42.56 4.87 1.42
N VAL H 29 -43.51 4.37 0.64
CA VAL H 29 -43.69 4.84 -0.73
C VAL H 29 -44.51 6.12 -0.74
N SER H 30 -44.15 7.03 -1.65
CA SER H 30 -44.90 8.25 -1.92
C SER H 30 -45.02 8.42 -3.42
N CYS H 31 -46.23 8.71 -3.90
CA CYS H 31 -46.52 8.73 -5.32
C CYS H 31 -47.14 10.05 -5.72
N PHE H 32 -47.06 10.35 -7.01
CA PHE H 32 -47.73 11.50 -7.60
C PHE H 32 -47.88 11.27 -9.10
N GLY H 33 -48.95 11.81 -9.66
CA GLY H 33 -49.18 11.73 -11.08
C GLY H 33 -50.66 11.83 -11.40
N SER H 34 -50.99 11.45 -12.63
CA SER H 34 -52.37 11.50 -13.12
C SER H 34 -53.14 10.22 -12.85
N ASP H 35 -52.44 9.10 -12.68
CA ASP H 35 -53.06 7.84 -12.30
C ASP H 35 -53.41 7.92 -10.82
N VAL H 36 -54.59 8.50 -10.55
CA VAL H 36 -54.99 8.78 -9.17
C VAL H 36 -55.08 7.50 -8.35
N ALA H 37 -55.49 6.39 -8.98
CA ALA H 37 -55.55 5.12 -8.26
C ALA H 37 -54.18 4.72 -7.72
N SER H 38 -53.14 4.89 -8.53
CA SER H 38 -51.79 4.52 -8.10
C SER H 38 -51.18 5.53 -7.13
N VAL H 39 -51.82 6.68 -6.92
CA VAL H 39 -51.34 7.68 -5.99
C VAL H 39 -51.93 7.40 -4.61
N TYR H 40 -53.26 7.44 -4.51
CA TYR H 40 -53.94 7.37 -3.22
C TYR H 40 -54.14 5.94 -2.73
N GLY H 41 -53.95 4.95 -3.60
CA GLY H 41 -53.99 3.55 -3.17
C GLY H 41 -52.73 3.05 -2.49
N ALA H 42 -51.67 3.85 -2.50
CA ALA H 42 -50.40 3.42 -1.95
C ALA H 42 -50.54 3.09 -0.46
N PRO H 43 -49.84 2.07 0.03
CA PRO H 43 -49.92 1.72 1.46
C PRO H 43 -49.33 2.83 2.32
N PRO H 44 -50.08 3.29 3.32
CA PRO H 44 -49.65 4.52 4.04
C PRO H 44 -48.42 4.35 4.90
N ARG H 45 -48.23 3.20 5.57
CA ARG H 45 -47.04 3.03 6.41
C ARG H 45 -46.50 1.62 6.29
N LEU H 46 -46.50 1.06 5.07
CA LEU H 46 -45.94 -0.27 4.89
C LEU H 46 -44.53 -0.13 4.33
N PRO H 47 -43.49 -0.44 5.09
CA PRO H 47 -42.13 -0.32 4.55
C PRO H 47 -41.92 -1.26 3.39
N LEU H 48 -41.40 -0.72 2.29
CA LEU H 48 -41.15 -1.48 1.07
C LEU H 48 -39.68 -1.44 0.72
N VAL H 49 -39.20 -2.49 0.06
CA VAL H 49 -37.82 -2.57 -0.38
C VAL H 49 -37.67 -2.39 -1.89
N GLY H 50 -38.76 -2.42 -2.64
CA GLY H 50 -38.67 -2.27 -4.08
C GLY H 50 -40.04 -2.01 -4.67
N LEU H 51 -40.02 -1.47 -5.89
CA LEU H 51 -41.25 -1.08 -6.58
C LEU H 51 -41.17 -1.50 -8.04
N THR H 52 -42.33 -1.83 -8.60
CA THR H 52 -42.47 -2.08 -10.03
C THR H 52 -43.89 -1.74 -10.45
N GLY H 53 -44.03 -1.24 -11.67
CA GLY H 53 -45.30 -0.73 -12.13
C GLY H 53 -45.71 -1.29 -13.48
N GLY H 54 -47.01 -1.25 -13.73
CA GLY H 54 -47.57 -1.68 -14.99
C GLY H 54 -48.63 -0.73 -15.52
N ASP H 55 -49.58 -1.25 -16.29
CA ASP H 55 -50.65 -0.43 -16.86
C ASP H 55 -51.67 -0.13 -15.78
N GLY H 56 -51.50 1.03 -15.12
CA GLY H 56 -52.47 1.48 -14.15
C GLY H 56 -52.37 0.86 -12.78
N PHE H 57 -51.22 0.26 -12.44
CA PHE H 57 -51.04 -0.33 -11.12
C PHE H 57 -49.56 -0.28 -10.77
N VAL H 58 -49.28 -0.32 -9.47
CA VAL H 58 -47.93 -0.40 -8.94
C VAL H 58 -47.90 -1.44 -7.84
N CYS H 59 -46.86 -2.27 -7.84
CA CYS H 59 -46.69 -3.31 -6.83
C CYS H 59 -45.38 -3.08 -6.10
N GLY H 60 -45.43 -3.20 -4.77
CA GLY H 60 -44.25 -3.08 -3.93
C GLY H 60 -43.95 -4.37 -3.21
N LEU H 61 -42.67 -4.62 -2.96
CA LEU H 61 -42.23 -5.77 -2.19
C LEU H 61 -42.10 -5.33 -0.73
N SER H 62 -42.93 -5.91 0.13
CA SER H 62 -42.95 -5.51 1.54
C SER H 62 -41.59 -5.78 2.18
N MET H 63 -41.30 -5.02 3.23
CA MET H 63 -40.05 -5.21 3.96
C MET H 63 -40.18 -6.35 4.97
N GLY H 64 -40.97 -6.12 6.03
CA GLY H 64 -41.33 -7.14 7.00
C GLY H 64 -41.55 -8.55 6.49
N SER H 65 -42.58 -8.75 5.66
CA SER H 65 -42.95 -10.07 5.19
C SER H 65 -42.35 -10.43 3.83
N ARG H 66 -41.91 -9.43 3.06
CA ARG H 66 -41.30 -9.62 1.75
C ARG H 66 -42.27 -10.28 0.77
N GLN H 67 -43.49 -9.77 0.76
CA GLN H 67 -44.50 -10.31 -0.14
C GLN H 67 -45.01 -9.17 -1.01
N PRO H 68 -45.50 -9.46 -2.21
CA PRO H 68 -45.94 -8.37 -3.09
C PRO H 68 -47.21 -7.72 -2.56
N TYR H 69 -47.23 -6.39 -2.57
CA TYR H 69 -48.40 -5.60 -2.21
C TYR H 69 -48.68 -4.65 -3.36
N CYS H 70 -49.84 -4.81 -3.99
CA CYS H 70 -50.18 -4.07 -5.19
C CYS H 70 -51.33 -3.11 -4.91
N TRP H 71 -51.30 -1.96 -5.59
CA TRP H 71 -52.39 -1.00 -5.55
C TRP H 71 -52.55 -0.40 -6.94
N GLY H 72 -53.70 0.24 -7.15
CA GLY H 72 -54.02 0.81 -8.44
C GLY H 72 -55.39 0.38 -8.94
N ASN H 73 -55.60 0.40 -10.25
CA ASN H 73 -56.90 0.07 -10.83
C ASN H 73 -56.75 -0.78 -12.07
N ASN H 74 -55.96 -1.85 -11.98
CA ASN H 74 -55.85 -2.83 -13.06
C ASN H 74 -56.69 -4.04 -12.70
N ILE H 75 -57.62 -4.42 -13.59
CA ILE H 75 -58.59 -5.46 -13.25
C ILE H 75 -57.93 -6.81 -13.14
N TYR H 76 -56.78 -7.01 -13.78
CA TYR H 76 -56.10 -8.29 -13.79
C TYR H 76 -55.12 -8.46 -12.64
N VAL H 77 -54.81 -7.39 -11.92
CA VAL H 77 -53.90 -7.43 -10.79
C VAL H 77 -54.68 -7.11 -9.54
N GLU H 78 -54.73 -8.06 -8.61
CA GLU H 78 -55.53 -7.91 -7.41
C GLU H 78 -54.87 -6.95 -6.42
N ALA H 79 -55.69 -6.17 -5.73
CA ALA H 79 -55.18 -5.24 -4.73
C ALA H 79 -54.72 -5.98 -3.48
N GLY H 80 -53.66 -5.46 -2.86
CA GLY H 80 -53.11 -6.04 -1.65
C GLY H 80 -52.07 -7.10 -1.93
N VAL H 81 -51.95 -8.06 -1.01
CA VAL H 81 -50.99 -9.15 -1.12
C VAL H 81 -51.73 -10.38 -1.63
N PRO H 82 -51.26 -11.06 -2.67
CA PRO H 82 -51.96 -12.25 -3.14
C PRO H 82 -51.84 -13.40 -2.15
N ALA H 83 -52.61 -14.45 -2.42
CA ALA H 83 -52.61 -15.62 -1.55
C ALA H 83 -51.30 -16.37 -1.68
N VAL H 84 -50.33 -16.06 -0.83
CA VAL H 84 -48.99 -16.59 -0.91
C VAL H 84 -48.70 -17.60 0.20
N GLY H 85 -49.15 -17.32 1.40
CA GLY H 85 -48.91 -18.22 2.53
C GLY H 85 -47.60 -17.88 3.25
N ASP H 86 -46.65 -18.81 3.21
CA ASP H 86 -45.37 -18.63 3.89
C ASP H 86 -44.23 -18.28 2.94
N ARG H 87 -44.47 -18.26 1.64
CA ARG H 87 -43.41 -18.01 0.67
C ARG H 87 -42.92 -16.56 0.76
N HIS H 88 -41.65 -16.37 0.41
CA HIS H 88 -41.04 -15.05 0.36
C HIS H 88 -40.32 -14.89 -0.97
N TYR H 89 -40.18 -13.64 -1.41
CA TYR H 89 -39.74 -13.35 -2.77
C TYR H 89 -38.56 -12.38 -2.77
N ALA H 90 -37.62 -12.60 -3.69
CA ALA H 90 -36.44 -11.75 -3.74
C ALA H 90 -36.69 -10.45 -4.50
N ALA H 91 -37.45 -10.52 -5.60
CA ALA H 91 -37.67 -9.35 -6.44
C ALA H 91 -39.02 -9.45 -7.12
N LEU H 92 -39.48 -8.31 -7.63
CA LEU H 92 -40.74 -8.21 -8.36
C LEU H 92 -40.49 -7.60 -9.73
N SER H 93 -41.43 -7.86 -10.64
CA SER H 93 -41.42 -7.25 -11.96
C SER H 93 -42.83 -7.28 -12.52
N ALA H 94 -43.30 -6.14 -13.03
CA ALA H 94 -44.67 -5.97 -13.47
C ALA H 94 -44.71 -5.68 -14.96
N GLY H 95 -45.54 -6.42 -15.69
CA GLY H 95 -45.85 -6.11 -17.06
C GLY H 95 -47.08 -5.24 -17.18
N ASP H 96 -47.62 -5.15 -18.39
CA ASP H 96 -48.82 -4.36 -18.63
C ASP H 96 -49.98 -4.85 -17.76
N ASN H 97 -50.26 -6.15 -17.81
CA ASN H 97 -51.41 -6.72 -17.11
C ASN H 97 -51.02 -7.93 -16.29
N HIS H 98 -49.82 -7.91 -15.70
CA HIS H 98 -49.39 -9.03 -14.87
C HIS H 98 -48.23 -8.62 -13.99
N LEU H 99 -48.09 -9.32 -12.86
CA LEU H 99 -46.96 -9.20 -11.97
C LEU H 99 -46.28 -10.55 -11.82
N CYS H 100 -44.95 -10.55 -11.78
CA CYS H 100 -44.16 -11.75 -11.52
C CYS H 100 -43.27 -11.54 -10.31
N ALA H 101 -43.12 -12.60 -9.50
CA ALA H 101 -42.39 -12.52 -8.24
C ALA H 101 -41.37 -13.65 -8.18
N LEU H 102 -40.09 -13.30 -8.09
CA LEU H 102 -39.01 -14.27 -7.97
C LEU H 102 -38.89 -14.74 -6.53
N ARG H 103 -39.06 -16.04 -6.30
CA ARG H 103 -38.98 -16.59 -4.95
C ARG H 103 -37.57 -16.42 -4.37
N GLN H 104 -37.52 -16.25 -3.05
CA GLN H 104 -36.24 -16.27 -2.34
C GLN H 104 -35.69 -17.69 -2.26
N SER H 105 -34.38 -17.78 -2.00
CA SER H 105 -33.73 -19.08 -1.89
C SER H 105 -34.39 -19.95 -0.83
N ALA H 106 -34.76 -19.36 0.31
CA ALA H 106 -35.40 -20.13 1.37
C ALA H 106 -36.74 -20.71 0.95
N SER H 107 -37.48 -20.00 0.10
CA SER H 107 -38.79 -20.42 -0.36
C SER H 107 -38.74 -21.27 -1.62
N TYR H 108 -37.55 -21.54 -2.15
CA TYR H 108 -37.41 -22.31 -3.38
C TYR H 108 -37.26 -23.79 -3.06
N VAL H 109 -37.84 -24.62 -3.93
CA VAL H 109 -37.71 -26.08 -3.83
C VAL H 109 -36.96 -26.58 -5.06
N ALA H 110 -36.13 -27.59 -4.86
CA ALA H 110 -35.28 -28.10 -5.92
C ALA H 110 -36.12 -28.70 -7.04
N GLY H 111 -35.80 -28.32 -8.28
CA GLY H 111 -36.55 -28.81 -9.42
C GLY H 111 -37.95 -28.24 -9.56
N GLY H 112 -38.32 -27.28 -8.71
CA GLY H 112 -39.62 -26.68 -8.75
C GLY H 112 -39.60 -25.26 -9.27
N PRO H 113 -40.76 -24.62 -9.31
CA PRO H 113 -40.84 -23.29 -9.91
C PRO H 113 -40.11 -22.24 -9.09
N ALA H 114 -39.46 -21.31 -9.79
CA ALA H 114 -38.74 -20.21 -9.17
C ALA H 114 -39.53 -18.91 -9.13
N VAL H 115 -40.47 -18.72 -10.04
CA VAL H 115 -41.22 -17.48 -10.16
C VAL H 115 -42.71 -17.78 -10.07
N ASP H 116 -43.42 -16.96 -9.29
CA ASP H 116 -44.88 -16.98 -9.25
C ASP H 116 -45.39 -15.69 -9.88
N CYS H 117 -46.33 -15.82 -10.81
CA CYS H 117 -46.88 -14.67 -11.52
C CYS H 117 -48.40 -14.64 -11.39
N TRP H 118 -48.95 -13.43 -11.39
CA TRP H 118 -50.38 -13.19 -11.40
C TRP H 118 -50.71 -12.19 -12.50
N GLY H 119 -51.82 -12.41 -13.19
CA GLY H 119 -52.25 -11.48 -14.22
C GLY H 119 -52.91 -12.15 -15.40
N TYR H 120 -53.28 -11.36 -16.41
CA TYR H 120 -53.96 -11.90 -17.58
C TYR H 120 -53.03 -12.82 -18.36
N ASN H 121 -53.44 -14.07 -18.52
CA ASN H 121 -52.70 -15.06 -19.31
C ASN H 121 -51.32 -15.32 -18.74
N MET H 122 -51.13 -15.05 -17.44
CA MET H 122 -49.84 -15.18 -16.79
C MET H 122 -49.92 -15.76 -15.39
N THR H 123 -51.11 -16.13 -14.91
CA THR H 123 -51.28 -16.57 -13.53
C THR H 123 -50.79 -18.00 -13.37
N GLY H 124 -49.67 -18.18 -12.68
CA GLY H 124 -49.12 -19.49 -12.44
C GLY H 124 -47.66 -19.39 -12.03
N SER H 125 -47.04 -20.57 -11.94
CA SER H 125 -45.63 -20.70 -11.62
C SER H 125 -44.93 -21.35 -12.82
N PHE H 126 -43.74 -20.87 -13.18
CA PHE H 126 -43.16 -21.25 -14.47
C PHE H 126 -41.78 -21.89 -14.37
N ILE H 127 -40.73 -21.16 -14.01
CA ILE H 127 -39.37 -21.60 -14.33
C ILE H 127 -38.90 -22.59 -13.28
N ASN H 128 -38.65 -23.83 -13.71
CA ASN H 128 -38.19 -24.89 -12.81
C ASN H 128 -36.67 -24.90 -12.69
N ALA H 129 -36.09 -23.74 -12.39
CA ALA H 129 -34.65 -23.58 -12.22
C ALA H 129 -34.36 -22.22 -11.57
N PRO H 130 -33.34 -22.13 -10.73
CA PRO H 130 -33.11 -20.88 -10.00
C PRO H 130 -32.71 -19.73 -10.92
N LEU H 131 -33.28 -18.56 -10.65
CA LEU H 131 -32.98 -17.34 -11.38
C LEU H 131 -32.35 -16.32 -10.44
N LEU H 132 -31.58 -15.40 -11.02
CA LEU H 132 -30.96 -14.32 -10.25
C LEU H 132 -31.81 -13.06 -10.24
N SER H 133 -32.28 -12.63 -11.42
CA SER H 133 -33.09 -11.43 -11.55
C SER H 133 -34.23 -11.71 -12.52
N ILE H 134 -35.26 -10.87 -12.46
CA ILE H 134 -36.39 -10.97 -13.37
C ILE H 134 -36.75 -9.59 -13.90
N THR H 135 -37.25 -9.56 -15.12
CA THR H 135 -37.75 -8.34 -15.76
C THR H 135 -38.98 -8.69 -16.58
N SER H 136 -39.86 -7.72 -16.76
CA SER H 136 -41.16 -7.95 -17.37
C SER H 136 -41.36 -7.05 -18.58
N GLY H 137 -41.76 -7.65 -19.70
CA GLY H 137 -42.26 -6.91 -20.85
C GLY H 137 -43.75 -6.70 -20.76
N SER H 138 -44.32 -6.22 -21.87
CA SER H 138 -45.76 -5.94 -21.90
C SER H 138 -46.57 -7.20 -21.60
N PHE H 139 -46.28 -8.29 -22.30
CA PHE H 139 -47.06 -9.52 -22.17
C PHE H 139 -46.16 -10.73 -21.94
N PHE H 140 -44.99 -10.51 -21.35
CA PHE H 140 -44.05 -11.58 -21.07
C PHE H 140 -43.15 -11.15 -19.93
N SER H 141 -42.46 -12.13 -19.35
CA SER H 141 -41.44 -11.88 -18.34
C SER H 141 -40.20 -12.69 -18.67
N CYS H 142 -39.04 -12.17 -18.31
CA CYS H 142 -37.77 -12.81 -18.58
C CYS H 142 -36.92 -12.85 -17.30
N GLY H 143 -35.89 -13.69 -17.34
CA GLY H 143 -34.99 -13.82 -16.22
C GLY H 143 -33.67 -14.43 -16.64
N LEU H 144 -32.67 -14.27 -15.77
CA LEU H 144 -31.34 -14.80 -15.99
C LEU H 144 -31.11 -15.97 -15.05
N PHE H 145 -30.70 -17.11 -15.61
CA PHE H 145 -30.42 -18.28 -14.79
C PHE H 145 -29.28 -18.01 -13.82
N ALA H 146 -29.35 -18.65 -12.67
CA ALA H 146 -28.23 -18.61 -11.74
C ALA H 146 -27.10 -19.54 -12.17
N ALA H 147 -27.43 -20.58 -12.93
CA ALA H 147 -26.43 -21.56 -13.36
C ALA H 147 -25.53 -20.94 -14.41
N ASN H 148 -26.13 -20.53 -15.51
CA ASN H 148 -25.45 -19.86 -16.61
C ASN H 148 -26.05 -18.47 -16.67
N PHE H 149 -25.26 -17.50 -17.10
CA PHE H 149 -25.76 -16.13 -17.16
C PHE H 149 -26.69 -15.90 -18.34
N THR H 150 -27.24 -16.96 -18.93
CA THR H 150 -28.07 -16.88 -20.12
C THR H 150 -29.52 -16.54 -19.77
N PRO H 151 -30.22 -15.85 -20.67
CA PRO H 151 -31.60 -15.42 -20.42
C PRO H 151 -32.65 -16.44 -20.81
N VAL H 152 -33.80 -16.34 -20.13
CA VAL H 152 -34.98 -17.14 -20.45
C VAL H 152 -36.21 -16.25 -20.31
N CYS H 153 -37.19 -16.46 -21.19
CA CYS H 153 -38.43 -15.69 -21.16
C CYS H 153 -39.63 -16.64 -21.21
N TRP H 154 -40.76 -16.16 -20.69
CA TRP H 154 -41.98 -16.94 -20.66
C TRP H 154 -43.18 -16.00 -20.79
N GLY H 155 -44.29 -16.56 -21.26
CA GLY H 155 -45.51 -15.79 -21.44
C GLY H 155 -45.95 -15.66 -22.88
N ASP H 156 -46.63 -14.57 -23.22
CA ASP H 156 -47.12 -14.36 -24.58
C ASP H 156 -46.00 -13.80 -25.44
N GLU H 157 -45.64 -14.54 -26.49
CA GLU H 157 -44.56 -14.17 -27.39
C GLU H 157 -45.04 -13.37 -28.58
N THR H 158 -46.35 -13.31 -28.82
CA THR H 158 -46.93 -12.68 -30.00
C THR H 158 -46.43 -11.25 -30.18
N GLY H 159 -45.92 -10.96 -31.38
CA GLY H 159 -45.47 -9.64 -31.73
C GLY H 159 -44.04 -9.32 -31.31
N SER H 160 -43.43 -10.15 -30.48
CA SER H 160 -42.09 -9.90 -29.96
C SER H 160 -41.08 -10.95 -30.38
N GLY H 161 -41.40 -12.23 -30.21
CA GLY H 161 -40.43 -13.28 -30.51
C GLY H 161 -39.37 -13.44 -29.45
N VAL H 162 -39.57 -12.89 -28.26
CA VAL H 162 -38.50 -12.83 -27.26
C VAL H 162 -38.21 -14.18 -26.63
N ILE H 163 -39.14 -15.14 -26.71
CA ILE H 163 -38.91 -16.44 -26.10
C ILE H 163 -38.03 -17.30 -26.99
N SER H 164 -38.41 -17.47 -28.25
CA SER H 164 -37.69 -18.36 -29.15
C SER H 164 -36.38 -17.76 -29.65
N THR H 165 -36.34 -16.44 -29.86
CA THR H 165 -35.14 -15.77 -30.33
C THR H 165 -34.19 -15.38 -29.21
N ALA H 166 -34.48 -15.80 -27.97
CA ALA H 166 -33.62 -15.48 -26.85
C ALA H 166 -32.21 -16.00 -27.10
N PRO H 167 -31.17 -15.18 -26.92
CA PRO H 167 -29.80 -15.64 -27.17
C PRO H 167 -29.30 -16.62 -26.13
N LYS H 168 -29.77 -17.86 -26.19
CA LYS H 168 -29.35 -18.90 -25.25
C LYS H 168 -27.89 -19.24 -25.52
N GLY H 169 -27.00 -18.72 -24.68
CA GLY H 169 -25.57 -18.89 -24.90
C GLY H 169 -24.79 -17.64 -24.55
N LEU H 170 -25.40 -16.47 -24.75
CA LEU H 170 -24.80 -15.23 -24.32
C LEU H 170 -25.04 -14.99 -22.83
N GLU H 171 -24.02 -14.47 -22.15
CA GLU H 171 -24.06 -14.27 -20.71
C GLU H 171 -24.24 -12.79 -20.40
N PHE H 172 -25.19 -12.48 -19.52
CA PHE H 172 -25.55 -11.11 -19.22
C PHE H 172 -25.32 -10.79 -17.75
N ASN H 173 -24.94 -9.54 -17.48
CA ASN H 173 -24.92 -9.05 -16.11
C ASN H 173 -26.33 -8.73 -15.62
N SER H 174 -27.11 -8.03 -16.44
CA SER H 174 -28.49 -7.71 -16.12
C SER H 174 -29.26 -7.56 -17.42
N ILE H 175 -30.58 -7.70 -17.35
CA ILE H 175 -31.46 -7.54 -18.49
C ILE H 175 -32.68 -6.74 -18.09
N THR H 176 -33.18 -5.92 -19.02
CA THR H 176 -34.43 -5.20 -18.85
C THR H 176 -35.31 -5.47 -20.06
N ALA H 177 -36.60 -5.62 -19.82
CA ALA H 177 -37.55 -5.90 -20.89
C ALA H 177 -38.43 -4.68 -21.13
N GLY H 178 -38.51 -4.25 -22.39
CA GLY H 178 -39.43 -3.24 -22.82
C GLY H 178 -40.64 -3.82 -23.52
N GLY H 179 -41.34 -2.98 -24.26
CA GLY H 179 -42.48 -3.42 -25.03
C GLY H 179 -42.03 -4.22 -26.25
N TYR H 180 -42.21 -5.53 -26.20
CA TYR H 180 -41.89 -6.46 -27.26
C TYR H 180 -40.39 -6.59 -27.56
N HIS H 181 -39.52 -6.29 -26.60
CA HIS H 181 -38.08 -6.48 -26.82
C HIS H 181 -37.38 -6.52 -25.47
N VAL H 182 -36.16 -7.07 -25.48
CA VAL H 182 -35.34 -7.17 -24.28
C VAL H 182 -33.92 -6.74 -24.60
N CYS H 183 -33.35 -5.89 -23.75
CA CYS H 183 -31.96 -5.46 -23.86
C CYS H 183 -31.20 -5.83 -22.59
N GLY H 184 -29.91 -6.11 -22.74
CA GLY H 184 -29.10 -6.52 -21.61
C GLY H 184 -27.65 -6.08 -21.77
N ILE H 185 -26.96 -6.02 -20.65
CA ILE H 185 -25.54 -5.69 -20.59
C ILE H 185 -24.76 -6.99 -20.43
N LEU H 186 -23.86 -7.26 -21.37
CA LEU H 186 -23.11 -8.51 -21.36
C LEU H 186 -22.16 -8.58 -20.18
N GLN H 187 -21.98 -9.80 -19.66
CA GLN H 187 -21.01 -10.01 -18.58
C GLN H 187 -19.59 -9.71 -19.05
N ASN H 188 -19.25 -10.15 -20.27
CA ASN H 188 -17.93 -9.97 -20.84
C ASN H 188 -17.89 -8.69 -21.66
N GLY H 189 -17.22 -7.66 -21.15
CA GLY H 189 -17.05 -6.42 -21.86
C GLY H 189 -18.11 -5.38 -21.56
N GLN H 190 -19.24 -5.78 -20.97
CA GLN H 190 -20.33 -4.87 -20.60
C GLN H 190 -20.94 -4.19 -21.83
N ARG H 191 -20.91 -4.86 -22.97
CA ARG H 191 -21.62 -4.38 -24.14
C ARG H 191 -23.11 -4.61 -24.01
N THR H 192 -23.89 -3.79 -24.71
CA THR H 192 -25.34 -3.89 -24.71
C THR H 192 -25.81 -4.68 -25.92
N PHE H 193 -26.57 -5.75 -25.66
CA PHE H 193 -27.14 -6.58 -26.70
C PHE H 193 -28.65 -6.67 -26.50
N CYS H 194 -29.40 -6.58 -27.60
CA CYS H 194 -30.85 -6.61 -27.55
C CYS H 194 -31.38 -7.66 -28.52
N TRP H 195 -32.60 -8.13 -28.26
CA TRP H 195 -33.26 -9.07 -29.15
C TRP H 195 -34.76 -8.84 -29.07
N GLY H 196 -35.48 -9.43 -30.04
CA GLY H 196 -36.92 -9.25 -30.12
C GLY H 196 -37.33 -8.51 -31.37
N ARG H 197 -38.33 -9.02 -32.08
CA ARG H 197 -38.78 -8.42 -33.34
C ARG H 197 -39.54 -7.13 -33.03
N SER H 198 -38.78 -6.05 -32.85
CA SER H 198 -39.34 -4.76 -32.50
C SER H 198 -38.60 -3.67 -33.26
N LEU H 199 -39.29 -2.55 -33.48
CA LEU H 199 -38.70 -1.38 -34.11
C LEU H 199 -37.78 -0.60 -33.17
N ALA H 200 -37.77 -0.95 -31.87
CA ALA H 200 -36.79 -0.38 -30.97
C ALA H 200 -35.37 -0.78 -31.36
N LEU H 201 -35.22 -1.88 -32.10
CA LEU H 201 -33.93 -2.39 -32.54
C LEU H 201 -33.69 -2.13 -34.02
N GLN H 202 -34.35 -1.14 -34.59
CA GLN H 202 -34.17 -0.79 -36.01
C GLN H 202 -32.76 -0.31 -36.28
N PHE H 211 -22.92 0.67 -20.43
CA PHE H 211 -23.86 1.17 -19.43
C PHE H 211 -23.76 0.38 -18.12
N THR H 212 -24.27 0.97 -17.06
CA THR H 212 -24.41 0.29 -15.77
C THR H 212 -25.78 -0.34 -15.62
N SER H 213 -26.84 0.37 -16.00
CA SER H 213 -28.20 -0.13 -15.91
C SER H 213 -28.97 0.28 -17.16
N LEU H 214 -30.05 -0.46 -17.44
CA LEU H 214 -30.87 -0.21 -18.61
C LEU H 214 -32.34 -0.22 -18.23
N VAL H 215 -33.12 0.59 -18.97
CA VAL H 215 -34.58 0.58 -18.90
C VAL H 215 -35.11 0.68 -20.32
N ALA H 216 -36.36 0.24 -20.51
CA ALA H 216 -36.92 0.21 -21.85
C ALA H 216 -38.43 0.43 -21.79
N GLY H 217 -38.92 1.28 -22.68
CA GLY H 217 -40.34 1.48 -22.88
C GLY H 217 -40.92 0.55 -23.94
N LYS H 218 -42.02 0.99 -24.53
CA LYS H 218 -42.67 0.19 -25.57
C LYS H 218 -41.75 0.02 -26.78
N PHE H 219 -41.20 1.12 -27.29
CA PHE H 219 -40.35 1.07 -28.47
C PHE H 219 -39.12 1.95 -28.29
N SER H 220 -38.51 1.89 -27.11
CA SER H 220 -37.34 2.70 -26.80
C SER H 220 -36.53 2.03 -25.71
N THR H 221 -35.26 2.42 -25.61
CA THR H 221 -34.35 1.91 -24.59
C THR H 221 -33.42 3.02 -24.14
N CYS H 222 -33.17 3.11 -22.84
CA CYS H 222 -32.27 4.09 -22.26
C CYS H 222 -31.23 3.42 -21.39
N GLY H 223 -30.06 4.05 -21.29
CA GLY H 223 -28.98 3.51 -20.47
C GLY H 223 -28.18 4.61 -19.82
N LEU H 224 -27.59 4.29 -18.67
CA LEU H 224 -26.72 5.20 -17.94
C LEU H 224 -25.27 4.80 -18.15
N HIS H 225 -24.47 5.72 -18.67
CA HIS H 225 -23.07 5.44 -18.95
C HIS H 225 -22.32 5.03 -17.69
N LYS H 226 -21.28 4.21 -17.88
CA LYS H 226 -20.52 3.68 -16.75
C LYS H 226 -19.80 4.80 -15.99
N ASP H 227 -19.23 5.76 -16.72
CA ASP H 227 -18.44 6.82 -16.09
C ASP H 227 -19.29 8.03 -15.73
N THR H 228 -19.96 8.63 -16.73
CA THR H 228 -20.64 9.89 -16.52
C THR H 228 -21.99 9.74 -15.83
N HIS H 229 -22.58 8.55 -15.84
CA HIS H 229 -23.91 8.31 -15.27
C HIS H 229 -24.98 9.19 -15.92
N LEU H 230 -24.81 9.48 -17.24
CA LEU H 230 -25.71 10.29 -18.06
C LEU H 230 -26.58 9.40 -18.94
N PRO H 231 -27.83 9.81 -19.19
CA PRO H 231 -28.74 8.96 -19.97
C PRO H 231 -28.49 9.04 -21.47
N LEU H 232 -28.60 7.88 -22.13
CA LEU H 232 -28.50 7.76 -23.58
C LEU H 232 -29.66 6.89 -24.05
N CYS H 233 -30.62 7.51 -24.73
CA CYS H 233 -31.84 6.84 -25.15
C CYS H 233 -31.88 6.68 -26.66
N TRP H 234 -32.38 5.53 -27.12
CA TRP H 234 -32.55 5.28 -28.54
C TRP H 234 -33.78 4.41 -28.74
N GLY H 235 -34.27 4.38 -29.98
CA GLY H 235 -35.39 3.54 -30.33
C GLY H 235 -36.29 4.21 -31.35
N PHE H 236 -37.47 3.63 -31.52
CA PHE H 236 -38.41 4.09 -32.53
C PHE H 236 -39.09 5.38 -32.09
N THR H 237 -39.32 6.26 -33.07
CA THR H 237 -40.04 7.53 -32.91
C THR H 237 -39.59 8.33 -31.67
N LEU H 238 -38.29 8.26 -31.39
CA LEU H 238 -37.73 8.98 -30.25
C LEU H 238 -37.34 10.39 -30.68
N PRO H 239 -37.71 11.43 -29.90
CA PRO H 239 -37.42 12.83 -30.24
C PRO H 239 -35.92 13.11 -30.39
N PRO H 245 -32.82 14.95 -20.80
CA PRO H 245 -31.87 15.79 -20.07
C PRO H 245 -30.44 15.31 -20.22
N THR H 246 -29.65 16.07 -20.98
CA THR H 246 -28.24 15.76 -21.20
C THR H 246 -27.34 16.23 -20.07
N ASN H 247 -27.84 17.09 -19.18
CA ASN H 247 -27.02 17.69 -18.14
C ASN H 247 -27.00 16.86 -16.86
N VAL H 248 -28.18 16.42 -16.40
CA VAL H 248 -28.31 15.84 -15.07
C VAL H 248 -27.89 14.37 -15.06
N PRO H 249 -26.95 13.98 -14.20
CA PRO H 249 -26.65 12.56 -14.03
C PRO H 249 -27.63 11.91 -13.07
N PHE H 250 -27.88 10.62 -13.30
CA PHE H 250 -28.87 9.88 -12.54
C PHE H 250 -28.26 8.63 -11.91
N SER H 251 -28.78 8.26 -10.74
CA SER H 251 -28.37 7.02 -10.10
C SER H 251 -29.14 5.82 -10.63
N ALA H 252 -30.40 6.00 -11.00
CA ALA H 252 -31.21 4.93 -11.55
C ALA H 252 -32.27 5.53 -12.47
N LEU H 253 -32.78 4.69 -13.38
CA LEU H 253 -33.83 5.08 -14.30
C LEU H 253 -35.03 4.16 -14.15
N VAL H 254 -36.16 4.60 -14.69
CA VAL H 254 -37.37 3.78 -14.79
C VAL H 254 -38.14 4.26 -16.01
N ALA H 255 -38.71 3.31 -16.74
CA ALA H 255 -39.36 3.59 -18.02
C ALA H 255 -40.83 3.19 -17.97
N GLY H 256 -41.70 4.11 -18.38
CA GLY H 256 -43.08 3.80 -18.66
C GLY H 256 -43.24 3.29 -20.08
N ASP H 257 -44.47 3.39 -20.60
CA ASP H 257 -44.71 2.95 -21.97
C ASP H 257 -44.10 3.93 -22.96
N TYR H 258 -44.27 5.25 -22.73
CA TYR H 258 -43.74 6.25 -23.65
C TYR H 258 -43.11 7.41 -22.89
N PHE H 259 -42.56 7.15 -21.70
CA PHE H 259 -41.85 8.16 -20.93
C PHE H 259 -40.85 7.46 -20.02
N VAL H 260 -39.80 8.21 -19.65
CA VAL H 260 -38.72 7.68 -18.82
C VAL H 260 -38.46 8.66 -17.68
N CYS H 261 -38.32 8.14 -16.47
CA CYS H 261 -38.02 8.93 -15.29
C CYS H 261 -36.69 8.49 -14.68
N GLY H 262 -36.01 9.44 -14.02
CA GLY H 262 -34.74 9.14 -13.42
C GLY H 262 -34.53 9.75 -12.04
N LEU H 263 -34.06 8.95 -11.09
CA LEU H 263 -33.69 9.44 -9.76
C LEU H 263 -32.29 10.04 -9.80
N PRO H 264 -32.15 11.35 -9.58
CA PRO H 264 -30.84 11.99 -9.73
C PRO H 264 -29.81 11.44 -8.75
N LEU H 265 -28.55 11.47 -9.19
CA LEU H 265 -27.45 11.04 -8.32
C LEU H 265 -27.30 11.97 -7.13
N THR H 266 -27.57 13.26 -7.30
CA THR H 266 -27.58 14.19 -6.18
C THR H 266 -28.91 14.07 -5.44
N PRO H 267 -28.92 13.70 -4.16
CA PRO H 267 -30.20 13.48 -3.47
C PRO H 267 -31.02 14.74 -3.28
N SER H 268 -30.42 15.92 -3.42
CA SER H 268 -31.19 17.16 -3.28
C SER H 268 -32.09 17.40 -4.47
N LEU H 269 -31.62 17.08 -5.67
CA LEU H 269 -32.39 17.36 -6.88
C LEU H 269 -33.60 16.43 -6.97
N PRO H 270 -34.74 16.94 -7.44
CA PRO H 270 -35.94 16.10 -7.57
C PRO H 270 -35.91 15.29 -8.86
N GLN H 271 -36.82 14.31 -8.92
CA GLN H 271 -36.88 13.41 -10.06
C GLN H 271 -37.32 14.14 -11.32
N GLN H 272 -36.73 13.74 -12.45
CA GLN H 272 -37.05 14.30 -13.76
C GLN H 272 -37.61 13.21 -14.66
N CYS H 273 -38.60 13.58 -15.48
CA CYS H 273 -39.21 12.68 -16.44
C CYS H 273 -39.32 13.36 -17.80
N TRP H 274 -39.20 12.58 -18.86
CA TRP H 274 -39.29 13.10 -20.22
C TRP H 274 -39.97 12.07 -21.12
N GLY H 275 -40.63 12.58 -22.17
CA GLY H 275 -41.30 11.69 -23.11
C GLY H 275 -40.31 10.97 -24.01
N SER H 276 -40.60 9.69 -24.27
CA SER H 276 -39.72 8.84 -25.07
C SER H 276 -40.39 8.31 -26.34
N GLY H 277 -41.47 8.92 -26.78
CA GLY H 277 -42.11 8.53 -28.01
C GLY H 277 -43.62 8.63 -27.90
N TYR H 278 -44.29 7.95 -28.84
CA TYR H 278 -45.75 7.98 -28.93
C TYR H 278 -46.19 6.84 -29.83
N PRO H 279 -47.41 6.32 -29.64
CA PRO H 279 -47.86 5.18 -30.46
C PRO H 279 -48.27 5.61 -31.86
N VAL H 280 -47.98 4.75 -32.84
CA VAL H 280 -48.38 4.95 -34.22
C VAL H 280 -48.98 3.65 -34.74
N THR H 281 -49.93 3.80 -35.67
CA THR H 281 -50.48 2.63 -36.36
C THR H 281 -49.46 2.07 -37.33
N LEU H 282 -49.19 0.77 -37.22
CA LEU H 282 -48.24 0.08 -38.07
C LEU H 282 -48.94 -1.02 -38.86
N PRO H 283 -48.36 -1.45 -39.99
CA PRO H 283 -49.01 -2.50 -40.79
C PRO H 283 -48.85 -3.87 -40.13
N THR H 284 -49.94 -4.62 -40.09
CA THR H 284 -49.94 -5.99 -39.61
C THR H 284 -50.30 -6.93 -40.75
N GLY H 285 -50.44 -8.21 -40.42
CA GLY H 285 -50.99 -9.15 -41.38
C GLY H 285 -52.45 -8.89 -41.69
N ILE H 286 -53.21 -8.53 -40.66
CA ILE H 286 -54.65 -8.29 -40.81
C ILE H 286 -54.91 -6.92 -41.42
N ALA H 287 -54.09 -5.92 -41.10
CA ALA H 287 -54.20 -4.56 -41.65
C ALA H 287 -52.92 -4.27 -42.41
N PRO H 288 -52.77 -4.82 -43.62
CA PRO H 288 -51.48 -4.70 -44.33
C PRO H 288 -51.16 -3.29 -44.84
N GLY H 289 -52.16 -2.51 -45.21
CA GLY H 289 -51.82 -1.21 -45.78
C GLY H 289 -51.71 -1.26 -47.30
N MET H 290 -51.93 -0.10 -47.91
CA MET H 290 -52.12 -0.01 -49.36
C MET H 290 -50.77 0.25 -50.03
N CYS H 291 -50.37 -0.68 -50.92
CA CYS H 291 -49.19 -0.46 -51.75
C CYS H 291 -49.60 0.37 -52.97
N SER H 292 -48.97 1.53 -53.12
CA SER H 292 -49.32 2.45 -54.20
C SER H 292 -48.06 3.05 -54.80
N SER H 293 -48.10 3.29 -56.12
CA SER H 293 -47.01 3.97 -56.79
C SER H 293 -47.07 5.47 -56.62
N LEU H 294 -48.27 6.02 -56.39
CA LEU H 294 -48.52 7.44 -56.20
C LEU H 294 -48.39 7.82 -54.73
N PRO H 295 -48.27 9.11 -54.43
CA PRO H 295 -48.30 9.53 -53.02
C PRO H 295 -49.60 9.12 -52.35
N CYS H 296 -49.51 8.86 -51.05
CA CYS H 296 -50.64 8.30 -50.31
C CYS H 296 -51.79 9.29 -50.21
N MET H 297 -53.01 8.77 -50.37
CA MET H 297 -54.22 9.59 -50.33
C MET H 297 -54.44 10.18 -48.95
N SER H 298 -55.38 11.13 -48.88
CA SER H 298 -55.72 11.78 -47.63
C SER H 298 -56.19 10.77 -46.60
N GLY H 299 -55.69 10.92 -45.36
CA GLY H 299 -56.00 10.01 -44.29
C GLY H 299 -55.02 8.86 -44.12
N THR H 300 -53.98 8.80 -44.94
CA THR H 300 -52.95 7.77 -44.84
C THR H 300 -51.58 8.42 -45.03
N TYR H 301 -50.54 7.74 -44.54
CA TYR H 301 -49.19 8.24 -44.64
C TYR H 301 -48.26 7.17 -45.20
N SER H 302 -47.25 7.62 -45.93
CA SER H 302 -46.26 6.73 -46.53
C SER H 302 -45.26 6.29 -45.46
N LEU H 303 -45.30 5.00 -45.11
CA LEU H 303 -44.37 4.45 -44.13
C LEU H 303 -42.94 4.55 -44.63
N SER H 304 -42.05 5.02 -43.76
CA SER H 304 -40.66 5.25 -44.16
C SER H 304 -39.99 3.95 -44.58
N ALA H 305 -39.05 4.05 -45.52
CA ALA H 305 -38.39 2.87 -46.07
C ALA H 305 -37.63 2.08 -45.01
N GLU H 306 -37.09 2.76 -44.00
CA GLU H 306 -36.31 2.06 -42.98
C GLU H 306 -37.17 1.06 -42.21
N VAL H 307 -38.33 1.52 -41.71
CA VAL H 307 -39.19 0.63 -40.94
C VAL H 307 -39.83 -0.43 -41.84
N VAL H 308 -40.08 -0.09 -43.11
CA VAL H 308 -40.60 -1.08 -44.05
C VAL H 308 -39.64 -2.26 -44.17
N LYS H 309 -38.34 -1.97 -44.31
CA LYS H 309 -37.35 -3.03 -44.38
C LYS H 309 -37.29 -3.84 -43.10
N ALA H 310 -37.50 -3.20 -41.95
CA ALA H 310 -37.44 -3.90 -40.68
C ALA H 310 -38.60 -4.86 -40.51
N LEU H 311 -39.79 -4.46 -40.93
CA LEU H 311 -41.00 -5.27 -40.79
C LEU H 311 -41.15 -6.33 -41.88
N ALA H 312 -40.21 -6.40 -42.83
CA ALA H 312 -40.29 -7.30 -43.97
C ALA H 312 -39.64 -8.64 -43.64
N ALA H 313 -40.35 -9.73 -43.93
CA ALA H 313 -39.92 -11.07 -43.57
C ALA H 313 -38.64 -11.46 -44.31
N SER H 314 -37.95 -12.45 -43.73
CA SER H 314 -36.75 -13.05 -44.32
C SER H 314 -36.93 -13.36 -45.79
N GLY H 315 -36.12 -12.72 -46.63
CA GLY H 315 -36.15 -12.99 -48.06
C GLY H 315 -37.42 -12.56 -48.74
N ALA H 316 -38.03 -11.46 -48.30
CA ALA H 316 -39.28 -10.98 -48.88
C ALA H 316 -39.36 -9.48 -48.72
N THR H 317 -39.96 -8.83 -49.71
CA THR H 317 -40.24 -7.41 -49.65
C THR H 317 -41.71 -7.19 -49.28
N LEU H 318 -41.97 -6.07 -48.59
CA LEU H 318 -43.30 -5.85 -48.03
C LEU H 318 -44.33 -5.61 -49.13
N CYS H 319 -44.07 -4.65 -50.03
CA CYS H 319 -44.91 -4.50 -51.21
C CYS H 319 -44.32 -5.27 -52.38
N PRO H 320 -45.17 -5.80 -53.27
CA PRO H 320 -44.66 -6.53 -54.44
C PRO H 320 -43.62 -5.74 -55.22
N ASN H 321 -43.93 -4.49 -55.57
CA ASN H 321 -42.95 -3.61 -56.20
C ASN H 321 -42.23 -2.85 -55.09
N PRO H 322 -40.93 -3.06 -54.89
CA PRO H 322 -40.25 -2.43 -53.75
C PRO H 322 -40.28 -0.90 -53.78
N THR H 323 -40.43 -0.30 -54.96
CA THR H 323 -40.44 1.15 -55.06
C THR H 323 -41.73 1.78 -54.55
N ASP H 324 -42.82 1.01 -54.52
CA ASP H 324 -44.12 1.55 -54.13
C ASP H 324 -44.12 2.04 -52.68
N ASN H 325 -44.93 3.06 -52.42
CA ASN H 325 -45.17 3.51 -51.06
C ASN H 325 -46.16 2.57 -50.36
N LEU H 326 -45.92 2.32 -49.08
CA LEU H 326 -46.85 1.57 -48.24
C LEU H 326 -47.65 2.56 -47.40
N CYS H 327 -48.94 2.69 -47.71
CA CYS H 327 -49.81 3.68 -47.08
C CYS H 327 -50.57 3.05 -45.93
N ILE H 328 -50.40 3.60 -44.73
CA ILE H 328 -51.07 3.13 -43.52
C ILE H 328 -52.05 4.19 -43.04
N ASN H 329 -53.19 3.75 -42.53
CA ASN H 329 -54.16 4.66 -41.93
C ASN H 329 -53.54 5.51 -40.83
N CYS H 330 -53.84 6.81 -40.87
CA CYS H 330 -53.42 7.72 -39.81
C CYS H 330 -54.09 7.35 -38.50
N SER H 331 -53.34 7.49 -37.41
CA SER H 331 -53.87 7.23 -36.08
C SER H 331 -54.92 8.28 -35.70
N LYS H 332 -56.00 7.82 -35.09
CA LYS H 332 -57.10 8.68 -34.66
C LYS H 332 -56.99 8.89 -33.15
N GLY H 333 -56.39 10.02 -32.76
CA GLY H 333 -56.29 10.38 -31.36
C GLY H 333 -54.97 9.92 -30.72
N CYS H 334 -54.77 10.38 -29.50
CA CYS H 334 -53.60 10.10 -28.70
C CYS H 334 -53.99 9.40 -27.40
N PRO H 335 -53.05 8.69 -26.76
CA PRO H 335 -53.36 8.02 -25.50
C PRO H 335 -53.50 9.00 -24.35
N SER H 336 -54.00 8.47 -23.22
CA SER H 336 -54.29 9.28 -22.05
C SER H 336 -53.07 10.07 -21.60
N GLY H 337 -53.29 11.36 -21.33
CA GLY H 337 -52.22 12.25 -20.92
C GLY H 337 -51.52 12.96 -22.06
N MET H 338 -51.75 12.55 -23.30
CA MET H 338 -51.10 13.12 -24.46
C MET H 338 -52.14 13.76 -25.38
N ILE H 339 -51.68 14.75 -26.16
CA ILE H 339 -52.51 15.39 -27.16
C ILE H 339 -51.71 15.51 -28.46
N GLU H 340 -52.45 15.67 -29.55
CA GLU H 340 -51.84 15.71 -30.88
C GLU H 340 -51.02 16.99 -31.06
N SER H 341 -49.71 16.83 -31.23
CA SER H 341 -48.81 17.96 -31.44
C SER H 341 -48.65 18.31 -32.92
N VAL H 342 -48.59 17.31 -33.79
CA VAL H 342 -48.45 17.50 -35.22
C VAL H 342 -49.49 16.65 -35.94
N GLU H 343 -50.03 17.18 -37.03
CA GLU H 343 -51.03 16.46 -37.81
C GLU H 343 -50.38 15.35 -38.63
N CYS H 344 -51.20 14.40 -39.06
CA CYS H 344 -50.73 13.30 -39.90
C CYS H 344 -50.39 13.84 -41.29
N THR H 345 -49.11 13.77 -41.64
CA THR H 345 -48.66 14.20 -42.96
C THR H 345 -48.71 13.01 -43.93
N SER H 346 -48.31 13.26 -45.18
CA SER H 346 -48.23 12.18 -46.16
C SER H 346 -46.98 11.33 -46.00
N THR H 347 -46.07 11.71 -45.10
CA THR H 347 -44.83 10.97 -44.88
C THR H 347 -44.70 10.41 -43.47
N ALA H 348 -45.53 10.85 -42.52
CA ALA H 348 -45.41 10.39 -41.15
C ALA H 348 -46.78 10.43 -40.48
N ASP H 349 -46.93 9.61 -39.45
CA ASP H 349 -48.15 9.56 -38.67
C ASP H 349 -48.24 10.78 -37.76
N ARG H 350 -49.44 11.02 -37.25
CA ARG H 350 -49.65 12.12 -36.30
C ARG H 350 -48.77 11.93 -35.07
N GLN H 351 -48.24 13.04 -34.56
CA GLN H 351 -47.36 13.02 -33.41
C GLN H 351 -48.11 13.44 -32.15
N CYS H 352 -47.82 12.75 -31.04
CA CYS H 352 -48.43 13.02 -29.76
C CYS H 352 -47.36 13.49 -28.77
N SER H 353 -47.74 14.40 -27.89
CA SER H 353 -46.88 14.84 -26.79
C SER H 353 -47.72 14.95 -25.53
N TYR H 354 -47.07 14.74 -24.39
CA TYR H 354 -47.77 14.79 -23.11
C TYR H 354 -48.24 16.21 -22.81
N ASP H 355 -49.54 16.36 -22.54
CA ASP H 355 -50.16 17.66 -22.27
C ASP H 355 -49.75 18.13 -20.88
N CYS H 356 -48.73 18.99 -20.83
CA CYS H 356 -48.23 19.53 -19.57
C CYS H 356 -48.69 20.95 -19.30
N SER H 357 -49.70 21.43 -20.05
CA SER H 357 -50.15 22.81 -19.85
C SER H 357 -51.09 22.95 -18.66
N HIS H 358 -51.79 21.88 -18.29
CA HIS H 358 -52.67 21.90 -17.13
C HIS H 358 -51.97 21.38 -15.89
N CYS H 359 -50.82 21.98 -15.56
CA CYS H 359 -50.05 21.59 -14.39
C CYS H 359 -49.96 22.72 -13.37
N ASN H 360 -51.09 23.36 -13.09
CA ASN H 360 -51.13 24.43 -12.10
C ASN H 360 -51.20 23.82 -10.70
N HIS H 361 -51.43 24.67 -9.69
CA HIS H 361 -51.53 24.19 -8.32
C HIS H 361 -52.80 23.38 -8.13
N ASN H 362 -52.65 22.17 -7.58
CA ASN H 362 -53.77 21.24 -7.37
C ASN H 362 -54.41 20.85 -8.71
N ALA H 363 -53.56 20.62 -9.71
CA ALA H 363 -54.03 20.12 -11.00
C ALA H 363 -53.78 18.64 -11.19
N THR H 364 -52.71 18.10 -10.60
CA THR H 364 -52.38 16.67 -10.62
C THR H 364 -52.30 16.15 -12.06
N CYS H 365 -51.29 16.67 -12.77
CA CYS H 365 -51.06 16.29 -14.16
C CYS H 365 -50.11 15.10 -14.23
N SER H 366 -49.85 14.66 -15.46
CA SER H 366 -49.06 13.45 -15.70
C SER H 366 -47.69 13.52 -15.04
N ALA H 367 -47.18 12.36 -14.64
CA ALA H 367 -45.85 12.28 -14.05
C ALA H 367 -44.75 12.56 -15.06
N ALA H 368 -45.04 12.45 -16.35
CA ALA H 368 -44.06 12.76 -17.38
C ALA H 368 -43.81 14.25 -17.54
N CYS H 369 -44.52 15.08 -16.78
CA CYS H 369 -44.42 16.53 -16.88
C CYS H 369 -43.62 17.15 -15.73
N TYR H 370 -42.85 16.35 -15.01
CA TYR H 370 -42.14 16.82 -13.82
C TYR H 370 -40.71 17.12 -14.25
N ASN H 371 -40.42 18.40 -14.48
CA ASN H 371 -39.08 18.82 -14.86
C ASN H 371 -38.80 20.22 -14.31
#